data_9QIT
#
_entry.id   9QIT
#
_cell.length_a   127.225
_cell.length_b   109.644
_cell.length_c   143.437
_cell.angle_alpha   90.00
_cell.angle_beta   98.26
_cell.angle_gamma   90.00
#
_symmetry.space_group_name_H-M   'P 1 21 1'
#
loop_
_entity.id
_entity.type
_entity.pdbx_description
1 polymer 'Glycolate oxidase'
2 non-polymer GLYCEROL
3 non-polymer 'LACTIC ACID'
4 non-polymer 'FLAVIN-ADENINE DINUCLEOTIDE'
5 non-polymer 'FE (III) ION'
#
_entity_poly.entity_id   1
_entity_poly.type   'polypeptide(L)'
_entity_poly.pdbx_seq_one_letter_code
;MPGVVEELVAAIGAEQVVTDPAVMEGYSHDEAEWAPYDAPAAVVRPRDTADVAEVVRICAGRGVAVVGRGAGTGLSGAAN
AGRGWVVVSFERMNRVLEVDTVQQTVTVQPGVVNDDLRARVAQDGLWYPPDPASSPWSTIGGNVATNAGGLCCVKYGVTR
DYVLGMEAVVGSGEVVRLGRTTAKGVTGYDLAGLMVGSEGTLGLVTEVTLRLVPLRRGVEHTVVGYFDSLTDAGRAVAAV
SAAGIVPSALELIDRFCLQAVDEWKNMGLSAEGEVLLLARSDLPGTSGQEEADRILECFEKEKAVYAVRSTDEEEAEALF
QARRLAYPALERLGPLLTEDVCVPKARVPHMLEAIEAAGERFDTRIGNIAHAGDGNLHPLFIVPAGDEEAKRRAKQAFEV
IVDEALAVGGTVTGEHGVGLLKMRGAADELGPHVLAMHRAVKGALDPAGIFNPGKVFALEEERD
;
_entity_poly.pdbx_strand_id   A,B,C,D,E,F,G,H
#
loop_
_chem_comp.id
_chem_comp.type
_chem_comp.name
_chem_comp.formula
FAD non-polymer 'FLAVIN-ADENINE DINUCLEOTIDE' 'C27 H33 N9 O15 P2'
FE non-polymer 'FE (III) ION' 'Fe 3'
GOL non-polymer GLYCEROL 'C3 H8 O3'
LAC non-polymer 'LACTIC ACID' 'C3 H6 O3'
#
# COMPACT_ATOMS: atom_id res chain seq x y z
N GLY A 3 44.09 24.62 -8.53
CA GLY A 3 45.39 25.08 -8.07
C GLY A 3 45.61 24.87 -6.58
N VAL A 4 45.31 23.66 -6.10
CA VAL A 4 45.46 23.37 -4.68
C VAL A 4 46.94 23.28 -4.30
N VAL A 5 47.70 22.49 -5.05
CA VAL A 5 49.13 22.36 -4.76
C VAL A 5 49.84 23.69 -4.95
N GLU A 6 49.36 24.52 -5.88
CA GLU A 6 49.98 25.83 -6.12
C GLU A 6 49.88 26.71 -4.88
N GLU A 7 48.70 26.77 -4.26
CA GLU A 7 48.54 27.61 -3.09
C GLU A 7 49.30 27.06 -1.89
N LEU A 8 49.42 25.74 -1.78
CA LEU A 8 50.14 25.14 -0.65
C LEU A 8 51.62 25.49 -0.71
N VAL A 9 52.25 25.27 -1.86
CA VAL A 9 53.67 25.62 -1.99
C VAL A 9 53.86 27.11 -1.77
N ALA A 10 52.99 27.94 -2.36
CA ALA A 10 53.09 29.37 -2.17
C ALA A 10 52.79 29.81 -0.74
N ALA A 11 52.30 28.90 0.10
CA ALA A 11 51.96 29.22 1.48
C ALA A 11 52.93 28.63 2.50
N ILE A 12 53.37 27.38 2.30
CA ILE A 12 54.26 26.72 3.26
C ILE A 12 55.56 26.26 2.62
N GLY A 13 55.87 26.72 1.42
CA GLY A 13 57.09 26.33 0.75
C GLY A 13 56.99 24.97 0.08
N ALA A 14 58.04 24.64 -0.68
CA ALA A 14 58.06 23.39 -1.44
C ALA A 14 58.51 22.19 -0.61
N GLU A 15 59.37 22.41 0.38
CA GLU A 15 59.83 21.31 1.21
C GLU A 15 58.72 20.67 2.02
N GLN A 16 57.55 21.30 2.10
CA GLN A 16 56.44 20.80 2.90
C GLN A 16 55.30 20.22 2.07
N VAL A 17 55.42 20.25 0.74
CA VAL A 17 54.43 19.64 -0.15
C VAL A 17 55.11 18.53 -0.94
N VAL A 18 54.43 17.39 -1.03
CA VAL A 18 54.92 16.24 -1.78
C VAL A 18 53.85 15.82 -2.77
N THR A 19 54.26 15.56 -4.00
CA THR A 19 53.35 15.13 -5.05
C THR A 19 53.82 13.89 -5.79
N ASP A 20 55.03 13.41 -5.53
CA ASP A 20 55.55 12.21 -6.18
C ASP A 20 54.61 11.05 -5.87
N PRO A 21 53.94 10.49 -6.87
CA PRO A 21 53.03 9.36 -6.61
C PRO A 21 53.72 8.21 -5.91
N ALA A 22 55.04 8.09 -6.07
CA ALA A 22 55.77 7.01 -5.41
C ALA A 22 55.90 7.29 -3.91
N VAL A 23 56.10 8.55 -3.54
CA VAL A 23 56.24 8.87 -2.11
C VAL A 23 54.89 8.84 -1.42
N MET A 24 53.86 9.41 -2.06
CA MET A 24 52.53 9.44 -1.47
C MET A 24 51.90 8.07 -1.32
N GLU A 25 52.52 7.03 -1.89
CA GLU A 25 51.96 5.68 -1.79
C GLU A 25 51.74 5.29 -0.33
N GLY A 26 52.79 5.41 0.49
CA GLY A 26 52.71 4.99 1.88
C GLY A 26 52.05 5.98 2.82
N TYR A 27 51.76 7.20 2.37
CA TYR A 27 51.16 8.21 3.22
C TYR A 27 49.63 8.21 3.17
N SER A 28 49.03 7.34 2.37
CA SER A 28 47.58 7.35 2.18
C SER A 28 46.88 6.12 2.75
N HIS A 29 47.62 5.17 3.33
CA HIS A 29 47.02 3.98 3.90
C HIS A 29 47.77 3.59 5.17
N ASP A 30 47.03 3.03 6.12
CA ASP A 30 47.60 2.54 7.36
C ASP A 30 47.68 1.00 7.31
N GLU A 31 48.07 0.40 8.44
CA GLU A 31 48.20 -1.05 8.52
C GLU A 31 46.86 -1.77 8.46
N ALA A 32 45.74 -1.07 8.38
CA ALA A 32 44.44 -1.72 8.24
C ALA A 32 44.26 -2.20 6.81
N GLU A 33 44.32 -3.52 6.62
CA GLU A 33 44.16 -4.09 5.30
C GLU A 33 42.69 -4.16 4.94
N TRP A 34 42.41 -4.14 3.64
CA TRP A 34 41.06 -4.14 3.08
C TRP A 34 40.36 -2.81 3.26
N ALA A 35 41.06 -1.78 3.76
CA ALA A 35 40.48 -0.46 3.89
C ALA A 35 40.77 0.34 2.62
N PRO A 36 39.76 0.79 1.89
CA PRO A 36 40.03 1.48 0.62
C PRO A 36 40.77 2.79 0.84
N TYR A 37 41.69 3.08 -0.08
CA TYR A 37 42.44 4.32 -0.05
C TYR A 37 42.83 4.68 -1.47
N ASP A 38 42.77 5.96 -1.79
CA ASP A 38 43.05 6.45 -3.13
C ASP A 38 44.21 7.44 -3.09
N ALA A 39 44.67 7.83 -4.27
CA ALA A 39 45.83 8.71 -4.40
C ALA A 39 45.47 10.12 -3.97
N PRO A 40 46.16 10.69 -2.98
CA PRO A 40 45.84 12.05 -2.54
C PRO A 40 46.42 13.10 -3.47
N ALA A 41 45.89 14.31 -3.36
CA ALA A 41 46.36 15.41 -4.20
C ALA A 41 47.78 15.82 -3.83
N ALA A 42 48.12 15.75 -2.55
CA ALA A 42 49.46 16.10 -2.09
C ALA A 42 49.58 15.69 -0.63
N VAL A 43 50.81 15.46 -0.19
CA VAL A 43 51.12 15.09 1.18
C VAL A 43 51.94 16.21 1.80
N VAL A 44 51.34 16.95 2.73
CA VAL A 44 52.00 18.05 3.41
C VAL A 44 52.62 17.58 4.72
N ARG A 45 53.83 18.05 4.98
CA ARG A 45 54.58 17.75 6.20
C ARG A 45 54.91 19.08 6.86
N PRO A 46 53.99 19.64 7.65
CA PRO A 46 54.21 20.97 8.20
C PRO A 46 55.34 20.99 9.22
N ARG A 47 55.85 22.21 9.46
CA ARG A 47 56.93 22.43 10.41
C ARG A 47 56.43 22.81 11.80
N ASP A 48 55.40 23.65 11.87
CA ASP A 48 54.85 24.06 13.15
C ASP A 48 53.35 24.33 12.97
N THR A 49 52.70 24.79 14.04
CA THR A 49 51.26 25.05 13.98
C THR A 49 50.92 26.02 12.86
N ALA A 50 51.80 27.00 12.60
CA ALA A 50 51.52 27.97 11.55
C ALA A 50 51.30 27.29 10.20
N ASP A 51 52.14 26.30 9.88
CA ASP A 51 51.98 25.59 8.61
C ASP A 51 50.64 24.86 8.56
N VAL A 52 50.24 24.21 9.66
CA VAL A 52 48.96 23.50 9.68
C VAL A 52 47.80 24.48 9.54
N ALA A 53 47.92 25.65 10.18
CA ALA A 53 46.85 26.64 10.07
C ALA A 53 46.62 27.06 8.63
N GLU A 54 47.71 27.27 7.88
CA GLU A 54 47.57 27.66 6.48
C GLU A 54 47.02 26.53 5.63
N VAL A 55 47.45 25.28 5.89
CA VAL A 55 46.95 24.15 5.13
C VAL A 55 45.44 24.00 5.32
N VAL A 56 44.96 24.15 6.56
CA VAL A 56 43.54 24.00 6.82
C VAL A 56 42.76 25.15 6.19
N ARG A 57 43.31 26.35 6.23
CA ARG A 57 42.64 27.50 5.64
C ARG A 57 42.46 27.33 4.14
N ILE A 58 43.52 26.92 3.45
CA ILE A 58 43.45 26.76 2.00
C ILE A 58 42.48 25.64 1.63
N CYS A 59 42.61 24.49 2.29
CA CYS A 59 41.72 23.36 1.98
C CYS A 59 40.28 23.65 2.35
N ALA A 60 40.05 24.49 3.37
CA ALA A 60 38.68 24.82 3.76
C ALA A 60 37.96 25.57 2.64
N GLY A 61 38.60 26.60 2.08
CA GLY A 61 37.97 27.35 1.01
C GLY A 61 37.76 26.53 -0.25
N ARG A 62 38.73 25.68 -0.59
CA ARG A 62 38.64 24.85 -1.78
C ARG A 62 37.81 23.59 -1.56
N GLY A 63 37.39 23.32 -0.33
CA GLY A 63 36.59 22.13 -0.07
C GLY A 63 37.32 20.83 -0.35
N VAL A 64 38.62 20.78 -0.04
CA VAL A 64 39.43 19.59 -0.21
C VAL A 64 39.51 18.87 1.12
N ALA A 65 39.24 17.57 1.11
CA ALA A 65 39.31 16.79 2.35
C ALA A 65 40.76 16.67 2.81
N VAL A 66 40.97 16.84 4.11
CA VAL A 66 42.28 16.75 4.74
C VAL A 66 42.20 15.72 5.85
N VAL A 67 43.14 14.77 5.86
CA VAL A 67 43.18 13.70 6.85
C VAL A 67 44.54 13.74 7.53
N GLY A 68 44.55 14.00 8.84
CA GLY A 68 45.78 14.00 9.58
C GLY A 68 46.34 12.59 9.73
N ARG A 69 47.66 12.48 9.68
CA ARG A 69 48.33 11.19 9.76
C ARG A 69 49.46 11.27 10.78
N GLY A 70 49.53 10.28 11.64
CA GLY A 70 50.63 10.14 12.57
C GLY A 70 51.68 9.20 12.02
N ALA A 71 51.77 8.00 12.59
CA ALA A 71 52.69 7.00 12.09
C ALA A 71 52.05 6.03 11.10
N GLY A 72 50.74 6.10 10.91
CA GLY A 72 50.06 5.19 9.99
C GLY A 72 49.99 3.76 10.49
N THR A 73 49.80 3.57 11.79
CA THR A 73 49.69 2.25 12.40
C THR A 73 48.27 1.92 12.82
N GLY A 74 47.28 2.68 12.34
CA GLY A 74 45.90 2.36 12.64
C GLY A 74 45.50 1.00 12.08
N LEU A 75 44.45 0.45 12.67
CA LEU A 75 43.94 -0.86 12.26
C LEU A 75 42.51 -0.79 11.74
N SER A 76 41.99 0.42 11.48
CA SER A 76 40.64 0.56 10.94
C SER A 76 40.58 1.49 9.75
N GLY A 77 41.73 1.89 9.19
CA GLY A 77 41.74 2.77 8.04
C GLY A 77 41.34 4.20 8.30
N ALA A 78 41.37 4.63 9.57
CA ALA A 78 40.98 6.01 9.88
C ALA A 78 41.90 7.02 9.23
N ALA A 79 43.18 6.70 9.10
CA ALA A 79 44.14 7.61 8.49
C ALA A 79 44.22 7.46 6.97
N ASN A 80 43.49 6.50 6.40
CA ASN A 80 43.51 6.30 4.97
C ASN A 80 42.98 7.54 4.25
N ALA A 81 43.63 7.89 3.15
CA ALA A 81 43.31 9.10 2.42
C ALA A 81 42.45 8.78 1.21
N GLY A 82 41.50 9.69 0.91
CA GLY A 82 40.69 9.57 -0.28
C GLY A 82 41.32 10.23 -1.49
N ARG A 83 40.76 9.95 -2.66
CA ARG A 83 41.31 10.49 -3.89
C ARG A 83 41.28 12.01 -3.88
N GLY A 84 42.45 12.62 -4.00
CA GLY A 84 42.56 14.07 -4.02
C GLY A 84 42.67 14.73 -2.67
N TRP A 85 42.71 13.96 -1.59
CA TRP A 85 42.82 14.56 -0.26
C TRP A 85 44.23 15.11 -0.02
N VAL A 86 44.37 15.81 1.10
CA VAL A 86 45.65 16.38 1.52
C VAL A 86 46.02 15.70 2.83
N VAL A 87 47.02 14.83 2.78
CA VAL A 87 47.48 14.10 3.96
C VAL A 87 48.45 14.99 4.73
N VAL A 88 48.09 15.36 5.95
CA VAL A 88 48.95 16.17 6.81
C VAL A 88 49.74 15.23 7.71
N SER A 89 51.03 15.08 7.43
CA SER A 89 51.91 14.21 8.19
C SER A 89 52.67 15.05 9.21
N PHE A 90 52.50 14.72 10.49
CA PHE A 90 53.15 15.44 11.58
C PHE A 90 54.53 14.91 11.89
N GLU A 91 55.20 14.31 10.91
CA GLU A 91 56.52 13.74 11.17
C GLU A 91 57.52 14.79 11.59
N ARG A 92 57.34 16.05 11.16
CA ARG A 92 58.30 17.09 11.50
C ARG A 92 58.01 17.72 12.86
N MET A 93 56.81 17.55 13.40
CA MET A 93 56.47 18.08 14.71
C MET A 93 56.58 16.93 15.70
N ASN A 94 57.81 16.67 16.12
CA ASN A 94 58.13 15.52 16.96
C ASN A 94 59.05 15.91 18.10
N ARG A 95 58.72 17.00 18.79
CA ARG A 95 59.53 17.50 19.90
C ARG A 95 58.73 17.49 21.18
N VAL A 96 59.37 17.07 22.26
CA VAL A 96 58.82 17.21 23.60
C VAL A 96 59.18 18.60 24.09
N LEU A 97 58.18 19.45 24.27
CA LEU A 97 58.45 20.87 24.49
C LEU A 97 58.87 21.17 25.93
N GLU A 98 58.25 20.51 26.90
CA GLU A 98 58.61 20.79 28.29
C GLU A 98 58.16 19.63 29.16
N VAL A 99 58.83 19.47 30.29
CA VAL A 99 58.47 18.47 31.29
C VAL A 99 58.48 19.16 32.65
N ASP A 100 57.30 19.62 33.08
CA ASP A 100 57.18 20.35 34.34
C ASP A 100 57.14 19.34 35.49
N THR A 101 58.23 19.28 36.27
CA THR A 101 58.34 18.31 37.35
C THR A 101 57.51 18.69 38.56
N VAL A 102 57.28 19.99 38.78
CA VAL A 102 56.47 20.41 39.92
C VAL A 102 54.99 20.16 39.65
N GLN A 103 54.53 20.50 38.45
CA GLN A 103 53.16 20.22 38.05
C GLN A 103 52.98 18.78 37.58
N GLN A 104 54.07 18.09 37.26
CA GLN A 104 54.03 16.71 36.78
C GLN A 104 53.20 16.58 35.51
N THR A 105 53.55 17.38 34.51
CA THR A 105 52.90 17.33 33.21
C THR A 105 53.95 17.46 32.13
N VAL A 106 53.60 17.02 30.92
CA VAL A 106 54.47 17.11 29.76
C VAL A 106 53.66 17.68 28.60
N THR A 107 54.32 18.52 27.80
CA THR A 107 53.70 19.12 26.62
C THR A 107 54.45 18.63 25.39
N VAL A 108 53.80 17.80 24.58
CA VAL A 108 54.43 17.17 23.42
C VAL A 108 53.68 17.56 22.16
N GLN A 109 54.34 17.35 21.01
CA GLN A 109 53.75 17.59 19.72
C GLN A 109 53.13 16.30 19.17
N PRO A 110 52.21 16.42 18.22
CA PRO A 110 51.48 15.22 17.75
C PRO A 110 52.38 14.21 17.09
N GLY A 111 53.56 14.60 16.61
CA GLY A 111 54.42 13.66 15.94
C GLY A 111 55.28 12.81 16.85
N VAL A 112 55.25 13.07 18.15
CA VAL A 112 56.09 12.33 19.08
C VAL A 112 55.68 10.87 19.11
N VAL A 113 56.65 9.99 19.31
CA VAL A 113 56.41 8.55 19.41
C VAL A 113 56.14 8.18 20.86
N ASN A 114 55.21 7.24 21.06
CA ASN A 114 54.81 6.87 22.41
C ASN A 114 55.99 6.41 23.24
N ASP A 115 56.72 5.39 22.76
CA ASP A 115 57.85 4.87 23.51
C ASP A 115 58.90 5.94 23.76
N ASP A 116 59.15 6.79 22.76
CA ASP A 116 60.10 7.89 22.97
C ASP A 116 59.63 8.80 24.10
N LEU A 117 58.34 9.11 24.13
CA LEU A 117 57.82 9.97 25.19
C LEU A 117 58.04 9.33 26.56
N ARG A 118 57.77 8.04 26.69
CA ARG A 118 57.91 7.38 27.98
C ARG A 118 59.35 7.38 28.46
N ALA A 119 60.30 7.17 27.56
CA ALA A 119 61.71 7.17 27.96
C ALA A 119 62.14 8.54 28.47
N ARG A 120 61.61 9.62 27.88
CA ARG A 120 62.00 10.96 28.30
C ARG A 120 61.47 11.28 29.70
N VAL A 121 60.20 10.98 29.96
CA VAL A 121 59.64 11.31 31.26
C VAL A 121 60.23 10.42 32.34
N ALA A 122 60.59 9.17 32.00
CA ALA A 122 61.21 8.30 32.99
C ALA A 122 62.52 8.90 33.51
N GLN A 123 63.18 9.74 32.70
CA GLN A 123 64.41 10.38 33.14
C GLN A 123 64.17 11.32 34.31
N ASP A 124 63.00 11.96 34.38
CA ASP A 124 62.63 12.83 35.48
C ASP A 124 61.80 12.12 36.54
N GLY A 125 61.86 10.79 36.56
CA GLY A 125 61.13 10.01 37.54
C GLY A 125 59.63 9.96 37.33
N LEU A 126 59.14 10.34 36.16
CA LEU A 126 57.72 10.33 35.86
C LEU A 126 57.41 9.14 34.96
N TRP A 127 56.13 8.98 34.62
CA TRP A 127 55.66 7.83 33.88
C TRP A 127 54.42 8.19 33.08
N TYR A 128 54.38 7.77 31.83
CA TYR A 128 53.18 7.89 31.01
C TYR A 128 52.55 6.51 30.87
N PRO A 129 51.48 6.21 31.62
CA PRO A 129 51.00 4.83 31.72
C PRO A 129 50.60 4.26 30.36
N PRO A 130 49.72 4.95 29.60
CA PRO A 130 49.22 4.38 28.35
C PRO A 130 50.32 3.75 27.50
N ASP A 131 50.16 2.47 27.16
CA ASP A 131 51.19 1.71 26.46
C ASP A 131 50.54 0.79 25.45
N PRO A 132 50.16 1.33 24.29
CA PRO A 132 49.60 0.49 23.24
C PRO A 132 50.65 -0.46 22.68
N ALA A 133 50.18 -1.56 22.10
CA ALA A 133 51.09 -2.53 21.51
C ALA A 133 51.94 -1.90 20.42
N SER A 134 51.43 -0.86 19.77
CA SER A 134 52.14 -0.12 18.74
C SER A 134 52.96 1.03 19.31
N SER A 135 53.21 1.04 20.63
CA SER A 135 53.96 2.13 21.24
C SER A 135 55.30 2.40 20.56
N PRO A 136 56.08 1.39 20.17
CA PRO A 136 57.37 1.70 19.53
C PRO A 136 57.23 2.44 18.21
N TRP A 137 56.03 2.53 17.64
CA TRP A 137 55.88 3.20 16.36
C TRP A 137 54.69 4.15 16.26
N SER A 138 53.77 4.17 17.21
CA SER A 138 52.62 5.06 17.13
C SER A 138 52.94 6.44 17.70
N THR A 139 52.26 7.45 17.18
CA THR A 139 52.48 8.83 17.60
C THR A 139 51.48 9.20 18.69
N ILE A 140 51.86 10.18 19.51
CA ILE A 140 50.92 10.70 20.50
C ILE A 140 49.73 11.34 19.80
N GLY A 141 49.94 11.89 18.61
CA GLY A 141 48.83 12.42 17.84
C GLY A 141 47.81 11.34 17.51
N GLY A 142 48.29 10.18 17.06
CA GLY A 142 47.37 9.08 16.79
C GLY A 142 46.71 8.57 18.05
N ASN A 143 47.48 8.42 19.12
CA ASN A 143 46.90 7.93 20.38
C ASN A 143 45.80 8.85 20.88
N VAL A 144 45.91 10.16 20.62
CA VAL A 144 44.88 11.09 21.07
C VAL A 144 43.69 11.09 20.11
N ALA A 145 43.96 10.97 18.81
CA ALA A 145 42.87 10.99 17.84
C ALA A 145 41.99 9.76 17.95
N THR A 146 42.57 8.61 18.27
CA THR A 146 41.82 7.38 18.40
C THR A 146 41.56 6.99 19.84
N ASN A 147 42.04 7.79 20.80
CA ASN A 147 41.94 7.47 22.21
C ASN A 147 42.49 6.07 22.47
N ALA A 148 43.73 5.86 22.02
CA ALA A 148 44.32 4.54 22.06
C ALA A 148 44.42 4.01 23.48
N GLY A 149 44.40 2.69 23.60
CA GLY A 149 44.56 2.00 24.86
C GLY A 149 45.88 1.25 24.91
N GLY A 150 46.09 0.56 26.03
CA GLY A 150 47.31 -0.19 26.21
C GLY A 150 47.09 -1.51 26.91
N LEU A 151 48.17 -2.08 27.46
CA LEU A 151 48.10 -3.32 28.20
C LEU A 151 47.79 -3.10 29.67
N CYS A 152 48.43 -2.12 30.30
CA CYS A 152 48.19 -1.80 31.70
C CYS A 152 47.00 -0.88 31.89
N CYS A 153 46.24 -0.59 30.85
CA CYS A 153 45.07 0.27 30.96
C CYS A 153 43.97 -0.34 31.82
N VAL A 154 44.09 -1.62 32.18
CA VAL A 154 43.12 -2.23 33.08
C VAL A 154 43.20 -1.64 34.48
N LYS A 155 44.32 -1.03 34.83
CA LYS A 155 44.50 -0.44 36.14
C LYS A 155 44.83 1.05 36.13
N TYR A 156 45.18 1.62 34.97
CA TYR A 156 45.59 3.02 34.89
C TYR A 156 44.87 3.80 33.80
N GLY A 157 43.89 3.20 33.13
CA GLY A 157 43.10 3.92 32.16
C GLY A 157 43.76 4.01 30.79
N VAL A 158 43.15 4.83 29.94
CA VAL A 158 43.61 5.02 28.57
C VAL A 158 44.10 6.43 28.34
N THR A 159 44.35 6.78 27.07
CA THR A 159 44.91 8.10 26.75
C THR A 159 44.02 9.21 27.26
N ARG A 160 42.71 9.11 27.02
CA ARG A 160 41.78 10.15 27.45
C ARG A 160 41.97 10.51 28.90
N ASP A 161 42.39 9.55 29.73
CA ASP A 161 42.60 9.80 31.15
C ASP A 161 43.84 10.64 31.45
N TYR A 162 44.59 11.05 30.43
CA TYR A 162 45.80 11.83 30.64
C TYR A 162 45.88 13.06 29.74
N VAL A 163 44.81 13.40 29.04
CA VAL A 163 44.79 14.57 28.16
C VAL A 163 44.25 15.74 28.96
N LEU A 164 45.14 16.64 29.38
CA LEU A 164 44.73 17.83 30.11
C LEU A 164 44.32 18.96 29.19
N GLY A 165 45.11 19.22 28.15
CA GLY A 165 44.81 20.30 27.22
C GLY A 165 45.48 20.01 25.89
N MET A 166 45.28 20.91 24.94
CA MET A 166 45.83 20.71 23.62
C MET A 166 45.64 22.00 22.81
N GLU A 167 46.31 22.04 21.66
CA GLU A 167 46.15 23.11 20.68
C GLU A 167 45.76 22.46 19.36
N ALA A 168 44.68 22.95 18.75
CA ALA A 168 44.15 22.34 17.54
C ALA A 168 43.79 23.41 16.53
N VAL A 169 43.89 23.04 15.26
CA VAL A 169 43.43 23.86 14.15
C VAL A 169 42.08 23.33 13.70
N VAL A 170 41.05 24.18 13.75
CA VAL A 170 39.68 23.77 13.46
C VAL A 170 39.02 24.83 12.59
N GLY A 171 37.86 24.47 12.05
CA GLY A 171 37.08 25.43 11.27
C GLY A 171 37.77 25.78 9.97
N SER A 172 37.86 27.08 9.69
CA SER A 172 38.49 27.59 8.48
C SER A 172 39.98 27.82 8.64
N GLY A 173 40.59 27.32 9.71
CA GLY A 173 42.01 27.47 9.92
C GLY A 173 42.37 28.19 11.20
N GLU A 174 41.42 28.27 12.12
CA GLU A 174 41.66 28.94 13.40
C GLU A 174 42.42 28.00 14.34
N VAL A 175 43.52 28.50 14.88
CA VAL A 175 44.33 27.74 15.84
C VAL A 175 43.90 28.12 17.24
N VAL A 176 43.26 27.18 17.94
CA VAL A 176 42.76 27.41 19.29
C VAL A 176 43.44 26.45 20.25
N ARG A 177 43.43 26.83 21.52
CA ARG A 177 43.98 26.00 22.61
C ARG A 177 42.80 25.53 23.47
N LEU A 178 42.48 24.25 23.36
CA LEU A 178 41.40 23.64 24.10
C LEU A 178 41.94 22.97 25.37
N GLY A 179 41.03 22.74 26.30
CA GLY A 179 41.38 22.08 27.53
C GLY A 179 42.05 23.01 28.53
N ARG A 180 42.55 22.41 29.59
CA ARG A 180 43.22 23.09 30.68
C ARG A 180 44.61 22.51 30.88
N THR A 181 45.38 23.13 31.76
CA THR A 181 46.69 22.61 32.12
C THR A 181 46.89 22.41 33.62
N THR A 182 45.97 22.87 34.46
CA THR A 182 46.09 22.71 35.90
C THR A 182 45.51 21.34 36.31
N ALA A 183 45.25 21.16 37.60
CA ALA A 183 44.72 19.89 38.08
C ALA A 183 43.21 19.83 37.94
N LYS A 184 42.52 20.95 38.14
CA LYS A 184 41.07 21.01 38.05
C LYS A 184 40.66 22.20 37.21
N GLY A 185 39.79 21.96 36.22
CA GLY A 185 39.22 23.01 35.41
C GLY A 185 37.92 22.56 34.78
N VAL A 186 36.88 23.40 34.84
CA VAL A 186 35.58 23.05 34.29
C VAL A 186 35.07 24.23 33.48
N THR A 187 35.96 25.16 33.16
CA THR A 187 35.57 26.36 32.43
C THR A 187 35.04 25.99 31.05
N GLY A 188 33.76 26.25 30.82
CA GLY A 188 33.16 25.95 29.55
C GLY A 188 32.89 24.47 29.39
N TYR A 189 33.00 24.00 28.15
CA TYR A 189 32.77 22.61 27.83
C TYR A 189 34.08 21.83 27.84
N ASP A 190 33.96 20.50 27.81
CA ASP A 190 35.12 19.61 27.75
C ASP A 190 35.57 19.41 26.31
N LEU A 191 35.77 20.52 25.60
CA LEU A 191 36.11 20.43 24.18
C LEU A 191 37.41 19.65 23.97
N ALA A 192 38.37 19.79 24.89
CA ALA A 192 39.60 19.00 24.79
C ALA A 192 39.29 17.51 24.76
N GLY A 193 38.42 17.06 25.67
CA GLY A 193 38.00 15.67 25.65
C GLY A 193 37.22 15.31 24.39
N LEU A 194 36.41 16.25 23.90
CA LEU A 194 35.69 16.00 22.66
C LEU A 194 36.64 15.67 21.51
N MET A 195 37.84 16.26 21.52
CA MET A 195 38.82 15.93 20.49
C MET A 195 39.33 14.51 20.65
N VAL A 196 39.61 14.09 21.88
CA VAL A 196 40.09 12.73 22.10
C VAL A 196 39.05 11.74 21.61
N GLY A 197 39.48 10.76 20.81
CA GLY A 197 38.58 9.79 20.23
C GLY A 197 37.85 10.25 18.99
N SER A 198 38.14 11.46 18.49
CA SER A 198 37.51 11.96 17.28
C SER A 198 38.14 11.41 16.01
N GLU A 199 39.33 10.83 16.11
CA GLU A 199 40.01 10.25 14.95
C GLU A 199 40.18 11.27 13.83
N GLY A 200 40.45 12.51 14.23
CA GLY A 200 40.74 13.57 13.27
C GLY A 200 39.57 13.99 12.42
N THR A 201 38.34 13.81 12.91
CA THR A 201 37.15 14.22 12.17
C THR A 201 36.60 15.56 12.64
N LEU A 202 37.22 16.18 13.63
CA LEU A 202 36.79 17.48 14.13
C LEU A 202 37.88 18.53 14.13
N GLY A 203 39.13 18.16 13.91
CA GLY A 203 40.20 19.13 13.91
C GLY A 203 41.55 18.46 13.76
N LEU A 204 42.60 19.22 14.05
CA LEU A 204 43.96 18.73 13.98
C LEU A 204 44.70 19.15 15.23
N VAL A 205 45.25 18.17 15.96
CA VAL A 205 45.97 18.45 17.20
C VAL A 205 47.41 18.81 16.85
N THR A 206 47.84 20.00 17.25
CA THR A 206 49.21 20.45 17.01
C THR A 206 50.05 20.47 18.27
N GLU A 207 49.45 20.35 19.46
CA GLU A 207 50.16 20.31 20.72
C GLU A 207 49.24 19.82 21.82
N VAL A 208 49.68 18.82 22.58
CA VAL A 208 48.87 18.20 23.63
C VAL A 208 49.63 18.30 24.95
N THR A 209 48.90 18.53 26.03
CA THR A 209 49.45 18.56 27.38
C THR A 209 48.94 17.34 28.13
N LEU A 210 49.86 16.49 28.57
CA LEU A 210 49.52 15.22 29.20
C LEU A 210 49.79 15.26 30.69
N ARG A 211 49.02 14.46 31.43
CA ARG A 211 49.20 14.28 32.86
C ARG A 211 50.14 13.09 33.11
N LEU A 212 50.98 13.21 34.13
CA LEU A 212 51.97 12.19 34.44
C LEU A 212 51.77 11.65 35.85
N VAL A 213 52.55 10.63 36.19
CA VAL A 213 52.50 10.01 37.52
C VAL A 213 53.88 9.54 37.93
N PRO A 214 54.12 9.28 39.22
CA PRO A 214 55.44 8.79 39.65
C PRO A 214 55.75 7.41 39.10
N LEU A 215 57.04 7.20 38.76
CA LEU A 215 57.48 5.91 38.26
C LEU A 215 57.24 4.81 39.28
N ARG A 216 56.83 3.64 38.79
CA ARG A 216 56.52 2.51 39.67
C ARG A 216 57.75 1.85 40.28
N ARG A 217 58.95 2.29 39.93
CA ARG A 217 60.23 1.77 40.42
C ARG A 217 60.07 0.59 41.39
N GLY A 218 59.57 -0.53 40.90
CA GLY A 218 59.30 -1.68 41.75
C GLY A 218 59.42 -3.03 41.10
N VAL A 219 58.82 -4.05 41.75
CA VAL A 219 58.89 -5.44 41.30
C VAL A 219 57.51 -5.85 40.80
N GLU A 220 57.47 -6.40 39.59
CA GLU A 220 56.24 -6.86 38.96
C GLU A 220 56.05 -8.35 39.25
N HIS A 221 55.06 -8.69 40.09
CA HIS A 221 54.78 -10.08 40.42
C HIS A 221 53.83 -10.64 39.37
N THR A 222 54.35 -11.55 38.55
CA THR A 222 53.57 -12.16 37.48
C THR A 222 52.89 -13.44 37.97
N VAL A 223 51.63 -13.60 37.61
CA VAL A 223 50.86 -14.82 37.87
C VAL A 223 50.51 -15.39 36.51
N VAL A 224 51.21 -16.46 36.11
CA VAL A 224 51.05 -17.07 34.80
C VAL A 224 50.10 -18.25 34.91
N GLY A 225 49.16 -18.36 33.97
CA GLY A 225 48.24 -19.49 33.98
C GLY A 225 47.94 -20.04 32.59
N TYR A 226 47.85 -21.36 32.49
CA TYR A 226 47.55 -22.04 31.23
C TYR A 226 46.21 -22.76 31.35
N PHE A 227 45.51 -22.84 30.23
CA PHE A 227 44.20 -23.48 30.17
C PHE A 227 44.15 -24.37 28.93
N ASP A 228 43.04 -25.08 28.77
CA ASP A 228 42.83 -25.92 27.60
C ASP A 228 41.63 -25.47 26.78
N SER A 229 40.93 -24.41 27.21
CA SER A 229 39.74 -23.95 26.51
C SER A 229 39.62 -22.44 26.69
N LEU A 230 39.14 -21.77 25.64
CA LEU A 230 38.86 -20.33 25.75
C LEU A 230 37.68 -20.05 26.68
N THR A 231 36.84 -21.05 26.96
CA THR A 231 35.70 -20.85 27.84
C THR A 231 36.13 -20.85 29.30
N ASP A 232 36.88 -21.86 29.72
CA ASP A 232 37.34 -21.92 31.11
C ASP A 232 38.27 -20.75 31.43
N ALA A 233 39.24 -20.47 30.55
CA ALA A 233 40.13 -19.35 30.78
C ALA A 233 39.34 -18.04 30.86
N GLY A 234 38.30 -17.89 30.03
CA GLY A 234 37.44 -16.73 30.13
C GLY A 234 36.71 -16.68 31.46
N ARG A 235 36.34 -17.85 32.00
CA ARG A 235 35.71 -17.92 33.30
C ARG A 235 36.67 -17.54 34.43
N ALA A 236 37.97 -17.72 34.22
CA ALA A 236 38.94 -17.38 35.25
C ALA A 236 39.17 -15.87 35.32
N VAL A 237 39.31 -15.20 34.17
CA VAL A 237 39.48 -13.75 34.17
C VAL A 237 38.32 -13.09 34.89
N ALA A 238 37.09 -13.52 34.60
CA ALA A 238 35.93 -13.01 35.33
C ALA A 238 35.97 -13.45 36.79
N ALA A 239 36.60 -14.59 37.08
CA ALA A 239 36.71 -15.06 38.46
C ALA A 239 37.57 -14.10 39.28
N VAL A 240 38.65 -13.58 38.69
CA VAL A 240 39.51 -12.64 39.41
C VAL A 240 38.79 -11.31 39.59
N SER A 241 38.06 -10.85 38.57
CA SER A 241 37.31 -9.61 38.67
C SER A 241 36.15 -9.71 39.66
N ALA A 242 35.58 -10.91 39.82
CA ALA A 242 34.53 -11.09 40.82
C ALA A 242 35.11 -11.10 42.22
N ALA A 243 36.34 -11.56 42.39
CA ALA A 243 37.03 -11.49 43.67
C ALA A 243 37.33 -10.06 44.08
N GLY A 244 37.17 -9.09 43.17
CA GLY A 244 37.44 -7.71 43.46
C GLY A 244 38.88 -7.29 43.29
N ILE A 245 39.65 -8.00 42.48
CA ILE A 245 41.07 -7.70 42.29
C ILE A 245 41.22 -6.83 41.05
N VAL A 246 42.19 -5.92 41.11
CA VAL A 246 42.50 -5.03 39.99
C VAL A 246 43.90 -5.37 39.50
N PRO A 247 44.05 -6.39 38.66
CA PRO A 247 45.40 -6.77 38.21
C PRO A 247 46.01 -5.70 37.32
N SER A 248 47.30 -5.45 37.53
CA SER A 248 48.01 -4.49 36.71
C SER A 248 48.09 -4.91 35.25
N ALA A 249 47.76 -6.16 34.95
CA ALA A 249 47.75 -6.67 33.58
C ALA A 249 47.06 -8.02 33.57
N LEU A 250 46.19 -8.22 32.57
CA LEU A 250 45.48 -9.50 32.44
C LEU A 250 45.23 -9.73 30.95
N GLU A 251 46.06 -10.57 30.33
CA GLU A 251 46.04 -10.78 28.89
C GLU A 251 45.80 -12.24 28.56
N LEU A 252 45.21 -12.48 27.40
CA LEU A 252 44.94 -13.84 26.92
C LEU A 252 45.56 -14.00 25.53
N ILE A 253 46.32 -15.08 25.36
CA ILE A 253 47.01 -15.37 24.10
C ILE A 253 46.74 -16.84 23.79
N ASP A 254 45.87 -17.10 22.81
CA ASP A 254 45.57 -18.47 22.43
C ASP A 254 46.81 -19.15 21.87
N ARG A 255 46.67 -20.41 21.44
CA ARG A 255 47.83 -21.18 21.04
C ARG A 255 48.33 -20.76 19.67
N PHE A 256 47.41 -20.52 18.73
CA PHE A 256 47.81 -20.19 17.37
C PHE A 256 48.71 -18.95 17.33
N CYS A 257 48.55 -18.03 18.28
CA CYS A 257 49.26 -16.76 18.19
C CYS A 257 50.65 -16.87 18.83
N LEU A 258 50.74 -17.50 20.00
CA LEU A 258 52.00 -17.55 20.71
C LEU A 258 53.02 -18.43 19.99
N GLN A 259 52.56 -19.54 19.40
CA GLN A 259 53.47 -20.44 18.71
C GLN A 259 54.02 -19.82 17.42
N ALA A 260 53.34 -18.83 16.86
CA ALA A 260 53.84 -18.17 15.66
C ALA A 260 54.96 -17.18 15.99
N VAL A 261 54.84 -16.47 17.11
CA VAL A 261 55.88 -15.54 17.50
C VAL A 261 57.21 -16.25 17.71
N ASP A 262 57.18 -17.49 18.18
CA ASP A 262 58.42 -18.24 18.35
C ASP A 262 59.13 -18.44 17.02
N GLU A 263 58.38 -18.80 15.97
CA GLU A 263 58.98 -18.99 14.65
C GLU A 263 59.71 -17.74 14.19
N TRP A 264 59.27 -16.57 14.64
CA TRP A 264 59.83 -15.29 14.20
C TRP A 264 61.05 -14.89 15.04
N LYS A 265 60.89 -14.86 16.36
CA LYS A 265 61.96 -14.42 17.24
C LYS A 265 62.69 -15.58 17.92
N ASN A 266 62.10 -16.78 17.93
CA ASN A 266 62.73 -17.94 18.56
C ASN A 266 63.14 -17.64 19.99
N ALA A 271 54.47 -23.19 25.05
CA ALA A 271 53.10 -23.58 24.73
C ALA A 271 52.65 -24.76 25.60
N GLU A 272 52.42 -24.48 26.89
CA GLU A 272 52.00 -25.53 27.81
C GLU A 272 50.56 -25.95 27.55
N GLY A 273 49.68 -24.99 27.27
CA GLY A 273 48.29 -25.30 27.03
C GLY A 273 47.73 -24.67 25.76
N GLU A 274 46.40 -24.50 25.72
CA GLU A 274 45.75 -23.88 24.57
C GLU A 274 45.56 -22.39 24.76
N VAL A 275 45.22 -21.96 25.98
CA VAL A 275 45.03 -20.55 26.30
C VAL A 275 46.02 -20.17 27.38
N LEU A 276 46.76 -19.08 27.15
CA LEU A 276 47.75 -18.57 28.09
C LEU A 276 47.19 -17.30 28.71
N LEU A 277 46.91 -17.35 30.01
CA LEU A 277 46.38 -16.20 30.74
C LEU A 277 47.51 -15.60 31.57
N LEU A 278 48.01 -14.44 31.13
CA LEU A 278 49.12 -13.76 31.80
C LEU A 278 48.58 -12.60 32.62
N ALA A 279 48.76 -12.66 33.93
CA ALA A 279 48.35 -11.59 34.84
C ALA A 279 49.57 -11.10 35.61
N ARG A 280 49.43 -9.91 36.20
CA ARG A 280 50.54 -9.33 36.95
C ARG A 280 50.01 -8.24 37.88
N SER A 281 50.73 -8.04 38.98
CA SER A 281 50.43 -6.99 39.95
C SER A 281 51.69 -6.19 40.23
N ASP A 282 51.50 -4.95 40.67
CA ASP A 282 52.61 -4.03 40.93
C ASP A 282 52.47 -3.38 42.29
N LEU A 283 52.02 -4.14 43.29
CA LEU A 283 51.96 -3.55 44.61
C LEU A 283 53.30 -3.69 45.31
N PRO A 284 53.76 -2.66 46.02
CA PRO A 284 55.08 -2.72 46.66
C PRO A 284 55.08 -3.65 47.86
N GLY A 285 56.23 -4.25 48.11
CA GLY A 285 56.40 -5.11 49.26
C GLY A 285 55.50 -6.33 49.22
N THR A 286 55.21 -6.87 50.40
CA THR A 286 54.36 -8.06 50.50
C THR A 286 52.93 -7.78 50.06
N SER A 287 52.50 -6.52 50.05
CA SER A 287 51.16 -6.20 49.58
C SER A 287 50.92 -6.74 48.17
N GLY A 288 51.92 -6.61 47.30
CA GLY A 288 51.81 -7.18 45.96
C GLY A 288 51.92 -8.69 45.97
N GLN A 289 52.88 -9.23 46.73
CA GLN A 289 53.03 -10.68 46.81
C GLN A 289 51.77 -11.33 47.34
N GLU A 290 51.09 -10.67 48.29
CA GLU A 290 49.84 -11.21 48.81
C GLU A 290 48.76 -11.22 47.73
N GLU A 291 48.71 -10.17 46.90
CA GLU A 291 47.70 -10.11 45.85
C GLU A 291 48.04 -11.08 44.72
N ALA A 292 49.30 -11.13 44.29
CA ALA A 292 49.68 -12.06 43.24
C ALA A 292 49.38 -13.50 43.63
N ASP A 293 49.54 -13.83 44.91
CA ASP A 293 49.18 -15.16 45.38
C ASP A 293 47.67 -15.39 45.26
N ARG A 294 46.87 -14.38 45.58
CA ARG A 294 45.43 -14.50 45.43
C ARG A 294 45.04 -14.77 43.98
N ILE A 295 45.71 -14.11 43.04
CA ILE A 295 45.41 -14.32 41.63
C ILE A 295 45.73 -15.76 41.22
N LEU A 296 46.80 -16.33 41.78
CA LEU A 296 47.16 -17.70 41.46
C LEU A 296 46.03 -18.66 41.79
N GLU A 297 45.45 -18.51 42.99
CA GLU A 297 44.36 -19.40 43.39
C GLU A 297 43.18 -19.31 42.44
N CYS A 298 42.86 -18.10 41.97
CA CYS A 298 41.75 -17.96 41.04
C CYS A 298 41.97 -18.80 39.79
N PHE A 299 43.22 -18.88 39.33
CA PHE A 299 43.52 -19.72 38.17
C PHE A 299 43.44 -21.20 38.53
N GLU A 300 43.83 -21.56 39.76
CA GLU A 300 43.80 -22.96 40.16
C GLU A 300 42.36 -23.41 40.44
N LYS A 301 41.55 -22.54 41.05
CA LYS A 301 40.19 -22.93 41.38
C LYS A 301 39.38 -23.28 40.14
N GLU A 302 39.54 -22.49 39.08
CA GLU A 302 38.90 -22.76 37.80
C GLU A 302 39.71 -23.85 37.10
N LYS A 303 39.45 -24.09 35.82
CA LYS A 303 40.29 -25.01 35.07
C LYS A 303 41.74 -24.53 35.14
N ALA A 304 42.63 -25.40 35.58
CA ALA A 304 44.00 -24.99 35.91
C ALA A 304 44.97 -26.01 35.33
N VAL A 305 45.74 -25.59 34.33
CA VAL A 305 46.87 -26.35 33.83
C VAL A 305 48.10 -25.46 33.95
N TYR A 306 49.08 -25.92 34.72
CA TYR A 306 50.31 -25.17 34.94
C TYR A 306 50.02 -23.75 35.40
N ALA A 307 49.14 -23.63 36.40
CA ALA A 307 48.84 -22.33 37.02
C ALA A 307 49.84 -22.11 38.14
N VAL A 308 50.91 -21.38 37.84
CA VAL A 308 52.03 -21.17 38.77
C VAL A 308 52.41 -19.69 38.75
N ARG A 309 52.80 -19.17 39.92
CA ARG A 309 53.31 -17.82 39.98
C ARG A 309 54.78 -17.79 39.58
N SER A 310 55.17 -16.74 38.87
CA SER A 310 56.51 -16.63 38.33
C SER A 310 57.45 -16.01 39.35
N THR A 311 58.49 -16.75 39.71
CA THR A 311 59.57 -16.27 40.57
C THR A 311 60.77 -15.82 39.75
N ASP A 312 60.54 -15.49 38.47
CA ASP A 312 61.59 -15.10 37.54
C ASP A 312 61.17 -13.81 36.87
N GLU A 313 62.05 -12.81 36.94
CA GLU A 313 61.76 -11.49 36.42
C GLU A 313 61.91 -11.38 34.91
N GLU A 314 62.44 -12.43 34.27
CA GLU A 314 62.72 -12.42 32.84
C GLU A 314 61.79 -13.34 32.05
N GLU A 315 61.63 -14.59 32.48
CA GLU A 315 60.69 -15.47 31.79
C GLU A 315 59.28 -14.89 31.83
N ALA A 316 58.96 -14.13 32.88
CA ALA A 316 57.71 -13.37 32.90
C ALA A 316 57.72 -12.29 31.84
N GLU A 317 58.79 -11.48 31.81
CA GLU A 317 58.90 -10.41 30.82
C GLU A 317 58.98 -10.94 29.40
N ALA A 318 59.51 -12.16 29.23
CA ALA A 318 59.60 -12.74 27.89
C ALA A 318 58.23 -13.11 27.35
N LEU A 319 57.33 -13.58 28.23
CA LEU A 319 55.97 -13.90 27.80
C LEU A 319 55.20 -12.64 27.44
N PHE A 320 55.43 -11.56 28.19
CA PHE A 320 54.75 -10.29 27.90
C PHE A 320 55.28 -9.64 26.63
N GLN A 321 56.59 -9.77 26.36
CA GLN A 321 57.11 -9.25 25.09
C GLN A 321 56.56 -10.03 23.91
N ALA A 322 56.17 -11.29 24.12
CA ALA A 322 55.51 -12.06 23.07
C ALA A 322 54.08 -11.57 22.84
N ARG A 323 53.39 -11.16 23.91
CA ARG A 323 52.06 -10.60 23.76
C ARG A 323 52.07 -9.33 22.91
N ARG A 324 53.15 -8.55 22.98
CA ARG A 324 53.25 -7.33 22.17
C ARG A 324 53.58 -7.66 20.72
N LEU A 325 54.42 -8.65 20.48
CA LEU A 325 54.82 -9.05 19.14
C LEU A 325 53.86 -10.05 18.51
N ALA A 326 52.63 -10.15 19.01
CA ALA A 326 51.69 -11.12 18.46
C ALA A 326 51.17 -10.66 17.10
N TYR A 327 50.74 -9.40 17.00
CA TYR A 327 50.22 -8.92 15.72
C TYR A 327 51.30 -8.83 14.66
N PRO A 328 52.41 -8.12 14.87
CA PRO A 328 53.44 -8.06 13.82
C PRO A 328 54.06 -9.40 13.49
N ALA A 329 54.03 -10.35 14.42
CA ALA A 329 54.55 -11.69 14.12
C ALA A 329 53.64 -12.43 13.16
N LEU A 330 52.34 -12.14 13.20
CA LEU A 330 51.38 -12.77 12.29
C LEU A 330 51.17 -11.98 11.01
N GLU A 331 51.52 -10.69 10.98
CA GLU A 331 51.40 -9.93 9.74
C GLU A 331 52.42 -10.41 8.71
N ARG A 332 53.64 -10.72 9.15
CA ARG A 332 54.63 -11.29 8.26
C ARG A 332 54.18 -12.65 7.73
N LEU A 333 53.23 -13.29 8.41
CA LEU A 333 52.70 -14.59 8.02
C LEU A 333 51.53 -14.49 7.04
N GLY A 334 51.24 -13.29 6.54
CA GLY A 334 50.17 -13.09 5.60
C GLY A 334 49.18 -12.03 6.05
N PRO A 335 48.23 -11.68 5.18
CA PRO A 335 47.21 -10.69 5.55
C PRO A 335 46.46 -11.13 6.80
N LEU A 336 46.23 -10.17 7.70
CA LEU A 336 45.60 -10.46 8.99
C LEU A 336 44.43 -9.51 9.20
N LEU A 337 43.23 -10.08 9.33
CA LEU A 337 42.02 -9.33 9.61
C LEU A 337 41.76 -9.37 11.12
N THR A 338 41.67 -8.19 11.74
CA THR A 338 41.55 -8.06 13.19
C THR A 338 40.23 -7.39 13.56
N GLU A 339 39.63 -7.85 14.65
CA GLU A 339 38.40 -7.26 15.19
C GLU A 339 38.64 -6.82 16.63
N ASP A 340 38.03 -5.70 17.00
CA ASP A 340 38.17 -5.12 18.34
C ASP A 340 36.79 -4.89 18.93
N VAL A 341 36.33 -5.81 19.76
CA VAL A 341 35.08 -5.64 20.49
C VAL A 341 35.41 -5.55 21.97
N CYS A 342 34.53 -4.90 22.72
CA CYS A 342 34.67 -4.81 24.17
C CYS A 342 33.29 -5.02 24.78
N VAL A 343 33.18 -6.03 25.64
CA VAL A 343 31.91 -6.37 26.29
C VAL A 343 32.12 -6.37 27.79
N PRO A 344 31.06 -6.48 28.59
CA PRO A 344 31.25 -6.51 30.06
C PRO A 344 32.09 -7.69 30.49
N LYS A 345 32.82 -7.50 31.60
CA LYS A 345 33.70 -8.55 32.10
C LYS A 345 32.94 -9.86 32.32
N ALA A 346 31.68 -9.78 32.70
CA ALA A 346 30.88 -10.98 32.92
C ALA A 346 30.54 -11.71 31.63
N ARG A 347 30.76 -11.09 30.47
CA ARG A 347 30.46 -11.70 29.19
C ARG A 347 31.69 -12.26 28.50
N VAL A 348 32.86 -12.21 29.15
CA VAL A 348 34.07 -12.76 28.55
C VAL A 348 33.92 -14.25 28.24
N PRO A 349 33.50 -15.10 29.16
CA PRO A 349 33.31 -16.52 28.81
C PRO A 349 32.30 -16.72 27.69
N HIS A 350 31.15 -16.06 27.77
CA HIS A 350 30.15 -16.19 26.71
C HIS A 350 30.69 -15.71 25.37
N MET A 351 31.46 -14.63 25.38
CA MET A 351 31.99 -14.10 24.12
C MET A 351 33.11 -14.97 23.58
N LEU A 352 33.98 -15.48 24.46
CA LEU A 352 35.05 -16.37 23.99
C LEU A 352 34.48 -17.64 23.38
N GLU A 353 33.54 -18.29 24.09
CA GLU A 353 32.88 -19.44 23.50
C GLU A 353 31.98 -19.06 22.33
N ALA A 354 31.54 -17.81 22.25
CA ALA A 354 30.74 -17.39 21.10
C ALA A 354 31.61 -17.13 19.88
N ILE A 355 32.85 -16.66 20.08
CA ILE A 355 33.76 -16.47 18.95
C ILE A 355 34.19 -17.82 18.39
N GLU A 356 34.60 -18.72 19.27
CA GLU A 356 35.03 -20.06 18.84
C GLU A 356 33.93 -20.74 18.04
N ALA A 357 32.68 -20.63 18.48
CA ALA A 357 31.56 -21.19 17.74
C ALA A 357 31.40 -20.52 16.38
N ALA A 358 31.67 -19.22 16.31
CA ALA A 358 31.59 -18.49 15.05
C ALA A 358 32.55 -19.06 14.02
N GLY A 359 33.67 -19.65 14.47
CA GLY A 359 34.62 -20.20 13.53
C GLY A 359 34.13 -21.47 12.87
N GLU A 360 33.48 -22.36 13.64
CA GLU A 360 32.97 -23.59 13.07
C GLU A 360 31.84 -23.34 12.08
N ARG A 361 30.97 -22.37 12.37
CA ARG A 361 29.86 -22.12 11.47
C ARG A 361 30.35 -21.67 10.10
N PHE A 362 31.48 -20.96 10.04
CA PHE A 362 32.02 -20.46 8.79
C PHE A 362 33.35 -21.10 8.43
N ASP A 363 33.71 -22.20 9.10
CA ASP A 363 34.95 -22.93 8.83
C ASP A 363 36.13 -21.99 8.69
N THR A 364 36.31 -21.15 9.71
CA THR A 364 37.39 -20.16 9.72
C THR A 364 38.10 -20.23 11.07
N ARG A 365 39.38 -20.58 11.05
CA ARG A 365 40.18 -20.64 12.28
C ARG A 365 40.47 -19.24 12.77
N ILE A 366 40.10 -18.97 14.02
CA ILE A 366 40.19 -17.62 14.59
C ILE A 366 41.09 -17.69 15.82
N GLY A 367 42.19 -16.92 15.79
CA GLY A 367 43.02 -16.75 16.96
C GLY A 367 42.46 -15.70 17.90
N ASN A 368 42.89 -15.77 19.16
CA ASN A 368 42.34 -14.92 20.21
C ASN A 368 43.45 -14.32 21.06
N ILE A 369 43.43 -12.99 21.18
CA ILE A 369 44.19 -12.27 22.19
C ILE A 369 43.31 -11.10 22.62
N ALA A 370 43.23 -10.87 23.93
CA ALA A 370 42.30 -9.87 24.43
C ALA A 370 42.80 -9.33 25.76
N HIS A 371 42.49 -8.06 26.00
CA HIS A 371 42.74 -7.43 27.31
C HIS A 371 41.65 -7.89 28.27
N ALA A 372 41.86 -9.10 28.81
CA ALA A 372 40.87 -9.69 29.71
C ALA A 372 40.53 -8.79 30.88
N GLY A 373 41.42 -7.87 31.25
CA GLY A 373 41.15 -6.99 32.37
C GLY A 373 40.00 -6.04 32.12
N ASP A 374 39.74 -5.71 30.85
CA ASP A 374 38.68 -4.77 30.48
C ASP A 374 37.59 -5.42 29.63
N GLY A 375 37.73 -6.69 29.26
CA GLY A 375 36.76 -7.32 28.39
C GLY A 375 36.87 -6.87 26.95
N ASN A 376 38.04 -6.40 26.54
CA ASN A 376 38.28 -5.93 25.19
C ASN A 376 38.97 -7.06 24.42
N LEU A 377 38.18 -7.77 23.62
CA LEU A 377 38.68 -8.92 22.86
C LEU A 377 39.24 -8.49 21.52
N HIS A 378 40.30 -9.16 21.08
CA HIS A 378 40.92 -8.91 19.78
C HIS A 378 41.05 -10.22 19.01
N PRO A 379 39.97 -10.69 18.40
CA PRO A 379 40.08 -11.89 17.55
C PRO A 379 40.78 -11.54 16.25
N LEU A 380 41.78 -12.34 15.89
CA LEU A 380 42.58 -12.12 14.70
C LEU A 380 42.45 -13.32 13.78
N PHE A 381 42.17 -13.08 12.50
CA PHE A 381 42.06 -14.12 11.49
C PHE A 381 43.13 -13.92 10.43
N ILE A 382 43.98 -14.91 10.24
CA ILE A 382 44.97 -14.90 9.17
C ILE A 382 44.31 -15.41 7.89
N VAL A 383 44.28 -14.58 6.86
CA VAL A 383 43.52 -14.85 5.65
C VAL A 383 44.44 -15.60 4.68
N PRO A 384 44.18 -16.88 4.39
CA PRO A 384 44.98 -17.58 3.37
C PRO A 384 44.73 -16.96 1.99
N ALA A 385 45.81 -16.72 1.26
CA ALA A 385 45.68 -16.14 -0.07
C ALA A 385 45.18 -17.20 -1.06
N GLY A 386 44.37 -16.76 -2.02
CA GLY A 386 43.83 -17.62 -3.04
C GLY A 386 42.45 -18.19 -2.74
N ASP A 387 42.13 -18.40 -1.46
CA ASP A 387 40.83 -18.95 -1.07
C ASP A 387 39.89 -17.79 -0.76
N GLU A 388 39.14 -17.37 -1.78
CA GLU A 388 38.22 -16.25 -1.59
C GLU A 388 37.06 -16.63 -0.67
N GLU A 389 36.64 -17.89 -0.68
CA GLU A 389 35.60 -18.32 0.24
C GLU A 389 36.02 -18.12 1.69
N ALA A 390 37.29 -18.39 2.00
CA ALA A 390 37.77 -18.14 3.36
C ALA A 390 37.69 -16.65 3.69
N LYS A 391 38.06 -15.79 2.74
CA LYS A 391 37.88 -14.36 2.94
C LYS A 391 36.41 -14.03 3.16
N ARG A 392 35.54 -14.60 2.31
CA ARG A 392 34.11 -14.36 2.43
C ARG A 392 33.56 -14.94 3.73
N ARG A 393 33.98 -16.16 4.08
CA ARG A 393 33.52 -16.77 5.32
C ARG A 393 33.99 -15.98 6.54
N ALA A 394 35.20 -15.42 6.48
CA ALA A 394 35.68 -14.61 7.60
C ALA A 394 34.96 -13.26 7.65
N LYS A 395 34.63 -12.68 6.49
CA LYS A 395 33.91 -11.41 6.49
C LYS A 395 32.52 -11.56 7.09
N GLN A 396 31.86 -12.70 6.89
CA GLN A 396 30.56 -12.90 7.52
C GLN A 396 30.69 -13.25 8.99
N ALA A 397 31.73 -14.01 9.36
CA ALA A 397 32.03 -14.21 10.77
C ALA A 397 32.43 -12.90 11.44
N PHE A 398 32.99 -11.96 10.67
CA PHE A 398 33.28 -10.64 11.20
C PHE A 398 32.02 -9.97 11.72
N GLU A 399 30.91 -10.12 10.99
CA GLU A 399 29.63 -9.54 11.35
C GLU A 399 28.93 -10.29 12.49
N VAL A 400 29.37 -11.51 12.80
CA VAL A 400 28.76 -12.28 13.89
C VAL A 400 29.38 -11.91 15.23
N ILE A 401 30.70 -11.82 15.29
CA ILE A 401 31.35 -11.45 16.54
C ILE A 401 30.95 -10.03 16.94
N VAL A 402 30.77 -9.16 15.95
CA VAL A 402 30.37 -7.78 16.23
C VAL A 402 28.96 -7.74 16.80
N ASP A 403 28.00 -8.29 16.06
CA ASP A 403 26.61 -8.29 16.52
C ASP A 403 26.46 -9.07 17.82
N GLU A 404 27.28 -10.11 18.02
CA GLU A 404 27.20 -10.87 19.27
C GLU A 404 27.73 -10.04 20.44
N ALA A 405 28.76 -9.22 20.20
CA ALA A 405 29.27 -8.35 21.26
C ALA A 405 28.28 -7.24 21.58
N LEU A 406 27.57 -6.73 20.58
CA LEU A 406 26.53 -5.73 20.84
C LEU A 406 25.33 -6.35 21.54
N ALA A 407 25.08 -7.64 21.33
CA ALA A 407 23.93 -8.27 21.95
C ALA A 407 24.10 -8.43 23.45
N VAL A 408 25.34 -8.63 23.92
CA VAL A 408 25.60 -8.75 25.34
C VAL A 408 25.86 -7.41 26.01
N GLY A 409 25.73 -6.32 25.28
CA GLY A 409 25.94 -4.99 25.82
C GLY A 409 27.32 -4.41 25.65
N GLY A 410 28.09 -4.90 24.69
CA GLY A 410 29.43 -4.40 24.44
C GLY A 410 29.45 -3.22 23.49
N THR A 411 30.63 -2.99 22.90
CA THR A 411 30.85 -1.89 21.98
C THR A 411 31.60 -2.41 20.75
N VAL A 412 31.29 -1.82 19.59
CA VAL A 412 31.85 -2.30 18.33
C VAL A 412 33.36 -2.13 18.29
N THR A 413 33.90 -1.15 19.01
CA THR A 413 35.34 -0.93 19.07
C THR A 413 35.72 -0.48 20.48
N GLY A 414 36.80 -0.98 21.00
CA GLY A 414 37.25 -0.58 22.31
C GLY A 414 38.46 0.30 22.26
N GLU A 415 39.35 0.14 21.30
CA GLU A 415 40.50 1.02 21.30
C GLU A 415 41.09 1.33 19.95
N HIS A 416 40.74 0.56 18.97
CA HIS A 416 41.31 0.79 17.69
C HIS A 416 40.66 1.89 16.90
N GLY A 417 39.41 2.18 17.18
CA GLY A 417 38.72 3.25 16.50
C GLY A 417 37.83 2.75 15.40
N VAL A 418 36.74 3.45 15.14
CA VAL A 418 35.81 3.02 14.09
C VAL A 418 36.46 3.12 12.72
N GLY A 419 36.99 4.30 12.39
CA GLY A 419 37.64 4.48 11.11
C GLY A 419 36.72 4.17 9.94
N LEU A 420 37.04 3.11 9.20
CA LEU A 420 36.23 2.65 8.09
C LEU A 420 35.74 1.22 8.25
N LEU A 421 36.59 0.32 8.73
CA LEU A 421 36.25 -1.09 8.81
C LEU A 421 35.25 -1.41 9.92
N LYS A 422 34.69 -0.42 10.62
CA LYS A 422 33.71 -0.73 11.66
C LYS A 422 32.52 0.22 11.60
N MET A 423 32.30 0.91 10.48
CA MET A 423 31.21 1.88 10.41
C MET A 423 29.84 1.20 10.49
N ARG A 424 29.72 -0.02 9.98
CA ARG A 424 28.44 -0.72 10.05
C ARG A 424 28.07 -1.01 11.50
N GLY A 425 28.94 -1.72 12.21
CA GLY A 425 28.66 -2.02 13.61
C GLY A 425 28.51 -0.77 14.46
N ALA A 426 29.34 0.24 14.22
CA ALA A 426 29.21 1.48 14.96
C ALA A 426 27.84 2.10 14.76
N ALA A 427 27.32 2.06 13.52
CA ALA A 427 26.01 2.62 13.25
C ALA A 427 24.91 1.85 13.99
N ASP A 428 25.01 0.51 14.01
CA ASP A 428 24.00 -0.28 14.70
C ASP A 428 24.04 -0.04 16.20
N GLU A 429 25.22 0.19 16.76
CA GLU A 429 25.32 0.45 18.20
C GLU A 429 24.80 1.83 18.55
N LEU A 430 25.27 2.86 17.84
CA LEU A 430 24.92 4.23 18.20
C LEU A 430 23.43 4.50 18.01
N GLY A 431 22.88 4.07 16.87
CA GLY A 431 21.49 4.33 16.57
C GLY A 431 21.31 5.62 15.81
N PRO A 432 20.11 5.85 15.27
CA PRO A 432 19.91 7.05 14.44
C PRO A 432 20.09 8.35 15.22
N HIS A 433 19.55 8.42 16.43
CA HIS A 433 19.64 9.65 17.20
C HIS A 433 21.09 10.00 17.52
N VAL A 434 21.87 9.03 18.01
CA VAL A 434 23.26 9.30 18.34
C VAL A 434 24.04 9.72 17.09
N LEU A 435 23.83 9.03 15.97
CA LEU A 435 24.48 9.41 14.73
C LEU A 435 24.11 10.84 14.34
N ALA A 436 22.82 11.17 14.41
CA ALA A 436 22.38 12.52 14.07
C ALA A 436 23.11 13.57 14.90
N MET A 437 23.43 13.24 16.16
CA MET A 437 24.17 14.19 16.99
C MET A 437 25.60 14.34 16.48
N HIS A 438 26.20 13.26 15.99
CA HIS A 438 27.54 13.34 15.42
C HIS A 438 27.57 14.27 14.21
N ARG A 439 26.63 14.09 13.28
CA ARG A 439 26.59 14.96 12.11
C ARG A 439 26.42 16.41 12.53
N ALA A 440 25.62 16.66 13.57
CA ALA A 440 25.43 18.03 14.03
C ALA A 440 26.70 18.59 14.65
N VAL A 441 27.33 17.81 15.54
CA VAL A 441 28.56 18.28 16.19
C VAL A 441 29.65 18.55 15.15
N LYS A 442 29.89 17.58 14.27
CA LYS A 442 30.90 17.77 13.23
C LYS A 442 30.59 18.97 12.35
N GLY A 443 29.30 19.23 12.09
CA GLY A 443 28.94 20.36 11.25
C GLY A 443 29.23 21.69 11.89
N ALA A 444 29.04 21.79 13.21
CA ALA A 444 29.26 23.06 13.90
C ALA A 444 30.75 23.37 14.00
N LEU A 445 31.57 22.37 14.30
CA LEU A 445 33.00 22.57 14.46
C LEU A 445 33.76 22.41 13.15
N ASP A 446 33.13 21.82 12.13
CA ASP A 446 33.74 21.64 10.81
C ASP A 446 32.73 22.05 9.74
N PRO A 447 32.32 23.32 9.72
CA PRO A 447 31.32 23.75 8.75
C PRO A 447 31.74 23.50 7.30
N ALA A 448 33.03 23.35 7.04
CA ALA A 448 33.51 23.08 5.69
C ALA A 448 33.48 21.59 5.34
N GLY A 449 33.32 20.71 6.33
CA GLY A 449 33.31 19.29 6.07
C GLY A 449 34.57 18.78 5.42
N ILE A 450 35.72 19.28 5.84
CA ILE A 450 37.00 18.93 5.23
C ILE A 450 37.84 18.00 6.09
N PHE A 451 37.58 17.90 7.39
CA PHE A 451 38.42 17.13 8.31
C PHE A 451 37.99 15.67 8.26
N ASN A 452 38.76 14.86 7.54
CA ASN A 452 38.57 13.41 7.45
C ASN A 452 37.08 13.09 7.24
N PRO A 453 36.44 13.64 6.22
CA PRO A 453 35.01 13.42 6.04
C PRO A 453 34.72 12.00 5.55
N GLY A 454 33.73 11.38 6.16
CA GLY A 454 33.28 10.06 5.74
C GLY A 454 33.72 8.91 6.61
N LYS A 455 34.53 9.15 7.63
CA LYS A 455 34.97 8.08 8.52
C LYS A 455 34.22 8.16 9.84
N VAL A 456 34.13 7.00 10.50
CA VAL A 456 33.39 6.85 11.75
C VAL A 456 31.90 6.83 11.45
N PHE A 457 31.38 7.95 10.95
CA PHE A 457 29.98 8.04 10.54
C PHE A 457 29.91 8.75 9.19
N ALA A 458 28.79 8.58 8.51
CA ALA A 458 28.57 9.21 7.21
C ALA A 458 27.68 10.44 7.37
N LEU A 459 27.87 11.41 6.48
CA LEU A 459 27.09 12.64 6.46
C LEU A 459 26.23 12.67 5.20
N GLU A 460 24.91 12.73 5.37
CA GLU A 460 24.02 12.79 4.22
C GLU A 460 22.72 13.51 4.59
N GLY B 3 1.11 42.85 -57.06
CA GLY B 3 1.87 44.01 -56.63
C GLY B 3 1.98 44.11 -55.13
N VAL B 4 1.69 43.02 -54.43
CA VAL B 4 1.76 43.01 -52.98
C VAL B 4 3.20 42.79 -52.52
N VAL B 5 3.91 41.86 -53.14
CA VAL B 5 5.29 41.61 -52.76
C VAL B 5 6.12 42.88 -52.89
N GLU B 6 5.86 43.66 -53.93
CA GLU B 6 6.58 44.92 -54.11
C GLU B 6 6.30 45.87 -52.97
N GLU B 7 5.03 46.00 -52.57
CA GLU B 7 4.68 46.89 -51.47
C GLU B 7 5.36 46.46 -50.18
N LEU B 8 5.51 45.15 -49.97
CA LEU B 8 6.17 44.65 -48.76
C LEU B 8 7.66 44.98 -48.76
N VAL B 9 8.36 44.64 -49.85
CA VAL B 9 9.79 44.93 -49.92
C VAL B 9 10.03 46.43 -49.74
N ALA B 10 9.16 47.25 -50.31
CA ALA B 10 9.25 48.70 -50.15
C ALA B 10 8.93 49.17 -48.73
N ALA B 11 8.60 48.24 -47.82
CA ALA B 11 8.23 48.57 -46.46
C ALA B 11 9.22 48.08 -45.42
N ILE B 12 9.74 46.86 -45.54
CA ILE B 12 10.66 46.32 -44.54
C ILE B 12 11.96 45.85 -45.19
N GLY B 13 12.31 46.41 -46.35
CA GLY B 13 13.54 46.04 -47.01
C GLY B 13 13.51 44.69 -47.69
N ALA B 14 14.56 44.40 -48.46
CA ALA B 14 14.56 43.18 -49.27
C ALA B 14 15.05 41.98 -48.49
N GLU B 15 16.03 42.17 -47.61
CA GLU B 15 16.59 41.04 -46.86
C GLU B 15 15.58 40.42 -45.90
N GLN B 16 14.40 41.00 -45.73
CA GLN B 16 13.34 40.45 -44.90
C GLN B 16 12.17 39.88 -45.69
N VAL B 17 12.24 39.88 -47.02
CA VAL B 17 11.18 39.35 -47.86
C VAL B 17 11.76 38.24 -48.74
N VAL B 18 11.03 37.13 -48.83
CA VAL B 18 11.44 35.97 -49.61
C VAL B 18 10.36 35.63 -50.63
N THR B 19 10.80 35.31 -51.85
CA THR B 19 9.88 34.92 -52.91
C THR B 19 10.33 33.67 -53.66
N ASP B 20 11.53 33.16 -53.41
CA ASP B 20 12.00 31.96 -54.07
C ASP B 20 11.06 30.80 -53.75
N PRO B 21 10.36 30.26 -54.75
CA PRO B 21 9.44 29.13 -54.48
C PRO B 21 10.13 27.94 -53.84
N ALA B 22 11.45 27.81 -54.01
CA ALA B 22 12.15 26.70 -53.37
C ALA B 22 12.28 26.92 -51.86
N VAL B 23 12.35 28.18 -51.43
CA VAL B 23 12.51 28.48 -50.02
C VAL B 23 11.17 28.52 -49.30
N MET B 24 10.14 29.09 -49.93
CA MET B 24 8.85 29.23 -49.28
C MET B 24 8.15 27.90 -49.04
N GLU B 25 8.56 26.83 -49.73
CA GLU B 25 7.89 25.55 -49.54
C GLU B 25 8.01 25.09 -48.09
N GLY B 26 9.20 25.15 -47.53
CA GLY B 26 9.39 24.70 -46.16
C GLY B 26 8.78 25.58 -45.09
N TYR B 27 8.14 26.69 -45.47
CA TYR B 27 7.54 27.59 -44.50
C TYR B 27 6.02 27.54 -44.52
N SER B 28 5.42 26.80 -45.44
CA SER B 28 3.98 26.81 -45.63
C SER B 28 3.32 25.56 -45.09
N HIS B 29 4.06 24.69 -44.41
CA HIS B 29 3.46 23.49 -43.84
C HIS B 29 4.21 23.10 -42.57
N ASP B 30 3.48 22.45 -41.67
CA ASP B 30 3.98 21.97 -40.39
C ASP B 30 4.12 20.45 -40.44
N GLU B 31 4.31 19.84 -39.26
CA GLU B 31 4.49 18.40 -39.16
C GLU B 31 3.23 17.62 -39.51
N ALA B 32 2.15 18.29 -39.88
CA ALA B 32 0.90 17.63 -40.28
C ALA B 32 1.04 17.15 -41.71
N GLU B 33 1.05 15.82 -41.89
CA GLU B 33 1.26 15.24 -43.21
C GLU B 33 0.02 15.29 -44.08
N TRP B 34 -1.17 15.35 -43.48
CA TRP B 34 -2.42 15.35 -44.23
C TRP B 34 -3.10 16.71 -44.25
N ALA B 35 -2.46 17.75 -43.72
CA ALA B 35 -3.04 19.07 -43.73
C ALA B 35 -2.76 19.76 -45.07
N PRO B 36 -3.78 20.20 -45.79
CA PRO B 36 -3.54 20.85 -47.09
C PRO B 36 -2.81 22.17 -46.91
N TYR B 37 -1.87 22.43 -47.82
CA TYR B 37 -1.12 23.68 -47.82
C TYR B 37 -0.72 24.00 -49.25
N ASP B 38 -0.73 25.28 -49.58
CA ASP B 38 -0.43 25.75 -50.94
C ASP B 38 0.73 26.74 -50.90
N ALA B 39 1.16 27.17 -52.07
CA ALA B 39 2.31 28.06 -52.19
C ALA B 39 1.94 29.46 -51.75
N PRO B 40 2.54 29.98 -50.69
CA PRO B 40 2.20 31.34 -50.23
C PRO B 40 2.75 32.39 -51.19
N ALA B 41 2.23 33.61 -51.02
CA ALA B 41 2.68 34.71 -51.86
C ALA B 41 4.08 35.17 -51.50
N ALA B 42 4.49 35.00 -50.24
CA ALA B 42 5.83 35.36 -49.81
C ALA B 42 6.03 35.02 -48.34
N VAL B 43 7.27 34.79 -47.94
CA VAL B 43 7.61 34.48 -46.56
C VAL B 43 8.41 35.66 -46.02
N VAL B 44 7.82 36.39 -45.09
CA VAL B 44 8.44 37.57 -44.49
C VAL B 44 9.05 37.18 -43.16
N ARG B 45 10.30 37.58 -42.94
CA ARG B 45 11.03 37.33 -41.70
C ARG B 45 11.33 38.67 -41.04
N PRO B 46 10.41 39.19 -40.23
CA PRO B 46 10.60 40.53 -39.68
C PRO B 46 11.78 40.61 -38.74
N ARG B 47 12.23 41.84 -38.50
CA ARG B 47 13.34 42.12 -37.60
C ARG B 47 12.88 42.61 -36.23
N ASP B 48 11.85 43.45 -36.18
CA ASP B 48 11.30 43.95 -34.94
C ASP B 48 9.80 44.11 -35.11
N THR B 49 9.12 44.50 -34.04
CA THR B 49 7.68 44.67 -34.10
C THR B 49 7.28 45.66 -35.19
N ALA B 50 8.15 46.64 -35.48
CA ALA B 50 7.87 47.60 -36.55
C ALA B 50 7.63 46.89 -37.87
N ASP B 51 8.52 45.95 -38.23
CA ASP B 51 8.33 45.20 -39.48
C ASP B 51 7.02 44.43 -39.44
N VAL B 52 6.69 43.81 -38.31
CA VAL B 52 5.45 43.05 -38.21
C VAL B 52 4.26 43.99 -38.32
N ALA B 53 4.36 45.18 -37.74
CA ALA B 53 3.27 46.14 -37.85
C ALA B 53 3.06 46.55 -39.30
N GLU B 54 4.15 46.75 -40.05
CA GLU B 54 4.03 47.12 -41.45
C GLU B 54 3.42 45.99 -42.28
N VAL B 55 3.90 44.76 -42.06
CA VAL B 55 3.36 43.63 -42.79
C VAL B 55 1.86 43.48 -42.57
N VAL B 56 1.41 43.76 -41.35
CA VAL B 56 -0.01 43.62 -41.04
C VAL B 56 -0.83 44.70 -41.73
N ARG B 57 -0.35 45.94 -41.73
CA ARG B 57 -1.07 47.00 -42.43
C ARG B 57 -1.18 46.70 -43.92
N ILE B 58 -0.07 46.30 -44.54
CA ILE B 58 -0.07 46.06 -45.98
C ILE B 58 -1.10 45.00 -46.34
N CYS B 59 -1.00 43.82 -45.74
CA CYS B 59 -1.94 42.76 -46.05
C CYS B 59 -3.36 43.15 -45.68
N ALA B 60 -3.53 43.98 -44.65
CA ALA B 60 -4.85 44.43 -44.25
C ALA B 60 -5.52 45.22 -45.37
N GLY B 61 -4.79 46.17 -45.95
CA GLY B 61 -5.38 46.97 -47.03
C GLY B 61 -5.62 46.16 -48.28
N ARG B 62 -4.73 45.22 -48.59
CA ARG B 62 -4.89 44.37 -49.76
C ARG B 62 -5.73 43.12 -49.48
N GLY B 63 -6.13 42.89 -48.23
CA GLY B 63 -6.92 41.72 -47.92
C GLY B 63 -6.20 40.41 -48.15
N VAL B 64 -4.89 40.40 -47.99
CA VAL B 64 -4.09 39.18 -48.13
C VAL B 64 -4.02 38.47 -46.77
N ALA B 65 -4.17 37.15 -46.79
CA ALA B 65 -4.17 36.37 -45.57
C ALA B 65 -2.76 36.29 -44.99
N VAL B 66 -2.67 36.43 -43.66
CA VAL B 66 -1.40 36.36 -42.94
C VAL B 66 -1.48 35.25 -41.91
N VAL B 67 -0.49 34.35 -41.92
CA VAL B 67 -0.43 33.23 -40.99
C VAL B 67 0.95 33.25 -40.32
N GLY B 68 0.98 33.53 -39.03
CA GLY B 68 2.24 33.52 -38.31
C GLY B 68 2.79 32.11 -38.16
N ARG B 69 4.12 32.01 -38.16
CA ARG B 69 4.81 30.73 -38.05
C ARG B 69 5.93 30.83 -37.04
N GLY B 70 6.03 29.80 -36.20
CA GLY B 70 7.14 29.69 -35.27
C GLY B 70 8.21 28.77 -35.80
N ALA B 71 8.33 27.59 -35.19
CA ALA B 71 9.28 26.57 -35.64
C ALA B 71 8.63 25.53 -36.55
N GLY B 72 7.34 25.65 -36.83
CA GLY B 72 6.69 24.70 -37.71
C GLY B 72 6.63 23.28 -37.19
N THR B 73 6.41 23.09 -35.89
CA THR B 73 6.31 21.76 -35.30
C THR B 73 4.88 21.42 -34.88
N GLY B 74 3.90 22.26 -35.23
CA GLY B 74 2.53 21.92 -34.98
C GLY B 74 2.13 20.62 -35.64
N LEU B 75 1.09 19.99 -35.11
CA LEU B 75 0.63 18.70 -35.61
C LEU B 75 -0.78 18.75 -36.18
N SER B 76 -1.38 19.93 -36.28
CA SER B 76 -2.74 20.05 -36.80
C SER B 76 -2.83 20.99 -38.00
N GLY B 77 -1.70 21.39 -38.57
CA GLY B 77 -1.72 22.26 -39.73
C GLY B 77 -2.13 23.68 -39.46
N ALA B 78 -1.94 24.17 -38.23
CA ALA B 78 -2.32 25.55 -37.94
C ALA B 78 -1.46 26.55 -38.70
N ALA B 79 -0.19 26.23 -38.92
CA ALA B 79 0.71 27.14 -39.60
C ALA B 79 0.71 26.96 -41.11
N ASN B 80 0.02 25.94 -41.63
CA ASN B 80 0.00 25.71 -43.07
C ASN B 80 -0.57 26.92 -43.80
N ALA B 81 0.11 27.32 -44.88
CA ALA B 81 -0.27 28.52 -45.59
C ALA B 81 -1.17 28.20 -46.78
N GLY B 82 -2.11 29.12 -47.04
CA GLY B 82 -2.95 29.00 -48.22
C GLY B 82 -2.33 29.70 -49.42
N ARG B 83 -2.80 29.32 -50.61
CA ARG B 83 -2.24 29.89 -51.83
C ARG B 83 -2.43 31.40 -51.85
N GLY B 84 -1.32 32.12 -52.01
CA GLY B 84 -1.34 33.58 -52.03
C GLY B 84 -1.21 34.26 -50.69
N TRP B 85 -1.02 33.50 -49.61
CA TRP B 85 -0.91 34.09 -48.28
C TRP B 85 0.49 34.67 -48.08
N VAL B 86 0.68 35.30 -46.92
CA VAL B 86 1.96 35.87 -46.52
C VAL B 86 2.36 35.22 -45.20
N VAL B 87 3.38 34.39 -45.23
CA VAL B 87 3.87 33.70 -44.04
C VAL B 87 4.83 34.62 -43.30
N VAL B 88 4.48 34.95 -42.06
CA VAL B 88 5.31 35.79 -41.19
C VAL B 88 6.12 34.87 -40.28
N SER B 89 7.43 34.79 -40.53
CA SER B 89 8.32 33.93 -39.77
C SER B 89 9.04 34.75 -38.70
N PHE B 90 8.86 34.38 -37.44
CA PHE B 90 9.50 35.06 -36.33
C PHE B 90 10.89 34.52 -36.01
N GLU B 91 11.54 33.86 -36.98
CA GLU B 91 12.87 33.29 -36.71
C GLU B 91 13.85 34.38 -36.29
N ARG B 92 13.72 35.59 -36.85
CA ARG B 92 14.65 36.67 -36.55
C ARG B 92 14.44 37.26 -35.17
N MET B 93 13.22 37.14 -34.63
CA MET B 93 12.90 37.65 -33.29
C MET B 93 13.05 36.51 -32.30
N ASN B 94 14.29 36.23 -31.89
CA ASN B 94 14.58 35.08 -31.05
C ASN B 94 15.57 35.46 -29.94
N ARG B 95 15.30 36.57 -29.27
CA ARG B 95 16.17 37.03 -28.19
C ARG B 95 15.39 37.07 -26.88
N VAL B 96 16.04 36.66 -25.79
CA VAL B 96 15.47 36.80 -24.46
C VAL B 96 15.80 38.20 -23.96
N LEU B 97 14.77 39.02 -23.76
CA LEU B 97 14.99 40.45 -23.53
C LEU B 97 15.30 40.77 -22.08
N GLU B 98 14.73 40.04 -21.13
CA GLU B 98 14.98 40.37 -19.73
C GLU B 98 14.58 39.20 -18.85
N VAL B 99 15.30 39.05 -17.75
CA VAL B 99 15.03 38.01 -16.75
C VAL B 99 14.99 38.70 -15.40
N ASP B 100 13.79 39.11 -14.97
CA ASP B 100 13.62 39.81 -13.70
C ASP B 100 13.60 38.79 -12.57
N THR B 101 14.71 38.68 -11.84
CA THR B 101 14.82 37.71 -10.76
C THR B 101 14.05 38.15 -9.53
N VAL B 102 13.87 39.45 -9.35
CA VAL B 102 13.12 39.95 -8.19
C VAL B 102 11.64 39.71 -8.38
N GLN B 103 11.10 40.08 -9.55
CA GLN B 103 9.71 39.80 -9.83
C GLN B 103 9.48 38.35 -10.27
N GLN B 104 10.55 37.66 -10.69
CA GLN B 104 10.47 36.28 -11.16
C GLN B 104 9.62 36.18 -12.42
N THR B 105 10.03 36.93 -13.45
CA THR B 105 9.39 36.90 -14.75
C THR B 105 10.46 37.01 -15.82
N VAL B 106 10.09 36.61 -17.03
CA VAL B 106 10.98 36.68 -18.18
C VAL B 106 10.21 37.28 -19.34
N THR B 107 10.92 38.04 -20.17
CA THR B 107 10.35 38.65 -21.36
C THR B 107 11.11 38.12 -22.58
N VAL B 108 10.40 37.40 -23.45
CA VAL B 108 11.02 36.75 -24.60
C VAL B 108 10.27 37.13 -25.86
N GLN B 109 10.95 36.99 -26.99
CA GLN B 109 10.33 37.19 -28.29
C GLN B 109 9.77 35.86 -28.79
N PRO B 110 8.81 35.91 -29.72
CA PRO B 110 8.14 34.67 -30.13
C PRO B 110 9.09 33.64 -30.70
N GLY B 111 10.19 34.07 -31.32
CA GLY B 111 11.11 33.14 -31.97
C GLY B 111 11.95 32.32 -31.02
N VAL B 112 11.93 32.64 -29.72
CA VAL B 112 12.78 31.90 -28.79
C VAL B 112 12.32 30.44 -28.71
N VAL B 113 13.29 29.54 -28.54
CA VAL B 113 13.02 28.11 -28.42
C VAL B 113 12.69 27.78 -26.97
N ASN B 114 11.84 26.79 -26.78
CA ASN B 114 11.44 26.42 -25.42
C ASN B 114 12.65 26.05 -24.59
N ASP B 115 13.41 25.04 -25.04
CA ASP B 115 14.58 24.59 -24.29
C ASP B 115 15.56 25.73 -24.06
N ASP B 116 15.76 26.59 -25.07
CA ASP B 116 16.64 27.73 -24.89
C ASP B 116 16.17 28.60 -23.73
N LEU B 117 14.86 28.85 -23.66
CA LEU B 117 14.32 29.63 -22.56
C LEU B 117 14.53 28.94 -21.22
N ARG B 118 14.42 27.61 -21.20
CA ARG B 118 14.56 26.86 -19.94
C ARG B 118 15.96 26.99 -19.38
N ALA B 119 16.98 26.75 -20.21
CA ALA B 119 18.36 26.86 -19.75
C ALA B 119 18.71 28.29 -19.34
N ARG B 120 18.12 29.28 -20.01
CA ARG B 120 18.43 30.67 -19.68
C ARG B 120 17.96 31.03 -18.27
N VAL B 121 16.69 30.77 -17.97
CA VAL B 121 16.19 31.06 -16.63
C VAL B 121 16.82 30.12 -15.60
N ALA B 122 17.31 28.95 -16.02
CA ALA B 122 17.98 28.07 -15.08
C ALA B 122 19.25 28.70 -14.52
N GLN B 123 19.89 29.57 -15.30
CA GLN B 123 21.09 30.24 -14.79
C GLN B 123 20.77 31.12 -13.59
N ASP B 124 19.60 31.76 -13.60
CA ASP B 124 19.20 32.65 -12.51
C ASP B 124 18.42 31.92 -11.42
N GLY B 125 18.58 30.61 -11.32
CA GLY B 125 17.88 29.84 -10.30
C GLY B 125 16.37 29.78 -10.46
N LEU B 126 15.87 30.08 -11.66
CA LEU B 126 14.45 30.03 -11.96
C LEU B 126 14.14 28.85 -12.85
N TRP B 127 12.86 28.65 -13.14
CA TRP B 127 12.42 27.47 -13.85
C TRP B 127 11.13 27.78 -14.61
N TYR B 128 11.07 27.35 -15.86
CA TYR B 128 9.85 27.46 -16.66
C TYR B 128 9.24 26.08 -16.81
N PRO B 129 8.15 25.77 -16.11
CA PRO B 129 7.68 24.39 -16.02
C PRO B 129 7.29 23.80 -17.37
N PRO B 130 6.40 24.48 -18.14
CA PRO B 130 5.87 23.88 -19.36
C PRO B 130 6.95 23.28 -20.25
N ASP B 131 6.89 21.96 -20.46
CA ASP B 131 7.92 21.23 -21.18
C ASP B 131 7.27 20.31 -22.20
N PRO B 132 6.86 20.85 -23.35
CA PRO B 132 6.31 20.00 -24.40
C PRO B 132 7.37 19.08 -24.96
N ALA B 133 6.92 17.93 -25.47
CA ALA B 133 7.85 16.99 -26.08
C ALA B 133 8.68 17.65 -27.16
N SER B 134 8.11 18.60 -27.90
CA SER B 134 8.80 19.35 -28.95
C SER B 134 9.56 20.55 -28.40
N SER B 135 9.83 20.58 -27.10
CA SER B 135 10.53 21.72 -26.51
C SER B 135 11.86 22.04 -27.18
N PRO B 136 12.68 21.07 -27.59
CA PRO B 136 14.01 21.42 -28.12
C PRO B 136 13.99 22.22 -29.41
N TRP B 137 12.86 22.28 -30.12
CA TRP B 137 12.85 23.00 -31.40
C TRP B 137 11.56 23.74 -31.67
N SER B 138 10.67 23.90 -30.69
CA SER B 138 9.45 24.67 -30.87
C SER B 138 9.60 26.05 -30.24
N THR B 139 8.90 27.03 -30.82
CA THR B 139 9.02 28.42 -30.41
C THR B 139 8.00 28.75 -29.32
N ILE B 140 8.31 29.80 -28.55
CA ILE B 140 7.36 30.31 -27.57
C ILE B 140 6.14 30.89 -28.27
N GLY B 141 6.32 31.46 -29.46
CA GLY B 141 5.17 31.90 -30.23
C GLY B 141 4.21 30.76 -30.53
N GLY B 142 4.75 29.58 -30.86
CA GLY B 142 3.90 28.43 -31.07
C GLY B 142 3.29 27.91 -29.79
N ASN B 143 4.07 27.89 -28.70
CA ASN B 143 3.52 27.43 -27.43
C ASN B 143 2.41 28.35 -26.94
N VAL B 144 2.49 29.64 -27.28
CA VAL B 144 1.45 30.57 -26.86
C VAL B 144 0.25 30.52 -27.79
N ALA B 145 0.47 30.30 -29.09
CA ALA B 145 -0.65 30.25 -30.01
C ALA B 145 -1.45 28.98 -29.83
N THR B 146 -0.81 27.89 -29.43
CA THR B 146 -1.50 26.62 -29.23
C THR B 146 -1.69 26.25 -27.76
N ASN B 147 -1.13 27.03 -26.83
CA ASN B 147 -1.21 26.70 -25.41
C ASN B 147 -0.69 25.28 -25.16
N ALA B 148 0.52 25.02 -25.62
CA ALA B 148 1.07 23.67 -25.58
C ALA B 148 1.15 23.15 -24.15
N GLY B 149 1.12 21.82 -24.04
CA GLY B 149 1.27 21.13 -22.78
C GLY B 149 2.56 20.31 -22.74
N GLY B 150 2.75 19.62 -21.62
CA GLY B 150 3.97 18.86 -21.45
C GLY B 150 3.81 17.56 -20.68
N LEU B 151 4.92 17.04 -20.15
CA LEU B 151 4.91 15.80 -19.40
C LEU B 151 4.58 16.02 -17.92
N CYS B 152 5.09 17.09 -17.32
CA CYS B 152 4.83 17.42 -15.93
C CYS B 152 3.63 18.33 -15.74
N CYS B 153 2.92 18.67 -16.82
CA CYS B 153 1.77 19.57 -16.71
C CYS B 153 0.66 19.00 -15.82
N VAL B 154 0.75 17.73 -15.43
CA VAL B 154 -0.24 17.17 -14.51
C VAL B 154 -0.18 17.85 -13.15
N LYS B 155 0.96 18.47 -12.82
CA LYS B 155 1.13 19.18 -11.56
C LYS B 155 1.43 20.65 -11.70
N TYR B 156 1.89 21.12 -12.86
CA TYR B 156 2.31 22.50 -13.02
C TYR B 156 1.54 23.25 -14.09
N GLY B 157 0.44 22.69 -14.61
CA GLY B 157 -0.35 23.41 -15.59
C GLY B 157 0.32 23.45 -16.96
N VAL B 158 -0.27 24.24 -17.85
CA VAL B 158 0.20 24.35 -19.22
C VAL B 158 0.72 25.76 -19.47
N THR B 159 0.99 26.07 -20.75
CA THR B 159 1.57 27.38 -21.10
C THR B 159 0.70 28.52 -20.61
N ARG B 160 -0.61 28.47 -20.91
CA ARG B 160 -1.51 29.56 -20.54
C ARG B 160 -1.37 29.94 -19.08
N ASP B 161 -0.97 29.00 -18.22
CA ASP B 161 -0.85 29.26 -16.81
C ASP B 161 0.33 30.16 -16.46
N TYR B 162 1.18 30.50 -17.43
CA TYR B 162 2.34 31.31 -17.16
C TYR B 162 2.42 32.57 -18.01
N VAL B 163 1.44 32.82 -18.88
CA VAL B 163 1.44 34.01 -19.72
C VAL B 163 0.80 35.16 -18.95
N LEU B 164 1.62 36.13 -18.54
CA LEU B 164 1.12 37.29 -17.81
C LEU B 164 0.80 38.49 -18.70
N GLY B 165 1.40 38.56 -19.88
CA GLY B 165 1.19 39.71 -20.74
C GLY B 165 2.03 39.57 -21.99
N MET B 166 1.75 40.46 -22.94
CA MET B 166 2.38 40.37 -24.25
C MET B 166 2.18 41.67 -25.02
N GLU B 167 2.92 41.78 -26.13
CA GLU B 167 2.75 42.84 -27.12
C GLU B 167 2.44 42.19 -28.45
N ALA B 168 1.35 42.62 -29.08
CA ALA B 168 0.88 41.99 -30.30
C ALA B 168 0.46 43.06 -31.30
N VAL B 169 0.46 42.67 -32.58
CA VAL B 169 -0.02 43.50 -33.67
C VAL B 169 -1.39 42.98 -34.07
N VAL B 170 -2.44 43.77 -33.85
CA VAL B 170 -3.81 43.32 -34.07
C VAL B 170 -4.49 44.27 -35.05
N GLY B 171 -5.62 43.82 -35.60
CA GLY B 171 -6.41 44.66 -36.48
C GLY B 171 -5.66 45.04 -37.75
N SER B 172 -5.78 46.32 -38.13
CA SER B 172 -5.14 46.82 -39.33
C SER B 172 -3.66 47.09 -39.15
N GLY B 173 -3.08 46.73 -38.01
CA GLY B 173 -1.65 46.89 -37.80
C GLY B 173 -1.29 47.69 -36.56
N GLU B 174 -2.21 47.78 -35.61
CA GLU B 174 -1.96 48.49 -34.36
C GLU B 174 -1.20 47.59 -33.39
N VAL B 175 -0.11 48.13 -32.84
CA VAL B 175 0.69 47.42 -31.86
C VAL B 175 0.12 47.73 -30.48
N VAL B 176 -0.47 46.72 -29.85
CA VAL B 176 -1.10 46.88 -28.54
C VAL B 176 -0.38 45.99 -27.53
N ARG B 177 -0.53 46.35 -26.25
CA ARG B 177 0.02 45.58 -25.14
C ARG B 177 -1.14 44.96 -24.36
N LEU B 178 -1.28 43.65 -24.48
CA LEU B 178 -2.36 42.92 -23.80
C LEU B 178 -1.84 42.33 -22.51
N GLY B 179 -2.75 42.12 -21.57
CA GLY B 179 -2.39 41.51 -20.31
C GLY B 179 -1.76 42.50 -19.36
N ARG B 180 -0.94 41.97 -18.45
CA ARG B 180 -0.25 42.75 -17.44
C ARG B 180 1.19 42.27 -17.38
N THR B 181 1.95 42.84 -16.45
CA THR B 181 3.28 42.31 -16.15
C THR B 181 3.50 42.10 -14.67
N THR B 182 2.59 42.53 -13.81
CA THR B 182 2.70 42.35 -12.37
C THR B 182 2.17 40.98 -11.95
N ALA B 183 1.88 40.80 -10.67
CA ALA B 183 1.36 39.53 -10.18
C ALA B 183 -0.17 39.45 -10.23
N LYS B 184 -0.85 40.57 -9.98
CA LYS B 184 -2.31 40.63 -9.95
C LYS B 184 -2.77 41.76 -10.85
N GLY B 185 -3.64 41.45 -11.81
CA GLY B 185 -4.23 42.45 -12.69
C GLY B 185 -5.59 42.01 -13.19
N VAL B 186 -6.59 42.89 -13.09
CA VAL B 186 -7.95 42.56 -13.50
C VAL B 186 -8.52 43.71 -14.31
N THR B 187 -7.66 44.64 -14.70
CA THR B 187 -8.09 45.85 -15.41
C THR B 187 -8.65 45.46 -16.77
N GLY B 188 -9.95 45.69 -16.96
CA GLY B 188 -10.56 45.39 -18.24
C GLY B 188 -10.76 43.90 -18.45
N TYR B 189 -10.73 43.50 -19.71
CA TYR B 189 -10.86 42.11 -20.09
C TYR B 189 -9.50 41.42 -20.04
N ASP B 190 -9.53 40.10 -20.14
CA ASP B 190 -8.32 39.29 -20.18
C ASP B 190 -7.94 38.99 -21.63
N LEU B 191 -7.74 40.07 -22.40
CA LEU B 191 -7.39 39.90 -23.81
C LEU B 191 -6.11 39.11 -23.96
N ALA B 192 -5.22 39.16 -22.98
CA ALA B 192 -4.00 38.35 -23.05
C ALA B 192 -4.33 36.87 -23.04
N GLY B 193 -5.14 36.43 -22.09
CA GLY B 193 -5.60 35.05 -22.10
C GLY B 193 -6.41 34.70 -23.33
N LEU B 194 -7.02 35.70 -23.98
CA LEU B 194 -7.78 35.43 -25.19
C LEU B 194 -6.87 35.10 -26.36
N MET B 195 -5.68 35.71 -26.42
CA MET B 195 -4.72 35.39 -27.47
C MET B 195 -4.20 33.96 -27.33
N VAL B 196 -3.94 33.51 -26.10
CA VAL B 196 -3.43 32.17 -25.88
C VAL B 196 -4.44 31.15 -26.42
N GLY B 197 -3.95 30.18 -27.17
CA GLY B 197 -4.80 29.19 -27.78
C GLY B 197 -5.56 29.66 -29.00
N SER B 198 -5.31 30.90 -29.45
CA SER B 198 -5.98 31.46 -30.62
C SER B 198 -5.38 30.97 -31.94
N GLU B 199 -4.26 30.26 -31.90
CA GLU B 199 -3.63 29.71 -33.10
C GLU B 199 -3.47 30.78 -34.17
N GLY B 200 -3.14 32.00 -33.74
CA GLY B 200 -2.82 33.08 -34.64
C GLY B 200 -3.96 33.61 -35.49
N THR B 201 -5.21 33.42 -35.05
CA THR B 201 -6.37 33.88 -35.79
C THR B 201 -6.90 35.21 -35.26
N LEU B 202 -6.28 35.76 -34.21
CA LEU B 202 -6.69 37.03 -33.63
C LEU B 202 -5.58 38.07 -33.61
N GLY B 203 -4.34 37.67 -33.87
CA GLY B 203 -3.25 38.63 -33.87
C GLY B 203 -1.92 37.91 -33.98
N LEU B 204 -0.85 38.68 -33.80
CA LEU B 204 0.51 38.15 -33.84
C LEU B 204 1.22 38.59 -32.58
N VAL B 205 1.76 37.63 -31.83
CA VAL B 205 2.48 37.92 -30.60
C VAL B 205 3.93 38.22 -30.95
N THR B 206 4.39 39.40 -30.58
CA THR B 206 5.77 39.81 -30.83
C THR B 206 6.62 39.82 -29.56
N GLU B 207 6.01 39.73 -28.38
CA GLU B 207 6.73 39.69 -27.11
C GLU B 207 5.76 39.18 -26.05
N VAL B 208 6.25 38.29 -25.19
CA VAL B 208 5.46 37.69 -24.14
C VAL B 208 6.22 37.76 -22.82
N THR B 209 5.50 38.00 -21.73
CA THR B 209 6.06 38.01 -20.38
C THR B 209 5.54 36.79 -19.62
N LEU B 210 6.42 35.85 -19.32
CA LEU B 210 6.07 34.61 -18.65
C LEU B 210 6.50 34.64 -17.19
N ARG B 211 5.68 34.07 -16.32
CA ARG B 211 6.03 33.92 -14.92
C ARG B 211 6.85 32.66 -14.71
N LEU B 212 7.76 32.72 -13.74
CA LEU B 212 8.70 31.64 -13.47
C LEU B 212 8.50 31.12 -12.06
N VAL B 213 9.27 30.08 -11.72
CA VAL B 213 9.23 29.45 -10.40
C VAL B 213 10.62 28.98 -10.04
N PRO B 214 10.89 28.81 -8.75
CA PRO B 214 12.22 28.36 -8.33
C PRO B 214 12.56 26.98 -8.87
N LEU B 215 13.86 26.77 -9.11
CA LEU B 215 14.33 25.49 -9.65
C LEU B 215 14.01 24.36 -8.68
N ARG B 216 13.84 23.15 -9.23
CA ARG B 216 13.47 22.01 -8.40
C ARG B 216 14.57 21.69 -7.40
N ARG B 217 15.79 21.44 -7.89
CA ARG B 217 16.95 21.15 -7.05
C ARG B 217 16.67 19.93 -6.16
N GLY B 218 16.41 18.80 -6.82
CA GLY B 218 16.11 17.58 -6.09
C GLY B 218 16.21 16.37 -7.00
N VAL B 219 15.94 15.21 -6.42
CA VAL B 219 15.96 13.93 -7.11
C VAL B 219 14.52 13.45 -7.28
N GLU B 220 14.09 13.27 -8.52
CA GLU B 220 12.74 12.78 -8.78
C GLU B 220 12.66 11.29 -8.50
N HIS B 221 11.55 10.86 -7.91
CA HIS B 221 11.32 9.45 -7.56
C HIS B 221 10.49 8.82 -8.68
N THR B 222 11.17 8.20 -9.63
CA THR B 222 10.50 7.52 -10.73
C THR B 222 9.97 6.17 -10.27
N VAL B 223 8.74 5.86 -10.66
CA VAL B 223 8.08 4.60 -10.31
C VAL B 223 7.65 3.96 -11.62
N VAL B 224 8.44 3.03 -12.12
CA VAL B 224 8.16 2.37 -13.38
C VAL B 224 7.23 1.19 -13.14
N GLY B 225 6.38 0.92 -14.13
CA GLY B 225 5.46 -0.19 -14.06
C GLY B 225 5.12 -0.73 -15.43
N TYR B 226 4.97 -2.05 -15.54
CA TYR B 226 4.66 -2.69 -16.81
C TYR B 226 3.32 -3.39 -16.71
N PHE B 227 2.62 -3.46 -17.85
CA PHE B 227 1.31 -4.08 -17.91
C PHE B 227 1.26 -4.94 -19.17
N ASP B 228 0.15 -5.66 -19.33
CA ASP B 228 -0.05 -6.51 -20.49
C ASP B 228 -1.20 -6.05 -21.37
N SER B 229 -1.92 -5.01 -20.97
CA SER B 229 -3.04 -4.50 -21.75
C SER B 229 -3.33 -3.08 -21.30
N LEU B 230 -4.00 -2.32 -22.19
CA LEU B 230 -4.46 -1.00 -21.82
C LEU B 230 -5.57 -1.05 -20.78
N THR B 231 -6.32 -2.17 -20.73
CA THR B 231 -7.37 -2.32 -19.72
C THR B 231 -6.78 -2.37 -18.31
N ASP B 232 -5.53 -2.81 -18.18
CA ASP B 232 -4.89 -2.92 -16.88
C ASP B 232 -4.20 -1.62 -16.47
N ALA B 233 -3.40 -1.05 -17.37
CA ALA B 233 -2.73 0.22 -17.06
C ALA B 233 -3.73 1.33 -16.87
N GLY B 234 -4.82 1.33 -17.66
CA GLY B 234 -5.82 2.37 -17.50
C GLY B 234 -6.44 2.39 -16.12
N ARG B 235 -6.81 1.20 -15.61
CA ARG B 235 -7.39 1.13 -14.28
C ARG B 235 -6.37 1.47 -13.20
N ALA B 236 -5.09 1.16 -13.44
CA ALA B 236 -4.06 1.53 -12.48
C ALA B 236 -3.90 3.05 -12.41
N VAL B 237 -3.97 3.73 -13.56
CA VAL B 237 -3.88 5.18 -13.58
C VAL B 237 -5.01 5.79 -12.75
N ALA B 238 -6.23 5.26 -12.90
CA ALA B 238 -7.34 5.76 -12.10
C ALA B 238 -7.12 5.48 -10.62
N ALA B 239 -6.37 4.42 -10.30
CA ALA B 239 -6.10 4.10 -8.89
C ALA B 239 -5.30 5.22 -8.23
N VAL B 240 -4.27 5.72 -8.91
CA VAL B 240 -3.48 6.81 -8.36
C VAL B 240 -4.29 8.08 -8.25
N SER B 241 -5.25 8.29 -9.16
CA SER B 241 -6.08 9.48 -9.10
C SER B 241 -7.06 9.43 -7.93
N ALA B 242 -7.59 8.24 -7.63
CA ALA B 242 -8.52 8.06 -6.53
C ALA B 242 -7.86 8.13 -5.16
N ALA B 243 -6.53 8.26 -5.10
CA ALA B 243 -5.83 8.34 -3.83
C ALA B 243 -5.36 9.75 -3.49
N GLY B 244 -5.86 10.76 -4.20
CA GLY B 244 -5.44 12.12 -3.96
C GLY B 244 -3.96 12.35 -4.15
N ILE B 245 -3.35 11.64 -5.09
CA ILE B 245 -1.91 11.72 -5.35
C ILE B 245 -1.69 12.61 -6.57
N VAL B 246 -0.86 13.63 -6.41
CA VAL B 246 -0.53 14.53 -7.52
C VAL B 246 0.87 14.19 -8.03
N PRO B 247 1.02 13.24 -8.94
CA PRO B 247 2.36 12.91 -9.45
C PRO B 247 2.86 13.98 -10.41
N SER B 248 4.16 14.25 -10.34
CA SER B 248 4.75 15.19 -11.27
C SER B 248 4.68 14.68 -12.71
N ALA B 249 4.51 13.38 -12.90
CA ALA B 249 4.41 12.81 -14.23
C ALA B 249 3.87 11.38 -14.16
N LEU B 250 2.89 11.07 -15.01
CA LEU B 250 2.32 9.71 -15.07
C LEU B 250 1.86 9.47 -16.50
N GLU B 251 2.69 8.76 -17.27
CA GLU B 251 2.43 8.49 -18.68
C GLU B 251 2.51 7.00 -18.96
N LEU B 252 1.76 6.57 -19.98
CA LEU B 252 1.72 5.17 -20.39
C LEU B 252 2.03 5.09 -21.88
N ILE B 253 2.88 4.13 -22.24
CA ILE B 253 3.27 3.91 -23.63
C ILE B 253 3.14 2.43 -23.94
N ASP B 254 2.64 2.12 -25.13
CA ASP B 254 2.44 0.75 -25.55
C ASP B 254 3.73 0.16 -26.11
N ARG B 255 3.77 -1.17 -26.19
CA ARG B 255 4.96 -1.86 -26.66
C ARG B 255 5.22 -1.64 -28.14
N PHE B 256 4.27 -1.07 -28.88
CA PHE B 256 4.52 -0.72 -30.27
C PHE B 256 5.75 0.17 -30.41
N CYS B 257 6.04 0.96 -29.38
CA CYS B 257 7.25 1.78 -29.34
C CYS B 257 8.50 0.97 -29.02
N LEU B 258 8.36 -0.32 -28.71
CA LEU B 258 9.51 -1.20 -28.62
C LEU B 258 10.19 -1.27 -29.98
N GLN B 259 11.51 -1.06 -29.99
CA GLN B 259 12.26 -0.97 -31.24
C GLN B 259 11.98 0.36 -31.93
N ALA B 260 10.72 0.78 -31.96
CA ALA B 260 10.36 2.06 -32.58
C ALA B 260 11.30 3.16 -32.12
N VAL B 261 11.59 3.23 -30.83
CA VAL B 261 12.54 4.19 -30.30
C VAL B 261 13.88 3.51 -30.07
N ASP B 262 13.84 2.19 -29.85
CA ASP B 262 15.07 1.45 -29.59
C ASP B 262 15.87 1.26 -30.89
N GLU B 263 15.18 1.06 -32.01
CA GLU B 263 15.87 0.93 -33.29
C GLU B 263 16.59 2.21 -33.67
N TRP B 264 15.90 3.35 -33.55
CA TRP B 264 16.50 4.63 -33.91
C TRP B 264 17.78 4.87 -33.11
N LYS B 265 17.72 4.67 -31.79
CA LYS B 265 18.86 4.87 -30.90
C LYS B 265 18.97 3.66 -30.00
N ASN B 266 19.66 2.63 -30.47
CA ASN B 266 19.81 1.39 -29.71
C ASN B 266 20.50 1.64 -28.37
N SER B 270 14.32 -4.09 -21.92
CA SER B 270 13.58 -5.29 -22.28
C SER B 270 12.09 -5.02 -22.37
N ALA B 271 11.43 -5.64 -23.35
CA ALA B 271 9.98 -5.49 -23.53
C ALA B 271 9.28 -6.52 -22.67
N GLU B 272 9.07 -6.15 -21.40
CA GLU B 272 8.42 -7.02 -20.42
C GLU B 272 6.93 -6.72 -20.28
N GLY B 273 6.35 -6.01 -21.24
CA GLY B 273 4.93 -5.72 -21.19
C GLY B 273 4.52 -4.86 -22.36
N GLU B 274 3.22 -4.87 -22.64
CA GLU B 274 2.67 -4.05 -23.72
C GLU B 274 2.37 -2.63 -23.28
N VAL B 275 2.27 -2.39 -21.97
CA VAL B 275 2.04 -1.06 -21.43
C VAL B 275 3.15 -0.75 -20.43
N LEU B 276 3.39 0.55 -20.24
CA LEU B 276 4.46 1.01 -19.36
C LEU B 276 4.00 2.30 -18.70
N LEU B 277 3.54 2.20 -17.46
CA LEU B 277 3.13 3.38 -16.70
C LEU B 277 4.35 4.00 -16.02
N LEU B 278 4.68 5.23 -16.41
CA LEU B 278 5.82 5.96 -15.86
C LEU B 278 5.32 7.01 -14.89
N ALA B 279 5.52 6.77 -13.60
CA ALA B 279 5.16 7.72 -12.56
C ALA B 279 6.41 8.45 -12.08
N ARG B 280 6.20 9.61 -11.45
CA ARG B 280 7.32 10.39 -10.95
C ARG B 280 6.79 11.36 -9.89
N SER B 281 7.60 11.57 -8.84
CA SER B 281 7.26 12.49 -7.77
C SER B 281 8.39 13.50 -7.60
N ASP B 282 8.03 14.68 -7.08
CA ASP B 282 9.01 15.75 -6.88
C ASP B 282 8.87 16.39 -5.50
N LEU B 283 8.49 15.59 -4.50
CA LEU B 283 8.39 16.14 -3.15
C LEU B 283 9.74 16.01 -2.44
N PRO B 284 10.22 17.06 -1.79
CA PRO B 284 11.53 16.99 -1.14
C PRO B 284 11.50 16.09 0.08
N GLY B 285 12.68 15.59 0.43
CA GLY B 285 12.85 14.78 1.63
C GLY B 285 11.98 13.54 1.62
N THR B 286 11.66 13.06 2.83
CA THR B 286 10.85 11.85 2.98
C THR B 286 9.41 12.04 2.51
N SER B 287 8.92 13.28 2.49
CA SER B 287 7.56 13.53 2.03
C SER B 287 7.35 12.99 0.62
N GLY B 288 8.36 13.10 -0.23
CA GLY B 288 8.28 12.57 -1.57
C GLY B 288 8.49 11.07 -1.62
N GLN B 289 9.42 10.56 -0.80
CA GLN B 289 9.64 9.12 -0.74
C GLN B 289 8.38 8.39 -0.30
N GLU B 290 7.62 9.00 0.63
CA GLU B 290 6.36 8.40 1.06
C GLU B 290 5.36 8.33 -0.09
N GLU B 291 5.35 9.35 -0.95
CA GLU B 291 4.42 9.37 -2.08
C GLU B 291 4.82 8.37 -3.16
N ALA B 292 6.10 8.35 -3.54
CA ALA B 292 6.55 7.42 -4.57
C ALA B 292 6.20 5.98 -4.21
N ASP B 293 6.27 5.65 -2.92
CA ASP B 293 5.86 4.32 -2.49
C ASP B 293 4.36 4.13 -2.65
N ARG B 294 3.57 5.15 -2.33
CA ARG B 294 2.12 5.06 -2.49
C ARG B 294 1.75 4.77 -3.94
N ILE B 295 2.46 5.39 -4.88
CA ILE B 295 2.18 5.13 -6.29
C ILE B 295 2.59 3.71 -6.65
N LEU B 296 3.73 3.26 -6.15
CA LEU B 296 4.18 1.90 -6.42
C LEU B 296 3.16 0.87 -5.94
N GLU B 297 2.62 1.05 -4.74
CA GLU B 297 1.60 0.14 -4.25
C GLU B 297 0.34 0.19 -5.12
N CYS B 298 0.02 1.36 -5.66
CA CYS B 298 -1.13 1.47 -6.56
C CYS B 298 -0.94 0.60 -7.79
N PHE B 299 0.28 0.55 -8.32
CA PHE B 299 0.55 -0.31 -9.46
C PHE B 299 0.44 -1.78 -9.08
N GLU B 300 1.05 -2.17 -7.96
CA GLU B 300 0.95 -3.56 -7.53
C GLU B 300 -0.48 -3.95 -7.20
N LYS B 301 -1.31 -2.99 -6.74
CA LYS B 301 -2.71 -3.30 -6.48
C LYS B 301 -3.42 -3.74 -7.75
N GLU B 302 -3.14 -3.07 -8.87
CA GLU B 302 -3.64 -3.50 -10.16
C GLU B 302 -2.69 -4.55 -10.75
N LYS B 303 -3.03 -5.04 -11.94
CA LYS B 303 -2.12 -5.93 -12.65
C LYS B 303 -0.74 -5.29 -12.75
N ALA B 304 0.25 -5.90 -12.11
CA ALA B 304 1.58 -5.32 -11.97
C ALA B 304 2.63 -6.25 -12.53
N VAL B 305 3.48 -5.71 -13.41
CA VAL B 305 4.59 -6.46 -13.97
C VAL B 305 5.85 -5.62 -13.84
N TYR B 306 6.82 -6.13 -13.07
CA TYR B 306 8.11 -5.48 -12.87
C TYR B 306 7.96 -4.04 -12.37
N ALA B 307 6.97 -3.82 -11.51
CA ALA B 307 6.77 -2.51 -10.88
C ALA B 307 7.81 -2.34 -9.78
N VAL B 308 8.69 -1.34 -9.92
CA VAL B 308 9.83 -1.18 -9.02
C VAL B 308 10.05 0.30 -8.74
N ARG B 309 10.21 0.62 -7.46
CA ARG B 309 10.60 1.97 -7.03
C ARG B 309 12.04 2.22 -7.47
N SER B 310 12.22 3.05 -8.48
CA SER B 310 13.54 3.23 -9.08
C SER B 310 14.43 4.06 -8.17
N THR B 311 15.65 3.56 -7.94
CA THR B 311 16.70 4.32 -7.25
C THR B 311 17.80 4.77 -8.20
N ASP B 312 17.85 4.24 -9.41
CA ASP B 312 18.82 4.64 -10.42
C ASP B 312 18.31 5.91 -11.09
N GLU B 313 18.87 7.06 -10.70
CA GLU B 313 18.41 8.32 -11.26
C GLU B 313 18.56 8.37 -12.77
N GLU B 314 19.53 7.63 -13.33
CA GLU B 314 19.76 7.63 -14.76
C GLU B 314 18.85 6.65 -15.50
N GLU B 315 18.76 5.42 -14.99
CA GLU B 315 17.90 4.43 -15.64
C GLU B 315 16.47 4.93 -15.75
N ALA B 316 15.98 5.62 -14.71
CA ALA B 316 14.65 6.23 -14.80
C ALA B 316 14.62 7.33 -15.86
N GLU B 317 15.66 8.17 -15.89
CA GLU B 317 15.73 9.21 -16.92
C GLU B 317 15.71 8.62 -18.32
N ALA B 318 16.26 7.42 -18.49
CA ALA B 318 16.23 6.79 -19.81
C ALA B 318 14.82 6.42 -20.24
N LEU B 319 13.96 6.05 -19.29
CA LEU B 319 12.59 5.69 -19.64
C LEU B 319 11.82 6.90 -20.16
N PHE B 320 12.05 8.07 -19.57
CA PHE B 320 11.36 9.28 -19.99
C PHE B 320 11.89 9.86 -21.30
N GLN B 321 13.00 9.33 -21.81
CA GLN B 321 13.48 9.75 -23.13
C GLN B 321 12.79 9.02 -24.27
N ALA B 322 12.24 7.83 -23.99
CA ALA B 322 11.49 7.12 -25.03
C ALA B 322 10.16 7.80 -25.30
N ARG B 323 9.52 8.33 -24.26
CA ARG B 323 8.26 9.06 -24.47
C ARG B 323 8.47 10.29 -25.35
N ARG B 324 9.59 10.99 -25.18
CA ARG B 324 9.84 12.16 -26.02
C ARG B 324 10.33 11.78 -27.40
N LEU B 325 11.03 10.65 -27.53
CA LEU B 325 11.50 10.16 -28.83
C LEU B 325 10.55 9.14 -29.43
N ALA B 326 9.29 9.16 -29.02
CA ALA B 326 8.30 8.23 -29.59
C ALA B 326 7.83 8.71 -30.95
N TYR B 327 7.48 9.99 -31.06
CA TYR B 327 7.02 10.52 -32.35
C TYR B 327 8.17 10.65 -33.33
N PRO B 328 9.29 11.30 -33.01
CA PRO B 328 10.40 11.37 -33.97
C PRO B 328 10.91 10.01 -34.39
N ALA B 329 10.80 9.01 -33.53
CA ALA B 329 11.22 7.65 -33.89
C ALA B 329 10.19 6.96 -34.78
N LEU B 330 8.98 7.48 -34.85
CA LEU B 330 7.95 6.91 -35.73
C LEU B 330 7.84 7.66 -37.05
N GLU B 331 8.26 8.93 -37.11
CA GLU B 331 8.31 9.62 -38.38
C GLU B 331 9.28 8.94 -39.32
N ARG B 332 10.33 8.31 -38.77
CA ARG B 332 11.28 7.56 -39.58
C ARG B 332 10.66 6.32 -40.20
N LEU B 333 9.53 5.86 -39.67
CA LEU B 333 8.87 4.65 -40.14
C LEU B 333 7.73 4.94 -41.12
N GLY B 334 7.60 6.19 -41.56
CA GLY B 334 6.59 6.54 -42.53
C GLY B 334 5.63 7.60 -42.04
N PRO B 335 4.61 7.91 -42.83
CA PRO B 335 3.59 8.88 -42.41
C PRO B 335 2.92 8.44 -41.11
N LEU B 336 2.82 9.37 -40.18
CA LEU B 336 2.28 9.09 -38.84
C LEU B 336 1.11 10.03 -38.58
N LEU B 337 -0.10 9.48 -38.51
CA LEU B 337 -1.28 10.26 -38.19
C LEU B 337 -1.56 10.19 -36.70
N THR B 338 -1.66 11.34 -36.05
CA THR B 338 -1.80 11.44 -34.61
C THR B 338 -3.14 12.05 -34.24
N GLU B 339 -3.73 11.56 -33.16
CA GLU B 339 -4.95 12.12 -32.61
C GLU B 339 -4.70 12.56 -31.18
N ASP B 340 -5.35 13.65 -30.77
CA ASP B 340 -5.12 14.23 -29.45
C ASP B 340 -6.47 14.58 -28.85
N VAL B 341 -7.00 13.68 -28.02
CA VAL B 341 -8.24 13.92 -27.28
C VAL B 341 -7.91 13.93 -25.79
N CYS B 342 -8.78 14.58 -25.03
CA CYS B 342 -8.64 14.63 -23.58
C CYS B 342 -10.01 14.41 -22.95
N VAL B 343 -10.09 13.41 -22.08
CA VAL B 343 -11.33 13.05 -21.39
C VAL B 343 -11.09 13.10 -19.89
N PRO B 344 -12.13 13.02 -19.06
CA PRO B 344 -11.93 12.99 -17.61
C PRO B 344 -11.10 11.78 -17.20
N LYS B 345 -10.32 11.95 -16.13
CA LYS B 345 -9.43 10.87 -15.67
C LYS B 345 -10.19 9.57 -15.44
N ALA B 346 -11.44 9.67 -14.98
CA ALA B 346 -12.23 8.47 -14.70
C ALA B 346 -12.67 7.73 -15.96
N ARG B 347 -12.43 8.29 -17.15
CA ARG B 347 -12.82 7.64 -18.40
C ARG B 347 -11.63 7.05 -19.15
N VAL B 348 -10.41 7.21 -18.64
CA VAL B 348 -9.24 6.67 -19.33
C VAL B 348 -9.37 5.17 -19.57
N PRO B 349 -9.74 4.35 -18.59
CA PRO B 349 -9.89 2.91 -18.87
C PRO B 349 -10.88 2.64 -19.99
N HIS B 350 -12.07 3.24 -19.95
CA HIS B 350 -13.04 3.03 -21.02
C HIS B 350 -12.51 3.58 -22.34
N MET B 351 -11.90 4.75 -22.31
CA MET B 351 -11.45 5.38 -23.55
C MET B 351 -10.31 4.59 -24.18
N LEU B 352 -9.40 4.06 -23.36
CA LEU B 352 -8.33 3.22 -23.89
C LEU B 352 -8.90 1.95 -24.51
N GLU B 353 -9.83 1.30 -23.81
CA GLU B 353 -10.54 0.15 -24.38
C GLU B 353 -11.34 0.55 -25.61
N ALA B 354 -11.79 1.80 -25.68
CA ALA B 354 -12.53 2.25 -26.85
C ALA B 354 -11.62 2.38 -28.06
N ILE B 355 -10.39 2.84 -27.85
CA ILE B 355 -9.45 2.96 -28.96
C ILE B 355 -9.09 1.57 -29.50
N GLU B 356 -8.78 0.64 -28.59
CA GLU B 356 -8.43 -0.71 -29.02
C GLU B 356 -9.54 -1.34 -29.85
N ALA B 357 -10.78 -1.25 -29.37
CA ALA B 357 -11.91 -1.79 -30.12
C ALA B 357 -12.07 -1.07 -31.45
N ALA B 358 -11.75 0.23 -31.50
CA ALA B 358 -11.82 0.96 -32.76
C ALA B 358 -10.82 0.43 -33.78
N GLY B 359 -9.75 -0.22 -33.32
CA GLY B 359 -8.78 -0.76 -34.26
C GLY B 359 -9.27 -2.01 -34.97
N GLU B 360 -9.78 -2.98 -34.20
CA GLU B 360 -10.28 -4.21 -34.81
C GLU B 360 -11.46 -3.94 -35.73
N ARG B 361 -12.36 -3.04 -35.32
CA ARG B 361 -13.53 -2.77 -36.14
C ARG B 361 -13.13 -2.26 -37.52
N PHE B 362 -12.05 -1.49 -37.60
CA PHE B 362 -11.58 -0.92 -38.86
C PHE B 362 -10.25 -1.51 -39.30
N ASP B 363 -9.81 -2.62 -38.70
CA ASP B 363 -8.60 -3.33 -39.09
C ASP B 363 -7.42 -2.36 -39.20
N THR B 364 -7.17 -1.64 -38.11
CA THR B 364 -6.12 -0.64 -38.04
C THR B 364 -5.31 -0.82 -36.77
N ARG B 365 -4.00 -1.03 -36.92
CA ARG B 365 -3.10 -1.14 -35.78
C ARG B 365 -2.85 0.26 -35.21
N ILE B 366 -3.28 0.48 -33.97
CA ILE B 366 -3.22 1.79 -33.34
C ILE B 366 -2.32 1.73 -32.11
N GLY B 367 -1.19 2.45 -32.15
CA GLY B 367 -0.39 2.61 -30.96
C GLY B 367 -0.96 3.65 -30.02
N ASN B 368 -0.59 3.53 -28.75
CA ASN B 368 -1.17 4.37 -27.69
C ASN B 368 -0.07 4.94 -26.81
N ILE B 369 -0.01 6.26 -26.73
CA ILE B 369 0.76 6.97 -25.71
C ILE B 369 -0.12 8.10 -25.19
N ALA B 370 -0.07 8.36 -23.90
CA ALA B 370 -0.98 9.36 -23.36
C ALA B 370 -0.44 9.91 -22.05
N HIS B 371 -0.71 11.19 -21.81
CA HIS B 371 -0.44 11.83 -20.53
C HIS B 371 -1.55 11.44 -19.56
N ALA B 372 -1.49 10.18 -19.12
CA ALA B 372 -2.55 9.62 -18.29
C ALA B 372 -2.86 10.50 -17.08
N GLY B 373 -1.87 11.22 -16.57
CA GLY B 373 -2.11 12.08 -15.42
C GLY B 373 -3.16 13.14 -15.68
N ASP B 374 -3.31 13.55 -16.93
CA ASP B 374 -4.28 14.57 -17.31
C ASP B 374 -5.41 14.03 -18.18
N GLY B 375 -5.42 12.73 -18.47
CA GLY B 375 -6.43 12.19 -19.37
C GLY B 375 -6.24 12.58 -20.81
N ASN B 376 -5.07 13.06 -21.18
CA ASN B 376 -4.78 13.50 -22.55
C ASN B 376 -4.16 12.34 -23.32
N LEU B 377 -4.95 11.70 -24.17
CA LEU B 377 -4.53 10.52 -24.90
C LEU B 377 -3.98 10.90 -26.28
N HIS B 378 -2.95 10.18 -26.71
CA HIS B 378 -2.30 10.39 -28.01
C HIS B 378 -2.26 9.09 -28.78
N PRO B 379 -3.38 8.68 -29.39
CA PRO B 379 -3.36 7.49 -30.26
C PRO B 379 -2.69 7.81 -31.59
N LEU B 380 -1.64 7.07 -31.94
CA LEU B 380 -0.88 7.29 -33.15
C LEU B 380 -0.96 6.08 -34.06
N PHE B 381 -1.28 6.31 -35.33
CA PHE B 381 -1.31 5.28 -36.35
C PHE B 381 -0.25 5.56 -37.40
N ILE B 382 0.55 4.54 -37.72
CA ILE B 382 1.54 4.62 -38.79
C ILE B 382 0.89 4.12 -40.07
N VAL B 383 0.86 4.98 -41.09
CA VAL B 383 0.14 4.70 -42.32
C VAL B 383 1.11 4.02 -43.29
N PRO B 384 0.86 2.78 -43.69
CA PRO B 384 1.74 2.11 -44.64
C PRO B 384 1.62 2.70 -46.04
N ALA B 385 2.70 2.54 -46.80
CA ALA B 385 2.74 3.02 -48.18
C ALA B 385 2.03 2.06 -49.11
N GLY B 386 1.19 2.59 -49.98
CA GLY B 386 0.50 1.80 -50.99
C GLY B 386 -0.88 1.30 -50.60
N ASP B 387 -1.19 1.20 -49.31
CA ASP B 387 -2.48 0.69 -48.85
C ASP B 387 -3.37 1.88 -48.53
N GLU B 388 -4.06 2.40 -49.56
CA GLU B 388 -4.98 3.51 -49.32
C GLU B 388 -6.20 3.08 -48.53
N GLU B 389 -6.62 1.82 -48.65
CA GLU B 389 -7.72 1.32 -47.84
C GLU B 389 -7.42 1.48 -46.36
N ALA B 390 -6.22 1.06 -45.94
CA ALA B 390 -5.83 1.24 -44.55
C ALA B 390 -5.78 2.72 -44.17
N LYS B 391 -5.41 3.58 -45.11
CA LYS B 391 -5.43 5.02 -44.86
C LYS B 391 -6.86 5.50 -44.60
N ARG B 392 -7.79 5.09 -45.45
CA ARG B 392 -9.20 5.47 -45.27
C ARG B 392 -9.82 4.78 -44.06
N ARG B 393 -9.41 3.54 -43.76
CA ARG B 393 -9.91 2.86 -42.58
C ARG B 393 -9.40 3.52 -41.30
N ALA B 394 -8.13 3.93 -41.29
CA ALA B 394 -7.59 4.63 -40.12
C ALA B 394 -8.26 5.98 -39.94
N LYS B 395 -8.61 6.66 -41.04
CA LYS B 395 -9.32 7.93 -40.91
C LYS B 395 -10.67 7.73 -40.25
N GLN B 396 -11.29 6.56 -40.44
CA GLN B 396 -12.58 6.30 -39.82
C GLN B 396 -12.46 5.89 -38.36
N ALA B 397 -11.47 5.05 -38.03
CA ALA B 397 -11.25 4.73 -36.62
C ALA B 397 -10.80 5.95 -35.83
N PHE B 398 -10.10 6.88 -36.47
CA PHE B 398 -9.73 8.12 -35.79
C PHE B 398 -10.94 9.01 -35.57
N GLU B 399 -11.84 9.09 -36.56
CA GLU B 399 -13.07 9.85 -36.38
C GLU B 399 -13.99 9.18 -35.37
N VAL B 400 -13.82 7.88 -35.13
CA VAL B 400 -14.61 7.19 -34.13
C VAL B 400 -14.08 7.47 -32.73
N ILE B 401 -12.75 7.48 -32.58
CA ILE B 401 -12.14 7.79 -31.29
C ILE B 401 -12.47 9.21 -30.87
N VAL B 402 -12.66 10.11 -31.84
CA VAL B 402 -13.02 11.49 -31.51
C VAL B 402 -14.42 11.55 -30.95
N ASP B 403 -15.40 11.05 -31.70
CA ASP B 403 -16.79 11.08 -31.23
C ASP B 403 -16.93 10.37 -29.89
N GLU B 404 -16.19 9.29 -29.68
CA GLU B 404 -16.24 8.59 -28.41
C GLU B 404 -15.59 9.40 -27.29
N ALA B 405 -14.71 10.33 -27.62
CA ALA B 405 -14.13 11.20 -26.60
C ALA B 405 -15.09 12.32 -26.22
N LEU B 406 -15.84 12.83 -27.20
CA LEU B 406 -16.84 13.86 -26.90
C LEU B 406 -18.06 13.27 -26.19
N ALA B 407 -18.45 12.06 -26.57
CA ALA B 407 -19.60 11.42 -25.93
C ALA B 407 -19.38 11.21 -24.44
N VAL B 408 -18.13 10.97 -24.02
CA VAL B 408 -17.82 10.74 -22.62
C VAL B 408 -17.51 12.03 -21.87
N GLY B 409 -17.61 13.17 -22.52
CA GLY B 409 -17.37 14.45 -21.88
C GLY B 409 -16.00 15.03 -22.08
N GLY B 410 -15.20 14.48 -23.00
CA GLY B 410 -13.87 14.99 -23.25
C GLY B 410 -13.87 16.15 -24.22
N THR B 411 -12.68 16.42 -24.76
CA THR B 411 -12.48 17.51 -25.70
C THR B 411 -11.72 16.99 -26.91
N VAL B 412 -11.90 17.67 -28.05
CA VAL B 412 -11.34 17.19 -29.30
C VAL B 412 -9.82 17.28 -29.31
N THR B 413 -9.26 18.26 -28.60
CA THR B 413 -7.82 18.50 -28.61
C THR B 413 -7.39 18.96 -27.22
N GLY B 414 -6.34 18.33 -26.69
CA GLY B 414 -5.84 18.66 -25.37
C GLY B 414 -4.69 19.64 -25.36
N GLU B 415 -3.68 19.41 -26.20
CA GLU B 415 -2.49 20.24 -26.22
C GLU B 415 -2.02 20.63 -27.62
N HIS B 416 -2.47 19.96 -28.67
CA HIS B 416 -1.96 20.20 -30.02
C HIS B 416 -2.66 21.35 -30.72
N GLY B 417 -3.95 21.51 -30.52
CA GLY B 417 -4.69 22.59 -31.15
C GLY B 417 -5.56 22.10 -32.29
N VAL B 418 -6.59 22.90 -32.59
CA VAL B 418 -7.54 22.54 -33.64
C VAL B 418 -6.86 22.55 -35.00
N GLY B 419 -6.22 23.65 -35.35
CA GLY B 419 -5.54 23.76 -36.62
C GLY B 419 -6.49 23.50 -37.77
N LEU B 420 -6.21 22.45 -38.53
CA LEU B 420 -7.02 22.09 -39.69
C LEU B 420 -7.59 20.69 -39.62
N LEU B 421 -6.81 19.70 -39.18
CA LEU B 421 -7.24 18.31 -39.18
C LEU B 421 -8.20 17.98 -38.06
N LYS B 422 -8.71 18.98 -37.33
CA LYS B 422 -9.62 18.69 -36.23
C LYS B 422 -10.83 19.62 -36.21
N MET B 423 -11.11 20.34 -37.29
CA MET B 423 -12.21 21.29 -37.29
C MET B 423 -13.56 20.58 -37.18
N ARG B 424 -13.66 19.34 -37.66
CA ARG B 424 -14.92 18.62 -37.59
C ARG B 424 -15.34 18.40 -36.14
N GLY B 425 -14.48 17.76 -35.34
CA GLY B 425 -14.81 17.55 -33.95
C GLY B 425 -15.00 18.85 -33.18
N ALA B 426 -14.14 19.83 -33.46
CA ALA B 426 -14.27 21.11 -32.78
C ALA B 426 -15.66 21.70 -32.96
N ALA B 427 -16.19 21.65 -34.18
CA ALA B 427 -17.54 22.16 -34.42
C ALA B 427 -18.59 21.35 -33.68
N ASP B 428 -18.46 20.02 -33.71
CA ASP B 428 -19.42 19.17 -33.01
C ASP B 428 -19.33 19.38 -31.50
N GLU B 429 -18.12 19.58 -30.97
CA GLU B 429 -17.96 19.79 -29.54
C GLU B 429 -18.51 21.15 -29.13
N LEU B 430 -17.99 22.21 -29.76
CA LEU B 430 -18.37 23.57 -29.36
C LEU B 430 -19.86 23.80 -29.57
N GLY B 431 -20.37 23.46 -30.75
CA GLY B 431 -21.76 23.68 -31.05
C GLY B 431 -21.97 24.96 -31.83
N PRO B 432 -23.17 25.17 -32.34
CA PRO B 432 -23.42 26.33 -33.20
C PRO B 432 -23.30 27.64 -32.45
N HIS B 433 -23.91 27.72 -31.27
CA HIS B 433 -23.85 28.95 -30.49
C HIS B 433 -22.42 29.37 -30.21
N VAL B 434 -21.60 28.45 -29.69
CA VAL B 434 -20.22 28.80 -29.35
C VAL B 434 -19.44 29.20 -30.60
N LEU B 435 -19.67 28.51 -31.72
CA LEU B 435 -19.02 28.89 -32.96
C LEU B 435 -19.41 30.30 -33.37
N ALA B 436 -20.69 30.63 -33.30
CA ALA B 436 -21.14 31.98 -33.61
C ALA B 436 -20.39 33.02 -32.78
N MET B 437 -20.05 32.68 -31.54
CA MET B 437 -19.29 33.59 -30.70
C MET B 437 -17.85 33.73 -31.22
N HIS B 438 -17.26 32.64 -31.68
CA HIS B 438 -15.93 32.73 -32.27
C HIS B 438 -15.93 33.64 -33.49
N ARG B 439 -16.93 33.48 -34.37
CA ARG B 439 -17.04 34.35 -35.54
C ARG B 439 -17.26 35.80 -35.13
N ALA B 440 -18.00 36.03 -34.05
CA ALA B 440 -18.21 37.39 -33.57
C ALA B 440 -16.93 37.97 -32.99
N VAL B 441 -16.26 37.22 -32.12
CA VAL B 441 -15.03 37.70 -31.49
C VAL B 441 -13.96 37.98 -32.54
N LYS B 442 -13.69 36.99 -33.39
CA LYS B 442 -12.67 37.17 -34.42
C LYS B 442 -12.98 38.35 -35.31
N GLY B 443 -14.27 38.59 -35.58
CA GLY B 443 -14.63 39.73 -36.42
C GLY B 443 -14.31 41.06 -35.76
N ALA B 444 -14.46 41.15 -34.44
CA ALA B 444 -14.21 42.41 -33.75
C ALA B 444 -12.71 42.72 -33.68
N LEU B 445 -11.89 41.70 -33.44
CA LEU B 445 -10.44 41.89 -33.32
C LEU B 445 -9.71 41.72 -34.64
N ASP B 446 -10.37 41.19 -35.66
CA ASP B 446 -9.77 41.01 -36.99
C ASP B 446 -10.82 41.41 -38.02
N PRO B 447 -11.18 42.70 -38.06
CA PRO B 447 -12.23 43.14 -38.99
C PRO B 447 -11.91 42.84 -40.44
N ALA B 448 -10.63 42.73 -40.81
CA ALA B 448 -10.25 42.39 -42.17
C ALA B 448 -10.22 40.90 -42.42
N GLY B 449 -10.26 40.08 -41.37
CA GLY B 449 -10.20 38.64 -41.52
C GLY B 449 -8.96 38.15 -42.23
N ILE B 450 -7.80 38.70 -41.86
CA ILE B 450 -6.55 38.37 -42.54
C ILE B 450 -5.63 37.50 -41.71
N PHE B 451 -5.92 37.29 -40.43
CA PHE B 451 -5.06 36.51 -39.54
C PHE B 451 -5.48 35.06 -39.60
N ASN B 452 -4.69 34.25 -40.32
CA ASN B 452 -4.90 32.81 -40.45
C ASN B 452 -6.37 32.48 -40.65
N PRO B 453 -7.04 33.09 -41.61
CA PRO B 453 -8.48 32.85 -41.77
C PRO B 453 -8.73 31.47 -42.33
N GLY B 454 -9.74 30.80 -41.77
CA GLY B 454 -10.16 29.49 -42.25
C GLY B 454 -9.76 28.34 -41.36
N LYS B 455 -8.93 28.54 -40.36
CA LYS B 455 -8.49 27.47 -39.49
C LYS B 455 -9.22 27.55 -38.16
N VAL B 456 -9.32 26.39 -37.49
CA VAL B 456 -10.04 26.25 -36.22
C VAL B 456 -11.54 26.23 -36.49
N PHE B 457 -12.06 27.32 -37.03
CA PHE B 457 -13.46 27.41 -37.42
C PHE B 457 -13.56 28.07 -38.78
N ALA B 458 -14.72 27.95 -39.41
CA ALA B 458 -14.96 28.50 -40.74
C ALA B 458 -15.63 29.86 -40.63
N LEU B 459 -15.17 30.81 -41.44
CA LEU B 459 -15.77 32.15 -41.47
C LEU B 459 -16.78 32.24 -42.61
N GLU B 460 -17.89 31.54 -42.44
CA GLU B 460 -18.93 31.54 -43.47
C GLU B 460 -19.84 32.76 -43.33
N GLY C 3 -28.72 -7.41 14.39
CA GLY C 3 -29.52 -8.53 13.95
C GLY C 3 -28.76 -9.85 13.97
N VAL C 4 -27.63 -9.86 14.68
CA VAL C 4 -26.83 -11.07 14.77
C VAL C 4 -27.37 -12.02 15.82
N VAL C 5 -27.71 -11.49 17.00
CA VAL C 5 -28.22 -12.34 18.07
C VAL C 5 -29.45 -13.12 17.61
N GLU C 6 -30.34 -12.47 16.86
CA GLU C 6 -31.51 -13.16 16.34
C GLU C 6 -31.13 -14.29 15.40
N GLU C 7 -30.15 -14.05 14.52
CA GLU C 7 -29.71 -15.09 13.60
C GLU C 7 -29.21 -16.32 14.33
N LEU C 8 -28.57 -16.13 15.49
CA LEU C 8 -28.09 -17.27 16.25
C LEU C 8 -29.23 -18.10 16.81
N VAL C 9 -30.18 -17.45 17.48
CA VAL C 9 -31.32 -18.19 18.05
C VAL C 9 -32.06 -18.97 16.97
N ALA C 10 -32.21 -18.37 15.79
CA ALA C 10 -32.86 -19.09 14.70
C ALA C 10 -32.03 -20.24 14.16
N ALA C 11 -30.80 -20.44 14.67
CA ALA C 11 -29.90 -21.48 14.18
C ALA C 11 -29.64 -22.59 15.20
N ILE C 12 -29.39 -22.25 16.46
CA ILE C 12 -29.06 -23.25 17.46
C ILE C 12 -29.99 -23.13 18.67
N GLY C 13 -31.18 -22.56 18.47
CA GLY C 13 -32.13 -22.42 19.55
C GLY C 13 -31.77 -21.35 20.56
N ALA C 14 -32.69 -21.04 21.47
CA ALA C 14 -32.49 -19.99 22.44
C ALA C 14 -31.74 -20.46 23.67
N GLU C 15 -32.00 -21.70 24.13
CA GLU C 15 -31.32 -22.22 25.31
C GLU C 15 -29.83 -22.44 25.09
N GLN C 16 -29.35 -22.26 23.86
CA GLN C 16 -27.93 -22.39 23.56
C GLN C 16 -27.25 -21.05 23.33
N VAL C 17 -27.99 -19.95 23.45
CA VAL C 17 -27.44 -18.61 23.29
C VAL C 17 -27.74 -17.81 24.54
N VAL C 18 -26.75 -17.08 25.03
CA VAL C 18 -26.87 -16.25 26.23
C VAL C 18 -26.54 -14.82 25.86
N THR C 19 -27.33 -13.88 26.38
CA THR C 19 -27.11 -12.46 26.14
C THR C 19 -27.14 -11.62 27.41
N ASP C 20 -27.49 -12.19 28.56
CA ASP C 20 -27.52 -11.44 29.81
C ASP C 20 -26.14 -10.85 30.08
N PRO C 21 -26.01 -9.52 30.07
CA PRO C 21 -24.70 -8.92 30.33
C PRO C 21 -24.09 -9.33 31.67
N ALA C 22 -24.90 -9.77 32.62
CA ALA C 22 -24.35 -10.20 33.90
C ALA C 22 -23.66 -11.55 33.77
N VAL C 23 -24.13 -12.41 32.86
CA VAL C 23 -23.55 -13.74 32.68
C VAL C 23 -22.35 -13.69 31.73
N MET C 24 -22.42 -12.85 30.70
CA MET C 24 -21.35 -12.78 29.71
C MET C 24 -20.04 -12.26 30.29
N GLU C 25 -20.07 -11.67 31.48
CA GLU C 25 -18.84 -11.16 32.08
C GLU C 25 -17.82 -12.27 32.27
N GLY C 26 -18.25 -13.40 32.86
CA GLY C 26 -17.36 -14.52 33.10
C GLY C 26 -16.96 -15.31 31.88
N TYR C 27 -17.45 -14.94 30.69
CA TYR C 27 -17.14 -15.64 29.46
C TYR C 27 -16.30 -14.82 28.49
N SER C 28 -16.08 -13.54 28.76
CA SER C 28 -15.43 -12.64 27.81
C SER C 28 -14.01 -12.25 28.21
N HIS C 29 -13.45 -12.83 29.27
CA HIS C 29 -12.09 -12.50 29.67
C HIS C 29 -11.45 -13.69 30.37
N ASP C 30 -10.13 -13.72 30.32
CA ASP C 30 -9.33 -14.78 30.92
C ASP C 30 -8.69 -14.27 32.21
N GLU C 31 -7.75 -15.05 32.76
CA GLU C 31 -7.08 -14.68 33.99
C GLU C 31 -6.14 -13.49 33.83
N ALA C 32 -6.00 -12.95 32.62
CA ALA C 32 -5.21 -11.74 32.40
C ALA C 32 -6.05 -10.54 32.80
N GLU C 33 -5.68 -9.89 33.89
CA GLU C 33 -6.47 -8.77 34.41
C GLU C 33 -6.24 -7.48 33.64
N TRP C 34 -5.10 -7.34 32.97
CA TRP C 34 -4.77 -6.12 32.24
C TRP C 34 -4.89 -6.32 30.73
N ALA C 35 -5.43 -7.44 30.28
CA ALA C 35 -5.68 -7.65 28.86
C ALA C 35 -7.01 -7.00 28.50
N PRO C 36 -7.04 -6.11 27.51
CA PRO C 36 -8.28 -5.38 27.23
C PRO C 36 -9.40 -6.33 26.81
N TYR C 37 -10.60 -6.04 27.31
CA TYR C 37 -11.78 -6.82 26.97
C TYR C 37 -13.02 -5.94 27.08
N ASP C 38 -13.97 -6.13 26.16
CA ASP C 38 -15.20 -5.37 26.13
C ASP C 38 -16.39 -6.34 26.15
N ALA C 39 -17.58 -5.78 26.22
CA ALA C 39 -18.79 -6.59 26.29
C ALA C 39 -19.09 -7.22 24.93
N PRO C 40 -19.04 -8.54 24.81
CA PRO C 40 -19.31 -9.17 23.52
C PRO C 40 -20.78 -9.08 23.14
N ALA C 41 -21.06 -9.34 21.87
CA ALA C 41 -22.43 -9.29 21.39
C ALA C 41 -23.25 -10.47 21.92
N ALA C 42 -22.61 -11.60 22.18
CA ALA C 42 -23.31 -12.76 22.73
C ALA C 42 -22.34 -13.89 23.00
N VAL C 43 -22.70 -14.76 23.95
CA VAL C 43 -21.89 -15.93 24.29
C VAL C 43 -22.69 -17.16 23.91
N VAL C 44 -22.19 -17.92 22.94
CA VAL C 44 -22.86 -19.12 22.44
C VAL C 44 -22.23 -20.34 23.10
N ARG C 45 -23.08 -21.25 23.59
CA ARG C 45 -22.64 -22.50 24.21
C ARG C 45 -23.10 -23.65 23.34
N PRO C 46 -22.32 -24.03 22.32
CA PRO C 46 -22.78 -25.06 21.38
C PRO C 46 -22.91 -26.41 22.05
N ARG C 47 -23.68 -27.28 21.40
CA ARG C 47 -23.91 -28.65 21.85
C ARG C 47 -23.11 -29.68 21.07
N ASP C 48 -22.97 -29.49 19.76
CA ASP C 48 -22.19 -30.39 18.92
C ASP C 48 -21.52 -29.55 17.84
N THR C 49 -20.73 -30.22 17.01
CA THR C 49 -20.04 -29.51 15.93
C THR C 49 -21.03 -28.79 15.01
N ALA C 50 -22.27 -29.29 14.92
CA ALA C 50 -23.26 -28.63 14.08
C ALA C 50 -23.51 -27.19 14.55
N ASP C 51 -23.71 -26.99 15.85
CA ASP C 51 -23.91 -25.64 16.37
C ASP C 51 -22.71 -24.75 16.08
N VAL C 52 -21.50 -25.29 16.27
CA VAL C 52 -20.30 -24.50 16.01
C VAL C 52 -20.20 -24.14 14.54
N ALA C 53 -20.60 -25.06 13.65
CA ALA C 53 -20.61 -24.76 12.23
C ALA C 53 -21.59 -23.63 11.91
N GLU C 54 -22.76 -23.65 12.55
CA GLU C 54 -23.74 -22.60 12.31
C GLU C 54 -23.25 -21.25 12.82
N VAL C 55 -22.70 -21.23 14.03
CA VAL C 55 -22.19 -19.96 14.59
C VAL C 55 -21.13 -19.38 13.68
N VAL C 56 -20.27 -20.23 13.12
CA VAL C 56 -19.20 -19.74 12.26
C VAL C 56 -19.75 -19.24 10.93
N ARG C 57 -20.69 -19.97 10.34
CA ARG C 57 -21.28 -19.53 9.08
C ARG C 57 -21.96 -18.18 9.22
N ILE C 58 -22.76 -18.02 10.28
CA ILE C 58 -23.48 -16.76 10.49
C ILE C 58 -22.50 -15.61 10.59
N CYS C 59 -21.54 -15.71 11.51
CA CYS C 59 -20.55 -14.66 11.68
C CYS C 59 -19.70 -14.49 10.43
N ALA C 60 -19.48 -15.57 9.68
CA ALA C 60 -18.70 -15.47 8.45
C ALA C 60 -19.37 -14.53 7.46
N GLY C 61 -20.66 -14.72 7.22
CA GLY C 61 -21.36 -13.85 6.28
C GLY C 61 -21.51 -12.43 6.80
N ARG C 62 -21.71 -12.28 8.11
CA ARG C 62 -21.85 -10.97 8.73
C ARG C 62 -20.52 -10.35 9.14
N GLY C 63 -19.42 -11.08 9.01
CA GLY C 63 -18.12 -10.55 9.40
C GLY C 63 -18.01 -10.26 10.89
N VAL C 64 -18.73 -11.01 11.72
CA VAL C 64 -18.67 -10.84 13.16
C VAL C 64 -17.54 -11.70 13.70
N ALA C 65 -16.73 -11.13 14.58
CA ALA C 65 -15.59 -11.84 15.13
C ALA C 65 -16.05 -12.87 16.16
N VAL C 66 -15.44 -14.06 16.11
CA VAL C 66 -15.73 -15.15 17.01
C VAL C 66 -14.44 -15.54 17.71
N VAL C 67 -14.48 -15.65 19.03
CA VAL C 67 -13.32 -16.01 19.84
C VAL C 67 -13.69 -17.23 20.67
N GLY C 68 -13.07 -18.37 20.37
CA GLY C 68 -13.34 -19.58 21.13
C GLY C 68 -12.79 -19.50 22.53
N ARG C 69 -13.48 -20.16 23.46
CA ARG C 69 -13.11 -20.15 24.87
C ARG C 69 -13.11 -21.56 25.43
N GLY C 70 -12.09 -21.86 26.22
CA GLY C 70 -12.04 -23.11 26.95
C GLY C 70 -12.48 -22.93 28.39
N ALA C 71 -11.53 -23.04 29.31
CA ALA C 71 -11.79 -22.85 30.73
C ALA C 71 -11.45 -21.44 31.21
N GLY C 72 -11.00 -20.57 30.33
CA GLY C 72 -10.68 -19.21 30.73
C GLY C 72 -9.53 -19.11 31.71
N THR C 73 -8.50 -19.94 31.52
CA THR C 73 -7.31 -19.91 32.36
C THR C 73 -6.09 -19.37 31.62
N GLY C 74 -6.28 -18.84 30.42
CA GLY C 74 -5.16 -18.23 29.71
C GLY C 74 -4.54 -17.09 30.50
N LEU C 75 -3.27 -16.80 30.21
CA LEU C 75 -2.53 -15.79 30.92
C LEU C 75 -2.07 -14.64 30.00
N SER C 76 -2.49 -14.65 28.73
CA SER C 76 -2.09 -13.61 27.80
C SER C 76 -3.28 -12.94 27.12
N GLY C 77 -4.50 -13.18 27.60
CA GLY C 77 -5.66 -12.55 27.02
C GLY C 77 -6.05 -13.09 25.66
N ALA C 78 -5.68 -14.34 25.35
CA ALA C 78 -6.05 -14.91 24.06
C ALA C 78 -7.55 -15.09 23.92
N ALA C 79 -8.24 -15.39 25.02
CA ALA C 79 -9.67 -15.63 24.96
C ALA C 79 -10.51 -14.39 25.18
N ASN C 80 -9.89 -13.25 25.53
CA ASN C 80 -10.65 -12.03 25.74
C ASN C 80 -11.43 -11.65 24.49
N ALA C 81 -12.69 -11.31 24.67
CA ALA C 81 -13.60 -10.98 23.58
C ALA C 81 -13.61 -9.47 23.35
N GLY C 82 -13.74 -9.09 22.08
CA GLY C 82 -13.90 -7.70 21.73
C GLY C 82 -15.35 -7.28 21.69
N ARG C 83 -15.57 -5.96 21.77
CA ARG C 83 -16.92 -5.43 21.79
C ARG C 83 -17.66 -5.84 20.52
N GLY C 84 -18.79 -6.52 20.70
CA GLY C 84 -19.58 -6.98 19.57
C GLY C 84 -19.19 -8.35 19.05
N TRP C 85 -18.23 -9.03 19.68
CA TRP C 85 -17.83 -10.36 19.25
C TRP C 85 -18.82 -11.41 19.75
N VAL C 86 -18.61 -12.65 19.34
CA VAL C 86 -19.42 -13.79 19.76
C VAL C 86 -18.49 -14.81 20.39
N VAL C 87 -18.63 -15.01 21.69
CA VAL C 87 -17.81 -15.97 22.42
C VAL C 87 -18.44 -17.35 22.27
N VAL C 88 -17.71 -18.27 21.66
CA VAL C 88 -18.16 -19.65 21.48
C VAL C 88 -17.50 -20.49 22.57
N SER C 89 -18.31 -20.90 23.54
CA SER C 89 -17.84 -21.67 24.69
C SER C 89 -18.12 -23.15 24.47
N PHE C 90 -17.06 -23.97 24.51
CA PHE C 90 -17.18 -25.41 24.35
C PHE C 90 -17.45 -26.12 25.67
N GLU C 91 -18.04 -25.41 26.64
CA GLU C 91 -18.28 -26.02 27.95
C GLU C 91 -19.14 -27.28 27.84
N ARG C 92 -20.13 -27.28 26.95
CA ARG C 92 -21.02 -28.43 26.82
C ARG C 92 -20.39 -29.60 26.08
N MET C 93 -19.34 -29.35 25.29
CA MET C 93 -18.67 -30.42 24.56
C MET C 93 -17.48 -30.89 25.40
N ASN C 94 -17.78 -31.76 26.36
CA ASN C 94 -16.78 -32.23 27.32
C ASN C 94 -16.93 -33.74 27.52
N ARG C 95 -16.97 -34.48 26.41
CA ARG C 95 -17.12 -35.92 26.43
C ARG C 95 -15.89 -36.60 25.86
N VAL C 96 -15.48 -37.69 26.49
CA VAL C 96 -14.44 -38.56 25.96
C VAL C 96 -15.12 -39.55 25.03
N LEU C 97 -14.82 -39.45 23.73
CA LEU C 97 -15.57 -40.20 22.72
C LEU C 97 -15.05 -41.61 22.51
N GLU C 98 -13.74 -41.83 22.64
CA GLU C 98 -13.17 -43.14 22.38
C GLU C 98 -11.79 -43.24 23.01
N VAL C 99 -11.47 -44.44 23.49
CA VAL C 99 -10.16 -44.75 24.06
C VAL C 99 -9.71 -46.06 23.42
N ASP C 100 -8.96 -45.97 22.33
CA ASP C 100 -8.49 -47.16 21.62
C ASP C 100 -7.27 -47.71 22.35
N THR C 101 -7.46 -48.80 23.10
CA THR C 101 -6.38 -49.34 23.89
C THR C 101 -5.36 -50.09 23.04
N VAL C 102 -5.78 -50.65 21.90
CA VAL C 102 -4.84 -51.35 21.04
C VAL C 102 -3.98 -50.37 20.27
N GLN C 103 -4.59 -49.33 19.71
CA GLN C 103 -3.86 -48.28 19.03
C GLN C 103 -3.23 -47.29 20.01
N GLN C 104 -3.70 -47.25 21.25
CA GLN C 104 -3.19 -46.33 22.27
C GLN C 104 -3.45 -44.87 21.87
N THR C 105 -4.71 -44.56 21.63
CA THR C 105 -5.14 -43.21 21.30
C THR C 105 -6.47 -42.93 21.99
N VAL C 106 -6.78 -41.64 22.13
CA VAL C 106 -8.01 -41.18 22.73
C VAL C 106 -8.62 -40.10 21.85
N THR C 107 -9.95 -40.03 21.84
CA THR C 107 -10.68 -39.01 21.09
C THR C 107 -11.52 -38.20 22.07
N VAL C 108 -11.21 -36.91 22.19
CA VAL C 108 -11.82 -36.04 23.19
C VAL C 108 -12.37 -34.80 22.52
N GLN C 109 -13.36 -34.18 23.17
CA GLN C 109 -13.89 -32.90 22.76
C GLN C 109 -13.16 -31.76 23.46
N PRO C 110 -13.18 -30.56 22.89
CA PRO C 110 -12.36 -29.48 23.46
C PRO C 110 -12.74 -29.11 24.88
N GLY C 111 -14.00 -29.27 25.26
CA GLY C 111 -14.41 -28.84 26.59
C GLY C 111 -13.93 -29.72 27.71
N VAL C 112 -13.38 -30.89 27.41
CA VAL C 112 -12.93 -31.80 28.46
C VAL C 112 -11.77 -31.18 29.21
N VAL C 113 -11.69 -31.47 30.51
CA VAL C 113 -10.62 -30.96 31.36
C VAL C 113 -9.40 -31.88 31.26
N ASN C 114 -8.22 -31.29 31.41
CA ASN C 114 -6.98 -32.06 31.28
C ASN C 114 -6.96 -33.22 32.28
N ASP C 115 -7.07 -32.91 33.57
CA ASP C 115 -7.06 -33.98 34.58
C ASP C 115 -8.17 -34.98 34.32
N ASP C 116 -9.34 -34.49 33.92
CA ASP C 116 -10.43 -35.42 33.59
C ASP C 116 -10.01 -36.38 32.49
N LEU C 117 -9.35 -35.87 31.45
CA LEU C 117 -8.86 -36.75 30.39
C LEU C 117 -7.80 -37.71 30.92
N ARG C 118 -6.94 -37.24 31.83
CA ARG C 118 -5.88 -38.09 32.35
C ARG C 118 -6.47 -39.24 33.16
N ALA C 119 -7.38 -38.94 34.09
CA ALA C 119 -8.00 -39.99 34.88
C ALA C 119 -8.79 -40.95 34.01
N ARG C 120 -9.39 -40.45 32.92
CA ARG C 120 -10.17 -41.31 32.05
C ARG C 120 -9.28 -42.35 31.38
N VAL C 121 -8.19 -41.91 30.75
CA VAL C 121 -7.26 -42.85 30.14
C VAL C 121 -6.55 -43.69 31.20
N ALA C 122 -6.48 -43.19 32.44
CA ALA C 122 -5.88 -43.98 33.51
C ALA C 122 -6.66 -45.26 33.76
N GLN C 123 -7.97 -45.24 33.48
CA GLN C 123 -8.78 -46.44 33.67
C GLN C 123 -8.27 -47.59 32.79
N ASP C 124 -7.84 -47.28 31.57
CA ASP C 124 -7.34 -48.27 30.64
C ASP C 124 -5.84 -48.48 30.73
N GLY C 125 -5.23 -48.12 31.86
CA GLY C 125 -3.80 -48.30 32.02
C GLY C 125 -2.95 -47.42 31.12
N LEU C 126 -3.51 -46.34 30.59
CA LEU C 126 -2.80 -45.42 29.71
C LEU C 126 -2.50 -44.12 30.45
N TRP C 127 -1.79 -43.22 29.77
CA TRP C 127 -1.28 -42.01 30.40
C TRP C 127 -1.14 -40.91 29.37
N TYR C 128 -1.61 -39.71 29.72
CA TYR C 128 -1.40 -38.53 28.90
C TYR C 128 -0.38 -37.64 29.58
N PRO C 129 0.86 -37.57 29.09
CA PRO C 129 1.93 -36.92 29.85
C PRO C 129 1.65 -35.47 30.14
N PRO C 130 1.32 -34.66 29.11
CA PRO C 130 1.20 -33.20 29.32
C PRO C 130 0.37 -32.84 30.54
N ASP C 131 1.00 -32.17 31.50
CA ASP C 131 0.39 -31.82 32.78
C ASP C 131 0.66 -30.36 33.10
N PRO C 132 -0.09 -29.44 32.49
CA PRO C 132 0.09 -28.03 32.80
C PRO C 132 -0.32 -27.73 34.22
N ALA C 133 0.30 -26.68 34.79
CA ALA C 133 -0.06 -26.26 36.14
C ALA C 133 -1.55 -26.04 36.28
N SER C 134 -2.21 -25.55 35.21
CA SER C 134 -3.65 -25.36 35.21
C SER C 134 -4.40 -26.61 34.79
N SER C 135 -3.75 -27.77 34.85
CA SER C 135 -4.41 -29.02 34.46
C SER C 135 -5.71 -29.26 35.19
N PRO C 136 -5.84 -28.97 36.48
CA PRO C 136 -7.09 -29.29 37.19
C PRO C 136 -8.30 -28.53 36.68
N TRP C 137 -8.11 -27.44 35.92
CA TRP C 137 -9.25 -26.64 35.48
C TRP C 137 -9.09 -26.08 34.06
N SER C 138 -8.09 -26.51 33.30
CA SER C 138 -7.93 -26.06 31.91
C SER C 138 -8.43 -27.12 30.95
N THR C 139 -8.93 -26.66 29.81
CA THR C 139 -9.55 -27.55 28.83
C THR C 139 -8.53 -28.07 27.82
N ILE C 140 -8.84 -29.22 27.24
CA ILE C 140 -8.00 -29.77 26.17
C ILE C 140 -8.06 -28.87 24.94
N GLY C 141 -9.22 -28.26 24.68
CA GLY C 141 -9.30 -27.29 23.60
C GLY C 141 -8.31 -26.16 23.78
N GLY C 142 -8.15 -25.68 25.02
CA GLY C 142 -7.15 -24.66 25.29
C GLY C 142 -5.73 -25.19 25.17
N ASN C 143 -5.50 -26.41 25.64
CA ASN C 143 -4.17 -27.00 25.52
C ASN C 143 -3.77 -27.20 24.07
N VAL C 144 -4.74 -27.41 23.17
CA VAL C 144 -4.42 -27.56 21.77
C VAL C 144 -4.27 -26.20 21.10
N ALA C 145 -5.05 -25.21 21.53
CA ALA C 145 -4.98 -23.89 20.89
C ALA C 145 -3.72 -23.14 21.29
N THR C 146 -3.21 -23.35 22.50
CA THR C 146 -2.01 -22.67 22.97
C THR C 146 -0.80 -23.59 23.01
N ASN C 147 -0.97 -24.88 22.72
CA ASN C 147 0.12 -25.87 22.81
C ASN C 147 0.74 -25.82 24.19
N ALA C 148 -0.11 -25.95 25.21
CA ALA C 148 0.33 -25.79 26.58
C ALA C 148 1.40 -26.81 26.94
N GLY C 149 2.21 -26.45 27.93
CA GLY C 149 3.22 -27.33 28.48
C GLY C 149 2.91 -27.72 29.92
N GLY C 150 3.82 -28.51 30.48
CA GLY C 150 3.63 -29.02 31.83
C GLY C 150 4.89 -29.18 32.66
N LEU C 151 4.79 -30.00 33.71
CA LEU C 151 5.94 -30.19 34.58
C LEU C 151 6.86 -31.28 34.05
N CYS C 152 6.30 -32.34 33.48
CA CYS C 152 7.10 -33.42 32.93
C CYS C 152 7.43 -33.23 31.46
N CYS C 153 6.99 -32.12 30.86
CA CYS C 153 7.29 -31.86 29.45
C CYS C 153 8.78 -31.70 29.18
N VAL C 154 9.60 -31.56 30.22
CA VAL C 154 11.04 -31.50 30.03
C VAL C 154 11.59 -32.80 29.49
N LYS C 155 10.88 -33.91 29.67
CA LYS C 155 11.30 -35.21 29.17
C LYS C 155 10.31 -35.85 28.22
N TYR C 156 9.05 -35.44 28.22
CA TYR C 156 8.01 -36.05 27.41
C TYR C 156 7.34 -35.07 26.44
N GLY C 157 7.93 -33.89 26.25
CA GLY C 157 7.41 -32.96 25.27
C GLY C 157 6.16 -32.24 25.74
N VAL C 158 5.56 -31.50 24.80
CA VAL C 158 4.39 -30.68 25.10
C VAL C 158 3.18 -31.22 24.36
N THR C 159 2.10 -30.43 24.34
CA THR C 159 0.84 -30.90 23.76
C THR C 159 1.02 -31.29 22.29
N ARG C 160 1.64 -30.42 21.49
CA ARG C 160 1.76 -30.68 20.06
C ARG C 160 2.34 -32.06 19.79
N ASP C 161 3.17 -32.58 20.70
CA ASP C 161 3.79 -33.88 20.51
C ASP C 161 2.81 -35.04 20.70
N TYR C 162 1.57 -34.77 21.11
CA TYR C 162 0.59 -35.82 21.32
C TYR C 162 -0.68 -35.62 20.51
N VAL C 163 -0.74 -34.58 19.68
CA VAL C 163 -1.91 -34.33 18.83
C VAL C 163 -1.74 -35.14 17.55
N LEU C 164 -2.56 -36.18 17.39
CA LEU C 164 -2.48 -37.02 16.19
C LEU C 164 -3.42 -36.58 15.09
N GLY C 165 -4.47 -35.84 15.42
CA GLY C 165 -5.43 -35.41 14.42
C GLY C 165 -6.55 -34.66 15.11
N MET C 166 -7.39 -34.04 14.29
CA MET C 166 -8.43 -33.19 14.86
C MET C 166 -9.53 -32.93 13.83
N GLU C 167 -10.66 -32.44 14.33
CA GLU C 167 -11.78 -31.98 13.52
C GLU C 167 -12.08 -30.54 13.91
N ALA C 168 -12.11 -29.66 12.92
CA ALA C 168 -12.31 -28.24 13.18
C ALA C 168 -13.26 -27.65 12.16
N VAL C 169 -13.88 -26.53 12.54
CA VAL C 169 -14.72 -25.75 11.64
C VAL C 169 -13.92 -24.54 11.21
N VAL C 170 -13.60 -24.46 9.92
CA VAL C 170 -12.73 -23.42 9.40
C VAL C 170 -13.49 -22.65 8.32
N GLY C 171 -12.96 -21.47 7.98
CA GLY C 171 -13.56 -20.69 6.92
C GLY C 171 -14.98 -20.25 7.25
N SER C 172 -15.87 -20.37 6.28
CA SER C 172 -17.26 -19.96 6.43
C SER C 172 -18.10 -20.95 7.22
N GLY C 173 -17.48 -22.00 7.78
CA GLY C 173 -18.21 -22.95 8.60
C GLY C 173 -18.11 -24.39 8.14
N GLU C 174 -17.08 -24.71 7.36
CA GLU C 174 -16.89 -26.07 6.88
C GLU C 174 -16.22 -26.91 7.95
N VAL C 175 -16.80 -28.06 8.24
CA VAL C 175 -16.24 -28.99 9.23
C VAL C 175 -15.26 -29.90 8.50
N VAL C 176 -13.98 -29.71 8.79
CA VAL C 176 -12.93 -30.50 8.16
C VAL C 176 -12.18 -31.28 9.23
N ARG C 177 -11.57 -32.39 8.82
CA ARG C 177 -10.76 -33.22 9.71
C ARG C 177 -9.32 -33.13 9.25
N LEU C 178 -8.49 -32.46 10.03
CA LEU C 178 -7.09 -32.25 9.72
C LEU C 178 -6.24 -33.30 10.40
N GLY C 179 -5.07 -33.56 9.81
CA GLY C 179 -4.17 -34.53 10.41
C GLY C 179 -4.54 -35.95 10.04
N ARG C 180 -4.17 -36.87 10.92
CA ARG C 180 -4.39 -38.30 10.72
C ARG C 180 -4.92 -38.89 12.02
N THR C 181 -5.10 -40.21 12.01
CA THR C 181 -5.39 -40.96 13.21
C THR C 181 -4.46 -42.14 13.44
N THR C 182 -3.60 -42.47 12.46
CA THR C 182 -2.67 -43.57 12.61
C THR C 182 -1.42 -43.13 13.35
N ALA C 183 -0.36 -43.90 13.19
CA ALA C 183 0.90 -43.66 13.83
C ALA C 183 1.78 -42.77 13.05
N LYS C 184 1.95 -43.07 11.79
CA LYS C 184 2.75 -42.24 10.92
C LYS C 184 1.93 -41.79 9.74
N GLY C 185 2.02 -40.53 9.42
CA GLY C 185 1.31 -39.95 8.29
C GLY C 185 2.00 -38.70 7.77
N VAL C 186 2.19 -38.61 6.46
CA VAL C 186 2.90 -37.48 5.87
C VAL C 186 2.14 -36.97 4.64
N THR C 187 0.91 -37.45 4.45
CA THR C 187 0.13 -37.10 3.27
C THR C 187 -0.20 -35.61 3.30
N GLY C 188 0.33 -34.87 2.33
CA GLY C 188 0.05 -33.45 2.22
C GLY C 188 0.78 -32.63 3.27
N TYR C 189 0.18 -31.50 3.63
CA TYR C 189 0.72 -30.61 4.66
C TYR C 189 0.30 -31.07 6.05
N ASP C 190 0.94 -30.48 7.06
CA ASP C 190 0.61 -30.75 8.46
C ASP C 190 -0.32 -29.68 9.00
N LEU C 191 -1.48 -29.53 8.34
CA LEU C 191 -2.44 -28.52 8.77
C LEU C 191 -2.86 -28.74 10.22
N ALA C 192 -2.83 -29.99 10.69
CA ALA C 192 -3.13 -30.24 12.09
C ALA C 192 -2.11 -29.59 13.01
N GLY C 193 -0.81 -29.85 12.74
CA GLY C 193 0.23 -29.19 13.50
C GLY C 193 0.23 -27.68 13.39
N LEU C 194 -0.33 -27.14 12.31
CA LEU C 194 -0.47 -25.70 12.17
C LEU C 194 -1.54 -25.15 13.09
N MET C 195 -2.59 -25.94 13.37
CA MET C 195 -3.63 -25.52 14.29
C MET C 195 -3.11 -25.37 15.71
N VAL C 196 -2.25 -26.30 16.15
CA VAL C 196 -1.68 -26.21 17.49
C VAL C 196 -0.87 -24.93 17.61
N GLY C 197 -1.05 -24.20 18.72
CA GLY C 197 -0.39 -22.94 18.90
C GLY C 197 -0.97 -21.79 18.11
N SER C 198 -2.08 -22.00 17.41
CA SER C 198 -2.74 -20.94 16.66
C SER C 198 -3.59 -20.04 17.54
N GLU C 199 -3.81 -20.40 18.80
CA GLU C 199 -4.58 -19.59 19.73
C GLU C 199 -5.92 -19.19 19.12
N GLY C 200 -6.52 -20.11 18.39
CA GLY C 200 -7.85 -19.91 17.85
C GLY C 200 -7.95 -18.84 16.78
N THR C 201 -6.87 -18.56 16.07
CA THR C 201 -6.88 -17.55 15.01
C THR C 201 -7.04 -18.13 13.62
N LEU C 202 -7.12 -19.46 13.50
CA LEU C 202 -7.30 -20.10 12.20
C LEU C 202 -8.55 -20.98 12.14
N GLY C 203 -9.19 -21.28 13.26
CA GLY C 203 -10.35 -22.13 13.25
C GLY C 203 -10.77 -22.47 14.67
N LEU C 204 -11.71 -23.41 14.76
CA LEU C 204 -12.25 -23.86 16.04
C LEU C 204 -12.14 -25.37 16.10
N VAL C 205 -11.48 -25.87 17.13
CA VAL C 205 -11.27 -27.31 17.31
C VAL C 205 -12.50 -27.88 18.00
N THR C 206 -13.16 -28.85 17.35
CA THR C 206 -14.31 -29.51 17.93
C THR C 206 -14.02 -30.94 18.35
N GLU C 207 -12.89 -31.52 17.95
CA GLU C 207 -12.52 -32.87 18.34
C GLU C 207 -11.04 -33.08 18.05
N VAL C 208 -10.35 -33.71 18.98
CA VAL C 208 -8.93 -34.00 18.83
C VAL C 208 -8.69 -35.46 19.20
N THR C 209 -7.80 -36.12 18.46
CA THR C 209 -7.38 -37.47 18.76
C THR C 209 -5.93 -37.41 19.21
N LEU C 210 -5.68 -37.70 20.48
CA LEU C 210 -4.35 -37.62 21.07
C LEU C 210 -3.78 -39.01 21.25
N ARG C 211 -2.47 -39.16 21.05
CA ARG C 211 -1.83 -40.43 21.33
C ARG C 211 -1.48 -40.52 22.81
N LEU C 212 -1.53 -41.74 23.33
CA LEU C 212 -1.32 -42.01 24.74
C LEU C 212 -0.10 -42.91 24.90
N VAL C 213 0.26 -43.18 26.15
CA VAL C 213 1.42 -44.02 26.46
C VAL C 213 1.11 -44.85 27.70
N PRO C 214 1.79 -45.98 27.85
CA PRO C 214 1.54 -46.83 29.01
C PRO C 214 1.94 -46.14 30.31
N LEU C 215 1.23 -46.49 31.38
CA LEU C 215 1.52 -45.91 32.68
C LEU C 215 2.93 -46.28 33.13
N ARG C 216 3.53 -45.38 33.92
CA ARG C 216 4.91 -45.59 34.36
C ARG C 216 5.03 -46.82 35.24
N ARG C 217 4.28 -46.85 36.33
CA ARG C 217 4.29 -47.98 37.28
C ARG C 217 5.66 -48.09 37.96
N GLY C 218 6.02 -47.03 38.67
CA GLY C 218 7.28 -46.99 39.37
C GLY C 218 7.28 -45.88 40.40
N VAL C 219 8.40 -45.76 41.10
CA VAL C 219 8.59 -44.75 42.15
C VAL C 219 9.58 -43.72 41.63
N GLU C 220 9.14 -42.46 41.55
CA GLU C 220 10.01 -41.39 41.10
C GLU C 220 11.03 -41.04 42.18
N HIS C 221 12.26 -40.76 41.76
CA HIS C 221 13.35 -40.43 42.67
C HIS C 221 13.48 -38.92 42.71
N THR C 222 12.81 -38.30 43.68
CA THR C 222 12.87 -36.86 43.85
C THR C 222 14.15 -36.45 44.55
N VAL C 223 14.78 -35.39 44.04
CA VAL C 223 16.01 -34.85 44.62
C VAL C 223 15.75 -33.38 44.92
N VAL C 224 15.42 -33.07 46.17
CA VAL C 224 15.08 -31.72 46.58
C VAL C 224 16.35 -30.98 46.94
N GLY C 225 16.35 -29.68 46.66
CA GLY C 225 17.51 -28.85 46.96
C GLY C 225 17.17 -27.39 47.20
N TYR C 226 17.86 -26.77 48.14
CA TYR C 226 17.65 -25.38 48.48
C TYR C 226 18.91 -24.57 48.21
N PHE C 227 18.73 -23.30 47.89
CA PHE C 227 19.81 -22.39 47.56
C PHE C 227 19.57 -21.07 48.29
N ASP C 228 20.54 -20.16 48.18
CA ASP C 228 20.46 -18.85 48.79
C ASP C 228 20.40 -17.72 47.78
N SER C 229 20.43 -18.02 46.49
CA SER C 229 20.37 -17.00 45.45
C SER C 229 20.08 -17.67 44.12
N LEU C 230 19.34 -16.97 43.27
CA LEU C 230 19.05 -17.49 41.93
C LEU C 230 20.32 -17.77 41.15
N THR C 231 21.40 -17.04 41.46
CA THR C 231 22.64 -17.20 40.72
C THR C 231 23.18 -18.62 40.83
N ASP C 232 23.44 -19.07 42.06
CA ASP C 232 23.97 -20.41 42.27
C ASP C 232 23.02 -21.48 41.76
N ALA C 233 21.73 -21.36 42.09
CA ALA C 233 20.76 -22.33 41.62
C ALA C 233 20.66 -22.34 40.10
N GLY C 234 20.77 -21.16 39.48
CA GLY C 234 20.70 -21.10 38.02
C GLY C 234 21.82 -21.89 37.36
N ARG C 235 23.05 -21.73 37.85
CA ARG C 235 24.17 -22.48 37.29
C ARG C 235 24.05 -23.97 37.59
N ALA C 236 23.41 -24.32 38.71
CA ALA C 236 23.23 -25.74 39.03
C ALA C 236 22.32 -26.41 38.01
N VAL C 237 21.26 -25.72 37.58
CA VAL C 237 20.38 -26.28 36.56
C VAL C 237 21.15 -26.56 35.28
N ALA C 238 22.00 -25.62 34.85
CA ALA C 238 22.81 -25.86 33.66
C ALA C 238 23.81 -26.98 33.87
N ALA C 239 24.24 -27.21 35.11
CA ALA C 239 25.19 -28.28 35.39
C ALA C 239 24.59 -29.64 35.08
N VAL C 240 23.32 -29.86 35.44
CA VAL C 240 22.68 -31.13 35.12
C VAL C 240 22.52 -31.30 33.62
N SER C 241 22.34 -30.18 32.89
CA SER C 241 22.23 -30.26 31.44
C SER C 241 23.56 -30.64 30.80
N ALA C 242 24.66 -30.12 31.34
CA ALA C 242 25.99 -30.44 30.81
C ALA C 242 26.44 -31.85 31.17
N ALA C 243 25.65 -32.57 31.97
CA ALA C 243 25.98 -33.94 32.37
C ALA C 243 25.14 -34.98 31.63
N GLY C 244 24.45 -34.59 30.55
CA GLY C 244 23.63 -35.53 29.81
C GLY C 244 22.52 -36.16 30.64
N ILE C 245 21.93 -35.38 31.54
CA ILE C 245 20.88 -35.89 32.43
C ILE C 245 19.53 -35.44 31.89
N VAL C 246 18.63 -36.40 31.71
CA VAL C 246 17.27 -36.12 31.25
C VAL C 246 16.34 -36.23 32.45
N PRO C 247 16.13 -35.16 33.20
CA PRO C 247 15.29 -35.26 34.40
C PRO C 247 13.81 -35.37 34.07
N SER C 248 13.10 -36.19 34.84
CA SER C 248 11.65 -36.29 34.69
C SER C 248 10.94 -35.00 35.08
N ALA C 249 11.58 -34.17 35.89
CA ALA C 249 11.00 -32.90 36.29
C ALA C 249 12.07 -32.03 36.95
N LEU C 250 12.15 -30.75 36.55
CA LEU C 250 13.13 -29.85 37.16
C LEU C 250 12.52 -28.44 37.13
N GLU C 251 12.01 -28.01 38.28
CA GLU C 251 11.37 -26.71 38.41
C GLU C 251 12.00 -25.95 39.56
N LEU C 252 11.98 -24.63 39.46
CA LEU C 252 12.59 -23.75 40.44
C LEU C 252 11.54 -22.75 40.93
N ILE C 253 11.48 -22.57 42.25
CA ILE C 253 10.57 -21.63 42.89
C ILE C 253 11.37 -20.80 43.87
N ASP C 254 11.09 -19.50 43.93
CA ASP C 254 11.73 -18.62 44.90
C ASP C 254 11.00 -18.67 46.23
N ARG C 255 11.67 -18.21 47.29
CA ARG C 255 11.08 -18.24 48.62
C ARG C 255 9.90 -17.30 48.78
N PHE C 256 9.83 -16.23 47.98
CA PHE C 256 8.71 -15.30 48.09
C PHE C 256 7.38 -16.01 47.83
N CYS C 257 7.27 -16.66 46.67
CA CYS C 257 6.07 -17.44 46.39
C CYS C 257 5.95 -18.64 47.33
N LEU C 258 7.07 -19.32 47.59
CA LEU C 258 7.06 -20.48 48.46
C LEU C 258 6.47 -20.13 49.82
N GLN C 259 6.97 -19.06 50.45
CA GLN C 259 6.42 -18.63 51.73
C GLN C 259 4.96 -18.22 51.63
N ALA C 260 4.48 -17.93 50.42
CA ALA C 260 3.09 -17.52 50.25
C ALA C 260 2.14 -18.70 50.43
N VAL C 261 2.46 -19.84 49.80
CA VAL C 261 1.61 -21.01 49.93
C VAL C 261 1.45 -21.39 51.41
N ASP C 262 2.55 -21.37 52.16
CA ASP C 262 2.47 -21.70 53.58
C ASP C 262 1.60 -20.73 54.36
N GLU C 263 1.42 -19.50 53.84
CA GLU C 263 0.60 -18.51 54.52
C GLU C 263 -0.88 -18.66 54.21
N TRP C 264 -1.24 -19.38 53.15
CA TRP C 264 -2.63 -19.62 52.80
C TRP C 264 -3.08 -21.05 53.03
N LYS C 265 -2.15 -22.00 53.08
CA LYS C 265 -2.46 -23.39 53.42
C LYS C 265 -1.26 -23.91 54.21
N ASN C 266 -1.36 -23.80 55.54
CA ASN C 266 -0.26 -24.17 56.44
C ASN C 266 0.40 -25.48 56.04
N ALA C 271 10.58 -21.41 55.78
CA ALA C 271 11.51 -21.26 54.66
C ALA C 271 12.91 -21.68 55.06
N GLU C 272 13.49 -22.62 54.31
CA GLU C 272 14.84 -23.10 54.60
C GLU C 272 15.75 -22.80 53.41
N GLY C 273 15.68 -21.59 52.90
CA GLY C 273 16.46 -21.19 51.74
C GLY C 273 15.68 -20.21 50.89
N GLU C 274 16.40 -19.57 49.97
CA GLU C 274 15.78 -18.59 49.09
C GLU C 274 15.23 -19.23 47.81
N VAL C 275 16.04 -20.05 47.15
CA VAL C 275 15.65 -20.73 45.92
C VAL C 275 15.46 -22.22 46.23
N LEU C 276 14.49 -22.84 45.57
CA LEU C 276 14.17 -24.25 45.78
C LEU C 276 14.14 -24.96 44.43
N LEU C 277 15.24 -25.65 44.10
CA LEU C 277 15.34 -26.43 42.87
C LEU C 277 14.77 -27.81 43.10
N LEU C 278 13.69 -28.15 42.40
CA LEU C 278 13.02 -29.44 42.55
C LEU C 278 13.36 -30.31 41.35
N ALA C 279 14.21 -31.31 41.56
CA ALA C 279 14.57 -32.26 40.52
C ALA C 279 13.82 -33.58 40.75
N ARG C 280 13.75 -34.38 39.69
CA ARG C 280 13.02 -35.64 39.77
C ARG C 280 13.46 -36.54 38.62
N SER C 281 13.54 -37.84 38.90
CA SER C 281 13.89 -38.86 37.92
C SER C 281 12.79 -39.92 37.89
N ASP C 282 12.66 -40.59 36.74
CA ASP C 282 11.63 -41.61 36.54
C ASP C 282 12.20 -42.86 35.86
N LEU C 283 13.46 -43.19 36.13
CA LEU C 283 14.04 -44.38 35.52
C LEU C 283 13.78 -45.61 36.38
N PRO C 284 13.94 -46.80 35.80
CA PRO C 284 13.58 -48.02 36.52
C PRO C 284 14.66 -48.48 37.50
N GLY C 285 14.22 -48.91 38.68
CA GLY C 285 15.11 -49.51 39.65
C GLY C 285 16.30 -48.63 39.95
N THR C 286 17.46 -49.28 40.11
CA THR C 286 18.68 -48.55 40.41
C THR C 286 19.17 -47.71 39.24
N SER C 287 18.80 -48.07 38.01
CA SER C 287 19.18 -47.25 36.86
C SER C 287 18.71 -45.82 37.03
N GLY C 288 17.58 -45.61 37.70
CA GLY C 288 17.11 -44.27 37.98
C GLY C 288 17.76 -43.68 39.21
N GLN C 289 17.95 -44.51 40.24
CA GLN C 289 18.62 -44.05 41.45
C GLN C 289 20.03 -43.58 41.14
N GLU C 290 20.72 -44.27 40.21
CA GLU C 290 22.05 -43.83 39.82
C GLU C 290 22.01 -42.44 39.20
N GLU C 291 20.95 -42.15 38.44
CA GLU C 291 20.80 -40.80 37.87
C GLU C 291 20.44 -39.80 38.96
N ALA C 292 19.45 -40.16 39.79
CA ALA C 292 19.09 -39.28 40.90
C ALA C 292 20.29 -38.95 41.78
N ASP C 293 21.20 -39.93 41.95
CA ASP C 293 22.41 -39.67 42.72
C ASP C 293 23.32 -38.68 41.98
N ARG C 294 23.45 -38.83 40.67
CA ARG C 294 24.28 -37.90 39.90
C ARG C 294 23.73 -36.48 40.00
N ILE C 295 22.41 -36.32 39.98
CA ILE C 295 21.82 -34.99 40.06
C ILE C 295 22.05 -34.38 41.44
N LEU C 296 21.89 -35.17 42.50
CA LEU C 296 22.13 -34.64 43.84
C LEU C 296 23.56 -34.14 43.97
N GLU C 297 24.53 -34.93 43.49
CA GLU C 297 25.92 -34.48 43.52
C GLU C 297 26.11 -33.23 42.67
N CYS C 298 25.36 -33.12 41.57
CA CYS C 298 25.44 -31.93 40.74
C CYS C 298 25.00 -30.70 41.53
N PHE C 299 23.98 -30.85 42.37
CA PHE C 299 23.54 -29.74 43.22
C PHE C 299 24.61 -29.41 44.25
N GLU C 300 25.16 -30.44 44.91
CA GLU C 300 26.21 -30.22 45.89
C GLU C 300 27.44 -29.57 45.26
N LYS C 301 27.68 -29.81 43.97
CA LYS C 301 28.80 -29.16 43.29
C LYS C 301 28.69 -27.64 43.32
N GLU C 302 27.49 -27.12 43.06
CA GLU C 302 27.23 -25.70 43.21
C GLU C 302 26.85 -25.40 44.66
N LYS C 303 26.55 -24.13 44.95
CA LYS C 303 26.07 -23.77 46.27
C LYS C 303 24.92 -24.67 46.67
N ALA C 304 25.12 -25.45 47.73
CA ALA C 304 24.13 -26.43 48.17
C ALA C 304 23.77 -26.12 49.61
N VAL C 305 22.49 -25.93 49.87
CA VAL C 305 21.98 -25.66 51.21
C VAL C 305 20.78 -26.57 51.43
N TYR C 306 20.87 -27.45 52.42
CA TYR C 306 19.80 -28.38 52.76
C TYR C 306 19.39 -29.22 51.54
N ALA C 307 20.37 -29.56 50.71
CA ALA C 307 20.15 -30.44 49.57
C ALA C 307 20.11 -31.89 50.03
N VAL C 308 18.98 -32.56 49.82
CA VAL C 308 18.77 -33.91 50.32
C VAL C 308 18.01 -34.71 49.26
N ARG C 309 18.55 -35.89 48.91
CA ARG C 309 17.86 -36.81 48.03
C ARG C 309 16.67 -37.40 48.78
N SER C 310 15.46 -36.98 48.44
CA SER C 310 14.29 -37.36 49.21
C SER C 310 13.93 -38.82 48.96
N THR C 311 13.70 -39.55 50.05
CA THR C 311 13.18 -40.91 49.99
C THR C 311 11.73 -40.99 50.44
N ASP C 312 11.20 -39.94 51.07
CA ASP C 312 9.81 -39.89 51.50
C ASP C 312 8.94 -39.52 50.30
N GLU C 313 8.27 -40.51 49.72
CA GLU C 313 7.44 -40.27 48.55
C GLU C 313 6.35 -39.24 48.83
N GLU C 314 5.98 -39.05 50.10
CA GLU C 314 4.92 -38.11 50.42
C GLU C 314 5.45 -36.67 50.51
N GLU C 315 6.58 -36.48 51.18
CA GLU C 315 7.16 -35.14 51.28
C GLU C 315 7.39 -34.55 49.89
N ALA C 316 7.83 -35.37 48.95
CA ALA C 316 7.99 -34.89 47.57
C ALA C 316 6.65 -34.51 46.97
N GLU C 317 5.62 -35.33 47.20
CA GLU C 317 4.29 -35.00 46.69
C GLU C 317 3.81 -33.65 47.22
N ALA C 318 4.15 -33.33 48.47
CA ALA C 318 3.75 -32.04 49.03
C ALA C 318 4.54 -30.88 48.40
N LEU C 319 5.82 -31.11 48.11
CA LEU C 319 6.63 -30.03 47.54
C LEU C 319 6.23 -29.69 46.12
N PHE C 320 5.91 -30.71 45.32
CA PHE C 320 5.56 -30.47 43.92
C PHE C 320 4.15 -29.93 43.75
N GLN C 321 3.32 -29.95 44.80
CA GLN C 321 2.01 -29.32 44.73
C GLN C 321 2.07 -27.82 45.00
N ALA C 322 3.10 -27.35 45.69
CA ALA C 322 3.24 -25.91 45.93
C ALA C 322 3.59 -25.17 44.65
N ARG C 323 4.41 -25.79 43.79
CA ARG C 323 4.70 -25.18 42.50
C ARG C 323 3.43 -25.02 41.68
N ARG C 324 2.48 -25.96 41.81
CA ARG C 324 1.23 -25.86 41.08
C ARG C 324 0.30 -24.82 41.68
N LEU C 325 0.38 -24.61 42.99
CA LEU C 325 -0.46 -23.63 43.68
C LEU C 325 0.24 -22.29 43.88
N ALA C 326 1.22 -21.97 43.03
CA ALA C 326 1.91 -20.70 43.17
C ALA C 326 1.05 -19.54 42.65
N TYR C 327 0.51 -19.69 41.44
CA TYR C 327 -0.34 -18.63 40.88
C TYR C 327 -1.67 -18.53 41.60
N PRO C 328 -2.45 -19.60 41.76
CA PRO C 328 -3.72 -19.47 42.49
C PRO C 328 -3.55 -18.98 43.92
N ALA C 329 -2.41 -19.29 44.55
CA ALA C 329 -2.17 -18.80 45.90
C ALA C 329 -1.70 -17.35 45.93
N LEU C 330 -1.22 -16.83 44.79
CA LEU C 330 -0.81 -15.44 44.71
C LEU C 330 -1.85 -14.53 44.06
N GLU C 331 -2.74 -15.09 43.24
CA GLU C 331 -3.82 -14.28 42.68
C GLU C 331 -4.75 -13.78 43.77
N ARG C 332 -4.86 -14.52 44.88
CA ARG C 332 -5.68 -14.07 46.01
C ARG C 332 -5.11 -12.83 46.69
N LEU C 333 -3.85 -12.50 46.43
CA LEU C 333 -3.18 -11.36 47.06
C LEU C 333 -3.24 -10.10 46.21
N GLY C 334 -4.06 -10.09 45.17
CA GLY C 334 -4.22 -8.93 44.33
C GLY C 334 -3.90 -9.22 42.88
N PRO C 335 -3.91 -8.17 42.04
CA PRO C 335 -3.57 -8.37 40.64
C PRO C 335 -2.17 -8.94 40.48
N LEU C 336 -2.06 -9.98 39.68
CA LEU C 336 -0.80 -10.69 39.46
C LEU C 336 -0.53 -10.70 37.96
N LEU C 337 0.47 -9.93 37.53
CA LEU C 337 0.89 -9.89 36.14
C LEU C 337 2.07 -10.83 35.97
N THR C 338 1.96 -11.72 34.99
CA THR C 338 2.92 -12.81 34.79
C THR C 338 3.67 -12.64 33.48
N GLU C 339 4.93 -13.05 33.49
CA GLU C 339 5.78 -13.04 32.31
C GLU C 339 6.22 -14.47 32.02
N ASP C 340 6.34 -14.81 30.73
CA ASP C 340 6.67 -16.17 30.32
C ASP C 340 7.69 -16.08 29.18
N VAL C 341 8.98 -16.23 29.54
CA VAL C 341 10.05 -16.26 28.55
C VAL C 341 10.71 -17.64 28.58
N CYS C 342 11.35 -17.98 27.47
CA CYS C 342 12.09 -19.23 27.34
C CYS C 342 13.41 -18.93 26.64
N VAL C 343 14.51 -19.29 27.28
CA VAL C 343 15.84 -19.03 26.74
C VAL C 343 16.61 -20.34 26.64
N PRO C 344 17.76 -20.36 25.97
CA PRO C 344 18.57 -21.59 25.95
C PRO C 344 19.01 -21.96 27.35
N LYS C 345 19.15 -23.27 27.59
CA LYS C 345 19.51 -23.75 28.92
C LYS C 345 20.78 -23.07 29.43
N ALA C 346 21.72 -22.76 28.54
CA ALA C 346 22.97 -22.11 28.94
C ALA C 346 22.77 -20.64 29.32
N ARG C 347 21.59 -20.07 29.11
CA ARG C 347 21.30 -18.70 29.44
C ARG C 347 20.44 -18.56 30.70
N VAL C 348 20.03 -19.67 31.30
CA VAL C 348 19.20 -19.60 32.50
C VAL C 348 19.89 -18.83 33.61
N PRO C 349 21.14 -19.11 33.99
CA PRO C 349 21.79 -18.31 35.05
C PRO C 349 21.83 -16.83 34.72
N HIS C 350 22.22 -16.48 33.49
CA HIS C 350 22.24 -15.06 33.12
C HIS C 350 20.83 -14.46 33.14
N MET C 351 19.84 -15.20 32.66
CA MET C 351 18.49 -14.65 32.58
C MET C 351 17.87 -14.47 33.95
N LEU C 352 18.12 -15.39 34.88
CA LEU C 352 17.61 -15.21 36.24
C LEU C 352 18.23 -13.98 36.90
N GLU C 353 19.55 -13.83 36.77
CA GLU C 353 20.19 -12.63 37.31
C GLU C 353 19.67 -11.37 36.61
N ALA C 354 19.30 -11.47 35.34
CA ALA C 354 18.74 -10.32 34.65
C ALA C 354 17.35 -10.01 35.15
N ILE C 355 16.55 -11.03 35.44
CA ILE C 355 15.22 -10.81 36.00
C ILE C 355 15.33 -10.19 37.39
N GLU C 356 16.21 -10.74 38.22
CA GLU C 356 16.43 -10.20 39.56
C GLU C 356 16.84 -8.73 39.49
N ALA C 357 17.80 -8.42 38.61
CA ALA C 357 18.26 -7.04 38.46
C ALA C 357 17.16 -6.13 37.93
N ALA C 358 16.24 -6.67 37.12
CA ALA C 358 15.13 -5.86 36.61
C ALA C 358 14.25 -5.33 37.73
N GLY C 359 14.29 -5.95 38.91
CA GLY C 359 13.47 -5.46 40.01
C GLY C 359 14.03 -4.17 40.59
N GLU C 360 15.33 -4.15 40.89
CA GLU C 360 15.94 -2.94 41.44
C GLU C 360 15.83 -1.79 40.44
N ARG C 361 16.02 -2.08 39.16
CA ARG C 361 15.98 -1.02 38.15
C ARG C 361 14.61 -0.33 38.13
N PHE C 362 13.53 -1.10 38.30
CA PHE C 362 12.19 -0.55 38.21
C PHE C 362 11.41 -0.63 39.52
N ASP C 363 12.09 -0.89 40.64
CA ASP C 363 11.45 -0.92 41.95
C ASP C 363 10.19 -1.77 41.97
N THR C 364 10.36 -3.03 41.55
CA THR C 364 9.25 -3.98 41.47
C THR C 364 9.70 -5.31 42.05
N ARG C 365 8.98 -5.80 43.06
CA ARG C 365 9.27 -7.11 43.64
C ARG C 365 8.79 -8.19 42.68
N ILE C 366 9.72 -9.01 42.19
CA ILE C 366 9.44 -10.01 41.17
C ILE C 366 9.72 -11.39 41.76
N GLY C 367 8.66 -12.20 41.92
CA GLY C 367 8.84 -13.59 42.25
C GLY C 367 9.21 -14.41 41.03
N ASN C 368 9.85 -15.55 41.26
CA ASN C 368 10.38 -16.38 40.17
C ASN C 368 10.00 -17.83 40.39
N ILE C 369 9.27 -18.40 39.43
CA ILE C 369 9.09 -19.84 39.31
C ILE C 369 9.27 -20.20 37.85
N ALA C 370 9.93 -21.33 37.58
CA ALA C 370 10.23 -21.63 36.20
C ALA C 370 10.50 -23.12 36.03
N HIS C 371 10.14 -23.63 34.84
CA HIS C 371 10.52 -24.98 34.45
C HIS C 371 11.98 -24.95 33.98
N ALA C 372 12.87 -24.83 34.97
CA ALA C 372 14.30 -24.66 34.66
C ALA C 372 14.82 -25.75 33.73
N GLY C 373 14.23 -26.94 33.78
CA GLY C 373 14.68 -28.02 32.92
C GLY C 373 14.58 -27.70 31.45
N ASP C 374 13.65 -26.82 31.08
CA ASP C 374 13.44 -26.44 29.69
C ASP C 374 13.82 -25.01 29.40
N GLY C 375 14.37 -24.29 30.37
CA GLY C 375 14.66 -22.89 30.16
C GLY C 375 13.44 -22.02 30.10
N ASN C 376 12.29 -22.54 30.54
CA ASN C 376 11.02 -21.82 30.51
C ASN C 376 10.83 -21.14 31.85
N LEU C 377 11.10 -19.83 31.90
CA LEU C 377 11.03 -19.05 33.13
C LEU C 377 9.68 -18.36 33.23
N HIS C 378 9.18 -18.25 34.47
CA HIS C 378 7.91 -17.59 34.77
C HIS C 378 8.18 -16.52 35.82
N PRO C 379 8.71 -15.36 35.41
CA PRO C 379 8.87 -14.26 36.35
C PRO C 379 7.52 -13.66 36.70
N LEU C 380 7.25 -13.53 37.99
CA LEU C 380 5.97 -13.07 38.49
C LEU C 380 6.13 -11.71 39.16
N PHE C 381 5.28 -10.77 38.79
CA PHE C 381 5.29 -9.41 39.35
C PHE C 381 4.06 -9.22 40.22
N ILE C 382 4.27 -8.73 41.43
CA ILE C 382 3.18 -8.41 42.35
C ILE C 382 2.81 -6.94 42.15
N VAL C 383 1.59 -6.70 41.71
CA VAL C 383 1.11 -5.35 41.42
C VAL C 383 0.32 -4.85 42.63
N PRO C 384 0.76 -3.79 43.29
CA PRO C 384 -0.01 -3.26 44.42
C PRO C 384 -1.28 -2.58 43.93
N ALA C 385 -2.30 -2.58 44.79
CA ALA C 385 -3.57 -1.94 44.47
C ALA C 385 -3.49 -0.45 44.74
N GLY C 386 -3.92 0.35 43.77
CA GLY C 386 -3.98 1.79 43.90
C GLY C 386 -2.73 2.53 43.45
N ASP C 387 -1.59 1.86 43.37
CA ASP C 387 -0.33 2.48 42.96
C ASP C 387 -0.13 2.17 41.48
N GLU C 388 -0.72 2.99 40.62
CA GLU C 388 -0.56 2.79 39.18
C GLU C 388 0.86 3.10 38.73
N GLU C 389 1.56 3.98 39.44
CA GLU C 389 2.96 4.25 39.11
C GLU C 389 3.78 2.97 39.14
N ALA C 390 3.60 2.14 40.18
CA ALA C 390 4.28 0.86 40.22
C ALA C 390 3.87 -0.03 39.05
N LYS C 391 2.64 0.14 38.56
CA LYS C 391 2.19 -0.61 37.39
C LYS C 391 3.05 -0.29 36.18
N ARG C 392 3.30 1.00 35.93
CA ARG C 392 4.15 1.37 34.80
C ARG C 392 5.59 0.94 35.04
N ARG C 393 6.05 0.94 36.30
CA ARG C 393 7.40 0.45 36.56
C ARG C 393 7.51 -1.04 36.30
N ALA C 394 6.50 -1.81 36.73
CA ALA C 394 6.50 -3.24 36.42
C ALA C 394 6.29 -3.49 34.94
N LYS C 395 5.49 -2.65 34.28
CA LYS C 395 5.28 -2.80 32.85
C LYS C 395 6.57 -2.55 32.07
N GLN C 396 7.46 -1.71 32.61
CA GLN C 396 8.74 -1.47 31.97
C GLN C 396 9.72 -2.59 32.25
N ALA C 397 9.74 -3.09 33.49
CA ALA C 397 10.53 -4.30 33.78
C ALA C 397 9.98 -5.50 33.02
N PHE C 398 8.68 -5.49 32.71
CA PHE C 398 8.09 -6.54 31.90
C PHE C 398 8.63 -6.50 30.47
N GLU C 399 8.74 -5.30 29.89
CA GLU C 399 9.32 -5.16 28.56
C GLU C 399 10.83 -5.42 28.57
N VAL C 400 11.48 -5.28 29.72
CA VAL C 400 12.91 -5.50 29.80
C VAL C 400 13.23 -6.99 29.87
N ILE C 401 12.43 -7.74 30.63
CA ILE C 401 12.65 -9.17 30.75
C ILE C 401 12.47 -9.86 29.40
N VAL C 402 11.59 -9.34 28.56
CA VAL C 402 11.39 -9.92 27.24
C VAL C 402 12.60 -9.62 26.36
N ASP C 403 12.93 -8.34 26.20
CA ASP C 403 14.04 -7.96 25.34
C ASP C 403 15.33 -8.67 25.76
N GLU C 404 15.54 -8.83 27.06
CA GLU C 404 16.70 -9.57 27.52
C GLU C 404 16.60 -11.06 27.22
N ALA C 405 15.37 -11.56 27.06
CA ALA C 405 15.20 -12.97 26.67
C ALA C 405 15.44 -13.17 25.18
N LEU C 406 15.04 -12.20 24.36
CA LEU C 406 15.30 -12.29 22.93
C LEU C 406 16.77 -12.05 22.60
N ALA C 407 17.43 -11.17 23.37
CA ALA C 407 18.83 -10.87 23.10
C ALA C 407 19.71 -12.10 23.24
N VAL C 408 19.36 -13.02 24.15
CA VAL C 408 20.16 -14.23 24.36
C VAL C 408 19.72 -15.38 23.46
N GLY C 409 18.76 -15.16 22.58
CA GLY C 409 18.31 -16.18 21.65
C GLY C 409 17.06 -16.94 22.05
N GLY C 410 16.32 -16.48 23.04
CA GLY C 410 15.11 -17.15 23.47
C GLY C 410 13.91 -16.76 22.63
N THR C 411 12.73 -17.03 23.18
CA THR C 411 11.48 -16.72 22.51
C THR C 411 10.56 -16.00 23.50
N VAL C 412 9.60 -15.24 22.97
CA VAL C 412 8.79 -14.38 23.83
C VAL C 412 7.86 -15.20 24.72
N THR C 413 7.42 -16.37 24.26
CA THR C 413 6.47 -17.17 25.01
C THR C 413 6.79 -18.65 24.85
N GLY C 414 6.84 -19.37 25.97
CA GLY C 414 7.14 -20.78 25.96
C GLY C 414 5.92 -21.68 25.94
N GLU C 415 4.95 -21.40 26.81
CA GLU C 415 3.78 -22.26 26.94
C GLU C 415 2.45 -21.53 27.04
N HIS C 416 2.42 -20.24 27.36
CA HIS C 416 1.16 -19.56 27.61
C HIS C 416 0.49 -19.03 26.34
N GLY C 417 1.28 -18.58 25.37
CA GLY C 417 0.74 -18.07 24.13
C GLY C 417 0.83 -16.56 24.04
N VAL C 418 0.85 -16.07 22.80
CA VAL C 418 0.98 -14.64 22.56
C VAL C 418 -0.25 -13.89 23.05
N GLY C 419 -1.43 -14.29 22.58
CA GLY C 419 -2.65 -13.63 23.00
C GLY C 419 -2.61 -12.15 22.68
N LEU C 420 -2.67 -11.32 23.72
CA LEU C 420 -2.67 -9.86 23.58
C LEU C 420 -1.54 -9.18 24.33
N LEU C 421 -1.22 -9.62 25.55
CA LEU C 421 -0.23 -8.96 26.39
C LEU C 421 1.20 -9.28 25.99
N LYS C 422 1.43 -9.93 24.85
CA LYS C 422 2.79 -10.23 24.44
C LYS C 422 3.03 -9.99 22.95
N MET C 423 2.14 -9.26 22.27
CA MET C 423 2.31 -9.08 20.83
C MET C 423 3.55 -8.26 20.49
N ARG C 424 4.00 -7.38 21.39
CA ARG C 424 5.17 -6.56 21.10
C ARG C 424 6.39 -7.43 20.87
N GLY C 425 6.74 -8.28 21.85
CA GLY C 425 7.87 -9.17 21.67
C GLY C 425 7.70 -10.12 20.50
N ALA C 426 6.48 -10.63 20.32
CA ALA C 426 6.23 -11.54 19.20
C ALA C 426 6.62 -10.89 17.88
N ALA C 427 6.27 -9.62 17.69
CA ALA C 427 6.65 -8.92 16.47
C ALA C 427 8.17 -8.76 16.38
N ASP C 428 8.81 -8.38 17.49
CA ASP C 428 10.26 -8.21 17.47
C ASP C 428 10.98 -9.53 17.22
N GLU C 429 10.47 -10.62 17.80
CA GLU C 429 11.11 -11.92 17.59
C GLU C 429 10.85 -12.42 16.17
N LEU C 430 9.58 -12.50 15.77
CA LEU C 430 9.25 -13.07 14.47
C LEU C 430 9.86 -12.24 13.34
N GLY C 431 9.65 -10.93 13.38
CA GLY C 431 10.16 -10.06 12.35
C GLY C 431 9.13 -9.73 11.30
N PRO C 432 9.45 -8.76 10.43
CA PRO C 432 8.47 -8.32 9.42
C PRO C 432 8.17 -9.40 8.39
N HIS C 433 9.20 -10.05 7.88
CA HIS C 433 9.00 -11.10 6.88
C HIS C 433 8.10 -12.20 7.43
N VAL C 434 8.43 -12.73 8.60
CA VAL C 434 7.64 -13.82 9.16
C VAL C 434 6.20 -13.37 9.40
N LEU C 435 6.02 -12.13 9.87
CA LEU C 435 4.67 -11.63 10.06
C LEU C 435 3.87 -11.66 8.77
N ALA C 436 4.48 -11.21 7.67
CA ALA C 436 3.81 -11.23 6.38
C ALA C 436 3.30 -12.63 6.03
N MET C 437 4.02 -13.67 6.46
CA MET C 437 3.53 -15.03 6.22
C MET C 437 2.32 -15.33 7.08
N HIS C 438 2.31 -14.88 8.33
CA HIS C 438 1.14 -15.09 9.19
C HIS C 438 -0.08 -14.43 8.60
N ARG C 439 0.05 -13.19 8.12
CA ARG C 439 -1.08 -12.53 7.48
C ARG C 439 -1.51 -13.25 6.21
N ALA C 440 -0.56 -13.84 5.48
CA ALA C 440 -0.90 -14.61 4.29
C ALA C 440 -1.60 -15.91 4.69
N VAL C 441 -1.03 -16.64 5.65
CA VAL C 441 -1.62 -17.91 6.07
C VAL C 441 -3.02 -17.70 6.62
N LYS C 442 -3.17 -16.79 7.58
CA LYS C 442 -4.49 -16.54 8.13
C LYS C 442 -5.47 -16.11 7.06
N GLY C 443 -4.99 -15.34 6.06
CA GLY C 443 -5.89 -14.90 5.02
C GLY C 443 -6.44 -16.04 4.18
N ALA C 444 -5.61 -17.05 3.93
CA ALA C 444 -6.05 -18.17 3.11
C ALA C 444 -7.02 -19.06 3.87
N LEU C 445 -6.77 -19.28 5.15
CA LEU C 445 -7.59 -20.17 5.97
C LEU C 445 -8.72 -19.43 6.68
N ASP C 446 -8.68 -18.10 6.72
CA ASP C 446 -9.72 -17.30 7.36
C ASP C 446 -10.01 -16.08 6.48
N PRO C 447 -10.55 -16.32 5.28
CA PRO C 447 -10.80 -15.18 4.38
C PRO C 447 -11.71 -14.13 4.96
N ALA C 448 -12.57 -14.48 5.92
CA ALA C 448 -13.45 -13.51 6.56
C ALA C 448 -12.79 -12.81 7.75
N GLY C 449 -11.64 -13.30 8.21
CA GLY C 449 -11.00 -12.69 9.36
C GLY C 449 -11.87 -12.63 10.59
N ILE C 450 -12.56 -13.74 10.89
CA ILE C 450 -13.51 -13.78 12.00
C ILE C 450 -13.00 -14.60 13.17
N PHE C 451 -11.92 -15.34 13.02
CA PHE C 451 -11.40 -16.22 14.09
C PHE C 451 -10.43 -15.41 14.94
N ASN C 452 -10.92 -14.95 16.09
CA ASN C 452 -10.13 -14.19 17.07
C ASN C 452 -9.22 -13.20 16.36
N PRO C 453 -9.76 -12.34 15.49
CA PRO C 453 -8.90 -11.42 14.74
C PRO C 453 -8.33 -10.32 15.62
N GLY C 454 -7.04 -10.04 15.41
CA GLY C 454 -6.35 -8.98 16.12
C GLY C 454 -5.40 -9.46 17.19
N LYS C 455 -5.41 -10.74 17.53
CA LYS C 455 -4.54 -11.26 18.57
C LYS C 455 -3.37 -12.02 17.95
N VAL C 456 -2.29 -12.12 18.73
CA VAL C 456 -1.04 -12.77 18.30
C VAL C 456 -0.29 -11.82 17.37
N PHE C 457 -0.89 -11.51 16.22
CA PHE C 457 -0.32 -10.59 15.26
C PHE C 457 -1.39 -9.62 14.79
N ALA C 458 -0.94 -8.56 14.12
CA ALA C 458 -1.84 -7.51 13.65
C ALA C 458 -2.27 -7.78 12.21
N LEU C 459 -3.55 -7.56 11.94
CA LEU C 459 -4.12 -7.73 10.61
C LEU C 459 -4.12 -6.37 9.92
N GLU C 460 -2.94 -5.97 9.47
CA GLU C 460 -2.75 -4.67 8.85
C GLU C 460 -3.25 -4.66 7.41
N GLY D 3 -72.39 12.65 -33.36
CA GLY D 3 -73.25 11.57 -33.83
C GLY D 3 -72.52 10.25 -33.97
N VAL D 4 -71.35 10.14 -33.33
CA VAL D 4 -70.56 8.92 -33.39
C VAL D 4 -71.08 7.89 -32.40
N VAL D 5 -71.35 8.32 -31.17
CA VAL D 5 -71.80 7.38 -30.13
C VAL D 5 -73.06 6.65 -30.59
N GLU D 6 -73.95 7.34 -31.29
CA GLU D 6 -75.17 6.68 -31.78
C GLU D 6 -74.83 5.57 -32.76
N GLU D 7 -73.92 5.83 -33.70
CA GLU D 7 -73.55 4.79 -34.67
C GLU D 7 -72.94 3.59 -33.96
N LEU D 8 -72.17 3.82 -32.90
CA LEU D 8 -71.59 2.70 -32.15
C LEU D 8 -72.68 1.92 -31.43
N VAL D 9 -73.53 2.63 -30.68
CA VAL D 9 -74.61 1.95 -29.96
C VAL D 9 -75.48 1.15 -30.93
N ALA D 10 -75.72 1.71 -32.12
CA ALA D 10 -76.49 0.99 -33.14
C ALA D 10 -75.72 -0.19 -33.72
N ALA D 11 -74.49 -0.42 -33.29
CA ALA D 11 -73.67 -1.52 -33.80
C ALA D 11 -73.39 -2.60 -32.78
N ILE D 12 -73.06 -2.22 -31.54
CA ILE D 12 -72.70 -3.18 -30.50
C ILE D 12 -73.57 -3.02 -29.25
N GLY D 13 -74.77 -2.47 -29.41
CA GLY D 13 -75.68 -2.33 -28.28
C GLY D 13 -75.25 -1.24 -27.32
N ALA D 14 -76.14 -0.88 -26.39
CA ALA D 14 -75.88 0.21 -25.46
C ALA D 14 -75.14 -0.25 -24.22
N GLU D 15 -75.46 -1.45 -23.70
CA GLU D 15 -74.83 -1.93 -22.47
C GLU D 15 -73.34 -2.21 -22.65
N GLN D 16 -72.82 -2.11 -23.87
CA GLN D 16 -71.41 -2.31 -24.14
C GLN D 16 -70.68 -1.01 -24.44
N VAL D 17 -71.36 0.13 -24.37
CA VAL D 17 -70.78 1.45 -24.61
C VAL D 17 -71.00 2.30 -23.37
N VAL D 18 -69.97 3.05 -22.97
CA VAL D 18 -70.03 3.89 -21.78
C VAL D 18 -69.77 5.34 -22.18
N THR D 19 -70.58 6.25 -21.62
CA THR D 19 -70.43 7.67 -21.87
C THR D 19 -70.45 8.52 -20.62
N ASP D 20 -70.75 7.96 -19.45
CA ASP D 20 -70.77 8.72 -18.21
C ASP D 20 -69.42 9.35 -17.96
N PRO D 21 -69.32 10.68 -17.96
CA PRO D 21 -68.01 11.32 -17.69
C PRO D 21 -67.42 10.92 -16.35
N ALA D 22 -68.24 10.48 -15.39
CA ALA D 22 -67.71 10.04 -14.10
C ALA D 22 -67.05 8.67 -14.19
N VAL D 23 -67.53 7.81 -15.10
CA VAL D 23 -66.99 6.46 -15.23
C VAL D 23 -65.79 6.44 -16.19
N MET D 24 -65.85 7.23 -17.27
CA MET D 24 -64.77 7.22 -18.25
C MET D 24 -63.47 7.77 -17.69
N GLU D 25 -63.51 8.45 -16.55
CA GLU D 25 -62.30 9.02 -15.97
C GLU D 25 -61.26 7.93 -15.70
N GLY D 26 -61.68 6.83 -15.07
CA GLY D 26 -60.78 5.74 -14.74
C GLY D 26 -60.30 4.91 -15.91
N TYR D 27 -60.74 5.21 -17.13
CA TYR D 27 -60.34 4.48 -18.33
C TYR D 27 -59.48 5.29 -19.29
N SER D 28 -59.26 6.57 -19.02
CA SER D 28 -58.59 7.46 -19.97
C SER D 28 -57.15 7.80 -19.57
N HIS D 29 -56.64 7.20 -18.50
CA HIS D 29 -55.27 7.45 -18.09
C HIS D 29 -54.72 6.23 -17.37
N ASP D 30 -53.40 6.09 -17.37
CA ASP D 30 -52.73 4.98 -16.74
C ASP D 30 -52.07 5.46 -15.45
N GLU D 31 -51.30 4.58 -14.80
CA GLU D 31 -50.63 4.92 -13.56
C GLU D 31 -49.44 5.87 -13.76
N ALA D 32 -49.14 6.25 -14.99
CA ALA D 32 -48.07 7.20 -15.25
C ALA D 32 -48.60 8.62 -15.02
N GLU D 33 -48.12 9.27 -13.96
CA GLU D 33 -48.60 10.60 -13.62
C GLU D 33 -47.90 11.64 -14.49
N TRP D 34 -48.53 12.81 -14.58
CA TRP D 34 -48.09 13.94 -15.39
C TRP D 34 -48.22 13.67 -16.88
N ALA D 35 -48.83 12.55 -17.26
CA ALA D 35 -49.07 12.25 -18.67
C ALA D 35 -50.38 12.91 -19.10
N PRO D 36 -50.36 13.76 -20.14
CA PRO D 36 -51.59 14.46 -20.52
C PRO D 36 -52.68 13.49 -20.98
N TYR D 37 -53.91 13.75 -20.54
CA TYR D 37 -55.05 12.94 -20.93
C TYR D 37 -56.30 13.80 -20.88
N ASP D 38 -57.22 13.58 -21.82
CA ASP D 38 -58.45 14.35 -21.90
C ASP D 38 -59.65 13.41 -21.88
N ALA D 39 -60.83 14.00 -21.84
CA ALA D 39 -62.08 13.23 -21.75
C ALA D 39 -62.40 12.60 -23.09
N PRO D 40 -62.42 11.27 -23.21
CA PRO D 40 -62.74 10.64 -24.50
C PRO D 40 -64.21 10.79 -24.84
N ALA D 41 -64.52 10.52 -26.11
CA ALA D 41 -65.90 10.59 -26.57
C ALA D 41 -66.73 9.43 -26.03
N ALA D 42 -66.10 8.29 -25.77
CA ALA D 42 -66.80 7.14 -25.22
C ALA D 42 -65.84 5.99 -24.98
N VAL D 43 -66.16 5.10 -24.04
CA VAL D 43 -65.35 3.93 -23.73
C VAL D 43 -66.16 2.70 -24.10
N VAL D 44 -65.68 1.96 -25.09
CA VAL D 44 -66.35 0.76 -25.59
C VAL D 44 -65.71 -0.46 -24.94
N ARG D 45 -66.54 -1.38 -24.43
CA ARG D 45 -66.06 -2.62 -23.83
C ARG D 45 -66.53 -3.79 -24.69
N PRO D 46 -65.79 -4.15 -25.74
CA PRO D 46 -66.26 -5.21 -26.63
C PRO D 46 -66.27 -6.57 -25.95
N ARG D 47 -67.02 -7.49 -26.54
CA ARG D 47 -67.11 -8.86 -26.06
C ARG D 47 -66.30 -9.83 -26.92
N ASP D 48 -66.25 -9.62 -28.23
CA ASP D 48 -65.48 -10.47 -29.13
C ASP D 48 -64.86 -9.61 -30.21
N THR D 49 -64.06 -10.24 -31.08
CA THR D 49 -63.40 -9.52 -32.15
C THR D 49 -64.40 -8.82 -33.08
N ALA D 50 -65.62 -9.37 -33.18
CA ALA D 50 -66.64 -8.74 -34.02
C ALA D 50 -66.93 -7.32 -33.56
N ASP D 51 -67.14 -7.13 -32.25
CA ASP D 51 -67.40 -5.79 -31.73
C ASP D 51 -66.25 -4.85 -32.03
N VAL D 52 -65.02 -5.32 -31.86
CA VAL D 52 -63.85 -4.48 -32.13
C VAL D 52 -63.78 -4.14 -33.61
N ALA D 53 -64.16 -5.07 -34.48
CA ALA D 53 -64.14 -4.79 -35.91
C ALA D 53 -65.10 -3.66 -36.26
N GLU D 54 -66.29 -3.65 -35.67
CA GLU D 54 -67.24 -2.57 -35.94
C GLU D 54 -66.73 -1.24 -35.40
N VAL D 55 -66.22 -1.24 -34.17
CA VAL D 55 -65.68 -0.01 -33.59
C VAL D 55 -64.57 0.55 -34.48
N VAL D 56 -63.74 -0.34 -35.03
CA VAL D 56 -62.65 0.11 -35.89
C VAL D 56 -63.19 0.65 -37.21
N ARG D 57 -64.16 -0.04 -37.80
CA ARG D 57 -64.76 0.44 -39.05
C ARG D 57 -65.38 1.82 -38.84
N ILE D 58 -66.16 1.98 -37.77
CA ILE D 58 -66.81 3.26 -37.51
C ILE D 58 -65.78 4.37 -37.38
N CYS D 59 -64.81 4.18 -36.47
CA CYS D 59 -63.79 5.21 -36.26
C CYS D 59 -62.94 5.44 -37.50
N ALA D 60 -62.75 4.40 -38.32
CA ALA D 60 -61.97 4.57 -39.54
C ALA D 60 -62.64 5.56 -40.48
N GLY D 61 -63.95 5.38 -40.71
CA GLY D 61 -64.65 6.28 -41.62
C GLY D 61 -64.82 7.67 -41.06
N ARG D 62 -65.04 7.78 -39.75
CA ARG D 62 -65.21 9.08 -39.11
C ARG D 62 -63.90 9.73 -38.69
N GLY D 63 -62.77 9.03 -38.83
CA GLY D 63 -61.49 9.59 -38.44
C GLY D 63 -61.36 9.92 -36.98
N VAL D 64 -62.06 9.20 -36.12
CA VAL D 64 -61.96 9.39 -34.68
C VAL D 64 -60.84 8.48 -34.16
N ALA D 65 -60.02 9.02 -33.27
CA ALA D 65 -58.88 8.26 -32.76
C ALA D 65 -59.35 7.16 -31.81
N VAL D 66 -58.72 5.99 -31.93
CA VAL D 66 -59.03 4.84 -31.11
C VAL D 66 -57.79 4.43 -30.35
N VAL D 67 -57.90 4.26 -29.05
CA VAL D 67 -56.79 3.89 -28.19
C VAL D 67 -57.18 2.64 -27.42
N GLY D 68 -56.53 1.52 -27.72
CA GLY D 68 -56.80 0.30 -26.98
C GLY D 68 -56.26 0.37 -25.58
N ARG D 69 -56.97 -0.29 -24.66
CA ARG D 69 -56.62 -0.27 -23.25
C ARG D 69 -56.70 -1.68 -22.68
N GLY D 70 -55.70 -2.03 -21.87
CA GLY D 70 -55.76 -3.28 -21.14
C GLY D 70 -56.23 -3.02 -19.73
N ALA D 71 -55.32 -3.14 -18.77
CA ALA D 71 -55.62 -2.87 -17.37
C ALA D 71 -55.22 -1.46 -16.95
N GLY D 72 -54.68 -0.66 -17.85
CA GLY D 72 -54.29 0.70 -17.50
C GLY D 72 -53.16 0.77 -16.49
N THR D 73 -52.17 -0.11 -16.59
CA THR D 73 -51.02 -0.11 -15.71
C THR D 73 -49.75 0.36 -16.40
N GLY D 74 -49.86 0.87 -17.62
CA GLY D 74 -48.70 1.43 -18.28
C GLY D 74 -48.08 2.57 -17.47
N LEU D 75 -46.80 2.82 -17.74
CA LEU D 75 -46.05 3.83 -16.99
C LEU D 75 -45.57 4.97 -17.88
N SER D 76 -45.97 4.99 -19.17
CA SER D 76 -45.54 6.05 -20.07
C SER D 76 -46.72 6.74 -20.75
N GLY D 77 -47.95 6.49 -20.30
CA GLY D 77 -49.10 7.14 -20.90
C GLY D 77 -49.46 6.65 -22.28
N ALA D 78 -49.09 5.41 -22.61
CA ALA D 78 -49.42 4.90 -23.93
C ALA D 78 -50.93 4.75 -24.12
N ALA D 79 -51.65 4.41 -23.04
CA ALA D 79 -53.09 4.20 -23.14
C ALA D 79 -53.90 5.47 -22.90
N ASN D 80 -53.26 6.58 -22.52
CA ASN D 80 -53.98 7.82 -22.26
C ASN D 80 -54.76 8.24 -23.50
N ALA D 81 -56.01 8.63 -23.30
CA ALA D 81 -56.90 8.98 -24.39
C ALA D 81 -56.88 10.49 -24.64
N GLY D 82 -57.00 10.87 -25.91
CA GLY D 82 -57.12 12.26 -26.27
C GLY D 82 -58.57 12.71 -26.31
N ARG D 83 -58.78 14.03 -26.26
CA ARG D 83 -60.13 14.57 -26.26
C ARG D 83 -60.89 14.11 -27.49
N GLY D 84 -62.03 13.46 -27.28
CA GLY D 84 -62.85 12.97 -28.36
C GLY D 84 -62.49 11.58 -28.86
N TRP D 85 -61.53 10.90 -28.24
CA TRP D 85 -61.13 9.57 -28.66
C TRP D 85 -62.12 8.53 -28.16
N VAL D 86 -61.90 7.29 -28.55
CA VAL D 86 -62.72 6.15 -28.13
C VAL D 86 -61.80 5.16 -27.44
N VAL D 87 -61.97 4.99 -26.14
CA VAL D 87 -61.16 4.06 -25.38
C VAL D 87 -61.79 2.67 -25.49
N VAL D 88 -61.06 1.73 -26.08
CA VAL D 88 -61.50 0.36 -26.23
C VAL D 88 -60.89 -0.46 -25.11
N SER D 89 -61.71 -0.84 -24.14
CA SER D 89 -61.26 -1.60 -22.97
C SER D 89 -61.54 -3.08 -23.20
N PHE D 90 -60.49 -3.88 -23.20
CA PHE D 90 -60.61 -5.32 -23.41
C PHE D 90 -60.86 -6.09 -22.12
N GLU D 91 -61.41 -5.43 -21.10
CA GLU D 91 -61.67 -6.11 -19.83
C GLU D 91 -62.59 -7.30 -20.04
N ARG D 92 -63.56 -7.18 -20.95
CA ARG D 92 -64.54 -8.25 -21.16
C ARG D 92 -63.94 -9.44 -21.89
N MET D 93 -62.91 -9.24 -22.70
CA MET D 93 -62.28 -10.32 -23.44
C MET D 93 -61.06 -10.83 -22.67
N ASN D 94 -61.33 -11.68 -21.69
CA ASN D 94 -60.29 -12.16 -20.77
C ASN D 94 -60.45 -13.67 -20.55
N ARG D 95 -60.54 -14.43 -21.64
CA ARG D 95 -60.71 -15.88 -21.58
C ARG D 95 -59.52 -16.59 -22.20
N VAL D 96 -59.10 -17.67 -21.56
CA VAL D 96 -58.07 -18.56 -22.10
C VAL D 96 -58.77 -19.57 -23.00
N LEU D 97 -58.49 -19.50 -24.30
CA LEU D 97 -59.26 -20.27 -25.27
C LEU D 97 -58.76 -21.70 -25.45
N GLU D 98 -57.46 -21.94 -25.33
CA GLU D 98 -56.94 -23.29 -25.55
C GLU D 98 -55.55 -23.40 -24.94
N VAL D 99 -55.23 -24.59 -24.45
CA VAL D 99 -53.91 -24.91 -23.89
C VAL D 99 -53.47 -26.21 -24.52
N ASP D 100 -52.73 -26.12 -25.63
CA ASP D 100 -52.24 -27.30 -26.35
C ASP D 100 -51.00 -27.82 -25.64
N THR D 101 -51.17 -28.92 -24.89
CA THR D 101 -50.07 -29.48 -24.11
C THR D 101 -49.04 -30.23 -24.96
N VAL D 102 -49.45 -30.81 -26.08
CA VAL D 102 -48.50 -31.50 -26.95
C VAL D 102 -47.66 -30.49 -27.73
N GLN D 103 -48.31 -29.48 -28.29
CA GLN D 103 -47.59 -28.42 -28.99
C GLN D 103 -46.97 -27.40 -28.04
N GLN D 104 -47.45 -27.35 -26.79
CA GLN D 104 -46.92 -26.42 -25.78
C GLN D 104 -47.16 -24.97 -26.18
N THR D 105 -48.42 -24.66 -26.44
CA THR D 105 -48.84 -23.30 -26.74
C THR D 105 -50.20 -23.04 -26.11
N VAL D 106 -50.53 -21.76 -25.96
CA VAL D 106 -51.79 -21.34 -25.39
C VAL D 106 -52.38 -20.22 -26.26
N THR D 107 -53.70 -20.16 -26.31
CA THR D 107 -54.40 -19.11 -27.05
C THR D 107 -55.26 -18.33 -26.07
N VAL D 108 -54.95 -17.05 -25.91
CA VAL D 108 -55.61 -16.20 -24.93
C VAL D 108 -56.08 -14.91 -25.60
N GLN D 109 -57.06 -14.26 -24.97
CA GLN D 109 -57.57 -12.96 -25.40
C GLN D 109 -56.80 -11.84 -24.71
N PRO D 110 -56.80 -10.64 -25.30
CA PRO D 110 -55.97 -9.56 -24.74
C PRO D 110 -56.33 -9.18 -23.32
N GLY D 111 -57.59 -9.33 -22.93
CA GLY D 111 -57.99 -8.89 -21.60
C GLY D 111 -57.52 -9.77 -20.48
N VAL D 112 -56.97 -10.95 -20.79
CA VAL D 112 -56.54 -11.87 -19.74
C VAL D 112 -55.38 -11.24 -18.97
N VAL D 113 -55.33 -11.52 -17.68
CA VAL D 113 -54.27 -11.01 -16.82
C VAL D 113 -53.08 -11.95 -16.89
N ASN D 114 -51.88 -11.40 -16.74
CA ASN D 114 -50.67 -12.21 -16.82
C ASN D 114 -50.67 -13.32 -15.77
N ASP D 115 -50.80 -12.94 -14.49
CA ASP D 115 -50.76 -13.95 -13.43
C ASP D 115 -51.82 -15.02 -13.64
N ASP D 116 -53.03 -14.61 -14.04
CA ASP D 116 -54.07 -15.60 -14.32
C ASP D 116 -53.63 -16.58 -15.40
N LEU D 117 -53.03 -16.07 -16.47
CA LEU D 117 -52.55 -16.95 -17.54
C LEU D 117 -51.47 -17.90 -17.04
N ARG D 118 -50.60 -17.42 -16.14
CA ARG D 118 -49.52 -18.27 -15.65
C ARG D 118 -50.06 -19.43 -14.83
N ALA D 119 -50.96 -19.16 -13.90
CA ALA D 119 -51.53 -20.24 -13.10
C ALA D 119 -52.32 -21.23 -13.96
N ARG D 120 -52.95 -20.75 -15.03
CA ARG D 120 -53.72 -21.64 -15.89
C ARG D 120 -52.83 -22.69 -16.55
N VAL D 121 -51.76 -22.24 -17.22
CA VAL D 121 -50.83 -23.18 -17.83
C VAL D 121 -50.11 -24.01 -16.77
N ALA D 122 -50.01 -23.50 -15.54
CA ALA D 122 -49.35 -24.27 -14.49
C ALA D 122 -50.10 -25.56 -14.20
N GLN D 123 -51.43 -25.57 -14.38
CA GLN D 123 -52.19 -26.78 -14.13
C GLN D 123 -51.74 -27.92 -15.04
N ASP D 124 -51.40 -27.59 -16.30
CA ASP D 124 -50.96 -28.57 -17.27
C ASP D 124 -49.45 -28.74 -17.27
N GLY D 125 -48.77 -28.38 -16.17
CA GLY D 125 -47.34 -28.54 -16.10
C GLY D 125 -46.54 -27.63 -17.01
N LEU D 126 -47.13 -26.54 -17.49
CA LEU D 126 -46.46 -25.60 -18.37
C LEU D 126 -46.15 -24.31 -17.61
N TRP D 127 -45.48 -23.40 -18.29
CA TRP D 127 -44.98 -22.18 -17.66
C TRP D 127 -44.87 -21.08 -18.70
N TYR D 128 -45.33 -19.88 -18.32
CA TYR D 128 -45.13 -18.68 -19.14
C TYR D 128 -44.11 -17.79 -18.45
N PRO D 129 -42.88 -17.71 -18.96
CA PRO D 129 -41.79 -17.07 -18.21
C PRO D 129 -42.06 -15.61 -17.93
N PRO D 130 -42.38 -14.79 -18.96
CA PRO D 130 -42.50 -13.34 -18.74
C PRO D 130 -43.34 -12.98 -17.53
N ASP D 131 -42.72 -12.32 -16.56
CA ASP D 131 -43.35 -12.00 -15.28
C ASP D 131 -43.12 -10.54 -14.95
N PRO D 132 -43.90 -9.64 -15.55
CA PRO D 132 -43.76 -8.22 -15.23
C PRO D 132 -44.16 -7.92 -13.80
N ALA D 133 -43.57 -6.86 -13.24
CA ALA D 133 -43.91 -6.45 -11.89
C ALA D 133 -45.41 -6.23 -11.73
N SER D 134 -46.08 -5.76 -12.78
CA SER D 134 -47.52 -5.55 -12.79
C SER D 134 -48.28 -6.81 -13.19
N SER D 135 -47.64 -7.98 -13.11
CA SER D 135 -48.29 -9.22 -13.51
C SER D 135 -49.64 -9.45 -12.82
N PRO D 136 -49.82 -9.16 -11.54
CA PRO D 136 -51.10 -9.48 -10.90
C PRO D 136 -52.28 -8.74 -11.48
N TRP D 137 -52.06 -7.65 -12.23
CA TRP D 137 -53.17 -6.88 -12.75
C TRP D 137 -52.94 -6.29 -14.14
N SER D 138 -51.89 -6.70 -14.85
CA SER D 138 -51.67 -6.25 -16.21
C SER D 138 -52.14 -7.31 -17.20
N THR D 139 -52.60 -6.86 -18.36
CA THR D 139 -53.18 -7.75 -19.35
C THR D 139 -52.11 -8.26 -20.31
N ILE D 140 -52.39 -9.43 -20.91
CA ILE D 140 -51.49 -9.95 -21.93
C ILE D 140 -51.49 -9.03 -23.15
N GLY D 141 -52.63 -8.41 -23.46
CA GLY D 141 -52.65 -7.43 -24.53
C GLY D 141 -51.67 -6.29 -24.29
N GLY D 142 -51.58 -5.84 -23.04
CA GLY D 142 -50.60 -4.81 -22.72
C GLY D 142 -49.18 -5.32 -22.81
N ASN D 143 -48.96 -6.56 -22.38
CA ASN D 143 -47.62 -7.14 -22.49
C ASN D 143 -47.20 -7.29 -23.95
N VAL D 144 -48.15 -7.49 -24.86
CA VAL D 144 -47.82 -7.61 -26.27
C VAL D 144 -47.67 -6.23 -26.90
N ALA D 145 -48.46 -5.26 -26.47
CA ALA D 145 -48.37 -3.93 -27.05
C ALA D 145 -47.11 -3.20 -26.58
N THR D 146 -46.67 -3.47 -25.35
CA THR D 146 -45.48 -2.84 -24.80
C THR D 146 -44.29 -3.79 -24.75
N ASN D 147 -44.47 -5.06 -25.11
CA ASN D 147 -43.42 -6.06 -25.04
C ASN D 147 -42.79 -6.08 -23.65
N ALA D 148 -43.65 -6.22 -22.64
CA ALA D 148 -43.22 -6.09 -21.25
C ALA D 148 -42.14 -7.11 -20.91
N GLY D 149 -41.34 -6.76 -19.90
CA GLY D 149 -40.32 -7.63 -19.37
C GLY D 149 -40.61 -8.02 -17.93
N GLY D 150 -39.68 -8.81 -17.37
CA GLY D 150 -39.87 -9.31 -16.03
C GLY D 150 -38.58 -9.45 -15.26
N LEU D 151 -38.61 -10.24 -14.18
CA LEU D 151 -37.43 -10.46 -13.35
C LEU D 151 -36.54 -11.57 -13.87
N CYS D 152 -37.12 -12.64 -14.41
CA CYS D 152 -36.36 -13.74 -14.96
C CYS D 152 -36.05 -13.58 -16.44
N CYS D 153 -36.50 -12.49 -17.05
CA CYS D 153 -36.27 -12.27 -18.48
C CYS D 153 -34.79 -12.15 -18.82
N VAL D 154 -33.92 -12.00 -17.82
CA VAL D 154 -32.49 -11.97 -18.05
C VAL D 154 -31.99 -13.31 -18.59
N LYS D 155 -32.73 -14.39 -18.35
CA LYS D 155 -32.34 -15.71 -18.83
C LYS D 155 -33.37 -16.34 -19.75
N TYR D 156 -34.62 -15.90 -19.73
CA TYR D 156 -35.68 -16.50 -20.53
C TYR D 156 -36.34 -15.52 -21.48
N GLY D 157 -35.74 -14.35 -21.68
CA GLY D 157 -36.25 -13.40 -22.64
C GLY D 157 -37.51 -12.68 -22.18
N VAL D 158 -38.09 -11.92 -23.10
CA VAL D 158 -39.26 -11.11 -22.84
C VAL D 158 -40.45 -11.64 -23.62
N THR D 159 -41.53 -10.86 -23.68
CA THR D 159 -42.75 -11.32 -24.33
C THR D 159 -42.51 -11.70 -25.78
N ARG D 160 -41.86 -10.82 -26.55
CA ARG D 160 -41.68 -11.10 -27.97
C ARG D 160 -41.11 -12.49 -28.23
N ASP D 161 -40.33 -13.02 -27.29
CA ASP D 161 -39.75 -14.33 -27.49
C ASP D 161 -40.77 -15.46 -27.34
N TYR D 162 -41.99 -15.15 -26.92
CA TYR D 162 -43.02 -16.17 -26.73
C TYR D 162 -44.29 -15.91 -27.51
N VAL D 163 -44.35 -14.87 -28.34
CA VAL D 163 -45.51 -14.59 -29.17
C VAL D 163 -45.36 -15.39 -30.46
N LEU D 164 -46.20 -16.41 -30.63
CA LEU D 164 -46.14 -17.24 -31.82
C LEU D 164 -47.09 -16.76 -32.92
N GLY D 165 -48.13 -16.01 -32.56
CA GLY D 165 -49.10 -15.56 -33.53
C GLY D 165 -50.21 -14.83 -32.80
N MET D 166 -51.05 -14.15 -33.58
CA MET D 166 -52.09 -13.32 -33.00
C MET D 166 -53.15 -13.03 -34.06
N GLU D 167 -54.29 -12.53 -33.58
CA GLU D 167 -55.34 -12.01 -34.43
C GLU D 167 -55.62 -10.57 -34.02
N ALA D 168 -55.58 -9.66 -34.98
CA ALA D 168 -55.73 -8.25 -34.70
C ALA D 168 -56.63 -7.62 -35.75
N VAL D 169 -57.24 -6.50 -35.37
CA VAL D 169 -58.05 -5.71 -36.28
C VAL D 169 -57.23 -4.49 -36.70
N VAL D 170 -56.90 -4.40 -37.98
CA VAL D 170 -56.03 -3.37 -38.50
C VAL D 170 -56.76 -2.63 -39.62
N GLY D 171 -56.21 -1.46 -39.98
CA GLY D 171 -56.78 -0.71 -41.07
C GLY D 171 -58.20 -0.26 -40.78
N SER D 172 -59.07 -0.38 -41.78
CA SER D 172 -60.45 0.05 -41.67
C SER D 172 -61.33 -0.95 -40.90
N GLY D 173 -60.75 -2.00 -40.34
CA GLY D 173 -61.53 -2.93 -39.53
C GLY D 173 -61.49 -4.37 -39.99
N GLU D 174 -60.48 -4.75 -40.76
CA GLU D 174 -60.33 -6.12 -41.21
C GLU D 174 -59.69 -6.96 -40.11
N VAL D 175 -60.31 -8.09 -39.78
CA VAL D 175 -59.77 -9.01 -38.79
C VAL D 175 -58.86 -10.00 -39.52
N VAL D 176 -57.56 -9.88 -39.29
CA VAL D 176 -56.57 -10.76 -39.91
C VAL D 176 -55.85 -11.52 -38.81
N ARG D 177 -55.31 -12.68 -39.18
CA ARG D 177 -54.54 -13.51 -38.25
C ARG D 177 -53.09 -13.53 -38.70
N LEU D 178 -52.24 -12.86 -37.94
CA LEU D 178 -50.82 -12.72 -38.25
C LEU D 178 -49.99 -13.77 -37.53
N GLY D 179 -48.83 -14.06 -38.09
CA GLY D 179 -47.92 -15.01 -37.48
C GLY D 179 -48.26 -16.46 -37.83
N ARG D 180 -47.86 -17.36 -36.95
CA ARG D 180 -48.06 -18.78 -37.13
C ARG D 180 -48.55 -19.39 -35.82
N THR D 181 -48.68 -20.71 -35.81
CA THR D 181 -48.96 -21.43 -34.58
C THR D 181 -48.00 -22.59 -34.33
N THR D 182 -47.13 -22.91 -35.28
CA THR D 182 -46.17 -23.99 -35.11
C THR D 182 -44.93 -23.49 -34.37
N ALA D 183 -43.83 -24.18 -34.51
CA ALA D 183 -42.64 -23.76 -33.82
C ALA D 183 -41.70 -23.06 -34.71
N LYS D 184 -41.81 -23.27 -36.00
CA LYS D 184 -40.96 -22.58 -36.93
C LYS D 184 -41.83 -22.07 -38.03
N GLY D 185 -41.67 -20.84 -38.38
CA GLY D 185 -42.41 -20.25 -39.49
C GLY D 185 -41.73 -19.01 -40.03
N VAL D 186 -41.58 -18.92 -41.35
CA VAL D 186 -40.88 -17.80 -41.95
C VAL D 186 -41.65 -17.31 -43.18
N THR D 187 -42.89 -17.76 -43.33
CA THR D 187 -43.69 -17.43 -44.51
C THR D 187 -43.99 -15.95 -44.54
N GLY D 188 -43.45 -15.24 -45.54
CA GLY D 188 -43.70 -13.82 -45.69
C GLY D 188 -42.93 -12.99 -44.68
N TYR D 189 -43.51 -11.84 -44.34
CA TYR D 189 -42.92 -10.96 -43.34
C TYR D 189 -43.34 -11.38 -41.94
N ASP D 190 -42.67 -10.81 -40.95
CA ASP D 190 -43.00 -11.06 -39.54
C ASP D 190 -43.92 -9.95 -39.02
N LEU D 191 -45.04 -9.77 -39.70
CA LEU D 191 -45.98 -8.73 -39.31
C LEU D 191 -46.48 -8.95 -37.88
N ALA D 192 -46.50 -10.20 -37.41
CA ALA D 192 -46.89 -10.47 -36.03
C ALA D 192 -45.89 -9.85 -35.07
N GLY D 193 -44.60 -10.13 -35.28
CA GLY D 193 -43.55 -9.52 -34.48
C GLY D 193 -43.52 -8.01 -34.55
N LEU D 194 -44.05 -7.44 -35.63
CA LEU D 194 -44.14 -5.98 -35.73
C LEU D 194 -45.20 -5.41 -34.80
N MET D 195 -46.25 -6.19 -34.52
CA MET D 195 -47.28 -5.73 -33.59
C MET D 195 -46.70 -5.57 -32.19
N VAL D 196 -45.87 -6.51 -31.76
CA VAL D 196 -45.25 -6.42 -30.45
C VAL D 196 -44.41 -5.16 -30.37
N GLY D 197 -44.55 -4.43 -29.25
CA GLY D 197 -43.84 -3.17 -29.09
C GLY D 197 -44.41 -2.01 -29.86
N SER D 198 -45.54 -2.19 -30.56
CA SER D 198 -46.18 -1.11 -31.29
C SER D 198 -47.03 -0.20 -30.42
N GLU D 199 -47.24 -0.58 -29.15
CA GLU D 199 -48.01 0.24 -28.21
C GLU D 199 -49.34 0.65 -28.82
N GLY D 200 -49.96 -0.26 -29.57
CA GLY D 200 -51.28 -0.04 -30.11
C GLY D 200 -51.36 1.01 -31.19
N THR D 201 -50.26 1.30 -31.88
CA THR D 201 -50.25 2.31 -32.94
C THR D 201 -50.40 1.72 -34.33
N LEU D 202 -50.50 0.39 -34.45
CA LEU D 202 -50.69 -0.25 -35.74
C LEU D 202 -51.95 -1.11 -35.79
N GLY D 203 -52.57 -1.41 -34.66
CA GLY D 203 -53.76 -2.23 -34.66
C GLY D 203 -54.15 -2.60 -33.25
N LEU D 204 -55.11 -3.52 -33.15
CA LEU D 204 -55.62 -3.99 -31.87
C LEU D 204 -55.57 -5.51 -31.86
N VAL D 205 -54.91 -6.07 -30.85
CA VAL D 205 -54.78 -7.52 -30.70
C VAL D 205 -56.02 -8.04 -29.98
N THR D 206 -56.74 -8.95 -30.63
CA THR D 206 -57.90 -9.58 -30.06
C THR D 206 -57.66 -11.03 -29.67
N GLU D 207 -56.54 -11.61 -30.09
CA GLU D 207 -56.21 -12.98 -29.75
C GLU D 207 -54.72 -13.19 -30.01
N VAL D 208 -54.05 -13.86 -29.09
CA VAL D 208 -52.61 -14.11 -29.18
C VAL D 208 -52.34 -15.58 -28.87
N THR D 209 -51.39 -16.16 -29.60
CA THR D 209 -50.92 -17.52 -29.38
C THR D 209 -49.51 -17.44 -28.81
N LEU D 210 -49.36 -17.86 -27.55
CA LEU D 210 -48.09 -17.75 -26.85
C LEU D 210 -47.41 -19.11 -26.76
N ARG D 211 -46.08 -19.10 -26.86
CA ARG D 211 -45.30 -20.31 -26.66
C ARG D 211 -45.07 -20.55 -25.18
N LEU D 212 -45.02 -21.82 -24.80
CA LEU D 212 -44.89 -22.20 -23.41
C LEU D 212 -43.62 -23.01 -23.19
N VAL D 213 -43.34 -23.32 -21.93
CA VAL D 213 -42.16 -24.09 -21.55
C VAL D 213 -42.51 -24.98 -20.37
N PRO D 214 -41.77 -26.07 -20.19
CA PRO D 214 -42.06 -26.97 -19.06
C PRO D 214 -41.83 -26.26 -17.74
N LEU D 215 -42.63 -26.65 -16.74
CA LEU D 215 -42.51 -26.05 -15.41
C LEU D 215 -41.15 -26.33 -14.81
N ARG D 216 -40.67 -25.40 -13.98
CA ARG D 216 -39.38 -25.54 -13.33
C ARG D 216 -39.41 -26.68 -12.33
N ARG D 217 -38.56 -27.68 -12.54
CA ARG D 217 -38.45 -28.80 -11.62
C ARG D 217 -37.15 -28.73 -10.83
N GLY D 218 -36.97 -27.66 -10.06
CA GLY D 218 -35.76 -27.52 -9.26
C GLY D 218 -35.93 -26.48 -8.17
N VAL D 219 -34.87 -26.31 -7.41
CA VAL D 219 -34.83 -25.37 -6.28
C VAL D 219 -33.91 -24.22 -6.65
N GLU D 220 -34.45 -23.00 -6.64
CA GLU D 220 -33.65 -21.83 -6.97
C GLU D 220 -32.68 -21.50 -5.83
N HIS D 221 -31.46 -21.14 -6.20
CA HIS D 221 -30.41 -20.79 -5.23
C HIS D 221 -30.30 -19.27 -5.18
N THR D 222 -31.00 -18.66 -4.23
CA THR D 222 -30.96 -17.22 -4.08
C THR D 222 -29.67 -16.80 -3.37
N VAL D 223 -29.04 -15.74 -3.86
CA VAL D 223 -27.80 -15.22 -3.31
C VAL D 223 -28.04 -13.74 -3.01
N VAL D 224 -28.35 -13.42 -1.77
CA VAL D 224 -28.61 -12.04 -1.36
C VAL D 224 -27.30 -11.36 -0.98
N GLY D 225 -27.22 -10.06 -1.25
CA GLY D 225 -26.03 -9.29 -0.94
C GLY D 225 -26.33 -7.84 -0.69
N TYR D 226 -25.62 -7.22 0.27
CA TYR D 226 -25.83 -5.82 0.61
C TYR D 226 -24.55 -5.02 0.34
N PHE D 227 -24.74 -3.74 0.00
CA PHE D 227 -23.65 -2.85 -0.32
C PHE D 227 -23.90 -1.50 0.38
N ASP D 228 -22.94 -0.60 0.25
CA ASP D 228 -23.04 0.73 0.84
C ASP D 228 -23.13 1.84 -0.20
N SER D 229 -23.16 1.49 -1.49
CA SER D 229 -23.29 2.49 -2.54
C SER D 229 -23.61 1.78 -3.85
N LEU D 230 -24.44 2.43 -4.68
CA LEU D 230 -24.74 1.87 -5.99
C LEU D 230 -23.47 1.56 -6.77
N THR D 231 -22.39 2.32 -6.53
CA THR D 231 -21.14 2.07 -7.21
C THR D 231 -20.55 0.72 -6.84
N ASP D 232 -20.63 0.35 -5.55
CA ASP D 232 -20.11 -0.95 -5.13
C ASP D 232 -20.97 -2.08 -5.67
N ALA D 233 -22.28 -1.98 -5.47
CA ALA D 233 -23.18 -3.01 -5.99
C ALA D 233 -23.15 -3.05 -7.50
N GLY D 234 -23.02 -1.88 -8.15
CA GLY D 234 -22.93 -1.85 -9.60
C GLY D 234 -21.74 -2.62 -10.13
N ARG D 235 -20.58 -2.45 -9.49
CA ARG D 235 -19.40 -3.19 -9.90
C ARG D 235 -19.55 -4.67 -9.64
N ALA D 236 -20.31 -5.04 -8.60
CA ALA D 236 -20.58 -6.46 -8.35
C ALA D 236 -21.45 -7.06 -9.44
N VAL D 237 -22.45 -6.30 -9.91
CA VAL D 237 -23.30 -6.78 -11.00
C VAL D 237 -22.46 -7.05 -12.24
N ALA D 238 -21.53 -6.15 -12.56
CA ALA D 238 -20.65 -6.36 -13.70
C ALA D 238 -19.76 -7.58 -13.51
N ALA D 239 -19.45 -7.93 -12.26
CA ALA D 239 -18.61 -9.09 -12.00
C ALA D 239 -19.27 -10.38 -12.47
N VAL D 240 -20.57 -10.55 -12.17
CA VAL D 240 -21.26 -11.75 -12.63
C VAL D 240 -21.37 -11.77 -14.15
N SER D 241 -21.51 -10.60 -14.77
CA SER D 241 -21.59 -10.54 -16.24
C SER D 241 -20.23 -10.84 -16.87
N ALA D 242 -19.15 -10.35 -16.26
CA ALA D 242 -17.82 -10.61 -16.78
C ALA D 242 -17.34 -12.03 -16.48
N ALA D 243 -18.11 -12.81 -15.73
CA ALA D 243 -17.77 -14.18 -15.41
C ALA D 243 -18.58 -15.19 -16.21
N GLY D 244 -19.27 -14.73 -17.24
CA GLY D 244 -20.09 -15.63 -18.05
C GLY D 244 -21.19 -16.32 -17.27
N ILE D 245 -21.75 -15.65 -16.27
CA ILE D 245 -22.79 -16.22 -15.42
C ILE D 245 -24.13 -15.67 -15.88
N VAL D 246 -25.06 -16.56 -16.20
CA VAL D 246 -26.41 -16.19 -16.61
C VAL D 246 -27.37 -16.47 -15.46
N PRO D 247 -27.56 -15.52 -14.55
CA PRO D 247 -28.45 -15.78 -13.42
C PRO D 247 -29.91 -15.77 -13.84
N SER D 248 -30.69 -16.66 -13.22
CA SER D 248 -32.13 -16.69 -13.49
C SER D 248 -32.82 -15.41 -13.03
N ALA D 249 -32.18 -14.64 -12.15
CA ALA D 249 -32.76 -13.39 -11.65
C ALA D 249 -31.67 -12.57 -10.99
N LEU D 250 -31.61 -11.28 -11.33
CA LEU D 250 -30.63 -10.37 -10.74
C LEU D 250 -31.27 -8.98 -10.66
N GLU D 251 -31.71 -8.60 -9.47
CA GLU D 251 -32.41 -7.35 -9.26
C GLU D 251 -31.70 -6.52 -8.21
N LEU D 252 -31.82 -5.20 -8.34
CA LEU D 252 -31.17 -4.25 -7.45
C LEU D 252 -32.21 -3.29 -6.88
N ILE D 253 -32.17 -3.11 -5.57
CA ILE D 253 -33.04 -2.18 -4.84
C ILE D 253 -32.18 -1.40 -3.86
N ASP D 254 -32.38 -0.09 -3.81
CA ASP D 254 -31.65 0.73 -2.87
C ASP D 254 -32.35 0.72 -1.51
N ARG D 255 -31.64 1.25 -0.50
CA ARG D 255 -32.20 1.27 0.86
C ARG D 255 -33.49 2.08 0.91
N PHE D 256 -33.55 3.17 0.15
CA PHE D 256 -34.69 4.08 0.24
C PHE D 256 -36.01 3.37 -0.08
N CYS D 257 -35.98 2.37 -0.95
CA CYS D 257 -37.22 1.70 -1.33
C CYS D 257 -37.59 0.60 -0.35
N LEU D 258 -36.61 -0.19 0.10
CA LEU D 258 -36.88 -1.28 1.02
C LEU D 258 -37.58 -0.79 2.28
N GLN D 259 -37.00 0.24 2.92
CA GLN D 259 -37.64 0.81 4.11
C GLN D 259 -39.05 1.30 3.79
N ALA D 260 -39.28 1.76 2.56
CA ALA D 260 -40.61 2.23 2.19
C ALA D 260 -41.62 1.09 2.19
N VAL D 261 -41.21 -0.10 1.77
CA VAL D 261 -42.12 -1.24 1.76
C VAL D 261 -42.50 -1.64 3.18
N ASP D 262 -41.54 -1.54 4.11
CA ASP D 262 -41.83 -1.90 5.49
C ASP D 262 -42.81 -0.92 6.13
N GLU D 263 -42.62 0.39 5.90
CA GLU D 263 -43.56 1.37 6.42
C GLU D 263 -44.97 1.16 5.89
N TRP D 264 -45.12 0.44 4.77
CA TRP D 264 -46.43 0.08 4.26
C TRP D 264 -46.88 -1.29 4.75
N LYS D 265 -46.03 -2.30 4.62
CA LYS D 265 -46.33 -3.65 5.08
C LYS D 265 -45.21 -4.08 6.03
N ASN D 266 -45.53 -4.14 7.33
CA ASN D 266 -44.53 -4.43 8.35
C ASN D 266 -43.81 -5.74 8.08
N MET D 267 -42.54 -5.67 7.73
CA MET D 267 -41.71 -6.85 7.55
C MET D 267 -40.29 -6.60 8.05
N GLU D 272 -29.60 -3.53 6.78
CA GLU D 272 -28.38 -4.27 6.46
C GLU D 272 -27.39 -3.42 5.66
N GLY D 273 -27.90 -2.66 4.71
CA GLY D 273 -27.03 -1.81 3.91
C GLY D 273 -27.83 -0.90 3.01
N GLU D 274 -27.11 -0.20 2.13
CA GLU D 274 -27.73 0.74 1.22
C GLU D 274 -28.35 0.03 0.01
N VAL D 275 -27.53 -0.69 -0.74
CA VAL D 275 -27.98 -1.38 -1.93
C VAL D 275 -28.23 -2.84 -1.58
N LEU D 276 -29.08 -3.50 -2.39
CA LEU D 276 -29.45 -4.90 -2.17
C LEU D 276 -29.51 -5.62 -3.51
N LEU D 277 -28.46 -6.36 -3.84
CA LEU D 277 -28.42 -7.17 -5.05
C LEU D 277 -29.04 -8.53 -4.77
N LEU D 278 -30.14 -8.83 -5.45
CA LEU D 278 -30.83 -10.11 -5.30
C LEU D 278 -30.54 -10.97 -6.52
N ALA D 279 -29.68 -11.96 -6.35
CA ALA D 279 -29.35 -12.90 -7.42
C ALA D 279 -30.06 -14.23 -7.18
N ARG D 280 -30.16 -15.02 -8.24
CA ARG D 280 -30.81 -16.32 -8.16
C ARG D 280 -30.38 -17.16 -9.34
N SER D 281 -30.22 -18.46 -9.09
CA SER D 281 -29.85 -19.42 -10.13
C SER D 281 -30.89 -20.53 -10.17
N ASP D 282 -31.00 -21.16 -11.34
CA ASP D 282 -31.98 -22.22 -11.56
C ASP D 282 -31.36 -23.40 -12.30
N LEU D 283 -30.07 -23.65 -12.08
CA LEU D 283 -29.52 -24.83 -12.75
C LEU D 283 -29.69 -26.08 -11.89
N PRO D 284 -29.99 -27.22 -12.52
CA PRO D 284 -30.31 -28.42 -11.74
C PRO D 284 -29.11 -28.93 -10.97
N GLY D 285 -29.38 -29.65 -9.89
CA GLY D 285 -28.41 -30.23 -8.97
C GLY D 285 -27.35 -29.24 -8.55
N THR D 286 -26.11 -29.74 -8.47
CA THR D 286 -25.01 -28.91 -8.01
C THR D 286 -24.49 -27.98 -9.09
N SER D 287 -24.85 -28.22 -10.36
CA SER D 287 -24.44 -27.32 -11.42
C SER D 287 -24.97 -25.90 -11.17
N GLY D 288 -26.07 -25.78 -10.45
CA GLY D 288 -26.57 -24.49 -10.04
C GLY D 288 -25.94 -24.02 -8.74
N GLN D 289 -25.76 -24.95 -7.79
CA GLN D 289 -25.11 -24.61 -6.53
C GLN D 289 -23.68 -24.14 -6.77
N GLU D 290 -22.97 -24.76 -7.71
CA GLU D 290 -21.64 -24.28 -8.06
C GLU D 290 -21.70 -22.87 -8.64
N GLU D 291 -22.75 -22.58 -9.41
CA GLU D 291 -22.93 -21.24 -9.96
C GLU D 291 -23.34 -20.26 -8.86
N ALA D 292 -24.30 -20.65 -8.02
CA ALA D 292 -24.71 -19.79 -6.92
C ALA D 292 -23.52 -19.37 -6.08
N ASP D 293 -22.54 -20.28 -5.91
CA ASP D 293 -21.31 -19.91 -5.22
C ASP D 293 -20.52 -18.88 -6.01
N ARG D 294 -20.50 -19.03 -7.34
CA ARG D 294 -19.82 -18.05 -8.19
C ARG D 294 -20.42 -16.66 -8.00
N ILE D 295 -21.75 -16.59 -7.89
CA ILE D 295 -22.40 -15.29 -7.70
C ILE D 295 -22.06 -14.72 -6.33
N LEU D 296 -22.05 -15.57 -5.30
CA LEU D 296 -21.72 -15.09 -3.96
C LEU D 296 -20.33 -14.49 -3.91
N GLU D 297 -19.34 -15.18 -4.49
CA GLU D 297 -17.98 -14.66 -4.50
C GLU D 297 -17.87 -13.37 -5.29
N CYS D 298 -18.65 -13.22 -6.36
CA CYS D 298 -18.61 -11.97 -7.12
C CYS D 298 -19.01 -10.79 -6.25
N PHE D 299 -20.00 -10.99 -5.37
CA PHE D 299 -20.39 -9.94 -4.44
C PHE D 299 -19.27 -9.66 -3.44
N GLU D 300 -18.69 -10.72 -2.88
CA GLU D 300 -17.58 -10.58 -1.95
C GLU D 300 -16.37 -9.93 -2.63
N LYS D 301 -16.23 -10.09 -3.95
CA LYS D 301 -15.13 -9.46 -4.65
C LYS D 301 -15.21 -7.94 -4.50
N GLU D 302 -16.40 -7.37 -4.64
CA GLU D 302 -16.61 -5.96 -4.35
C GLU D 302 -16.91 -5.79 -2.87
N LYS D 303 -17.13 -4.54 -2.45
CA LYS D 303 -17.55 -4.28 -1.09
C LYS D 303 -18.75 -5.14 -0.74
N ALA D 304 -18.58 -6.03 0.25
CA ALA D 304 -19.60 -7.01 0.59
C ALA D 304 -19.98 -6.86 2.06
N VAL D 305 -21.28 -6.71 2.31
CA VAL D 305 -21.82 -6.63 3.66
C VAL D 305 -22.99 -7.59 3.76
N TYR D 306 -22.89 -8.57 4.65
CA TYR D 306 -23.95 -9.56 4.84
C TYR D 306 -24.29 -10.30 3.54
N ALA D 307 -23.28 -10.55 2.71
CA ALA D 307 -23.47 -11.35 1.51
C ALA D 307 -23.50 -12.82 1.90
N VAL D 308 -24.64 -13.48 1.71
CA VAL D 308 -24.82 -14.86 2.14
C VAL D 308 -25.70 -15.58 1.11
N ARG D 309 -25.25 -16.74 0.66
CA ARG D 309 -26.07 -17.58 -0.22
C ARG D 309 -27.21 -18.18 0.59
N SER D 310 -28.42 -17.66 0.37
CA SER D 310 -29.58 -18.06 1.17
C SER D 310 -30.06 -19.44 0.80
N THR D 311 -30.34 -20.26 1.81
CA THR D 311 -30.95 -21.57 1.61
C THR D 311 -32.43 -21.61 1.98
N ASP D 312 -32.94 -20.59 2.68
CA ASP D 312 -34.35 -20.49 3.02
C ASP D 312 -35.10 -19.92 1.82
N GLU D 313 -35.79 -20.79 1.08
CA GLU D 313 -36.52 -20.35 -0.10
C GLU D 313 -37.57 -19.30 0.24
N GLU D 314 -38.04 -19.25 1.49
CA GLU D 314 -39.06 -18.28 1.88
C GLU D 314 -38.43 -16.92 2.17
N GLU D 315 -37.34 -16.90 2.95
CA GLU D 315 -36.66 -15.63 3.21
C GLU D 315 -36.28 -14.95 1.90
N ALA D 316 -35.80 -15.72 0.92
CA ALA D 316 -35.54 -15.15 -0.39
C ALA D 316 -36.84 -14.74 -1.07
N GLU D 317 -37.87 -15.58 -0.98
CA GLU D 317 -39.17 -15.23 -1.55
C GLU D 317 -39.70 -13.93 -0.96
N ALA D 318 -39.43 -13.67 0.32
CA ALA D 318 -39.87 -12.42 0.92
C ALA D 318 -39.08 -11.24 0.34
N LEU D 319 -37.80 -11.44 0.07
CA LEU D 319 -36.99 -10.36 -0.50
C LEU D 319 -37.42 -10.03 -1.92
N PHE D 320 -37.76 -11.05 -2.70
CA PHE D 320 -38.19 -10.81 -4.08
C PHE D 320 -39.59 -10.24 -4.16
N GLN D 321 -40.34 -10.25 -3.05
CA GLN D 321 -41.63 -9.60 -3.04
C GLN D 321 -41.52 -8.10 -2.77
N ALA D 322 -40.45 -7.66 -2.12
CA ALA D 322 -40.24 -6.23 -1.92
C ALA D 322 -39.87 -5.56 -3.24
N ARG D 323 -39.09 -6.24 -4.08
CA ARG D 323 -38.79 -5.69 -5.39
C ARG D 323 -40.06 -5.52 -6.22
N ARG D 324 -41.01 -6.44 -6.07
CA ARG D 324 -42.26 -6.34 -6.81
C ARG D 324 -43.20 -5.30 -6.23
N LEU D 325 -43.13 -5.06 -4.91
CA LEU D 325 -43.96 -4.07 -4.26
C LEU D 325 -43.26 -2.73 -4.09
N ALA D 326 -42.27 -2.43 -4.94
CA ALA D 326 -41.55 -1.17 -4.83
C ALA D 326 -42.38 -0.01 -5.37
N TYR D 327 -42.96 -0.16 -6.56
CA TYR D 327 -43.75 0.93 -7.12
C TYR D 327 -45.06 1.11 -6.37
N PRO D 328 -45.89 0.08 -6.16
CA PRO D 328 -47.13 0.30 -5.41
C PRO D 328 -46.90 0.80 -4.00
N ALA D 329 -45.75 0.47 -3.40
CA ALA D 329 -45.43 0.95 -2.06
C ALA D 329 -44.98 2.41 -2.06
N LEU D 330 -44.61 2.95 -3.22
CA LEU D 330 -44.21 4.35 -3.30
C LEU D 330 -45.32 5.26 -3.78
N GLU D 331 -46.30 4.73 -4.51
CA GLU D 331 -47.45 5.57 -4.87
C GLU D 331 -48.22 6.03 -3.65
N ARG D 332 -48.18 5.25 -2.57
CA ARG D 332 -48.83 5.67 -1.34
C ARG D 332 -48.15 6.88 -0.73
N LEU D 333 -46.92 7.19 -1.14
CA LEU D 333 -46.16 8.29 -0.59
C LEU D 333 -46.24 9.55 -1.45
N GLY D 334 -47.13 9.60 -2.44
CA GLY D 334 -47.29 10.78 -3.25
C GLY D 334 -47.07 10.53 -4.74
N PRO D 335 -47.06 11.61 -5.52
CA PRO D 335 -46.79 11.48 -6.96
C PRO D 335 -45.44 10.83 -7.21
N LEU D 336 -45.44 9.84 -8.11
CA LEU D 336 -44.25 9.05 -8.40
C LEU D 336 -43.95 9.12 -9.89
N LEU D 337 -42.83 9.74 -10.24
CA LEU D 337 -42.34 9.81 -11.61
C LEU D 337 -41.33 8.70 -11.83
N THR D 338 -41.53 7.91 -12.89
CA THR D 338 -40.75 6.71 -13.14
C THR D 338 -39.91 6.90 -14.39
N GLU D 339 -38.69 6.35 -14.36
CA GLU D 339 -37.78 6.35 -15.49
C GLU D 339 -37.42 4.93 -15.88
N ASP D 340 -37.23 4.72 -17.18
CA ASP D 340 -36.96 3.38 -17.72
C ASP D 340 -35.85 3.51 -18.78
N VAL D 341 -34.61 3.26 -18.36
CA VAL D 341 -33.49 3.25 -19.29
C VAL D 341 -32.89 1.85 -19.30
N CYS D 342 -32.22 1.54 -20.42
CA CYS D 342 -31.49 0.30 -20.57
C CYS D 342 -30.17 0.61 -21.25
N VAL D 343 -29.07 0.23 -20.61
CA VAL D 343 -27.73 0.49 -21.15
C VAL D 343 -26.97 -0.82 -21.26
N PRO D 344 -25.82 -0.84 -21.94
CA PRO D 344 -25.00 -2.05 -21.95
C PRO D 344 -24.53 -2.40 -20.55
N LYS D 345 -24.35 -3.71 -20.31
CA LYS D 345 -23.96 -4.16 -18.98
C LYS D 345 -22.71 -3.45 -18.49
N ALA D 346 -21.79 -3.12 -19.39
CA ALA D 346 -20.56 -2.45 -19.00
C ALA D 346 -20.78 -1.00 -18.55
N ARG D 347 -21.99 -0.47 -18.72
CA ARG D 347 -22.30 0.89 -18.29
C ARG D 347 -23.15 0.94 -17.02
N VAL D 348 -23.58 -0.21 -16.51
CA VAL D 348 -24.39 -0.21 -15.29
C VAL D 348 -23.64 0.43 -14.13
N PRO D 349 -22.40 0.07 -13.83
CA PRO D 349 -21.68 0.77 -12.74
C PRO D 349 -21.59 2.27 -12.98
N HIS D 350 -21.19 2.67 -14.19
CA HIS D 350 -21.12 4.10 -14.49
C HIS D 350 -22.51 4.73 -14.48
N MET D 351 -23.52 4.04 -15.01
CA MET D 351 -24.84 4.63 -15.12
C MET D 351 -25.50 4.81 -13.76
N LEU D 352 -25.29 3.85 -12.85
CA LEU D 352 -25.80 4.01 -11.49
C LEU D 352 -25.14 5.19 -10.80
N GLU D 353 -23.80 5.28 -10.90
CA GLU D 353 -23.11 6.42 -10.33
C GLU D 353 -23.59 7.72 -10.96
N ALA D 354 -23.99 7.68 -12.23
CA ALA D 354 -24.51 8.88 -12.88
C ALA D 354 -25.87 9.28 -12.34
N ILE D 355 -26.70 8.29 -11.97
CA ILE D 355 -28.02 8.60 -11.41
C ILE D 355 -27.88 9.36 -10.10
N GLU D 356 -26.98 8.91 -9.22
CA GLU D 356 -26.78 9.61 -7.95
C GLU D 356 -26.40 11.06 -8.20
N ALA D 357 -25.46 11.30 -9.11
CA ALA D 357 -25.06 12.68 -9.41
C ALA D 357 -26.21 13.49 -10.00
N ALA D 358 -27.08 12.83 -10.76
CA ALA D 358 -28.25 13.52 -11.29
C ALA D 358 -29.17 13.99 -10.17
N GLY D 359 -29.13 13.34 -9.01
CA GLY D 359 -29.95 13.75 -7.89
C GLY D 359 -29.41 14.98 -7.20
N GLU D 360 -28.12 14.96 -6.86
CA GLU D 360 -27.52 16.12 -6.20
C GLU D 360 -27.55 17.34 -7.11
N ARG D 361 -27.25 17.15 -8.40
CA ARG D 361 -27.21 18.28 -9.32
C ARG D 361 -28.56 19.00 -9.38
N PHE D 362 -29.65 18.23 -9.31
CA PHE D 362 -30.99 18.79 -9.40
C PHE D 362 -31.75 18.68 -8.09
N ASP D 363 -31.07 18.38 -7.00
CA ASP D 363 -31.67 18.33 -5.68
C ASP D 363 -32.96 17.51 -5.69
N THR D 364 -32.82 16.26 -6.15
CA THR D 364 -33.93 15.34 -6.28
C THR D 364 -33.53 13.99 -5.70
N ARG D 365 -34.28 13.51 -4.71
CA ARG D 365 -34.04 12.18 -4.16
C ARG D 365 -34.53 11.12 -5.15
N ILE D 366 -33.60 10.30 -5.63
CA ILE D 366 -33.89 9.31 -6.66
C ILE D 366 -33.65 7.93 -6.08
N GLY D 367 -34.73 7.14 -5.93
CA GLY D 367 -34.58 5.75 -5.60
C GLY D 367 -34.21 4.93 -6.82
N ASN D 368 -33.60 3.77 -6.57
CA ASN D 368 -33.08 2.93 -7.65
C ASN D 368 -33.51 1.49 -7.45
N ILE D 369 -34.25 0.96 -8.43
CA ILE D 369 -34.47 -0.48 -8.57
C ILE D 369 -34.32 -0.80 -10.04
N ALA D 370 -33.68 -1.93 -10.35
CA ALA D 370 -33.39 -2.21 -11.74
C ALA D 370 -33.17 -3.70 -11.95
N HIS D 371 -33.53 -4.16 -13.15
CA HIS D 371 -33.21 -5.50 -13.60
C HIS D 371 -31.74 -5.50 -14.04
N ALA D 372 -30.86 -5.44 -13.03
CA ALA D 372 -29.43 -5.28 -13.30
C ALA D 372 -28.90 -6.32 -14.28
N GLY D 373 -29.50 -7.51 -14.30
CA GLY D 373 -29.01 -8.54 -15.20
C GLY D 373 -29.05 -8.16 -16.66
N ASP D 374 -29.95 -7.25 -17.03
CA ASP D 374 -30.11 -6.81 -18.41
C ASP D 374 -29.67 -5.38 -18.63
N GLY D 375 -29.14 -4.71 -17.61
CA GLY D 375 -28.79 -3.31 -17.75
C GLY D 375 -29.98 -2.40 -17.83
N ASN D 376 -31.16 -2.90 -17.45
CA ASN D 376 -32.41 -2.15 -17.52
C ASN D 376 -32.63 -1.47 -16.17
N LEU D 377 -32.36 -0.17 -16.12
CA LEU D 377 -32.43 0.59 -14.87
C LEU D 377 -33.79 1.28 -14.75
N HIS D 378 -34.29 1.36 -13.51
CA HIS D 378 -35.55 2.02 -13.20
C HIS D 378 -35.29 3.09 -12.14
N PRO D 379 -34.72 4.23 -12.53
CA PRO D 379 -34.58 5.34 -11.58
C PRO D 379 -35.93 5.98 -11.31
N LEU D 380 -36.26 6.10 -10.03
CA LEU D 380 -37.55 6.61 -9.59
C LEU D 380 -37.36 7.93 -8.88
N PHE D 381 -38.15 8.94 -9.25
CA PHE D 381 -38.10 10.25 -8.63
C PHE D 381 -39.36 10.44 -7.81
N ILE D 382 -39.20 10.76 -6.53
CA ILE D 382 -40.33 11.04 -5.64
C ILE D 382 -40.53 12.56 -5.63
N VAL D 383 -41.67 13.00 -6.14
CA VAL D 383 -42.00 14.41 -6.26
C VAL D 383 -42.92 14.78 -5.10
N PRO D 384 -42.54 15.71 -4.23
CA PRO D 384 -43.45 16.13 -3.16
C PRO D 384 -44.64 16.89 -3.73
N ALA D 385 -45.73 16.86 -2.98
CA ALA D 385 -46.97 17.49 -3.41
C ALA D 385 -46.91 18.99 -3.18
N GLY D 386 -47.32 19.77 -4.19
CA GLY D 386 -47.38 21.20 -4.08
C GLY D 386 -46.14 21.94 -4.54
N ASP D 387 -45.00 21.26 -4.63
CA ASP D 387 -43.73 21.88 -5.01
C ASP D 387 -43.53 21.68 -6.51
N GLU D 388 -44.08 22.60 -7.30
CA GLU D 388 -43.90 22.51 -8.74
C GLU D 388 -42.46 22.81 -9.15
N GLU D 389 -41.74 23.62 -8.37
CA GLU D 389 -40.34 23.86 -8.66
C GLU D 389 -39.56 22.55 -8.66
N ALA D 390 -39.74 21.72 -7.63
CA ALA D 390 -39.12 20.41 -7.62
C ALA D 390 -39.64 19.53 -8.75
N LYS D 391 -40.90 19.72 -9.13
CA LYS D 391 -41.45 18.96 -10.25
C LYS D 391 -40.73 19.29 -11.55
N ARG D 392 -40.57 20.58 -11.87
CA ARG D 392 -39.84 20.96 -13.06
C ARG D 392 -38.36 20.66 -12.91
N ARG D 393 -37.84 20.77 -11.68
CA ARG D 393 -36.45 20.40 -11.43
C ARG D 393 -36.23 18.91 -11.57
N ALA D 394 -37.20 18.10 -11.13
CA ALA D 394 -37.10 16.66 -11.34
C ALA D 394 -37.21 16.30 -12.82
N LYS D 395 -38.02 17.05 -13.58
CA LYS D 395 -38.15 16.79 -15.01
C LYS D 395 -36.85 17.03 -15.76
N GLN D 396 -35.99 17.93 -15.27
CA GLN D 396 -34.73 18.15 -15.95
C GLN D 396 -33.72 17.05 -15.63
N ALA D 397 -33.70 16.57 -14.39
CA ALA D 397 -32.92 15.38 -14.08
C ALA D 397 -33.42 14.18 -14.86
N PHE D 398 -34.70 14.19 -15.26
CA PHE D 398 -35.24 13.13 -16.09
C PHE D 398 -34.59 13.13 -17.47
N GLU D 399 -34.41 14.31 -18.06
CA GLU D 399 -33.71 14.41 -19.34
C GLU D 399 -32.22 14.10 -19.19
N VAL D 400 -31.67 14.20 -17.98
CA VAL D 400 -30.27 13.90 -17.79
C VAL D 400 -30.02 12.40 -17.74
N ILE D 401 -30.90 11.65 -17.07
CA ILE D 401 -30.74 10.20 -17.01
C ILE D 401 -30.90 9.59 -18.38
N VAL D 402 -31.73 10.18 -19.24
CA VAL D 402 -31.91 9.64 -20.58
C VAL D 402 -30.67 9.87 -21.42
N ASP D 403 -30.26 11.13 -21.57
CA ASP D 403 -29.11 11.44 -22.41
C ASP D 403 -27.86 10.69 -21.97
N GLU D 404 -27.68 10.53 -20.66
CA GLU D 404 -26.55 9.74 -20.18
C GLU D 404 -26.73 8.27 -20.51
N ALA D 405 -27.97 7.81 -20.73
CA ALA D 405 -28.18 6.43 -21.14
C ALA D 405 -27.88 6.24 -22.63
N LEU D 406 -28.23 7.21 -23.47
CA LEU D 406 -27.91 7.11 -24.88
C LEU D 406 -26.43 7.37 -25.13
N ALA D 407 -25.81 8.29 -24.36
CA ALA D 407 -24.41 8.60 -24.58
C ALA D 407 -23.53 7.37 -24.39
N VAL D 408 -23.91 6.46 -23.49
CA VAL D 408 -23.14 5.26 -23.26
C VAL D 408 -23.58 4.10 -24.15
N GLY D 409 -24.53 4.34 -25.05
CA GLY D 409 -24.98 3.31 -25.97
C GLY D 409 -26.24 2.58 -25.59
N GLY D 410 -27.00 3.06 -24.62
CA GLY D 410 -28.22 2.41 -24.20
C GLY D 410 -29.40 2.79 -25.09
N THR D 411 -30.59 2.52 -24.58
CA THR D 411 -31.82 2.80 -25.30
C THR D 411 -32.79 3.54 -24.38
N VAL D 412 -33.74 4.26 -25.00
CA VAL D 412 -34.61 5.14 -24.23
C VAL D 412 -35.57 4.36 -23.34
N THR D 413 -35.97 3.16 -23.76
CA THR D 413 -36.94 2.36 -23.00
C THR D 413 -36.60 0.89 -23.10
N GLY D 414 -36.58 0.21 -21.95
CA GLY D 414 -36.28 -1.20 -21.91
C GLY D 414 -37.51 -2.08 -21.94
N GLU D 415 -38.47 -1.77 -21.07
CA GLU D 415 -39.67 -2.61 -20.94
C GLU D 415 -40.98 -1.83 -20.84
N HIS D 416 -40.97 -0.53 -20.53
CA HIS D 416 -42.21 0.20 -20.27
C HIS D 416 -42.86 0.73 -21.55
N GLY D 417 -42.07 1.15 -22.52
CA GLY D 417 -42.60 1.66 -23.76
C GLY D 417 -42.47 3.16 -23.86
N VAL D 418 -42.45 3.65 -25.11
CA VAL D 418 -42.29 5.09 -25.35
C VAL D 418 -43.52 5.85 -24.87
N GLY D 419 -44.69 5.47 -25.35
CA GLY D 419 -45.91 6.16 -24.94
C GLY D 419 -45.82 7.64 -25.24
N LEU D 420 -45.88 8.46 -24.19
CA LEU D 420 -45.83 9.91 -24.30
C LEU D 420 -44.69 10.54 -23.52
N LEU D 421 -44.40 10.05 -22.31
CA LEU D 421 -43.37 10.67 -21.48
C LEU D 421 -41.95 10.33 -21.92
N LYS D 422 -41.78 9.72 -23.09
CA LYS D 422 -40.43 9.41 -23.58
C LYS D 422 -40.27 9.71 -25.07
N MET D 423 -41.19 10.46 -25.69
CA MET D 423 -41.08 10.70 -27.12
C MET D 423 -39.85 11.53 -27.48
N ARG D 424 -39.41 12.41 -26.58
CA ARG D 424 -38.24 13.23 -26.88
C ARG D 424 -37.00 12.35 -27.07
N GLY D 425 -36.68 11.54 -26.06
CA GLY D 425 -35.54 10.66 -26.19
C GLY D 425 -35.68 9.68 -27.33
N ALA D 426 -36.88 9.14 -27.53
CA ALA D 426 -37.11 8.21 -28.63
C ALA D 426 -36.71 8.84 -29.97
N ALA D 427 -37.08 10.10 -30.19
CA ALA D 427 -36.70 10.78 -31.41
C ALA D 427 -35.18 10.94 -31.50
N ASP D 428 -34.54 11.32 -30.40
CA ASP D 428 -33.09 11.49 -30.41
C ASP D 428 -32.38 10.16 -30.65
N GLU D 429 -32.92 9.08 -30.10
CA GLU D 429 -32.31 7.76 -30.31
C GLU D 429 -32.53 7.26 -31.72
N LEU D 430 -33.79 7.21 -32.17
CA LEU D 430 -34.10 6.65 -33.48
C LEU D 430 -33.45 7.47 -34.60
N GLY D 431 -33.62 8.79 -34.56
CA GLY D 431 -33.10 9.66 -35.59
C GLY D 431 -34.14 10.02 -36.62
N PRO D 432 -33.81 10.97 -37.50
CA PRO D 432 -34.79 11.43 -38.48
C PRO D 432 -35.15 10.37 -39.51
N HIS D 433 -34.13 9.70 -40.05
CA HIS D 433 -34.39 8.66 -41.03
C HIS D 433 -35.29 7.57 -40.46
N VAL D 434 -34.91 7.03 -39.29
CA VAL D 434 -35.68 5.94 -38.70
C VAL D 434 -37.10 6.40 -38.37
N LEU D 435 -37.24 7.63 -37.88
CA LEU D 435 -38.58 8.16 -37.61
C LEU D 435 -39.41 8.20 -38.88
N ALA D 436 -38.82 8.69 -39.98
CA ALA D 436 -39.54 8.71 -41.25
C ALA D 436 -40.05 7.32 -41.62
N MET D 437 -39.31 6.27 -41.23
CA MET D 437 -39.78 4.92 -41.49
C MET D 437 -41.00 4.58 -40.65
N HIS D 438 -41.02 5.04 -39.39
CA HIS D 438 -42.18 4.81 -38.53
C HIS D 438 -43.44 5.44 -39.13
N ARG D 439 -43.31 6.68 -39.61
CA ARG D 439 -44.44 7.33 -40.28
C ARG D 439 -44.85 6.58 -41.53
N ALA D 440 -43.88 5.99 -42.24
CA ALA D 440 -44.19 5.20 -43.43
C ALA D 440 -44.90 3.91 -43.06
N VAL D 441 -44.37 3.18 -42.08
CA VAL D 441 -44.97 1.91 -41.67
C VAL D 441 -46.37 2.14 -41.14
N LYS D 442 -46.51 3.05 -40.15
CA LYS D 442 -47.83 3.35 -39.63
C LYS D 442 -48.77 3.85 -40.71
N GLY D 443 -48.24 4.61 -41.67
CA GLY D 443 -49.07 5.12 -42.74
C GLY D 443 -49.59 4.02 -43.64
N ALA D 444 -48.77 2.99 -43.89
CA ALA D 444 -49.17 1.93 -44.80
C ALA D 444 -50.23 1.03 -44.18
N LEU D 445 -50.10 0.72 -42.89
CA LEU D 445 -51.02 -0.18 -42.20
C LEU D 445 -52.17 0.55 -41.52
N ASP D 446 -52.11 1.88 -41.40
CA ASP D 446 -53.15 2.67 -40.75
C ASP D 446 -53.39 3.93 -41.56
N PRO D 447 -53.92 3.79 -42.79
CA PRO D 447 -54.12 4.97 -43.63
C PRO D 447 -55.03 6.02 -43.00
N ALA D 448 -55.91 5.62 -42.08
CA ALA D 448 -56.80 6.56 -41.41
C ALA D 448 -56.15 7.21 -40.19
N GLY D 449 -55.02 6.70 -39.72
CA GLY D 449 -54.37 7.26 -38.56
C GLY D 449 -55.27 7.27 -37.34
N ILE D 450 -55.94 6.15 -37.08
CA ILE D 450 -56.92 6.05 -36.00
C ILE D 450 -56.44 5.24 -34.82
N PHE D 451 -55.32 4.52 -34.94
CA PHE D 451 -54.81 3.67 -33.86
C PHE D 451 -53.86 4.49 -33.00
N ASN D 452 -54.35 4.96 -31.86
CA ASN D 452 -53.56 5.70 -30.88
C ASN D 452 -52.60 6.66 -31.56
N PRO D 453 -53.09 7.54 -32.44
CA PRO D 453 -52.17 8.42 -33.17
C PRO D 453 -51.57 9.49 -32.26
N GLY D 454 -50.28 9.73 -32.44
CA GLY D 454 -49.56 10.75 -31.70
C GLY D 454 -48.63 10.23 -30.63
N LYS D 455 -48.69 8.94 -30.30
CA LYS D 455 -47.85 8.36 -29.27
C LYS D 455 -46.71 7.57 -29.89
N VAL D 456 -45.65 7.40 -29.09
CA VAL D 456 -44.43 6.73 -29.53
C VAL D 456 -43.61 7.67 -30.41
N PHE D 457 -44.18 8.07 -31.54
CA PHE D 457 -43.54 9.02 -32.43
C PHE D 457 -44.55 10.07 -32.86
N ALA D 458 -44.03 11.15 -33.42
CA ALA D 458 -44.84 12.29 -33.84
C ALA D 458 -45.19 12.17 -35.31
N LEU D 459 -46.43 12.53 -35.65
CA LEU D 459 -46.90 12.50 -37.02
C LEU D 459 -46.72 13.89 -37.65
N GLU D 460 -46.11 13.93 -38.83
CA GLU D 460 -45.86 15.19 -39.51
C GLU D 460 -46.16 15.09 -41.00
N GLY E 3 -0.66 29.10 28.30
CA GLY E 3 -1.18 27.77 28.08
C GLY E 3 -0.12 26.70 28.09
N VAL E 4 1.05 27.03 28.64
CA VAL E 4 2.15 26.07 28.69
C VAL E 4 1.98 25.13 29.88
N VAL E 5 1.66 25.69 31.06
CA VAL E 5 1.47 24.87 32.25
C VAL E 5 0.39 23.83 32.02
N GLU E 6 -0.67 24.19 31.29
CA GLU E 6 -1.74 23.23 31.03
C GLU E 6 -1.22 22.04 30.23
N GLU E 7 -0.42 22.30 29.20
CA GLU E 7 0.13 21.20 28.41
C GLU E 7 0.99 20.30 29.28
N LEU E 8 1.71 20.88 30.25
CA LEU E 8 2.54 20.07 31.14
C LEU E 8 1.68 19.20 32.04
N VAL E 9 0.70 19.80 32.73
CA VAL E 9 -0.18 19.03 33.59
C VAL E 9 -0.91 17.95 32.79
N ALA E 10 -1.34 18.31 31.57
CA ALA E 10 -2.00 17.36 30.68
C ALA E 10 -1.07 16.28 30.15
N ALA E 11 0.21 16.34 30.49
CA ALA E 11 1.21 15.39 29.99
C ALA E 11 1.77 14.48 31.08
N ILE E 12 2.06 15.00 32.25
CA ILE E 12 2.68 14.25 33.33
C ILE E 12 1.84 14.31 34.62
N GLY E 13 0.54 14.56 34.49
CA GLY E 13 -0.34 14.61 35.65
C GLY E 13 -0.15 15.88 36.46
N ALA E 14 -1.05 16.11 37.42
CA ALA E 14 -1.01 17.32 38.22
C ALA E 14 -0.08 17.20 39.43
N GLU E 15 -0.04 16.02 40.06
CA GLU E 15 0.80 15.85 41.23
C GLU E 15 2.29 15.92 40.90
N GLN E 16 2.67 15.99 39.63
CA GLN E 16 4.05 16.15 39.23
C GLN E 16 4.36 17.56 38.75
N VAL E 17 3.37 18.45 38.77
CA VAL E 17 3.54 19.85 38.38
C VAL E 17 3.12 20.73 39.54
N VAL E 18 3.93 21.74 39.84
CA VAL E 18 3.65 22.68 40.92
C VAL E 18 3.64 24.08 40.33
N THR E 19 2.69 24.90 40.79
CA THR E 19 2.58 26.28 40.34
C THR E 19 2.46 27.28 41.48
N ASP E 20 2.31 26.83 42.72
CA ASP E 20 2.22 27.73 43.87
C ASP E 20 3.47 28.59 43.95
N PRO E 21 3.35 29.92 43.77
CA PRO E 21 4.54 30.77 43.86
C PRO E 21 5.30 30.65 45.17
N ALA E 22 4.64 30.19 46.25
CA ALA E 22 5.34 30.02 47.51
C ALA E 22 6.23 28.79 47.49
N VAL E 23 5.86 27.76 46.72
CA VAL E 23 6.65 26.53 46.66
C VAL E 23 7.77 26.65 45.63
N MET E 24 7.51 27.29 44.51
CA MET E 24 8.52 27.38 43.44
C MET E 24 9.74 28.19 43.88
N GLU E 25 9.64 28.95 44.97
CA GLU E 25 10.77 29.76 45.41
C GLU E 25 12.00 28.89 45.68
N GLY E 26 11.81 27.80 46.42
CA GLY E 26 12.94 26.95 46.72
C GLY E 26 13.48 26.17 45.55
N TYR E 27 12.88 26.31 44.38
CA TYR E 27 13.32 25.58 43.19
C TYR E 27 13.93 26.48 42.12
N SER E 28 13.89 27.80 42.30
CA SER E 28 14.32 28.73 41.26
C SER E 28 15.66 29.41 41.55
N HIS E 29 16.33 29.06 42.64
CA HIS E 29 17.64 29.63 42.94
C HIS E 29 18.43 28.63 43.75
N ASP E 30 19.76 28.72 43.65
CA ASP E 30 20.67 27.83 44.34
C ASP E 30 21.32 28.55 45.53
N GLU E 31 22.29 27.88 46.14
CA GLU E 31 22.98 28.48 47.28
C GLU E 31 23.90 29.62 46.88
N ALA E 32 24.02 29.92 45.59
CA ALA E 32 24.84 31.05 45.15
C ALA E 32 24.04 32.33 45.34
N GLU E 33 24.43 33.14 46.31
CA GLU E 33 23.71 34.36 46.60
C GLU E 33 24.12 35.46 45.63
N TRP E 34 23.18 36.37 45.36
CA TRP E 34 23.34 37.49 44.44
C TRP E 34 23.28 37.03 42.99
N ALA E 35 22.95 35.76 42.74
CA ALA E 35 22.77 35.25 41.40
C ALA E 35 21.34 35.53 40.96
N PRO E 36 21.11 36.21 39.83
CA PRO E 36 19.74 36.57 39.45
C PRO E 36 18.87 35.35 39.23
N TYR E 37 17.63 35.44 39.70
CA TYR E 37 16.64 34.39 39.54
C TYR E 37 15.26 35.02 39.56
N ASP E 38 14.36 34.49 38.75
CA ASP E 38 13.00 35.01 38.64
C ASP E 38 12.00 33.88 38.89
N ALA E 39 10.73 34.24 38.93
CA ALA E 39 9.68 33.26 39.21
C ALA E 39 9.46 32.36 38.00
N PRO E 40 9.71 31.06 38.10
CA PRO E 40 9.50 30.19 36.94
C PRO E 40 8.02 29.98 36.65
N ALA E 41 7.75 29.48 35.46
CA ALA E 41 6.37 29.21 35.06
C ALA E 41 5.81 28.02 35.81
N ALA E 42 6.65 27.08 36.21
CA ALA E 42 6.22 25.90 36.95
C ALA E 42 7.46 25.07 37.29
N VAL E 43 7.35 24.29 38.36
CA VAL E 43 8.42 23.40 38.81
C VAL E 43 7.92 21.98 38.60
N VAL E 44 8.56 21.26 37.69
CA VAL E 44 8.17 19.90 37.34
C VAL E 44 9.03 18.93 38.12
N ARG E 45 8.40 17.93 38.75
CA ARG E 45 9.07 16.89 39.52
C ARG E 45 8.82 15.57 38.81
N PRO E 46 9.64 15.20 37.83
CA PRO E 46 9.35 14.00 37.04
C PRO E 46 9.48 12.73 37.87
N ARG E 47 8.85 11.68 37.35
CA ARG E 47 8.88 10.36 37.97
C ARG E 47 9.80 9.40 37.24
N ASP E 48 9.82 9.43 35.92
CA ASP E 48 10.67 8.57 35.12
C ASP E 48 11.12 9.35 33.89
N THR E 49 11.99 8.73 33.09
CA THR E 49 12.49 9.39 31.89
C THR E 49 11.36 9.80 30.96
N ALA E 50 10.25 9.05 30.97
CA ALA E 50 9.12 9.41 30.12
C ALA E 50 8.61 10.80 30.46
N ASP E 51 8.41 11.09 31.75
CA ASP E 51 7.96 12.42 32.15
C ASP E 51 8.95 13.49 31.71
N VAL E 52 10.25 13.24 31.89
CA VAL E 52 11.25 14.22 31.48
C VAL E 52 11.22 14.40 29.97
N ALA E 53 10.99 13.31 29.24
CA ALA E 53 10.90 13.40 27.78
C ALA E 53 9.74 14.31 27.35
N GLU E 54 8.61 14.21 28.04
CA GLU E 54 7.46 15.05 27.70
C GLU E 54 7.75 16.52 27.97
N VAL E 55 8.35 16.82 29.12
CA VAL E 55 8.67 18.21 29.46
C VAL E 55 9.57 18.81 28.40
N VAL E 56 10.53 18.03 27.90
CA VAL E 56 11.46 18.56 26.90
C VAL E 56 10.75 18.75 25.56
N ARG E 57 9.91 17.78 25.17
CA ARG E 57 9.19 17.91 23.92
C ARG E 57 8.29 19.14 23.91
N ILE E 58 7.52 19.33 25.00
CA ILE E 58 6.58 20.45 25.06
C ILE E 58 7.33 21.77 24.95
N CYS E 59 8.31 22.01 25.81
CA CYS E 59 9.05 23.26 25.79
C CYS E 59 9.82 23.45 24.50
N ALA E 60 10.27 22.35 23.88
CA ALA E 60 11.00 22.46 22.63
C ALA E 60 10.15 23.10 21.54
N GLY E 61 8.92 22.61 21.38
CA GLY E 61 8.04 23.17 20.36
C GLY E 61 7.60 24.59 20.68
N ARG E 62 7.38 24.87 21.96
CA ARG E 62 6.97 26.20 22.39
C ARG E 62 8.15 27.13 22.65
N GLY E 63 9.38 26.64 22.58
CA GLY E 63 10.53 27.48 22.82
C GLY E 63 10.62 28.05 24.22
N VAL E 64 10.08 27.35 25.20
CA VAL E 64 10.16 27.76 26.60
C VAL E 64 11.44 27.22 27.20
N ALA E 65 12.13 28.08 27.95
CA ALA E 65 13.40 27.68 28.53
C ALA E 65 13.19 26.72 29.71
N VAL E 66 14.01 25.67 29.77
CA VAL E 66 13.97 24.68 30.83
C VAL E 66 15.35 24.62 31.47
N VAL E 67 15.37 24.66 32.81
CA VAL E 67 16.61 24.62 33.57
C VAL E 67 16.50 23.47 34.57
N GLY E 68 17.30 22.43 34.39
CA GLY E 68 17.29 21.32 35.32
C GLY E 68 17.89 21.71 36.66
N ARG E 69 17.37 21.09 37.72
CA ARG E 69 17.80 21.39 39.08
C ARG E 69 18.02 20.10 39.85
N GLY E 70 19.11 20.05 40.60
CA GLY E 70 19.39 18.94 41.48
C GLY E 70 19.02 19.25 42.92
N ALA E 71 20.02 19.41 43.78
CA ALA E 71 19.79 19.74 45.18
C ALA E 71 19.91 21.22 45.46
N GLY E 72 20.19 22.04 44.45
CA GLY E 72 20.28 23.47 44.66
C GLY E 72 21.44 23.89 45.56
N THR E 73 22.58 23.23 45.43
CA THR E 73 23.77 23.58 46.20
C THR E 73 24.85 24.22 45.35
N GLY E 74 24.56 24.55 44.10
CA GLY E 74 25.52 25.24 43.27
C GLY E 74 25.93 26.57 43.87
N LEU E 75 27.12 27.03 43.46
CA LEU E 75 27.68 28.27 43.97
C LEU E 75 27.86 29.33 42.89
N SER E 76 27.42 29.07 41.66
CA SER E 76 27.54 30.03 40.58
C SER E 76 26.21 30.33 39.92
N GLY E 77 25.10 29.93 40.54
CA GLY E 77 23.80 30.18 39.96
C GLY E 77 23.48 29.31 38.76
N ALA E 78 24.10 28.14 38.67
CA ALA E 78 23.83 27.25 37.54
C ALA E 78 22.39 26.75 37.55
N ALA E 79 21.81 26.55 38.73
CA ALA E 79 20.45 26.02 38.84
C ALA E 79 19.40 27.13 38.89
N ASN E 80 19.79 28.39 38.99
CA ASN E 80 18.83 29.49 39.06
C ASN E 80 17.93 29.52 37.83
N ALA E 81 16.63 29.69 38.06
CA ALA E 81 15.64 29.67 36.99
C ALA E 81 15.35 31.07 36.50
N GLY E 82 15.12 31.19 35.19
CA GLY E 82 14.72 32.45 34.60
C GLY E 82 13.23 32.65 34.56
N ARG E 83 12.82 33.90 34.39
CA ARG E 83 11.41 34.24 34.37
C ARG E 83 10.71 33.48 33.25
N GLY E 84 9.68 32.69 33.62
CA GLY E 84 8.94 31.94 32.65
C GLY E 84 9.52 30.58 32.30
N TRP E 85 10.61 30.19 32.93
CA TRP E 85 11.25 28.91 32.64
C TRP E 85 10.48 27.76 33.31
N VAL E 86 10.93 26.55 33.03
CA VAL E 86 10.36 25.34 33.63
C VAL E 86 11.50 24.63 34.35
N VAL E 87 11.44 24.61 35.68
CA VAL E 87 12.46 23.98 36.49
C VAL E 87 12.15 22.49 36.60
N VAL E 88 13.06 21.66 36.10
CA VAL E 88 12.91 20.21 36.16
C VAL E 88 13.70 19.72 37.37
N SER E 89 12.98 19.33 38.42
CA SER E 89 13.58 18.87 39.66
C SER E 89 13.63 17.35 39.67
N PHE E 90 14.83 16.79 39.79
CA PHE E 90 15.01 15.35 39.83
C PHE E 90 14.89 14.77 41.23
N GLU E 91 14.21 15.48 42.14
CA GLU E 91 14.06 14.98 43.50
C GLU E 91 13.40 13.60 43.51
N ARG E 92 12.45 13.37 42.61
CA ARG E 92 11.76 12.08 42.57
C ARG E 92 12.63 10.98 41.97
N MET E 93 13.60 11.34 41.12
CA MET E 93 14.49 10.36 40.51
C MET E 93 15.75 10.27 41.37
N ASN E 94 15.65 9.52 42.46
CA ASN E 94 16.72 9.44 43.45
C ASN E 94 16.92 8.00 43.89
N ARG E 95 17.00 7.09 42.91
CA ARG E 95 17.16 5.67 43.17
C ARG E 95 18.47 5.17 42.58
N VAL E 96 19.14 4.29 43.32
CA VAL E 96 20.31 3.58 42.81
C VAL E 96 19.78 2.36 42.07
N LEU E 97 19.98 2.33 40.75
CA LEU E 97 19.32 1.32 39.92
C LEU E 97 20.06 0.00 39.88
N GLU E 98 21.39 0.02 39.97
CA GLU E 98 22.13 -1.24 39.88
C GLU E 98 23.54 -1.06 40.43
N VAL E 99 24.06 -2.12 41.02
CA VAL E 99 25.44 -2.16 41.51
C VAL E 99 26.05 -3.46 40.96
N ASP E 100 26.68 -3.37 39.79
CA ASP E 100 27.28 -4.52 39.13
C ASP E 100 28.64 -4.78 39.76
N THR E 101 28.71 -5.81 40.62
CA THR E 101 29.94 -6.11 41.34
C THR E 101 30.98 -6.78 40.45
N VAL E 102 30.55 -7.47 39.39
CA VAL E 102 31.51 -8.12 38.49
C VAL E 102 32.20 -7.08 37.61
N GLN E 103 31.42 -6.18 37.02
CA GLN E 103 31.99 -5.09 36.25
C GLN E 103 32.53 -3.97 37.13
N GLN E 104 32.11 -3.92 38.39
CA GLN E 104 32.53 -2.90 39.33
C GLN E 104 32.04 -1.52 38.87
N THR E 105 30.73 -1.43 38.68
CA THR E 105 30.08 -0.21 38.26
C THR E 105 28.74 -0.07 38.97
N VAL E 106 28.22 1.16 38.99
CA VAL E 106 26.93 1.46 39.59
C VAL E 106 26.15 2.35 38.63
N THR E 107 24.83 2.19 38.63
CA THR E 107 23.94 2.98 37.78
C THR E 107 22.99 3.77 38.68
N VAL E 108 23.05 5.09 38.58
CA VAL E 108 22.32 5.97 39.49
C VAL E 108 21.48 6.96 38.69
N GLN E 109 20.43 7.47 39.33
CA GLN E 109 19.60 8.54 38.82
C GLN E 109 20.10 9.90 39.32
N PRO E 110 19.74 10.97 38.62
CA PRO E 110 20.30 12.29 38.98
C PRO E 110 19.98 12.74 40.39
N GLY E 111 18.83 12.35 40.94
CA GLY E 111 18.43 12.85 42.25
C GLY E 111 19.18 12.25 43.42
N VAL E 112 19.96 11.20 43.20
CA VAL E 112 20.65 10.55 44.31
C VAL E 112 21.71 11.49 44.90
N VAL E 113 21.89 11.41 46.21
CA VAL E 113 22.88 12.21 46.92
C VAL E 113 24.23 11.52 46.87
N ASN E 114 25.29 12.32 46.88
CA ASN E 114 26.65 11.77 46.81
C ASN E 114 26.92 10.81 47.95
N ASP E 115 26.78 11.28 49.19
CA ASP E 115 27.05 10.43 50.35
C ASP E 115 26.20 9.16 50.33
N ASP E 116 24.91 9.30 49.97
CA ASP E 116 24.05 8.12 49.87
C ASP E 116 24.60 7.12 48.86
N LEU E 117 25.06 7.60 47.70
CA LEU E 117 25.64 6.71 46.70
C LEU E 117 26.88 6.02 47.23
N ARG E 118 27.71 6.74 47.99
CA ARG E 118 28.92 6.14 48.54
C ARG E 118 28.58 5.07 49.56
N ALA E 119 27.68 5.38 50.50
CA ALA E 119 27.29 4.39 51.51
C ALA E 119 26.65 3.17 50.88
N ARG E 120 25.93 3.34 49.77
CA ARG E 120 25.30 2.21 49.11
C ARG E 120 26.34 1.24 48.55
N VAL E 121 27.31 1.75 47.79
CA VAL E 121 28.36 0.91 47.25
C VAL E 121 29.27 0.35 48.34
N ALA E 122 29.31 0.99 49.51
CA ALA E 122 30.11 0.47 50.61
C ALA E 122 29.63 -0.91 51.04
N GLN E 123 28.33 -1.19 50.89
CA GLN E 123 27.80 -2.50 51.28
C GLN E 123 28.44 -3.62 50.47
N ASP E 124 28.68 -3.39 49.18
CA ASP E 124 29.30 -4.38 48.30
C ASP E 124 30.81 -4.25 48.24
N GLY E 125 31.43 -3.63 49.24
CA GLY E 125 32.87 -3.50 49.25
C GLY E 125 33.45 -2.61 48.18
N LEU E 126 32.66 -1.71 47.61
CA LEU E 126 33.11 -0.80 46.57
C LEU E 126 33.24 0.61 47.13
N TRP E 127 33.72 1.53 46.29
CA TRP E 127 34.03 2.88 46.72
C TRP E 127 33.89 3.84 45.54
N TYR E 128 33.24 4.98 45.79
CA TYR E 128 33.16 6.05 44.83
C TYR E 128 34.05 7.20 45.28
N PRO E 129 35.20 7.42 44.66
CA PRO E 129 36.20 8.33 45.22
C PRO E 129 35.68 9.75 45.34
N PRO E 130 35.14 10.34 44.25
CA PRO E 130 34.75 11.76 44.29
C PRO E 130 33.92 12.13 45.52
N ASP E 131 34.45 13.02 46.35
CA ASP E 131 33.83 13.39 47.62
C ASP E 131 33.81 14.91 47.77
N PRO E 132 32.86 15.58 47.13
CA PRO E 132 32.75 17.02 47.31
C PRO E 132 32.33 17.37 48.73
N ALA E 133 32.72 18.56 49.17
CA ALA E 133 32.34 19.02 50.50
C ALA E 133 30.83 18.97 50.71
N SER E 134 30.06 19.24 49.66
CA SER E 134 28.61 19.18 49.72
C SER E 134 28.05 17.78 49.46
N SER E 135 28.88 16.75 49.59
CA SER E 135 28.42 15.39 49.33
C SER E 135 27.18 15.01 50.13
N PRO E 136 27.04 15.39 51.40
CA PRO E 136 25.88 14.95 52.18
C PRO E 136 24.54 15.47 51.66
N TRP E 137 24.54 16.47 50.77
CA TRP E 137 23.27 17.01 50.30
C TRP E 137 23.30 17.41 48.82
N SER E 138 24.34 17.05 48.06
CA SER E 138 24.38 17.33 46.63
C SER E 138 24.05 16.06 45.85
N THR E 139 23.42 16.24 44.69
CA THR E 139 22.96 15.13 43.88
C THR E 139 24.04 14.71 42.87
N ILE E 140 23.95 13.45 42.45
CA ILE E 140 24.84 12.98 41.38
C ILE E 140 24.52 13.69 40.07
N GLY E 141 23.25 14.02 39.84
CA GLY E 141 22.91 14.80 38.67
C GLY E 141 23.65 16.12 38.63
N GLY E 142 23.78 16.77 39.79
CA GLY E 142 24.55 18.01 39.85
C GLY E 142 26.05 17.79 39.69
N ASN E 143 26.57 16.71 40.29
CA ASN E 143 28.00 16.45 40.17
C ASN E 143 28.42 16.19 38.74
N VAL E 144 27.52 15.66 37.91
CA VAL E 144 27.87 15.41 36.52
C VAL E 144 27.74 16.68 35.67
N ALA E 145 26.75 17.53 35.98
CA ALA E 145 26.56 18.74 35.20
C ALA E 145 27.65 19.77 35.47
N THR E 146 28.20 19.78 36.69
CA THR E 146 29.25 20.73 37.05
C THR E 146 30.62 20.08 37.15
N ASN E 147 30.72 18.76 36.97
CA ASN E 147 31.99 18.05 37.10
C ASN E 147 32.63 18.36 38.45
N ALA E 148 31.87 18.13 39.51
CA ALA E 148 32.30 18.50 40.85
C ALA E 148 33.58 17.77 41.24
N GLY E 149 34.34 18.39 42.14
CA GLY E 149 35.53 17.81 42.71
C GLY E 149 35.37 17.54 44.20
N GLY E 150 36.44 17.04 44.79
CA GLY E 150 36.41 16.68 46.19
C GLY E 150 37.73 16.90 46.90
N LEU E 151 37.90 16.25 48.05
CA LEU E 151 39.12 16.34 48.84
C LEU E 151 40.18 15.36 48.39
N CYS E 152 39.78 14.16 47.96
CA CYS E 152 40.70 13.14 47.50
C CYS E 152 40.99 13.23 46.01
N CYS E 153 40.41 14.21 45.31
CA CYS E 153 40.65 14.34 43.88
C CYS E 153 42.10 14.62 43.55
N VAL E 154 42.93 14.99 44.54
CA VAL E 154 44.34 15.19 44.28
C VAL E 154 45.02 13.88 43.89
N LYS E 155 44.44 12.75 44.27
CA LYS E 155 44.99 11.44 43.92
C LYS E 155 44.05 10.57 43.10
N TYR E 156 42.74 10.83 43.12
CA TYR E 156 41.77 9.95 42.46
C TYR E 156 40.94 10.67 41.41
N GLY E 157 41.32 11.88 41.02
CA GLY E 157 40.62 12.58 39.96
C GLY E 157 39.29 13.14 40.42
N VAL E 158 38.53 13.63 39.45
CA VAL E 158 37.25 14.27 39.73
C VAL E 158 36.12 13.42 39.13
N THR E 159 34.91 13.99 39.10
CA THR E 159 33.75 13.23 38.64
C THR E 159 33.94 12.71 37.23
N ARG E 160 34.33 13.59 36.30
CA ARG E 160 34.50 13.19 34.91
C ARG E 160 35.37 11.95 34.77
N ASP E 161 36.28 11.72 35.72
CA ASP E 161 37.15 10.56 35.65
C ASP E 161 36.43 9.26 35.98
N TYR E 162 35.17 9.31 36.42
CA TYR E 162 34.42 8.11 36.77
C TYR E 162 33.10 7.99 36.04
N VAL E 163 32.77 8.91 35.14
CA VAL E 163 31.53 8.85 34.38
C VAL E 163 31.76 7.95 33.17
N LEU E 164 31.15 6.77 33.18
CA LEU E 164 31.29 5.83 32.08
C LEU E 164 30.21 5.97 31.02
N GLY E 165 29.06 6.53 31.38
CA GLY E 165 27.96 6.66 30.45
C GLY E 165 26.76 7.25 31.14
N MET E 166 25.77 7.61 30.33
CA MET E 166 24.58 8.29 30.84
C MET E 166 23.48 8.19 29.80
N GLU E 167 22.26 8.50 30.24
CA GLU E 167 21.10 8.62 29.37
C GLU E 167 20.50 10.01 29.60
N ALA E 168 20.31 10.75 28.51
CA ALA E 168 19.84 12.13 28.60
C ALA E 168 18.78 12.39 27.53
N VAL E 169 17.96 13.39 27.79
CA VAL E 169 16.96 13.86 26.84
C VAL E 169 17.49 15.13 26.20
N VAL E 170 17.74 15.10 24.90
CA VAL E 170 18.36 16.21 24.19
C VAL E 170 17.46 16.62 23.04
N GLY E 171 17.74 17.81 22.50
CA GLY E 171 17.00 18.30 21.35
C GLY E 171 15.54 18.54 21.66
N SER E 172 14.68 18.13 20.73
CA SER E 172 13.24 18.33 20.86
C SER E 172 12.58 17.32 21.79
N GLY E 173 13.36 16.48 22.47
CA GLY E 173 12.79 15.56 23.41
C GLY E 173 13.13 14.11 23.14
N GLU E 174 14.21 13.87 22.39
CA GLU E 174 14.63 12.52 22.09
C GLU E 174 15.43 11.96 23.27
N VAL E 175 15.05 10.79 23.73
CA VAL E 175 15.75 10.13 24.83
C VAL E 175 16.87 9.28 24.22
N VAL E 176 18.10 9.73 24.41
CA VAL E 176 19.27 9.02 23.91
C VAL E 176 20.14 8.64 25.10
N ARG E 177 20.91 7.56 24.93
CA ARG E 177 21.86 7.11 25.95
C ARG E 177 23.27 7.24 25.39
N LEU E 178 24.03 8.17 25.95
CA LEU E 178 25.39 8.46 25.52
C LEU E 178 26.41 7.70 26.36
N GLY E 179 27.60 7.52 25.78
CA GLY E 179 28.68 6.83 26.47
C GLY E 179 28.58 5.32 26.33
N ARG E 180 29.16 4.62 27.31
CA ARG E 180 29.19 3.17 27.30
C ARG E 180 28.86 2.64 28.69
N THR E 181 28.92 1.32 28.84
CA THR E 181 28.79 0.67 30.14
C THR E 181 29.91 -0.33 30.42
N THR E 182 30.77 -0.63 29.45
CA THR E 182 31.87 -1.55 29.65
C THR E 182 33.05 -0.81 30.26
N ALA E 183 34.23 -1.31 30.12
CA ALA E 183 35.34 -0.63 30.71
C ALA E 183 36.05 0.19 29.70
N LYS E 184 35.97 -0.18 28.45
CA LYS E 184 36.63 0.57 27.40
C LYS E 184 35.67 0.80 26.27
N GLY E 185 35.62 1.98 25.69
CA GLY E 185 34.72 2.20 24.59
C GLY E 185 35.16 3.43 23.86
N VAL E 186 35.39 3.37 22.56
CA VAL E 186 35.88 4.50 21.80
C VAL E 186 35.02 4.72 20.55
N THR E 187 33.86 4.08 20.50
CA THR E 187 33.00 4.15 19.33
C THR E 187 32.45 5.56 19.17
N GLY E 188 32.84 6.22 18.07
CA GLY E 188 32.33 7.55 17.79
C GLY E 188 32.97 8.62 18.66
N TYR E 189 32.20 9.68 18.91
CA TYR E 189 32.62 10.79 19.74
C TYR E 189 32.38 10.50 21.22
N ASP E 190 32.94 11.35 22.07
CA ASP E 190 32.74 11.24 23.52
C ASP E 190 31.63 12.19 23.98
N LEU E 191 30.44 11.99 23.41
CA LEU E 191 29.31 12.85 23.74
C LEU E 191 29.00 12.80 25.23
N ALA E 192 29.33 11.67 25.89
CA ALA E 192 29.13 11.59 27.34
C ALA E 192 30.04 12.59 28.06
N GLY E 193 31.32 12.61 27.72
CA GLY E 193 32.22 13.60 28.28
C GLY E 193 31.84 15.02 27.94
N LEU E 194 31.10 15.22 26.85
CA LEU E 194 30.63 16.56 26.51
C LEU E 194 29.53 17.03 27.44
N MET E 195 28.69 16.10 27.91
CA MET E 195 27.67 16.47 28.88
C MET E 195 28.30 16.91 30.20
N VAL E 196 29.35 16.20 30.64
CA VAL E 196 30.02 16.55 31.88
C VAL E 196 30.55 17.97 31.79
N GLY E 197 30.33 18.75 32.83
CA GLY E 197 30.74 20.14 32.87
C GLY E 197 29.90 21.08 32.03
N SER E 198 28.83 20.58 31.40
CA SER E 198 27.95 21.43 30.61
C SER E 198 26.92 22.17 31.46
N GLU E 199 26.80 21.82 32.73
CA GLU E 199 25.86 22.49 33.63
C GLU E 199 24.45 22.56 33.03
N GLY E 200 24.04 21.48 32.39
CA GLY E 200 22.69 21.39 31.87
C GLY E 200 22.38 22.29 30.71
N THR E 201 23.38 22.67 29.93
CA THR E 201 23.18 23.54 28.78
C THR E 201 23.07 22.79 27.46
N LEU E 202 23.22 21.46 27.47
CA LEU E 202 23.07 20.65 26.28
C LEU E 202 22.01 19.57 26.40
N GLY E 203 21.53 19.29 27.60
CA GLY E 203 20.53 18.26 27.79
C GLY E 203 20.28 18.04 29.28
N LEU E 204 19.54 16.99 29.57
CA LEU E 204 19.20 16.61 30.94
C LEU E 204 19.58 15.16 31.16
N VAL E 205 20.40 14.91 32.17
CA VAL E 205 20.84 13.57 32.50
C VAL E 205 19.80 12.92 33.41
N THR E 206 19.29 11.77 32.98
CA THR E 206 18.32 11.01 33.77
C THR E 206 18.91 9.74 34.38
N GLU E 207 20.10 9.32 33.97
CA GLU E 207 20.76 8.14 34.52
C GLU E 207 22.23 8.20 34.15
N VAL E 208 23.09 7.82 35.08
CA VAL E 208 24.53 7.85 34.87
C VAL E 208 25.13 6.53 35.34
N THR E 209 26.12 6.04 34.60
CA THR E 209 26.86 4.83 34.95
C THR E 209 28.26 5.26 35.37
N LEU E 210 28.57 5.09 36.65
CA LEU E 210 29.84 5.54 37.22
C LEU E 210 30.76 4.34 37.44
N ARG E 211 32.05 4.57 37.24
CA ARG E 211 33.04 3.54 37.54
C ARG E 211 33.40 3.57 39.01
N LEU E 212 33.65 2.39 39.58
CA LEU E 212 33.94 2.24 40.99
C LEU E 212 35.33 1.63 41.18
N VAL E 213 35.73 1.52 42.44
CA VAL E 213 37.03 0.96 42.79
C VAL E 213 36.89 0.16 44.08
N PRO E 214 37.81 -0.77 44.32
CA PRO E 214 37.74 -1.56 45.56
C PRO E 214 37.91 -0.66 46.77
N LEU E 215 37.29 -1.06 47.87
CA LEU E 215 37.35 -0.28 49.10
C LEU E 215 38.80 -0.15 49.56
N ARG E 216 39.08 0.97 50.25
CA ARG E 216 40.46 1.26 50.66
C ARG E 216 40.97 0.20 51.64
N ARG E 217 40.25 0.00 52.74
CA ARG E 217 40.58 -1.04 53.72
C ARG E 217 42.02 -0.89 54.23
N GLY E 218 42.26 0.24 54.88
CA GLY E 218 43.58 0.52 55.43
C GLY E 218 43.50 1.63 56.45
N VAL E 219 44.65 1.98 57.01
CA VAL E 219 44.76 3.01 58.03
C VAL E 219 45.40 4.23 57.39
N GLU E 220 44.67 5.34 57.36
CA GLU E 220 45.17 6.58 56.77
C GLU E 220 46.17 7.24 57.72
N HIS E 221 47.24 7.78 57.14
CA HIS E 221 48.29 8.46 57.89
C HIS E 221 48.04 9.96 57.75
N THR E 222 47.33 10.52 58.72
CA THR E 222 47.05 11.95 58.72
C THR E 222 48.26 12.72 59.22
N VAL E 223 48.57 13.82 58.55
CA VAL E 223 49.70 14.69 58.88
C VAL E 223 49.14 16.10 59.03
N VAL E 224 48.89 16.50 60.26
CA VAL E 224 48.33 17.82 60.55
C VAL E 224 49.47 18.83 60.66
N GLY E 225 49.22 20.08 60.25
CA GLY E 225 50.24 21.11 60.36
C GLY E 225 49.68 22.49 60.52
N TYR E 226 50.34 23.33 61.33
CA TYR E 226 49.90 24.70 61.57
C TYR E 226 50.97 25.68 61.09
N PHE E 227 50.51 26.86 60.64
CA PHE E 227 51.39 27.91 60.17
C PHE E 227 50.89 29.24 60.73
N ASP E 228 51.67 30.29 60.48
CA ASP E 228 51.31 31.63 60.94
C ASP E 228 51.04 32.62 59.82
N SER E 229 51.12 32.19 58.56
CA SER E 229 50.85 33.07 57.43
C SER E 229 50.60 32.24 56.18
N LEU E 230 49.83 32.82 55.25
CA LEU E 230 49.56 32.14 54.00
C LEU E 230 50.77 32.10 53.08
N THR E 231 51.77 32.93 53.34
CA THR E 231 52.97 32.94 52.51
C THR E 231 53.91 31.80 52.90
N ASP E 232 54.24 31.69 54.19
CA ASP E 232 55.10 30.61 54.65
C ASP E 232 54.45 29.25 54.41
N ALA E 233 53.17 29.12 54.76
CA ALA E 233 52.46 27.86 54.54
C ALA E 233 52.43 27.49 53.07
N GLY E 234 52.35 28.50 52.18
CA GLY E 234 52.38 28.21 50.77
C GLY E 234 53.65 27.50 50.36
N ARG E 235 54.78 27.91 50.92
CA ARG E 235 56.05 27.25 50.62
C ARG E 235 56.06 25.81 51.12
N ALA E 236 55.34 25.53 52.20
CA ALA E 236 55.25 24.16 52.70
C ALA E 236 54.49 23.27 51.72
N VAL E 237 53.43 23.79 51.11
CA VAL E 237 52.69 23.03 50.10
C VAL E 237 53.59 22.66 48.94
N ALA E 238 54.41 23.61 48.49
CA ALA E 238 55.37 23.33 47.42
C ALA E 238 56.41 22.31 47.86
N ALA E 239 56.68 22.24 49.18
CA ALA E 239 57.65 21.28 49.68
C ALA E 239 57.19 19.85 49.39
N VAL E 240 55.91 19.57 49.63
CA VAL E 240 55.39 18.24 49.32
C VAL E 240 55.43 18.00 47.81
N SER E 241 55.22 19.05 47.02
CA SER E 241 55.30 18.91 45.57
C SER E 241 56.73 18.70 45.12
N ALA E 242 57.67 19.38 45.77
CA ALA E 242 59.09 19.24 45.44
C ALA E 242 59.69 17.93 45.94
N ALA E 243 58.92 17.13 46.67
CA ALA E 243 59.38 15.84 47.17
C ALA E 243 58.76 14.67 46.42
N GLY E 244 58.11 14.93 45.30
CA GLY E 244 57.48 13.85 44.54
C GLY E 244 56.44 13.07 45.32
N ILE E 245 55.71 13.74 46.22
CA ILE E 245 54.72 13.10 47.06
C ILE E 245 53.33 13.41 46.51
N VAL E 246 52.55 12.37 46.26
CA VAL E 246 51.17 12.52 45.81
C VAL E 246 50.25 12.19 46.99
N PRO E 247 49.92 13.17 47.83
CA PRO E 247 49.10 12.87 49.01
C PRO E 247 47.65 12.61 48.64
N SER E 248 47.03 11.68 49.38
CA SER E 248 45.60 11.40 49.19
C SER E 248 44.73 12.58 49.57
N ALA E 249 45.25 13.54 50.32
CA ALA E 249 44.48 14.71 50.73
C ALA E 249 45.41 15.81 51.20
N LEU E 250 45.19 17.03 50.73
CA LEU E 250 46.00 18.19 51.12
C LEU E 250 45.09 19.42 51.10
N GLU E 251 44.65 19.85 52.28
CA GLU E 251 43.71 20.96 52.40
C GLU E 251 44.28 22.07 53.28
N LEU E 252 43.88 23.30 52.98
CA LEU E 252 44.31 24.48 53.70
C LEU E 252 43.09 25.28 54.13
N ILE E 253 43.08 25.73 55.38
CA ILE E 253 41.99 26.52 55.92
C ILE E 253 42.56 27.73 56.63
N ASP E 254 41.87 28.87 56.54
CA ASP E 254 42.30 30.11 57.13
C ASP E 254 41.85 30.20 58.60
N ARG E 255 42.15 31.34 59.24
CA ARG E 255 41.77 31.51 60.63
C ARG E 255 40.27 31.71 60.79
N PHE E 256 39.70 32.69 60.07
CA PHE E 256 38.28 32.97 60.21
C PHE E 256 37.42 31.75 59.89
N CYS E 257 37.94 30.84 59.06
CA CYS E 257 37.20 29.60 58.79
C CYS E 257 37.13 28.73 60.04
N LEU E 258 38.26 28.53 60.70
CA LEU E 258 38.28 27.71 61.92
C LEU E 258 37.40 28.31 63.00
N GLN E 259 37.50 29.63 63.21
CA GLN E 259 36.70 30.29 64.24
C GLN E 259 35.22 29.99 64.06
N ALA E 260 34.72 30.15 62.83
CA ALA E 260 33.30 29.89 62.58
C ALA E 260 32.94 28.44 62.88
N VAL E 261 33.85 27.50 62.64
CA VAL E 261 33.55 26.10 62.90
C VAL E 261 33.57 25.83 64.41
N ASP E 262 34.46 26.50 65.15
CA ASP E 262 34.49 26.33 66.60
C ASP E 262 33.41 27.15 67.30
N GLU E 263 32.93 28.21 66.67
CA GLU E 263 31.83 28.99 67.22
C GLU E 263 30.46 28.42 66.88
N TRP E 264 30.41 27.43 65.99
CA TRP E 264 29.16 26.75 65.65
C TRP E 264 29.08 25.39 66.34
N LYS E 265 29.96 24.46 65.97
CA LYS E 265 29.99 23.15 66.63
C LYS E 265 30.61 23.24 68.02
N ASN E 266 31.30 24.33 68.34
CA ASN E 266 31.80 24.58 69.69
C ASN E 266 32.75 23.47 70.15
N MET E 267 33.63 23.03 69.25
CA MET E 267 34.61 22.00 69.56
C MET E 267 36.00 22.45 69.12
N GLY E 268 36.98 22.20 69.97
CA GLY E 268 38.35 22.58 69.69
C GLY E 268 39.36 21.97 70.63
N GLU E 272 45.29 29.72 67.45
CA GLU E 272 46.17 28.57 67.52
C GLU E 272 46.98 28.42 66.24
N GLY E 273 46.78 29.33 65.30
CA GLY E 273 47.50 29.29 64.04
C GLY E 273 46.75 30.01 62.92
N GLU E 274 47.50 30.55 61.96
CA GLU E 274 46.88 31.23 60.83
C GLU E 274 46.25 30.25 59.86
N VAL E 275 47.05 29.33 59.33
CA VAL E 275 46.57 28.34 58.38
C VAL E 275 46.89 26.95 58.91
N LEU E 276 46.05 25.98 58.53
CA LEU E 276 46.18 24.59 58.97
C LEU E 276 46.17 23.69 57.73
N LEU E 277 47.34 23.24 57.30
CA LEU E 277 47.44 22.32 56.19
C LEU E 277 47.23 20.89 56.68
N LEU E 278 46.18 20.23 56.20
CA LEU E 278 45.85 18.87 56.59
C LEU E 278 46.26 17.94 55.45
N ALA E 279 47.35 17.20 55.66
CA ALA E 279 47.83 16.22 54.70
C ALA E 279 47.45 14.82 55.14
N ARG E 280 47.46 13.90 54.18
CA ARG E 280 47.08 12.51 54.44
C ARG E 280 47.62 11.64 53.32
N SER E 281 47.99 10.42 53.69
CA SER E 281 48.52 9.43 52.76
C SER E 281 47.62 8.19 52.78
N ASP E 282 47.67 7.43 51.69
CA ASP E 282 46.81 6.27 51.52
C ASP E 282 47.60 5.06 51.07
N LEU E 283 48.85 4.95 51.52
CA LEU E 283 49.69 3.82 51.19
C LEU E 283 49.52 2.67 52.18
N GLY E 288 53.23 3.16 54.10
CA GLY E 288 52.48 4.40 54.17
C GLY E 288 53.01 5.34 55.22
N GLN E 289 53.39 4.80 56.36
CA GLN E 289 53.97 5.62 57.42
C GLN E 289 55.23 6.32 56.95
N GLU E 290 56.02 5.66 56.11
CA GLU E 290 57.23 6.28 55.58
C GLU E 290 56.89 7.53 54.77
N GLU E 291 55.78 7.48 54.02
CA GLU E 291 55.38 8.67 53.26
C GLU E 291 54.83 9.75 54.18
N ALA E 292 53.93 9.37 55.10
CA ALA E 292 53.40 10.34 56.05
C ALA E 292 54.52 11.01 56.83
N ASP E 293 55.58 10.26 57.15
CA ASP E 293 56.73 10.84 57.84
C ASP E 293 57.47 11.83 56.95
N ARG E 294 57.62 11.52 55.67
CA ARG E 294 58.29 12.44 54.75
C ARG E 294 57.56 13.79 54.70
N ILE E 295 56.22 13.75 54.72
CA ILE E 295 55.45 14.98 54.68
C ILE E 295 55.62 15.76 55.99
N LEU E 296 55.67 15.05 57.11
CA LEU E 296 55.86 15.72 58.39
C LEU E 296 57.14 16.55 58.39
N GLU E 297 58.23 15.98 57.87
CA GLU E 297 59.48 16.73 57.79
C GLU E 297 59.33 17.96 56.89
N CYS E 298 58.52 17.85 55.84
CA CYS E 298 58.29 19.00 54.96
C CYS E 298 57.66 20.17 55.72
N PHE E 299 56.74 19.87 56.64
CA PHE E 299 56.13 20.94 57.43
C PHE E 299 57.15 21.58 58.37
N GLU E 300 57.90 20.79 59.12
CA GLU E 300 58.92 21.35 59.99
C GLU E 300 60.01 22.05 59.19
N LYS E 301 60.24 21.62 57.95
CA LYS E 301 61.22 22.30 57.11
C LYS E 301 60.83 23.76 56.91
N GLU E 302 59.55 24.01 56.65
CA GLU E 302 58.99 25.35 56.60
C GLU E 302 58.55 25.78 58.00
N LYS E 303 57.99 26.98 58.12
CA LYS E 303 57.43 27.43 59.38
C LYS E 303 56.49 26.37 59.95
N ALA E 304 56.85 25.83 61.11
CA ALA E 304 56.13 24.71 61.70
C ALA E 304 55.69 25.06 63.12
N VAL E 305 54.39 24.88 63.39
CA VAL E 305 53.84 25.07 64.72
C VAL E 305 52.99 23.84 65.03
N TYR E 306 53.39 23.08 66.04
CA TYR E 306 52.68 21.85 66.42
C TYR E 306 52.54 20.91 65.23
N ALA E 307 53.55 20.90 64.37
CA ALA E 307 53.56 19.99 63.22
C ALA E 307 53.93 18.59 63.72
N VAL E 308 52.98 17.66 63.62
CA VAL E 308 53.14 16.31 64.14
C VAL E 308 52.44 15.34 63.21
N ARG E 309 53.14 14.27 62.82
CA ARG E 309 52.50 13.20 62.05
C ARG E 309 51.53 12.47 62.98
N SER E 310 50.24 12.69 62.78
CA SER E 310 49.24 12.19 63.70
C SER E 310 49.10 10.68 63.59
N THR E 311 49.11 10.00 64.73
CA THR E 311 48.84 8.58 64.80
C THR E 311 47.44 8.28 65.33
N ASP E 312 46.78 9.26 65.93
CA ASP E 312 45.41 9.09 66.40
C ASP E 312 44.49 9.31 65.20
N GLU E 313 44.02 8.21 64.61
CA GLU E 313 43.15 8.30 63.44
C GLU E 313 41.84 9.02 63.73
N GLU E 314 41.41 9.04 65.00
CA GLU E 314 40.13 9.66 65.31
C GLU E 314 40.27 11.17 65.50
N GLU E 315 41.25 11.60 66.29
CA GLU E 315 41.47 13.03 66.48
C GLU E 315 41.73 13.73 65.14
N ALA E 316 42.51 13.08 64.27
CA ALA E 316 42.71 13.63 62.93
C ALA E 316 41.41 13.63 62.14
N GLU E 317 40.66 12.53 62.20
CA GLU E 317 39.36 12.50 61.52
C GLU E 317 38.45 13.62 62.00
N ALA E 318 38.56 14.00 63.27
CA ALA E 318 37.78 15.12 63.79
C ALA E 318 38.24 16.43 63.17
N LEU E 319 39.53 16.57 62.87
CA LEU E 319 40.03 17.78 62.26
C LEU E 319 39.51 17.94 60.84
N PHE E 320 39.37 16.83 60.11
CA PHE E 320 38.86 16.88 58.74
C PHE E 320 37.38 17.17 58.68
N GLN E 321 36.67 17.18 59.81
CA GLN E 321 35.27 17.56 59.81
C GLN E 321 35.11 19.07 59.76
N ALA E 322 36.10 19.81 60.25
CA ALA E 322 36.07 21.26 60.16
C ALA E 322 36.35 21.73 58.73
N ARG E 323 37.25 21.03 58.04
CA ARG E 323 37.55 21.39 56.66
C ARG E 323 36.32 21.26 55.77
N ARG E 324 35.50 20.22 55.99
CA ARG E 324 34.29 20.05 55.20
C ARG E 324 33.16 20.95 55.67
N LEU E 325 33.13 21.31 56.95
CA LEU E 325 32.10 22.17 57.50
C LEU E 325 32.51 23.64 57.56
N ALA E 326 33.44 24.05 56.69
CA ALA E 326 33.87 25.45 56.69
C ALA E 326 32.84 26.34 56.03
N TYR E 327 32.33 25.94 54.86
CA TYR E 327 31.33 26.76 54.17
C TYR E 327 30.02 26.75 54.94
N PRO E 328 29.44 25.60 55.30
CA PRO E 328 28.19 25.64 56.09
C PRO E 328 28.33 26.38 57.40
N ALA E 329 29.53 26.42 57.98
CA ALA E 329 29.76 27.18 59.19
C ALA E 329 29.91 28.67 58.94
N LEU E 330 30.15 29.08 57.70
CA LEU E 330 30.25 30.50 57.36
C LEU E 330 28.98 31.07 56.75
N GLU E 331 28.16 30.24 56.09
CA GLU E 331 26.89 30.74 55.58
C GLU E 331 25.95 31.16 56.71
N ARG E 332 26.08 30.54 57.88
CA ARG E 332 25.28 30.93 59.04
C ARG E 332 25.62 32.34 59.53
N LEU E 333 26.77 32.89 59.12
CA LEU E 333 27.20 34.20 59.56
C LEU E 333 26.82 35.31 58.57
N GLY E 334 25.96 35.00 57.59
CA GLY E 334 25.50 36.00 56.66
C GLY E 334 25.81 35.66 55.21
N PRO E 335 25.52 36.59 54.31
CA PRO E 335 25.82 36.36 52.89
C PRO E 335 27.31 36.11 52.69
N LEU E 336 27.62 35.04 51.95
CA LEU E 336 28.99 34.62 51.71
C LEU E 336 29.20 34.51 50.21
N LEU E 337 30.00 35.40 49.64
CA LEU E 337 30.35 35.35 48.24
C LEU E 337 31.69 34.64 48.09
N THR E 338 31.71 33.60 47.27
CA THR E 338 32.86 32.73 47.14
C THR E 338 33.43 32.79 45.73
N GLU E 339 34.75 32.69 45.64
CA GLU E 339 35.45 32.62 44.36
C GLU E 339 36.24 31.32 44.29
N ASP E 340 36.36 30.80 43.07
CA ASP E 340 36.97 29.49 42.83
C ASP E 340 37.93 29.61 41.64
N VAL E 341 39.22 29.78 41.94
CA VAL E 341 40.25 29.81 40.91
C VAL E 341 41.16 28.61 41.08
N CYS E 342 41.80 28.21 39.98
CA CYS E 342 42.74 27.11 39.97
C CYS E 342 43.95 27.51 39.16
N VAL E 343 45.13 27.45 39.77
CA VAL E 343 46.38 27.82 39.10
C VAL E 343 47.33 26.65 39.17
N PRO E 344 48.44 26.68 38.43
CA PRO E 344 49.42 25.60 38.56
C PRO E 344 50.00 25.55 39.97
N LYS E 345 50.38 24.35 40.38
CA LYS E 345 50.90 24.15 41.73
C LYS E 345 52.04 25.11 42.05
N ALA E 346 52.85 25.46 41.04
CA ALA E 346 53.98 26.36 41.25
C ALA E 346 53.56 27.79 41.54
N ARG E 347 52.27 28.12 41.41
CA ARG E 347 51.77 29.45 41.69
C ARG E 347 50.98 29.52 42.99
N VAL E 348 50.83 28.40 43.71
CA VAL E 348 50.09 28.43 44.98
C VAL E 348 50.72 29.41 45.96
N PRO E 349 52.02 29.35 46.25
CA PRO E 349 52.61 30.37 47.15
C PRO E 349 52.45 31.79 46.62
N HIS E 350 52.74 32.02 45.34
CA HIS E 350 52.59 33.35 44.76
C HIS E 350 51.14 33.79 44.78
N MET E 351 50.22 32.88 44.48
CA MET E 351 48.80 33.26 44.40
C MET E 351 48.25 33.59 45.78
N LEU E 352 48.70 32.88 46.82
CA LEU E 352 48.25 33.21 48.17
C LEU E 352 48.69 34.60 48.56
N GLU E 353 49.95 34.96 48.28
CA GLU E 353 50.40 36.32 48.56
C GLU E 353 49.60 37.35 47.77
N ALA E 354 49.10 36.98 46.59
CA ALA E 354 48.31 37.92 45.81
C ALA E 354 46.94 38.14 46.43
N ILE E 355 46.34 37.10 47.01
CA ILE E 355 45.03 37.24 47.63
C ILE E 355 45.11 38.16 48.84
N GLU E 356 46.14 38.01 49.68
CA GLU E 356 46.30 38.89 50.83
C GLU E 356 46.34 40.35 50.39
N ALA E 357 47.10 40.65 49.34
CA ALA E 357 47.17 42.02 48.86
C ALA E 357 45.83 42.51 48.34
N ALA E 358 45.03 41.62 47.76
CA ALA E 358 43.70 42.03 47.29
C ALA E 358 42.81 42.46 48.45
N GLY E 359 43.08 41.97 49.66
CA GLY E 359 42.34 42.36 50.83
C GLY E 359 42.76 43.73 51.32
N GLU E 360 44.08 43.93 51.46
CA GLU E 360 44.59 45.22 51.91
C GLU E 360 44.26 46.32 50.92
N ARG E 361 44.40 46.03 49.62
CA ARG E 361 44.16 47.05 48.60
C ARG E 361 42.71 47.53 48.62
N PHE E 362 41.77 46.63 48.87
CA PHE E 362 40.34 46.96 48.82
C PHE E 362 39.66 46.91 50.18
N ASP E 363 40.43 46.88 51.27
CA ASP E 363 39.87 46.89 52.62
C ASP E 363 38.79 45.82 52.74
N THR E 364 39.16 44.58 52.42
CA THR E 364 38.25 43.46 52.42
C THR E 364 38.91 42.28 53.12
N ARG E 365 38.27 41.78 54.17
CA ARG E 365 38.73 40.58 54.86
C ARG E 365 38.39 39.36 54.03
N ILE E 366 39.41 38.64 53.57
CA ILE E 366 39.23 37.50 52.67
C ILE E 366 39.75 36.26 53.38
N GLY E 367 38.83 35.33 53.69
CA GLY E 367 39.24 34.03 54.17
C GLY E 367 39.69 33.12 53.04
N ASN E 368 40.53 32.14 53.39
CA ASN E 368 41.15 31.28 52.40
C ASN E 368 41.06 29.82 52.83
N ILE E 369 40.43 29.00 51.99
CA ILE E 369 40.54 27.55 52.06
C ILE E 369 40.73 27.06 50.63
N ALA E 370 41.61 26.07 50.45
CA ALA E 370 41.94 25.66 49.10
C ALA E 370 42.53 24.25 49.11
N HIS E 371 42.28 23.52 48.02
CA HIS E 371 42.92 22.24 47.76
C HIS E 371 44.33 22.48 47.22
N ALA E 372 45.21 22.88 48.15
CA ALA E 372 46.56 23.26 47.75
C ALA E 372 47.24 22.20 46.90
N GLY E 373 46.90 20.92 47.10
CA GLY E 373 47.50 19.88 46.31
C GLY E 373 47.25 20.02 44.82
N ASP E 374 46.14 20.63 44.44
CA ASP E 374 45.77 20.82 43.04
C ASP E 374 45.77 22.29 42.62
N GLY E 375 46.12 23.21 43.50
CA GLY E 375 46.06 24.62 43.16
C GLY E 375 44.67 25.21 43.07
N ASN E 376 43.67 24.53 43.64
CA ASN E 376 42.28 24.99 43.58
C ASN E 376 42.01 25.82 44.84
N LEU E 377 42.01 27.15 44.68
CA LEU E 377 41.84 28.07 45.79
C LEU E 377 40.38 28.50 45.92
N HIS E 378 39.93 28.65 47.17
CA HIS E 378 38.56 29.09 47.49
C HIS E 378 38.62 30.26 48.47
N PRO E 379 38.90 31.47 47.98
CA PRO E 379 38.80 32.65 48.87
C PRO E 379 37.34 33.03 49.08
N LEU E 380 36.93 33.12 50.34
CA LEU E 380 35.55 33.45 50.71
C LEU E 380 35.49 34.74 51.50
N PHE E 381 34.60 35.63 51.10
CA PHE E 381 34.34 36.89 51.79
C PHE E 381 32.93 36.90 52.36
N ILE E 382 32.81 37.24 53.65
CA ILE E 382 31.51 37.39 54.28
C ILE E 382 31.10 38.86 54.18
N VAL E 383 29.97 39.12 53.55
CA VAL E 383 29.52 40.48 53.25
C VAL E 383 28.60 40.93 54.38
N PRO E 384 28.94 41.99 55.12
CA PRO E 384 28.06 42.46 56.18
C PRO E 384 26.80 43.10 55.61
N ALA E 385 25.74 43.09 56.42
CA ALA E 385 24.46 43.66 56.02
C ALA E 385 24.49 45.17 56.20
N GLY E 386 24.02 45.90 55.19
CA GLY E 386 23.94 47.34 55.23
C GLY E 386 25.14 48.07 54.68
N ASP E 387 26.31 47.44 54.66
CA ASP E 387 27.53 48.05 54.14
C ASP E 387 27.69 47.58 52.69
N GLU E 388 27.00 48.27 51.78
CA GLU E 388 27.10 47.90 50.37
C GLU E 388 28.47 48.27 49.81
N GLU E 389 29.13 49.27 50.40
CA GLU E 389 30.47 49.64 49.94
C GLU E 389 31.42 48.46 49.99
N ALA E 390 31.43 47.73 51.11
CA ALA E 390 32.27 46.54 51.21
C ALA E 390 31.88 45.48 50.19
N LYS E 391 30.59 45.41 49.84
CA LYS E 391 30.16 44.44 48.83
C LYS E 391 30.81 44.75 47.48
N ARG E 392 30.75 46.01 47.05
CA ARG E 392 31.38 46.39 45.79
C ARG E 392 32.90 46.35 45.89
N ARG E 393 33.45 46.61 47.08
CA ARG E 393 34.90 46.50 47.26
C ARG E 393 35.35 45.05 47.12
N ALA E 394 34.58 44.11 47.64
CA ALA E 394 34.92 42.70 47.45
C ALA E 394 34.78 42.29 45.99
N LYS E 395 33.81 42.87 45.28
CA LYS E 395 33.67 42.57 43.86
C LYS E 395 34.88 43.07 43.06
N GLN E 396 35.55 44.11 43.55
CA GLN E 396 36.75 44.60 42.86
C GLN E 396 37.94 43.70 43.15
N ALA E 397 38.08 43.27 44.41
CA ALA E 397 39.07 42.24 44.72
C ALA E 397 38.70 40.93 44.03
N PHE E 398 37.42 40.74 43.74
CA PHE E 398 36.98 39.56 43.00
C PHE E 398 37.54 39.57 41.58
N GLU E 399 37.49 40.72 40.91
CA GLU E 399 38.06 40.83 39.58
C GLU E 399 39.58 40.81 39.58
N VAL E 400 40.21 41.16 40.71
CA VAL E 400 41.67 41.16 40.75
C VAL E 400 42.21 39.76 40.98
N ILE E 401 41.60 39.00 41.89
CA ILE E 401 42.09 37.64 42.14
C ILE E 401 41.88 36.75 40.92
N VAL E 402 40.85 37.01 40.13
CA VAL E 402 40.61 36.21 38.93
C VAL E 402 41.68 36.49 37.87
N ASP E 403 41.82 37.77 37.50
CA ASP E 403 42.79 38.13 36.46
C ASP E 403 44.18 37.64 36.82
N GLU E 404 44.54 37.66 38.11
CA GLU E 404 45.80 37.11 38.54
C GLU E 404 45.86 35.59 38.40
N ALA E 405 44.71 34.92 38.36
CA ALA E 405 44.70 33.48 38.16
C ALA E 405 44.90 33.12 36.69
N LEU E 406 44.29 33.87 35.78
CA LEU E 406 44.50 33.62 34.37
C LEU E 406 45.87 34.12 33.91
N ALA E 407 46.33 35.23 34.47
CA ALA E 407 47.64 35.76 34.07
C ALA E 407 48.76 34.78 34.37
N VAL E 408 48.63 34.01 35.45
CA VAL E 408 49.67 33.05 35.84
C VAL E 408 49.46 31.68 35.20
N GLY E 409 48.46 31.53 34.34
CA GLY E 409 48.20 30.28 33.65
C GLY E 409 47.13 29.42 34.26
N GLY E 410 46.34 29.94 35.19
CA GLY E 410 45.28 29.19 35.81
C GLY E 410 44.00 29.23 34.99
N THR E 411 42.89 28.87 35.65
CA THR E 411 41.59 28.86 35.02
C THR E 411 40.60 29.58 35.93
N VAL E 412 39.52 30.08 35.32
CA VAL E 412 38.59 30.91 36.07
C VAL E 412 37.83 30.10 37.10
N THR E 413 37.60 28.81 36.83
CA THR E 413 36.83 27.96 37.73
C THR E 413 37.44 26.56 37.72
N GLY E 414 37.67 26.01 38.90
CA GLY E 414 38.24 24.68 39.02
C GLY E 414 37.21 23.58 39.17
N GLU E 415 36.26 23.77 40.08
CA GLU E 415 35.29 22.73 40.38
C GLU E 415 33.85 23.20 40.49
N HIS E 416 33.61 24.51 40.65
CA HIS E 416 32.25 24.97 40.88
C HIS E 416 31.51 25.19 39.58
N GLY E 417 32.19 25.66 38.54
CA GLY E 417 31.57 25.88 37.26
C GLY E 417 31.32 27.36 36.99
N VAL E 418 31.21 27.69 35.71
CA VAL E 418 31.01 29.08 35.31
C VAL E 418 29.64 29.56 35.77
N GLY E 419 28.59 28.84 35.38
CA GLY E 419 27.25 29.24 35.79
C GLY E 419 26.94 30.66 35.36
N LEU E 420 26.72 31.53 36.34
CA LEU E 420 26.40 32.92 36.08
C LEU E 420 27.37 33.89 36.73
N LEU E 421 27.80 33.62 37.97
CA LEU E 421 28.68 34.54 38.69
C LEU E 421 30.13 34.44 38.24
N LYS E 422 30.40 33.70 37.15
CA LYS E 422 31.76 33.60 36.64
C LYS E 422 31.82 33.72 35.12
N MET E 423 30.73 34.15 34.46
CA MET E 423 30.74 34.23 33.02
C MET E 423 31.71 35.30 32.52
N ARG E 424 31.95 36.34 33.31
CA ARG E 424 32.87 37.39 32.89
C ARG E 424 34.27 36.83 32.70
N GLY E 425 34.81 36.21 33.75
CA GLY E 425 36.12 35.58 33.63
C GLY E 425 36.14 34.46 32.62
N ALA E 426 35.07 33.66 32.58
CA ALA E 426 35.00 32.56 31.61
C ALA E 426 35.22 33.06 30.19
N ALA E 427 34.61 34.19 29.84
CA ALA E 427 34.80 34.74 28.50
C ALA E 427 36.25 35.14 28.28
N ASP E 428 36.87 35.79 29.28
CA ASP E 428 38.26 36.22 29.12
C ASP E 428 39.19 35.03 28.97
N GLU E 429 38.91 33.93 29.68
CA GLU E 429 39.77 32.75 29.58
C GLU E 429 39.63 32.06 28.23
N LEU E 430 38.40 31.71 27.87
CA LEU E 430 38.18 30.92 26.65
C LEU E 430 38.66 31.67 25.41
N GLY E 431 38.22 32.92 25.26
CA GLY E 431 38.55 33.70 24.09
C GLY E 431 37.44 33.65 23.07
N PRO E 432 37.54 34.49 22.04
CA PRO E 432 36.47 34.56 21.05
C PRO E 432 36.32 33.28 20.24
N HIS E 433 37.43 32.74 19.76
CA HIS E 433 37.37 31.53 18.95
C HIS E 433 36.70 30.39 19.71
N VAL E 434 37.17 30.09 20.91
CA VAL E 434 36.62 28.98 21.68
C VAL E 434 35.16 29.27 22.04
N LEU E 435 34.84 30.51 22.39
CA LEU E 435 33.46 30.86 22.70
C LEU E 435 32.55 30.65 21.50
N ALA E 436 32.99 31.09 20.31
CA ALA E 436 32.22 30.83 19.11
C ALA E 436 31.95 29.35 18.92
N MET E 437 32.88 28.50 19.37
CA MET E 437 32.66 27.06 19.29
C MET E 437 31.58 26.60 20.25
N HIS E 438 31.53 27.17 21.46
CA HIS E 438 30.49 26.80 22.42
C HIS E 438 29.10 27.09 21.84
N ARG E 439 28.94 28.27 21.25
CA ARG E 439 27.65 28.61 20.63
C ARG E 439 27.33 27.68 19.46
N ALA E 440 28.36 27.25 18.73
CA ALA E 440 28.12 26.32 17.62
C ALA E 440 27.70 24.94 18.14
N VAL E 441 28.44 24.41 19.12
CA VAL E 441 28.11 23.09 19.65
C VAL E 441 26.73 23.08 20.25
N LYS E 442 26.44 24.02 21.15
CA LYS E 442 25.12 24.08 21.76
C LYS E 442 24.03 24.19 20.71
N GLY E 443 24.29 24.91 19.61
CA GLY E 443 23.29 25.05 18.58
C GLY E 443 22.97 23.75 17.87
N ALA E 444 23.98 22.90 17.68
CA ALA E 444 23.76 21.64 16.97
C ALA E 444 23.00 20.65 17.83
N LEU E 445 23.30 20.58 19.13
CA LEU E 445 22.65 19.63 20.02
C LEU E 445 21.41 20.21 20.70
N ASP E 446 21.21 21.53 20.63
CA ASP E 446 20.03 22.17 21.21
C ASP E 446 19.53 23.23 20.23
N PRO E 447 19.04 22.80 19.07
CA PRO E 447 18.59 23.78 18.06
C PRO E 447 17.51 24.71 18.57
N ALA E 448 16.75 24.31 19.58
CA ALA E 448 15.73 25.17 20.16
C ALA E 448 16.27 26.12 21.22
N GLY E 449 17.49 25.90 21.69
CA GLY E 449 18.07 26.75 22.72
C GLY E 449 17.25 26.83 23.98
N ILE E 450 16.76 25.69 24.47
CA ILE E 450 15.89 25.67 25.64
C ILE E 450 16.56 25.11 26.87
N PHE E 451 17.76 24.53 26.75
CA PHE E 451 18.45 23.91 27.88
C PHE E 451 19.31 24.95 28.56
N ASN E 452 18.82 25.48 29.69
CA ASN E 452 19.52 26.45 30.52
C ASN E 452 20.22 27.50 29.66
N PRO E 453 19.51 28.16 28.75
CA PRO E 453 20.19 29.13 27.87
C PRO E 453 20.60 30.38 28.62
N GLY E 454 21.80 30.86 28.33
CA GLY E 454 22.31 32.08 28.93
C GLY E 454 23.37 31.87 29.98
N LYS E 455 23.61 30.64 30.42
CA LYS E 455 24.60 30.36 31.44
C LYS E 455 25.86 29.78 30.82
N VAL E 456 26.97 29.95 31.52
CA VAL E 456 28.28 29.51 31.05
C VAL E 456 28.78 30.50 29.99
N PHE E 457 28.05 30.58 28.86
CA PHE E 457 28.37 31.53 27.81
C PHE E 457 27.09 32.20 27.35
N ALA E 458 27.25 33.27 26.58
CA ALA E 458 26.13 34.06 26.08
C ALA E 458 25.75 33.60 24.68
N LEU E 459 24.45 33.53 24.42
CA LEU E 459 23.92 33.14 23.11
C LEU E 459 23.63 34.35 22.23
N GLU E 460 24.18 35.51 22.56
CA GLU E 460 23.98 36.77 21.83
C GLU E 460 23.63 36.59 20.36
N GLY F 3 -45.99 45.94 -21.12
CA GLY F 3 -45.12 46.48 -20.08
C GLY F 3 -43.91 45.62 -19.83
N VAL F 4 -42.83 46.23 -19.34
CA VAL F 4 -41.59 45.49 -19.09
C VAL F 4 -41.77 44.58 -17.88
N VAL F 5 -42.26 45.13 -16.77
CA VAL F 5 -42.51 44.31 -15.59
C VAL F 5 -43.57 43.26 -15.89
N GLU F 6 -44.51 43.58 -16.78
CA GLU F 6 -45.55 42.62 -17.13
C GLU F 6 -44.95 41.37 -17.78
N GLU F 7 -44.01 41.56 -18.72
CA GLU F 7 -43.42 40.41 -19.39
C GLU F 7 -42.55 39.59 -18.45
N LEU F 8 -41.92 40.23 -17.47
CA LEU F 8 -41.06 39.50 -16.54
C LEU F 8 -41.87 38.49 -15.74
N VAL F 9 -43.00 38.93 -15.16
CA VAL F 9 -43.87 38.01 -14.43
C VAL F 9 -44.38 36.92 -15.35
N ALA F 10 -44.75 37.29 -16.59
CA ALA F 10 -45.25 36.32 -17.55
C ALA F 10 -44.19 35.32 -18.01
N ALA F 11 -42.93 35.53 -17.65
CA ALA F 11 -41.85 34.62 -18.07
C ALA F 11 -41.31 33.74 -16.96
N ILE F 12 -41.11 34.30 -15.76
CA ILE F 12 -40.55 33.55 -14.65
C ILE F 12 -41.47 33.57 -13.43
N GLY F 13 -42.70 34.03 -13.59
CA GLY F 13 -43.64 34.11 -12.50
C GLY F 13 -43.40 35.30 -11.59
N ALA F 14 -44.31 35.50 -10.65
CA ALA F 14 -44.26 36.61 -9.71
C ALA F 14 -43.40 36.29 -8.49
N GLU F 15 -43.31 35.02 -8.10
CA GLU F 15 -42.50 34.64 -6.94
C GLU F 15 -41.02 34.87 -7.16
N GLN F 16 -40.58 35.08 -8.40
CA GLN F 16 -39.17 35.25 -8.72
C GLN F 16 -38.82 36.66 -9.16
N VAL F 17 -39.80 37.55 -9.25
CA VAL F 17 -39.59 38.94 -9.63
C VAL F 17 -39.98 39.82 -8.44
N VAL F 18 -39.21 40.86 -8.19
CA VAL F 18 -39.44 41.78 -7.09
C VAL F 18 -39.55 43.19 -7.65
N THR F 19 -40.55 43.94 -7.19
CA THR F 19 -40.78 45.30 -7.66
C THR F 19 -40.94 46.32 -6.55
N ASP F 20 -40.97 45.90 -5.28
CA ASP F 20 -41.12 46.83 -4.17
C ASP F 20 -39.99 47.84 -4.17
N PRO F 21 -40.27 49.12 -4.41
CA PRO F 21 -39.19 50.12 -4.38
C PRO F 21 -38.43 50.14 -3.07
N ALA F 22 -39.06 49.71 -1.98
CA ALA F 22 -38.36 49.66 -0.69
C ALA F 22 -37.41 48.49 -0.61
N VAL F 23 -37.80 47.34 -1.17
CA VAL F 23 -36.96 46.14 -1.11
C VAL F 23 -35.80 46.23 -2.09
N MET F 24 -36.03 46.73 -3.30
CA MET F 24 -35.00 46.78 -4.32
C MET F 24 -33.83 47.69 -3.93
N GLU F 25 -33.94 48.42 -2.82
CA GLU F 25 -32.85 49.31 -2.40
C GLU F 25 -31.54 48.57 -2.26
N GLY F 26 -31.54 47.45 -1.53
CA GLY F 26 -30.31 46.74 -1.27
C GLY F 26 -29.78 45.91 -2.42
N TYR F 27 -30.57 45.74 -3.47
CA TYR F 27 -30.14 44.98 -4.63
C TYR F 27 -29.50 45.84 -5.71
N SER F 28 -29.45 47.16 -5.52
CA SER F 28 -29.00 48.09 -6.54
C SER F 28 -27.68 48.78 -6.20
N HIS F 29 -27.08 48.50 -5.04
CA HIS F 29 -25.81 49.13 -4.68
C HIS F 29 -24.93 48.12 -3.98
N ASP F 30 -23.63 48.27 -4.19
CA ASP F 30 -22.62 47.43 -3.55
C ASP F 30 -21.93 48.23 -2.44
N GLU F 31 -20.86 47.67 -1.88
CA GLU F 31 -20.15 48.30 -0.77
C GLU F 31 -19.47 49.61 -1.18
N ALA F 32 -19.55 50.02 -2.44
CA ALA F 32 -18.99 51.30 -2.88
C ALA F 32 -19.92 52.41 -2.40
N GLU F 33 -19.43 53.22 -1.46
CA GLU F 33 -20.26 54.26 -0.86
C GLU F 33 -20.40 55.51 -1.74
N TRP F 34 -19.59 55.63 -2.79
CA TRP F 34 -19.64 56.81 -3.64
C TRP F 34 -19.86 56.48 -5.11
N ALA F 35 -20.19 55.23 -5.42
CA ALA F 35 -20.49 54.84 -6.80
C ALA F 35 -21.98 55.05 -7.05
N PRO F 36 -22.36 55.89 -8.01
CA PRO F 36 -23.77 56.22 -8.19
C PRO F 36 -24.61 55.01 -8.57
N TYR F 37 -25.83 54.96 -8.05
CA TYR F 37 -26.79 53.91 -8.36
C TYR F 37 -28.19 54.48 -8.20
N ASP F 38 -29.09 54.07 -9.10
CA ASP F 38 -30.45 54.56 -9.13
C ASP F 38 -31.42 53.40 -8.97
N ALA F 39 -32.70 53.73 -8.83
CA ALA F 39 -33.72 52.72 -8.56
C ALA F 39 -33.95 51.87 -9.79
N PRO F 40 -33.75 50.55 -9.72
CA PRO F 40 -33.95 49.70 -10.90
C PRO F 40 -35.43 49.42 -11.14
N ALA F 41 -35.71 48.95 -12.35
CA ALA F 41 -37.09 48.64 -12.73
C ALA F 41 -37.62 47.44 -11.94
N ALA F 42 -36.75 46.47 -11.66
CA ALA F 42 -37.16 45.29 -10.91
C ALA F 42 -35.92 44.51 -10.53
N VAL F 43 -36.05 43.71 -9.47
CA VAL F 43 -34.97 42.85 -8.99
C VAL F 43 -35.44 41.41 -9.18
N VAL F 44 -34.84 40.72 -10.12
CA VAL F 44 -35.19 39.34 -10.42
C VAL F 44 -34.28 38.40 -9.64
N ARG F 45 -34.87 37.35 -9.08
CA ARG F 45 -34.13 36.32 -8.33
C ARG F 45 -34.45 34.98 -8.99
N PRO F 46 -33.74 34.61 -10.04
CA PRO F 46 -34.10 33.40 -10.79
C PRO F 46 -33.94 32.15 -9.94
N ARG F 47 -34.61 31.08 -10.39
CA ARG F 47 -34.56 29.79 -9.73
C ARG F 47 -33.50 28.88 -10.34
N ASP F 48 -33.37 28.88 -11.66
CA ASP F 48 -32.39 28.06 -12.35
C ASP F 48 -31.98 28.79 -13.63
N THR F 49 -31.11 28.15 -14.41
CA THR F 49 -30.64 28.78 -15.63
C THR F 49 -31.80 29.13 -16.55
N ALA F 50 -32.83 28.29 -16.59
CA ALA F 50 -33.97 28.54 -17.48
C ALA F 50 -34.60 29.90 -17.19
N ASP F 51 -34.79 30.24 -15.91
CA ASP F 51 -35.34 31.54 -15.57
C ASP F 51 -34.43 32.66 -16.05
N VAL F 52 -33.11 32.49 -15.91
CA VAL F 52 -32.17 33.50 -16.35
C VAL F 52 -32.25 33.67 -17.87
N ALA F 53 -32.45 32.56 -18.60
CA ALA F 53 -32.54 32.65 -20.05
C ALA F 53 -33.69 33.56 -20.48
N GLU F 54 -34.84 33.45 -19.81
CA GLU F 54 -35.97 34.30 -20.17
C GLU F 54 -35.72 35.75 -19.82
N VAL F 55 -35.08 36.00 -18.68
CA VAL F 55 -34.78 37.38 -18.28
C VAL F 55 -33.90 38.06 -19.30
N VAL F 56 -32.87 37.36 -19.79
CA VAL F 56 -31.97 37.94 -20.78
C VAL F 56 -32.68 38.12 -22.11
N ARG F 57 -33.54 37.17 -22.48
CA ARG F 57 -34.23 37.26 -23.76
C ARG F 57 -35.14 38.48 -23.79
N ILE F 58 -35.93 38.68 -22.73
CA ILE F 58 -36.86 39.81 -22.70
C ILE F 58 -36.10 41.12 -22.71
N CYS F 59 -35.08 41.24 -21.87
CA CYS F 59 -34.30 42.47 -21.84
C CYS F 59 -33.55 42.69 -23.14
N ALA F 60 -33.18 41.61 -23.84
CA ALA F 60 -32.47 41.75 -25.10
C ALA F 60 -33.34 42.47 -26.14
N GLY F 61 -34.58 42.00 -26.31
CA GLY F 61 -35.47 42.63 -27.27
C GLY F 61 -35.86 44.03 -26.89
N ARG F 62 -36.11 44.25 -25.60
CA ARG F 62 -36.50 45.58 -25.11
C ARG F 62 -35.31 46.49 -24.88
N GLY F 63 -34.09 46.00 -24.99
CA GLY F 63 -32.94 46.86 -24.77
C GLY F 63 -32.84 47.39 -23.36
N VAL F 64 -33.19 46.57 -22.39
CA VAL F 64 -33.14 46.93 -20.97
C VAL F 64 -31.82 46.43 -20.38
N ALA F 65 -31.12 47.32 -19.68
CA ALA F 65 -29.85 46.95 -19.08
C ALA F 65 -30.05 45.93 -17.97
N VAL F 66 -29.18 44.92 -17.94
CA VAL F 66 -29.24 43.87 -16.93
C VAL F 66 -27.90 43.81 -16.22
N VAL F 67 -27.94 43.80 -14.89
CA VAL F 67 -26.75 43.77 -14.06
C VAL F 67 -26.86 42.59 -13.11
N GLY F 68 -25.95 41.62 -13.25
CA GLY F 68 -25.91 40.51 -12.32
C GLY F 68 -25.38 40.94 -10.97
N ARG F 69 -25.93 40.33 -9.91
CA ARG F 69 -25.55 40.66 -8.55
C ARG F 69 -25.25 39.40 -7.77
N GLY F 70 -24.13 39.39 -7.06
CA GLY F 70 -23.83 38.29 -6.17
C GLY F 70 -24.26 38.60 -4.75
N ALA F 71 -23.28 38.84 -3.87
CA ALA F 71 -23.56 39.21 -2.50
C ALA F 71 -23.56 40.72 -2.28
N GLY F 72 -23.22 41.50 -3.30
CA GLY F 72 -23.20 42.94 -3.17
C GLY F 72 -22.06 43.47 -2.32
N THR F 73 -20.89 42.82 -2.39
CA THR F 73 -19.71 43.24 -1.64
C THR F 73 -18.64 43.86 -2.54
N GLY F 74 -19.00 44.26 -3.75
CA GLY F 74 -18.07 44.95 -4.61
C GLY F 74 -17.63 46.28 -4.04
N LEU F 75 -16.45 46.73 -4.46
CA LEU F 75 -15.88 47.98 -3.99
C LEU F 75 -15.67 48.99 -5.10
N SER F 76 -16.18 48.74 -6.30
CA SER F 76 -16.04 49.67 -7.41
C SER F 76 -17.36 49.94 -8.11
N GLY F 77 -18.48 49.55 -7.50
CA GLY F 77 -19.77 49.78 -8.10
C GLY F 77 -20.09 48.91 -9.29
N ALA F 78 -19.37 47.80 -9.46
CA ALA F 78 -19.63 46.94 -10.59
C ALA F 78 -21.05 46.37 -10.56
N ALA F 79 -21.56 46.11 -9.35
CA ALA F 79 -22.91 45.58 -9.20
C ALA F 79 -23.97 46.66 -9.09
N ASN F 80 -23.58 47.92 -9.03
CA ASN F 80 -24.57 48.99 -8.94
C ASN F 80 -25.48 48.99 -10.16
N ALA F 81 -26.76 49.24 -9.91
CA ALA F 81 -27.76 49.22 -10.96
C ALA F 81 -28.11 50.64 -11.39
N GLY F 82 -28.34 50.82 -12.69
CA GLY F 82 -28.78 52.10 -13.21
C GLY F 82 -30.29 52.24 -13.17
N ARG F 83 -30.75 53.46 -13.37
CA ARG F 83 -32.18 53.73 -13.34
C ARG F 83 -32.89 52.94 -14.43
N GLY F 84 -33.83 52.09 -14.03
CA GLY F 84 -34.58 51.27 -14.96
C GLY F 84 -33.96 49.95 -15.32
N TRP F 85 -32.80 49.62 -14.75
CA TRP F 85 -32.17 48.35 -15.05
C TRP F 85 -32.92 47.20 -14.37
N VAL F 86 -32.52 45.98 -14.71
CA VAL F 86 -33.08 44.77 -14.12
C VAL F 86 -31.97 44.05 -13.39
N VAL F 87 -32.04 44.04 -12.06
CA VAL F 87 -31.02 43.38 -11.24
C VAL F 87 -31.33 41.90 -11.14
N VAL F 88 -30.44 41.07 -11.66
CA VAL F 88 -30.58 39.62 -11.59
C VAL F 88 -29.81 39.14 -10.36
N SER F 89 -30.55 38.73 -9.33
CA SER F 89 -29.96 38.30 -8.07
C SER F 89 -29.85 36.78 -8.03
N PHE F 90 -28.62 36.28 -7.91
CA PHE F 90 -28.36 34.85 -7.81
C PHE F 90 -28.35 34.34 -6.38
N GLU F 91 -29.05 35.03 -5.46
CA GLU F 91 -29.08 34.56 -4.08
C GLU F 91 -29.75 33.19 -3.98
N ARG F 92 -30.66 32.88 -4.90
CA ARG F 92 -31.41 31.64 -4.85
C ARG F 92 -30.66 30.46 -5.48
N MET F 93 -29.65 30.73 -6.30
CA MET F 93 -28.86 29.67 -6.92
C MET F 93 -27.56 29.53 -6.13
N ASN F 94 -27.64 28.81 -5.01
CA ASN F 94 -26.54 28.71 -4.06
C ASN F 94 -26.31 27.26 -3.66
N ARG F 95 -26.24 26.39 -4.67
CA ARG F 95 -26.09 24.95 -4.45
C ARG F 95 -24.77 24.47 -5.05
N VAL F 96 -24.10 23.58 -4.32
CA VAL F 96 -22.94 22.86 -4.84
C VAL F 96 -23.46 21.66 -5.62
N LEU F 97 -23.24 21.66 -6.93
CA LEU F 97 -23.89 20.67 -7.78
C LEU F 97 -23.14 19.33 -7.77
N GLU F 98 -21.82 19.36 -7.70
CA GLU F 98 -21.04 18.13 -7.70
C GLU F 98 -19.67 18.39 -7.08
N VAL F 99 -19.07 17.33 -6.54
CA VAL F 99 -17.70 17.37 -6.05
C VAL F 99 -17.05 16.09 -6.57
N ASP F 100 -16.38 16.18 -7.73
CA ASP F 100 -15.74 15.02 -8.34
C ASP F 100 -14.39 14.78 -7.68
N THR F 101 -14.30 13.74 -6.86
CA THR F 101 -13.08 13.48 -6.12
C THR F 101 -11.99 12.85 -6.99
N VAL F 102 -12.37 12.09 -8.02
CA VAL F 102 -11.36 11.48 -8.88
C VAL F 102 -10.78 12.51 -9.84
N GLN F 103 -11.63 13.35 -10.43
CA GLN F 103 -11.15 14.44 -11.27
C GLN F 103 -10.67 15.62 -10.45
N GLN F 104 -11.03 15.69 -9.18
CA GLN F 104 -10.62 16.79 -8.31
C GLN F 104 -11.14 18.12 -8.83
N THR F 105 -12.44 18.18 -9.08
CA THR F 105 -13.12 19.39 -9.52
C THR F 105 -14.43 19.53 -8.77
N VAL F 106 -14.95 20.75 -8.74
CA VAL F 106 -16.22 21.06 -8.09
C VAL F 106 -17.06 21.90 -9.05
N THR F 107 -18.37 21.67 -9.04
CA THR F 107 -19.31 22.43 -9.86
C THR F 107 -20.26 23.17 -8.93
N VAL F 108 -20.14 24.50 -8.90
CA VAL F 108 -20.92 25.34 -8.00
C VAL F 108 -21.76 26.31 -8.81
N GLN F 109 -22.76 26.88 -8.15
CA GLN F 109 -23.62 27.88 -8.75
C GLN F 109 -23.13 29.28 -8.42
N PRO F 110 -23.57 30.28 -9.18
CA PRO F 110 -23.04 31.64 -8.97
C PRO F 110 -23.38 32.21 -7.60
N GLY F 111 -24.42 31.71 -6.94
CA GLY F 111 -24.83 32.23 -5.65
C GLY F 111 -24.11 31.67 -4.45
N VAL F 112 -23.29 30.63 -4.64
CA VAL F 112 -22.61 30.01 -3.52
C VAL F 112 -21.61 31.00 -2.91
N VAL F 113 -21.42 30.90 -1.60
CA VAL F 113 -20.47 31.74 -0.89
C VAL F 113 -19.10 31.08 -0.90
N ASN F 114 -18.05 31.90 -1.00
CA ASN F 114 -16.70 31.36 -1.12
C ASN F 114 -16.36 30.46 0.06
N ASP F 115 -16.50 30.97 1.29
CA ASP F 115 -16.19 30.17 2.47
C ASP F 115 -17.05 28.92 2.52
N ASP F 116 -18.33 29.03 2.14
CA ASP F 116 -19.20 27.85 2.10
C ASP F 116 -18.65 26.81 1.14
N LEU F 117 -18.18 27.25 -0.04
CA LEU F 117 -17.64 26.30 -1.01
C LEU F 117 -16.41 25.60 -0.46
N ARG F 118 -15.52 26.34 0.20
CA ARG F 118 -14.31 25.73 0.73
C ARG F 118 -14.63 24.69 1.80
N ALA F 119 -15.59 24.99 2.67
CA ALA F 119 -15.98 24.03 3.70
C ALA F 119 -16.56 22.76 3.09
N ARG F 120 -17.29 22.89 1.98
CA ARG F 120 -17.90 21.73 1.35
C ARG F 120 -16.84 20.82 0.73
N VAL F 121 -15.86 21.40 0.04
CA VAL F 121 -14.83 20.59 -0.59
C VAL F 121 -13.96 19.92 0.47
N ALA F 122 -13.80 20.56 1.63
CA ALA F 122 -13.05 19.94 2.71
C ALA F 122 -13.69 18.64 3.17
N GLN F 123 -15.00 18.48 2.94
CA GLN F 123 -15.67 17.23 3.34
C GLN F 123 -15.08 16.04 2.61
N ASP F 124 -14.67 16.22 1.34
CA ASP F 124 -14.05 15.17 0.56
C ASP F 124 -12.52 15.27 0.56
N GLY F 125 -11.95 15.96 1.53
CA GLY F 125 -10.50 16.07 1.60
C GLY F 125 -9.88 16.97 0.55
N LEU F 126 -10.67 17.81 -0.09
CA LEU F 126 -10.17 18.70 -1.13
C LEU F 126 -10.00 20.11 -0.58
N TRP F 127 -9.53 21.02 -1.43
CA TRP F 127 -9.22 22.39 -1.01
C TRP F 127 -9.37 23.32 -2.20
N TYR F 128 -10.07 24.44 -1.97
CA TYR F 128 -10.18 25.51 -2.95
C TYR F 128 -9.33 26.68 -2.49
N PRO F 129 -8.15 26.89 -3.07
CA PRO F 129 -7.17 27.83 -2.50
C PRO F 129 -7.73 29.24 -2.40
N PRO F 130 -8.22 29.82 -3.50
CA PRO F 130 -8.64 31.23 -3.48
C PRO F 130 -9.48 31.59 -2.26
N ASP F 131 -9.04 32.59 -1.50
CA ASP F 131 -9.67 32.96 -0.23
C ASP F 131 -9.66 34.47 -0.08
N PRO F 132 -10.61 35.15 -0.72
CA PRO F 132 -10.71 36.61 -0.55
C PRO F 132 -11.12 36.97 0.86
N ALA F 133 -10.77 38.19 1.26
CA ALA F 133 -11.11 38.67 2.60
C ALA F 133 -12.61 38.68 2.82
N SER F 134 -13.40 38.87 1.76
CA SER F 134 -14.85 38.82 1.84
C SER F 134 -15.39 37.41 1.62
N SER F 135 -14.54 36.40 1.76
CA SER F 135 -14.96 35.02 1.57
C SER F 135 -16.16 34.62 2.40
N PRO F 136 -16.29 35.04 3.67
CA PRO F 136 -17.42 34.59 4.48
C PRO F 136 -18.78 35.02 3.95
N TRP F 137 -18.83 35.98 3.02
CA TRP F 137 -20.13 36.44 2.51
C TRP F 137 -20.18 36.69 1.01
N SER F 138 -19.06 36.63 0.28
CA SER F 138 -19.09 36.87 -1.16
C SER F 138 -19.40 35.58 -1.91
N THR F 139 -20.01 35.72 -3.09
CA THR F 139 -20.42 34.58 -3.89
C THR F 139 -19.35 34.19 -4.91
N ILE F 140 -19.36 32.93 -5.31
CA ILE F 140 -18.48 32.47 -6.38
C ILE F 140 -18.82 33.16 -7.69
N GLY F 141 -20.09 33.54 -7.87
CA GLY F 141 -20.45 34.29 -9.06
C GLY F 141 -19.68 35.60 -9.16
N GLY F 142 -19.62 36.34 -8.05
CA GLY F 142 -18.86 37.58 -8.05
C GLY F 142 -17.37 37.37 -8.24
N ASN F 143 -16.80 36.38 -7.55
CA ASN F 143 -15.37 36.12 -7.66
C ASN F 143 -14.97 35.79 -9.09
N VAL F 144 -15.86 35.17 -9.86
CA VAL F 144 -15.54 34.84 -11.25
C VAL F 144 -15.73 36.06 -12.13
N ALA F 145 -16.74 36.88 -11.86
CA ALA F 145 -16.97 38.07 -12.69
C ALA F 145 -15.86 39.08 -12.51
N THR F 146 -15.33 39.21 -11.29
CA THR F 146 -14.27 40.16 -10.99
C THR F 146 -12.90 39.51 -10.86
N ASN F 147 -12.80 38.19 -11.00
CA ASN F 147 -11.54 37.48 -10.80
C ASN F 147 -10.92 37.84 -9.45
N ALA F 148 -11.70 37.67 -8.39
CA ALA F 148 -11.28 38.06 -7.06
C ALA F 148 -10.01 37.31 -6.65
N GLY F 149 -9.23 37.94 -5.77
CA GLY F 149 -8.04 37.34 -5.21
C GLY F 149 -8.21 37.05 -3.72
N GLY F 150 -7.13 36.56 -3.13
CA GLY F 150 -7.14 36.21 -1.72
C GLY F 150 -5.85 36.54 -1.00
N LEU F 151 -5.64 35.91 0.16
CA LEU F 151 -4.42 36.11 0.92
C LEU F 151 -3.30 35.17 0.49
N CYS F 152 -3.61 33.89 0.27
CA CYS F 152 -2.60 32.93 -0.17
C CYS F 152 -2.39 32.94 -1.68
N CYS F 153 -3.00 33.88 -2.40
CA CYS F 153 -2.84 33.95 -3.85
C CYS F 153 -1.42 34.27 -4.27
N VAL F 154 -0.54 34.64 -3.32
CA VAL F 154 0.86 34.85 -3.66
C VAL F 154 1.54 33.55 -4.03
N LYS F 155 1.02 32.41 -3.60
CA LYS F 155 1.59 31.12 -3.92
C LYS F 155 0.63 30.17 -4.62
N TYR F 156 -0.67 30.50 -4.67
CA TYR F 156 -1.65 29.59 -5.23
C TYR F 156 -2.54 30.26 -6.28
N GLY F 157 -2.26 31.50 -6.65
CA GLY F 157 -2.97 32.14 -7.73
C GLY F 157 -4.31 32.72 -7.31
N VAL F 158 -5.07 33.15 -8.32
CA VAL F 158 -6.36 33.79 -8.09
C VAL F 158 -7.46 32.92 -8.68
N THR F 159 -8.67 33.47 -8.74
CA THR F 159 -9.81 32.68 -9.23
C THR F 159 -9.57 32.18 -10.64
N ARG F 160 -9.12 33.06 -11.54
CA ARG F 160 -8.89 32.68 -12.93
C ARG F 160 -8.06 31.41 -13.05
N ASP F 161 -7.14 31.19 -12.11
CA ASP F 161 -6.32 29.99 -12.14
C ASP F 161 -7.07 28.73 -11.73
N TYR F 162 -8.36 28.85 -11.39
CA TYR F 162 -9.14 27.69 -10.97
C TYR F 162 -10.47 27.59 -11.71
N VAL F 163 -10.67 28.38 -12.75
CA VAL F 163 -11.91 28.33 -13.52
C VAL F 163 -11.67 27.36 -14.68
N LEU F 164 -12.23 26.16 -14.56
CA LEU F 164 -12.13 25.15 -15.62
C LEU F 164 -13.19 25.33 -16.68
N GLY F 165 -14.43 25.55 -16.26
CA GLY F 165 -15.53 25.72 -17.20
C GLY F 165 -16.64 26.47 -16.53
N MET F 166 -17.71 26.70 -17.29
CA MET F 166 -18.86 27.44 -16.79
C MET F 166 -19.99 27.35 -17.80
N GLU F 167 -21.17 27.78 -17.36
CA GLU F 167 -22.33 27.95 -18.22
C GLU F 167 -22.80 29.38 -18.09
N ALA F 168 -22.97 30.06 -19.22
CA ALA F 168 -23.31 31.47 -19.21
C ALA F 168 -24.42 31.75 -20.21
N VAL F 169 -25.23 32.76 -19.89
CA VAL F 169 -26.26 33.27 -20.79
C VAL F 169 -25.70 34.54 -21.43
N VAL F 170 -25.62 34.56 -22.77
CA VAL F 170 -25.02 35.65 -23.50
C VAL F 170 -25.90 35.99 -24.71
N GLY F 171 -25.62 37.14 -25.31
CA GLY F 171 -26.33 37.50 -26.53
C GLY F 171 -27.79 37.81 -26.25
N SER F 172 -28.66 37.22 -27.07
CA SER F 172 -30.10 37.43 -26.97
C SER F 172 -30.78 36.45 -26.02
N GLY F 173 -30.00 35.70 -25.23
CA GLY F 173 -30.59 34.78 -24.28
C GLY F 173 -30.19 33.33 -24.49
N GLU F 174 -29.12 33.11 -25.26
CA GLU F 174 -28.63 31.77 -25.52
C GLU F 174 -27.79 31.28 -24.34
N VAL F 175 -28.10 30.09 -23.84
CA VAL F 175 -27.35 29.49 -22.74
C VAL F 175 -26.27 28.61 -23.35
N VAL F 176 -25.01 29.03 -23.18
CA VAL F 176 -23.88 28.33 -23.75
C VAL F 176 -23.00 27.81 -22.63
N ARG F 177 -22.23 26.76 -22.95
CA ARG F 177 -21.29 26.15 -22.01
C ARG F 177 -19.87 26.42 -22.52
N LEU F 178 -19.17 27.32 -21.85
CA LEU F 178 -17.80 27.67 -22.21
C LEU F 178 -16.82 26.88 -21.35
N GLY F 179 -15.59 26.77 -21.83
CA GLY F 179 -14.56 26.08 -21.10
C GLY F 179 -14.67 24.57 -21.21
N ARG F 180 -13.87 23.90 -20.39
CA ARG F 180 -13.82 22.45 -20.35
C ARG F 180 -14.09 21.96 -18.93
N THR F 181 -14.13 20.64 -18.77
CA THR F 181 -14.26 20.03 -17.46
C THR F 181 -13.12 19.07 -17.15
N THR F 182 -12.27 18.75 -18.12
CA THR F 182 -11.13 17.87 -17.91
C THR F 182 -9.93 18.69 -17.44
N ALA F 183 -8.75 18.08 -17.49
CA ALA F 183 -7.55 18.79 -17.05
C ALA F 183 -6.95 19.65 -18.16
N LYS F 184 -7.05 19.21 -19.42
CA LYS F 184 -6.44 19.91 -20.54
C LYS F 184 -7.46 20.05 -21.66
N GLY F 185 -7.63 21.27 -22.15
CA GLY F 185 -8.50 21.53 -23.30
C GLY F 185 -8.13 22.82 -23.99
N VAL F 186 -8.02 22.80 -25.31
CA VAL F 186 -7.62 24.00 -26.06
C VAL F 186 -8.55 24.21 -27.24
N THR F 187 -9.68 23.50 -27.25
CA THR F 187 -10.61 23.58 -28.37
C THR F 187 -11.15 25.00 -28.51
N GLY F 188 -10.82 25.65 -29.62
CA GLY F 188 -11.31 26.99 -29.87
C GLY F 188 -10.58 28.04 -29.04
N TYR F 189 -11.32 29.08 -28.65
CA TYR F 189 -10.80 30.19 -27.88
C TYR F 189 -11.01 29.95 -26.38
N ASP F 190 -10.36 30.79 -25.57
CA ASP F 190 -10.53 30.73 -24.13
C ASP F 190 -11.71 31.59 -23.68
N LEU F 191 -12.87 31.37 -24.30
CA LEU F 191 -14.04 32.20 -23.99
C LEU F 191 -14.39 32.13 -22.51
N ALA F 192 -14.20 30.97 -21.89
CA ALA F 192 -14.42 30.86 -20.45
C ALA F 192 -13.51 31.81 -19.70
N GLY F 193 -12.22 31.85 -20.06
CA GLY F 193 -11.31 32.79 -19.44
C GLY F 193 -11.70 34.24 -19.69
N LEU F 194 -12.22 34.53 -20.89
CA LEU F 194 -12.71 35.88 -21.17
C LEU F 194 -13.79 36.28 -20.19
N MET F 195 -14.58 35.33 -19.70
CA MET F 195 -15.60 35.66 -18.72
C MET F 195 -14.97 36.10 -17.40
N VAL F 196 -13.98 35.37 -16.92
CA VAL F 196 -13.34 35.73 -15.66
C VAL F 196 -12.77 37.14 -15.78
N GLY F 197 -13.10 37.98 -14.81
CA GLY F 197 -12.65 39.35 -14.81
C GLY F 197 -13.45 40.29 -15.69
N SER F 198 -14.52 39.82 -16.32
CA SER F 198 -15.36 40.68 -17.16
C SER F 198 -16.32 41.53 -16.35
N GLU F 199 -16.54 41.20 -15.08
CA GLU F 199 -17.42 41.96 -14.21
C GLU F 199 -18.84 42.03 -14.78
N GLY F 200 -19.28 40.92 -15.36
CA GLY F 200 -20.65 40.84 -15.86
C GLY F 200 -20.94 41.75 -17.03
N THR F 201 -19.93 42.09 -17.82
CA THR F 201 -20.09 42.96 -18.98
C THR F 201 -20.18 42.21 -20.30
N LEU F 202 -20.08 40.87 -20.28
CA LEU F 202 -20.21 40.07 -21.48
C LEU F 202 -21.29 39.00 -21.39
N GLY F 203 -21.82 38.74 -20.19
CA GLY F 203 -22.83 37.72 -20.04
C GLY F 203 -23.18 37.54 -18.58
N LEU F 204 -23.85 36.43 -18.27
CA LEU F 204 -24.23 36.09 -16.91
C LEU F 204 -23.87 34.64 -16.67
N VAL F 205 -23.05 34.40 -15.65
CA VAL F 205 -22.61 33.05 -15.32
C VAL F 205 -23.65 32.38 -14.44
N THR F 206 -24.14 31.22 -14.89
CA THR F 206 -25.13 30.45 -14.14
C THR F 206 -24.56 29.19 -13.52
N GLU F 207 -23.32 28.80 -13.87
CA GLU F 207 -22.69 27.61 -13.32
C GLU F 207 -21.20 27.68 -13.60
N VAL F 208 -20.39 27.46 -12.58
CA VAL F 208 -18.94 27.54 -12.68
C VAL F 208 -18.33 26.20 -12.27
N THR F 209 -17.30 25.78 -13.01
CA THR F 209 -16.56 24.57 -12.69
C THR F 209 -15.16 24.97 -12.24
N LEU F 210 -14.81 24.65 -11.00
CA LEU F 210 -13.55 25.03 -10.40
C LEU F 210 -12.63 23.82 -10.25
N ARG F 211 -11.33 24.08 -10.29
CA ARG F 211 -10.32 23.06 -10.06
C ARG F 211 -9.94 23.03 -8.59
N LEU F 212 -9.69 21.83 -8.07
CA LEU F 212 -9.38 21.64 -6.67
C LEU F 212 -8.01 20.99 -6.51
N VAL F 213 -7.58 20.88 -5.25
CA VAL F 213 -6.28 20.31 -4.91
C VAL F 213 -6.43 19.57 -3.59
N PRO F 214 -5.51 18.66 -3.24
CA PRO F 214 -5.63 17.95 -1.96
C PRO F 214 -5.49 18.92 -0.79
N LEU F 215 -6.28 18.68 0.25
CA LEU F 215 -6.24 19.53 1.43
C LEU F 215 -4.84 19.52 2.04
N ARG F 216 -4.39 20.67 2.53
CA ARG F 216 -3.04 20.78 3.10
C ARG F 216 -3.01 20.06 4.44
N ARG F 217 -2.42 18.87 4.44
CA ARG F 217 -2.29 18.05 5.65
C ARG F 217 -0.89 18.25 6.23
N GLY F 218 -0.63 19.48 6.66
CA GLY F 218 0.69 19.84 7.17
C GLY F 218 0.69 20.93 8.22
N VAL F 219 1.85 21.55 8.43
CA VAL F 219 2.03 22.57 9.46
C VAL F 219 2.22 23.92 8.79
N GLU F 220 1.41 24.90 9.20
CA GLU F 220 1.49 26.26 8.69
C GLU F 220 2.38 27.09 9.61
N HIS F 221 3.59 27.43 9.14
CA HIS F 221 4.55 28.19 9.93
C HIS F 221 4.30 29.68 9.74
N THR F 222 3.81 30.35 10.79
CA THR F 222 3.56 31.78 10.76
C THR F 222 4.76 32.55 11.31
N VAL F 223 5.16 33.61 10.60
CA VAL F 223 6.22 34.51 11.03
C VAL F 223 5.64 35.91 11.17
N VAL F 224 5.42 36.36 12.40
CA VAL F 224 4.82 37.67 12.67
C VAL F 224 5.94 38.67 12.96
N GLY F 225 5.86 39.84 12.33
CA GLY F 225 6.84 40.88 12.54
C GLY F 225 6.27 42.29 12.60
N TYR F 226 6.83 43.13 13.47
CA TYR F 226 6.42 44.52 13.60
C TYR F 226 7.54 45.45 13.16
N PHE F 227 7.15 46.61 12.62
CA PHE F 227 8.09 47.61 12.12
C PHE F 227 7.68 48.98 12.61
N ASP F 228 8.48 49.99 12.29
CA ASP F 228 8.20 51.36 12.69
C ASP F 228 7.93 52.30 11.51
N SER F 229 7.81 51.77 10.29
CA SER F 229 7.54 52.62 9.15
C SER F 229 7.24 51.74 7.94
N LEU F 230 6.40 52.26 7.05
CA LEU F 230 6.07 51.53 5.83
C LEU F 230 7.31 51.26 4.99
N THR F 231 8.22 52.23 4.92
CA THR F 231 9.47 52.01 4.22
C THR F 231 10.37 51.05 4.98
N ASP F 232 10.25 51.01 6.31
CA ASP F 232 11.04 50.06 7.10
C ASP F 232 10.55 48.64 6.89
N ALA F 233 9.24 48.42 7.01
CA ALA F 233 8.68 47.10 6.72
C ALA F 233 8.87 46.75 5.25
N GLY F 234 8.75 47.74 4.36
CA GLY F 234 8.95 47.48 2.95
C GLY F 234 10.35 46.99 2.62
N ARG F 235 11.36 47.50 3.34
CA ARG F 235 12.72 47.01 3.11
C ARG F 235 12.85 45.56 3.55
N ALA F 236 12.03 45.13 4.50
CA ALA F 236 12.05 43.73 4.92
C ALA F 236 11.30 42.86 3.94
N VAL F 237 10.14 43.33 3.46
CA VAL F 237 9.40 42.60 2.44
C VAL F 237 10.27 42.36 1.21
N ALA F 238 11.02 43.39 0.79
CA ALA F 238 11.94 43.22 -0.33
C ALA F 238 13.06 42.24 0.02
N ALA F 239 13.42 42.15 1.29
CA ALA F 239 14.45 41.19 1.70
C ALA F 239 13.98 39.76 1.44
N VAL F 240 12.71 39.48 1.72
CA VAL F 240 12.18 38.14 1.50
C VAL F 240 12.07 37.83 0.01
N SER F 241 11.65 38.82 -0.80
CA SER F 241 11.58 38.61 -2.24
C SER F 241 12.97 38.44 -2.85
N ALA F 242 13.98 39.09 -2.27
CA ALA F 242 15.34 38.89 -2.74
C ALA F 242 15.92 37.56 -2.27
N ALA F 243 15.48 37.07 -1.11
CA ALA F 243 15.93 35.78 -0.61
C ALA F 243 15.42 34.60 -1.44
N GLY F 244 14.45 34.80 -2.32
CA GLY F 244 13.96 33.70 -3.12
C GLY F 244 12.95 32.82 -2.43
N ILE F 245 12.23 33.36 -1.45
CA ILE F 245 11.30 32.59 -0.63
C ILE F 245 9.91 32.63 -1.24
N VAL F 246 9.17 31.55 -1.05
CA VAL F 246 7.80 31.43 -1.54
C VAL F 246 6.86 31.40 -0.34
N PRO F 247 6.57 32.55 0.28
CA PRO F 247 5.69 32.54 1.44
C PRO F 247 4.24 32.27 1.05
N SER F 248 3.59 31.41 1.83
CA SER F 248 2.18 31.14 1.59
C SER F 248 1.29 32.35 1.88
N ALA F 249 1.82 33.37 2.55
CA ALA F 249 1.06 34.58 2.86
C ALA F 249 2.01 35.66 3.37
N LEU F 250 1.83 36.88 2.88
CA LEU F 250 2.67 38.01 3.30
C LEU F 250 1.82 39.28 3.25
N GLU F 251 1.35 39.73 4.41
CA GLU F 251 0.41 40.85 4.50
C GLU F 251 1.00 41.97 5.35
N LEU F 252 0.57 43.20 5.05
CA LEU F 252 0.98 44.39 5.78
C LEU F 252 -0.25 45.13 6.26
N ILE F 253 -0.28 45.46 7.55
CA ILE F 253 -1.41 46.14 8.17
C ILE F 253 -0.82 47.29 8.99
N ASP F 254 -0.96 48.51 8.48
CA ASP F 254 -0.51 49.67 9.25
C ASP F 254 -1.25 49.74 10.57
N ARG F 255 -0.61 50.35 11.57
CA ARG F 255 -1.20 50.41 12.91
C ARG F 255 -2.54 51.13 12.92
N PHE F 256 -2.81 52.01 11.96
CA PHE F 256 -4.09 52.70 11.92
C PHE F 256 -5.25 51.71 11.78
N CYS F 257 -5.15 50.79 10.82
CA CYS F 257 -6.17 49.77 10.66
C CYS F 257 -6.23 48.83 11.87
N LEU F 258 -5.09 48.62 12.53
CA LEU F 258 -5.07 47.77 13.72
C LEU F 258 -5.96 48.34 14.81
N GLN F 259 -5.90 49.67 15.02
CA GLN F 259 -6.71 50.30 16.05
C GLN F 259 -8.16 49.84 15.98
N ALA F 260 -8.77 49.95 14.80
CA ALA F 260 -10.16 49.57 14.64
C ALA F 260 -10.39 48.12 15.05
N VAL F 261 -9.58 47.20 14.52
CA VAL F 261 -9.79 45.78 14.80
C VAL F 261 -9.73 45.52 16.30
N ASP F 262 -8.77 46.16 17.00
CA ASP F 262 -8.64 45.94 18.42
C ASP F 262 -9.66 46.73 19.24
N GLU F 263 -10.41 47.63 18.62
CA GLU F 263 -11.46 48.36 19.32
C GLU F 263 -12.81 47.67 19.16
N TRP F 264 -13.20 47.38 17.93
CA TRP F 264 -14.46 46.68 17.70
C TRP F 264 -14.50 45.37 18.47
N LYS F 265 -13.44 44.57 18.36
CA LYS F 265 -13.34 43.28 19.03
C LYS F 265 -11.96 43.21 19.71
N ASN F 266 -11.84 43.88 20.85
CA ASN F 266 -10.58 43.95 21.57
C ASN F 266 -10.04 42.56 21.89
N ALA F 271 -0.92 48.21 19.71
CA ALA F 271 -0.17 49.27 19.06
C ALA F 271 1.33 49.13 19.31
N GLU F 272 1.86 47.94 19.01
CA GLU F 272 3.28 47.66 19.21
C GLU F 272 4.16 48.17 18.07
N GLY F 273 3.59 48.86 17.09
CA GLY F 273 4.38 49.36 15.99
C GLY F 273 3.48 49.97 14.94
N GLU F 274 4.14 50.66 14.00
CA GLU F 274 3.43 51.34 12.92
C GLU F 274 3.09 50.42 11.75
N VAL F 275 3.74 49.26 11.65
CA VAL F 275 3.49 48.32 10.56
C VAL F 275 3.60 46.91 11.11
N LEU F 276 2.73 46.03 10.62
CA LEU F 276 2.69 44.63 11.03
C LEU F 276 2.75 43.76 9.79
N LEU F 277 3.85 43.03 9.63
CA LEU F 277 4.05 42.16 8.49
C LEU F 277 3.83 40.72 8.94
N LEU F 278 2.73 40.12 8.50
CA LEU F 278 2.40 38.74 8.84
C LEU F 278 2.73 37.86 7.64
N ALA F 279 3.69 36.96 7.80
CA ALA F 279 4.06 36.01 6.78
C ALA F 279 3.90 34.61 7.31
N ARG F 280 3.85 33.64 6.40
CA ARG F 280 3.69 32.25 6.81
C ARG F 280 4.09 31.35 5.64
N SER F 281 4.52 30.13 5.99
CA SER F 281 4.88 29.12 5.02
C SER F 281 4.12 27.83 5.33
N ASP F 282 3.93 27.01 4.30
CA ASP F 282 3.12 25.80 4.43
C ASP F 282 3.86 24.59 3.87
N LEU F 283 5.16 24.51 4.11
CA LEU F 283 5.93 23.35 3.70
C LEU F 283 5.86 22.26 4.75
N PRO F 284 6.21 21.02 4.39
CA PRO F 284 6.02 19.91 5.32
C PRO F 284 7.19 19.76 6.29
N GLY F 285 6.87 19.43 7.54
CA GLY F 285 7.88 19.10 8.52
C GLY F 285 8.86 20.24 8.73
N THR F 286 10.15 19.88 8.85
CA THR F 286 11.20 20.86 9.05
C THR F 286 11.53 21.64 7.78
N SER F 287 11.17 21.11 6.61
CA SER F 287 11.35 21.88 5.37
C SER F 287 10.71 23.25 5.47
N GLY F 288 9.62 23.36 6.23
CA GLY F 288 8.98 24.63 6.49
C GLY F 288 9.68 25.42 7.57
N GLN F 289 10.05 24.74 8.66
CA GLN F 289 10.75 25.42 9.74
C GLN F 289 12.04 26.05 9.26
N GLU F 290 12.76 25.38 8.35
CA GLU F 290 13.97 25.97 7.80
C GLU F 290 13.66 27.21 6.96
N GLU F 291 12.58 27.15 6.18
CA GLU F 291 12.21 28.31 5.37
C GLU F 291 11.60 29.40 6.22
N ALA F 292 10.72 29.05 7.15
CA ALA F 292 10.13 30.03 8.05
C ALA F 292 11.21 30.75 8.85
N ASP F 293 12.30 30.05 9.20
CA ASP F 293 13.40 30.70 9.90
C ASP F 293 14.04 31.77 9.03
N ARG F 294 14.19 31.50 7.73
CA ARG F 294 14.73 32.51 6.82
C ARG F 294 13.89 33.78 6.84
N ILE F 295 12.56 33.62 6.85
CA ILE F 295 11.68 34.79 6.86
C ILE F 295 11.82 35.56 8.17
N LEU F 296 11.97 34.85 9.29
CA LEU F 296 12.14 35.53 10.58
C LEU F 296 13.36 36.43 10.57
N GLU F 297 14.49 35.91 10.08
CA GLU F 297 15.71 36.71 10.06
C GLU F 297 15.56 37.94 9.18
N CYS F 298 14.87 37.80 8.06
CA CYS F 298 14.70 38.94 7.15
C CYS F 298 14.03 40.12 7.87
N PHE F 299 13.08 39.83 8.75
CA PHE F 299 12.44 40.91 9.51
C PHE F 299 13.41 41.52 10.50
N GLU F 300 14.25 40.70 11.13
CA GLU F 300 15.23 41.21 12.08
C GLU F 300 16.40 41.88 11.37
N LYS F 301 16.79 41.37 10.20
CA LYS F 301 17.93 41.93 9.49
C LYS F 301 17.69 43.39 9.14
N GLU F 302 16.47 43.74 8.74
CA GLU F 302 16.13 45.12 8.45
C GLU F 302 15.90 45.85 9.76
N LYS F 303 14.72 46.45 9.91
CA LYS F 303 14.31 47.04 11.17
C LYS F 303 13.32 46.08 11.82
N ALA F 304 13.57 45.69 13.06
CA ALA F 304 12.87 44.57 13.68
C ALA F 304 12.42 44.93 15.08
N VAL F 305 11.11 45.05 15.28
CA VAL F 305 10.50 45.16 16.60
C VAL F 305 9.50 44.01 16.72
N TYR F 306 9.68 43.18 17.74
CA TYR F 306 8.84 42.00 17.95
C TYR F 306 8.84 41.09 16.73
N ALA F 307 10.04 40.80 16.22
CA ALA F 307 10.18 39.83 15.12
C ALA F 307 10.32 38.45 15.75
N VAL F 308 9.20 37.72 15.84
CA VAL F 308 9.15 36.45 16.52
C VAL F 308 8.41 35.44 15.66
N ARG F 309 8.91 34.21 15.63
CA ARG F 309 8.21 33.11 14.96
C ARG F 309 7.19 32.52 15.92
N SER F 310 6.06 32.09 15.37
CA SER F 310 4.96 31.60 16.18
C SER F 310 5.14 30.12 16.50
N THR F 311 5.21 29.81 17.80
CA THR F 311 5.22 28.43 18.27
C THR F 311 3.84 27.98 18.72
N ASP F 312 2.81 28.73 18.36
CA ASP F 312 1.42 28.45 18.70
C ASP F 312 0.55 28.75 17.48
N GLU F 313 -0.33 27.81 17.13
CA GLU F 313 -1.16 28.00 15.94
C GLU F 313 -2.32 28.95 16.18
N GLU F 314 -2.73 29.13 17.43
CA GLU F 314 -3.88 29.98 17.71
C GLU F 314 -3.46 31.45 17.72
N GLU F 315 -2.46 31.80 18.55
CA GLU F 315 -1.98 33.17 18.54
C GLU F 315 -1.43 33.56 17.18
N ALA F 316 -0.88 32.60 16.43
CA ALA F 316 -0.52 32.85 15.04
C ALA F 316 -1.75 33.11 14.19
N GLU F 317 -2.72 32.19 14.24
CA GLU F 317 -3.96 32.35 13.50
C GLU F 317 -4.76 33.56 14.00
N ALA F 318 -4.57 33.93 15.26
CA ALA F 318 -5.31 35.08 15.78
C ALA F 318 -4.83 36.37 15.14
N LEU F 319 -3.54 36.46 14.83
CA LEU F 319 -3.04 37.66 14.15
C LEU F 319 -3.55 37.73 12.71
N PHE F 320 -3.68 36.58 12.03
CA PHE F 320 -4.21 36.63 10.67
C PHE F 320 -5.70 36.93 10.67
N GLN F 321 -6.43 36.48 11.70
CA GLN F 321 -7.84 36.81 11.78
C GLN F 321 -8.03 38.31 11.98
N ALA F 322 -7.04 39.00 12.54
CA ALA F 322 -7.11 40.45 12.60
C ALA F 322 -6.91 41.06 11.22
N ARG F 323 -6.03 40.48 10.40
CA ARG F 323 -5.88 40.92 9.03
C ARG F 323 -7.17 40.71 8.24
N ARG F 324 -7.94 39.68 8.59
CA ARG F 324 -9.19 39.42 7.89
C ARG F 324 -10.26 40.43 8.29
N LEU F 325 -10.33 40.76 9.58
CA LEU F 325 -11.30 41.72 10.10
C LEU F 325 -10.77 43.14 10.06
N ALA F 326 -9.77 43.43 9.23
CA ALA F 326 -9.24 44.78 9.16
C ALA F 326 -10.22 45.71 8.47
N TYR F 327 -10.77 45.29 7.32
CA TYR F 327 -11.74 46.13 6.64
C TYR F 327 -13.02 46.27 7.44
N PRO F 328 -13.68 45.20 7.88
CA PRO F 328 -14.91 45.37 8.67
C PRO F 328 -14.68 46.13 9.97
N ALA F 329 -13.46 46.12 10.49
CA ALA F 329 -13.18 46.92 11.68
C ALA F 329 -13.19 48.41 11.37
N LEU F 330 -12.87 48.77 10.13
CA LEU F 330 -12.88 50.17 9.71
C LEU F 330 -14.24 50.62 9.18
N GLU F 331 -15.11 49.68 8.81
CA GLU F 331 -16.44 50.05 8.36
C GLU F 331 -17.27 50.60 9.51
N ARG F 332 -17.08 50.07 10.72
CA ARG F 332 -17.80 50.58 11.88
C ARG F 332 -17.47 52.04 12.17
N LEU F 333 -16.33 52.54 11.69
CA LEU F 333 -15.94 53.92 11.96
C LEU F 333 -16.43 54.90 10.91
N GLY F 334 -17.21 54.45 9.94
CA GLY F 334 -17.73 55.35 8.93
C GLY F 334 -17.35 54.94 7.52
N PRO F 335 -17.92 55.63 6.53
CA PRO F 335 -17.57 55.32 5.14
C PRO F 335 -16.08 55.52 4.88
N LEU F 336 -15.49 54.55 4.17
CA LEU F 336 -14.06 54.54 3.87
C LEU F 336 -13.91 54.28 2.39
N LEU F 337 -13.26 55.21 1.68
CA LEU F 337 -13.00 55.04 0.26
C LEU F 337 -11.62 54.42 0.08
N THR F 338 -11.59 53.31 -0.65
CA THR F 338 -10.39 52.49 -0.79
C THR F 338 -9.91 52.49 -2.24
N GLU F 339 -8.59 52.43 -2.39
CA GLU F 339 -7.94 52.34 -3.68
C GLU F 339 -7.13 51.04 -3.72
N ASP F 340 -7.10 50.41 -4.90
CA ASP F 340 -6.43 49.13 -5.10
C ASP F 340 -5.47 49.27 -6.27
N VAL F 341 -4.18 49.45 -5.98
CA VAL F 341 -3.16 49.50 -7.01
C VAL F 341 -2.28 48.27 -6.88
N CYS F 342 -1.66 47.88 -7.99
CA CYS F 342 -0.75 46.75 -8.03
C CYS F 342 0.47 47.13 -8.86
N VAL F 343 1.64 47.09 -8.25
CA VAL F 343 2.88 47.45 -8.92
C VAL F 343 3.89 46.31 -8.78
N PRO F 344 5.01 46.36 -9.50
CA PRO F 344 6.02 45.30 -9.36
C PRO F 344 6.58 45.25 -7.94
N LYS F 345 7.01 44.06 -7.53
CA LYS F 345 7.55 43.88 -6.19
C LYS F 345 8.67 44.86 -5.89
N ALA F 346 9.44 45.25 -6.90
CA ALA F 346 10.53 46.19 -6.71
C ALA F 346 10.05 47.61 -6.39
N ARG F 347 8.77 47.90 -6.60
CA ARG F 347 8.20 49.21 -6.30
C ARG F 347 7.41 49.24 -5.00
N VAL F 348 7.38 48.12 -4.26
CA VAL F 348 6.64 48.11 -2.98
C VAL F 348 7.21 49.13 -2.01
N PRO F 349 8.51 49.13 -1.69
CA PRO F 349 9.02 50.17 -0.78
C PRO F 349 8.84 51.57 -1.34
N HIS F 350 9.17 51.78 -2.62
CA HIS F 350 8.98 53.09 -3.23
C HIS F 350 7.51 53.51 -3.18
N MET F 351 6.61 52.55 -3.40
CA MET F 351 5.19 52.89 -3.43
C MET F 351 4.64 53.16 -2.03
N LEU F 352 5.10 52.41 -1.04
CA LEU F 352 4.65 52.64 0.34
C LEU F 352 5.01 54.04 0.81
N GLU F 353 6.27 54.45 0.61
CA GLU F 353 6.63 55.82 0.94
C GLU F 353 5.95 56.84 0.04
N ALA F 354 5.51 56.43 -1.14
CA ALA F 354 4.81 57.35 -2.04
C ALA F 354 3.39 57.64 -1.58
N ILE F 355 2.74 56.67 -0.93
CA ILE F 355 1.38 56.90 -0.43
C ILE F 355 1.40 57.90 0.71
N GLU F 356 2.34 57.73 1.66
CA GLU F 356 2.45 58.68 2.76
C GLU F 356 2.60 60.10 2.24
N ALA F 357 3.36 60.29 1.16
CA ALA F 357 3.51 61.61 0.59
C ALA F 357 2.17 62.17 0.11
N ALA F 358 1.32 61.31 -0.46
CA ALA F 358 0.02 61.80 -0.90
C ALA F 358 -0.82 62.30 0.25
N GLY F 359 -0.64 61.71 1.44
CA GLY F 359 -1.40 62.14 2.60
C GLY F 359 -0.94 63.46 3.18
N GLU F 360 0.38 63.65 3.25
CA GLU F 360 0.92 64.88 3.78
C GLU F 360 0.65 66.06 2.85
N ARG F 361 0.76 65.83 1.55
CA ARG F 361 0.55 66.91 0.58
C ARG F 361 -0.88 67.42 0.59
N PHE F 362 -1.85 66.54 0.87
CA PHE F 362 -3.27 66.90 0.83
C PHE F 362 -3.92 66.83 2.21
N ASP F 363 -3.11 66.79 3.27
CA ASP F 363 -3.63 66.73 4.64
C ASP F 363 -4.73 65.68 4.74
N THR F 364 -4.39 64.47 4.30
CA THR F 364 -5.32 63.35 4.29
C THR F 364 -4.64 62.14 4.92
N ARG F 365 -5.18 61.68 6.05
CA ARG F 365 -4.64 60.50 6.70
C ARG F 365 -5.06 59.26 5.93
N ILE F 366 -4.08 58.45 5.50
CA ILE F 366 -4.30 57.31 4.63
C ILE F 366 -3.83 56.05 5.33
N GLY F 367 -4.76 55.10 5.54
CA GLY F 367 -4.39 53.81 6.05
C GLY F 367 -3.86 52.88 4.97
N ASN F 368 -3.14 51.86 5.41
CA ASN F 368 -2.45 50.96 4.50
C ASN F 368 -2.65 49.52 4.92
N ILE F 369 -3.12 48.70 4.00
CA ILE F 369 -3.07 47.24 4.11
C ILE F 369 -2.81 46.72 2.71
N ALA F 370 -1.88 45.77 2.58
CA ALA F 370 -1.48 45.34 1.25
C ALA F 370 -0.94 43.92 1.28
N HIS F 371 -1.18 43.19 0.19
CA HIS F 371 -0.57 41.87 -0.02
C HIS F 371 0.85 42.11 -0.52
N ALA F 372 1.75 42.40 0.43
CA ALA F 372 3.13 42.74 0.08
C ALA F 372 3.79 41.66 -0.77
N GLY F 373 3.33 40.42 -0.68
CA GLY F 373 3.96 39.36 -1.45
C GLY F 373 3.78 39.50 -2.95
N ASP F 374 2.71 40.17 -3.36
CA ASP F 374 2.40 40.35 -4.77
C ASP F 374 2.41 41.81 -5.20
N GLY F 375 2.63 42.74 -4.28
CA GLY F 375 2.59 44.14 -4.64
C GLY F 375 1.21 44.72 -4.83
N ASN F 376 0.19 44.14 -4.19
CA ASN F 376 -1.19 44.62 -4.29
C ASN F 376 -1.46 45.48 -3.06
N LEU F 377 -1.35 46.80 -3.22
CA LEU F 377 -1.52 47.72 -2.11
C LEU F 377 -2.99 48.14 -1.98
N HIS F 378 -3.44 48.31 -0.74
CA HIS F 378 -4.81 48.74 -0.44
C HIS F 378 -4.80 49.89 0.57
N PRO F 379 -4.55 51.12 0.11
CA PRO F 379 -4.68 52.26 1.03
C PRO F 379 -6.14 52.58 1.31
N LEU F 380 -6.45 52.81 2.59
CA LEU F 380 -7.81 53.06 3.03
C LEU F 380 -7.93 54.46 3.64
N PHE F 381 -8.92 55.22 3.19
CA PHE F 381 -9.21 56.55 3.73
C PHE F 381 -10.63 56.58 4.29
N ILE F 382 -10.77 56.85 5.58
CA ILE F 382 -12.07 57.03 6.22
C ILE F 382 -12.50 58.47 6.02
N VAL F 383 -13.66 58.67 5.40
CA VAL F 383 -14.10 60.01 4.98
C VAL F 383 -14.88 60.63 6.13
N PRO F 384 -14.37 61.69 6.75
CA PRO F 384 -15.13 62.37 7.82
C PRO F 384 -16.42 62.99 7.29
N ALA F 385 -17.50 62.77 8.01
CA ALA F 385 -18.79 63.33 7.64
C ALA F 385 -18.83 64.82 7.95
N GLY F 386 -19.42 65.59 7.05
CA GLY F 386 -19.56 67.03 7.21
C GLY F 386 -18.46 67.84 6.56
N ASP F 387 -17.25 67.31 6.49
CA ASP F 387 -16.12 68.01 5.88
C ASP F 387 -16.04 67.52 4.43
N GLU F 388 -16.75 68.21 3.54
CA GLU F 388 -16.77 67.80 2.14
C GLU F 388 -15.44 68.10 1.45
N GLU F 389 -14.75 69.16 1.87
CA GLU F 389 -13.44 69.45 1.29
C GLU F 389 -12.46 68.31 1.52
N ALA F 390 -12.50 67.69 2.70
CA ALA F 390 -11.63 66.55 2.95
C ALA F 390 -11.92 65.40 1.99
N LYS F 391 -13.20 65.17 1.70
CA LYS F 391 -13.55 64.16 0.70
C LYS F 391 -12.89 64.47 -0.64
N ARG F 392 -13.00 65.72 -1.09
CA ARG F 392 -12.36 66.11 -2.35
C ARG F 392 -10.84 66.09 -2.23
N ARG F 393 -10.30 66.54 -1.09
CA ARG F 393 -8.85 66.51 -0.91
C ARG F 393 -8.31 65.09 -0.95
N ALA F 394 -9.07 64.12 -0.44
CA ALA F 394 -8.65 62.73 -0.54
C ALA F 394 -8.75 62.22 -1.97
N LYS F 395 -9.73 62.71 -2.72
CA LYS F 395 -9.89 62.31 -4.12
C LYS F 395 -8.69 62.73 -4.95
N GLN F 396 -8.01 63.82 -4.59
CA GLN F 396 -6.83 64.24 -5.34
C GLN F 396 -5.64 63.34 -5.05
N ALA F 397 -5.50 62.89 -3.80
CA ALA F 397 -4.52 61.85 -3.52
C ALA F 397 -4.91 60.54 -4.20
N PHE F 398 -6.20 60.34 -4.45
CA PHE F 398 -6.67 59.18 -5.19
C PHE F 398 -6.08 59.16 -6.60
N GLU F 399 -6.06 60.31 -7.27
CA GLU F 399 -5.54 60.40 -8.63
C GLU F 399 -4.02 60.38 -8.68
N VAL F 400 -3.35 60.66 -7.57
CA VAL F 400 -1.89 60.66 -7.56
C VAL F 400 -1.33 59.27 -7.29
N ILE F 401 -1.89 58.56 -6.30
CA ILE F 401 -1.40 57.22 -6.01
C ILE F 401 -1.66 56.29 -7.20
N VAL F 402 -2.80 56.47 -7.87
CA VAL F 402 -3.13 55.63 -9.03
C VAL F 402 -2.16 55.91 -10.17
N ASP F 403 -2.05 57.18 -10.59
CA ASP F 403 -1.15 57.54 -11.68
C ASP F 403 0.29 57.17 -11.34
N GLU F 404 0.65 57.19 -10.06
CA GLU F 404 1.99 56.81 -9.66
C GLU F 404 2.23 55.31 -9.86
N ALA F 405 1.20 54.50 -9.66
CA ALA F 405 1.34 53.06 -9.89
C ALA F 405 1.47 52.77 -11.39
N LEU F 406 0.78 53.52 -12.22
CA LEU F 406 0.97 53.36 -13.67
C LEU F 406 2.34 53.85 -14.09
N ALA F 407 2.91 54.81 -13.36
CA ALA F 407 4.23 55.34 -13.73
C ALA F 407 5.34 54.32 -13.49
N VAL F 408 5.21 53.50 -12.44
CA VAL F 408 6.21 52.47 -12.18
C VAL F 408 5.91 51.17 -12.90
N GLY F 409 4.87 51.14 -13.72
CA GLY F 409 4.54 49.95 -14.47
C GLY F 409 3.52 49.04 -13.84
N GLY F 410 2.70 49.55 -12.93
CA GLY F 410 1.69 48.77 -12.27
C GLY F 410 0.39 48.70 -13.04
N THR F 411 -0.68 48.37 -12.32
CA THR F 411 -2.01 48.28 -12.89
C THR F 411 -3.01 48.99 -11.97
N VAL F 412 -4.03 49.60 -12.59
CA VAL F 412 -4.96 50.42 -11.83
C VAL F 412 -5.72 49.60 -10.80
N THR F 413 -5.92 48.31 -11.06
CA THR F 413 -6.61 47.45 -10.12
C THR F 413 -5.97 46.07 -10.12
N GLY F 414 -5.79 45.50 -8.96
CA GLY F 414 -5.23 44.18 -8.83
C GLY F 414 -6.18 43.08 -8.41
N GLU F 415 -7.22 43.35 -7.65
CA GLU F 415 -8.10 42.28 -7.22
C GLU F 415 -9.55 42.64 -7.19
N HIS F 416 -9.84 43.92 -7.09
CA HIS F 416 -11.20 44.38 -6.95
C HIS F 416 -11.94 44.60 -8.21
N GLY F 417 -11.26 45.09 -9.22
CA GLY F 417 -11.95 45.32 -10.47
C GLY F 417 -12.19 46.80 -10.71
N VAL F 418 -12.34 47.15 -11.99
CA VAL F 418 -12.49 48.55 -12.38
C VAL F 418 -13.86 49.08 -11.96
N GLY F 419 -14.92 48.41 -12.40
CA GLY F 419 -16.26 48.82 -12.05
C GLY F 419 -16.56 50.25 -12.47
N LEU F 420 -16.75 51.13 -11.50
CA LEU F 420 -17.02 52.53 -11.74
C LEU F 420 -15.99 53.46 -11.14
N LEU F 421 -15.54 53.20 -9.91
CA LEU F 421 -14.62 54.10 -9.24
C LEU F 421 -13.20 54.03 -9.79
N LYS F 422 -12.97 53.29 -10.87
CA LYS F 422 -11.63 53.21 -11.45
C LYS F 422 -11.66 53.30 -12.96
N MET F 423 -12.77 53.74 -13.56
CA MET F 423 -12.86 53.75 -15.01
C MET F 423 -11.89 54.73 -15.64
N ARG F 424 -11.61 55.86 -14.99
CA ARG F 424 -10.66 56.82 -15.55
C ARG F 424 -9.25 56.22 -15.61
N GLY F 425 -8.74 55.75 -14.46
CA GLY F 425 -7.42 55.16 -14.45
C GLY F 425 -7.31 53.97 -15.40
N ALA F 426 -8.36 53.14 -15.44
CA ALA F 426 -8.36 52.02 -16.38
C ALA F 426 -8.18 52.51 -17.81
N ALA F 427 -8.84 53.61 -18.15
CA ALA F 427 -8.71 54.16 -19.50
C ALA F 427 -7.29 54.64 -19.76
N ASP F 428 -6.68 55.31 -18.78
CA ASP F 428 -5.32 55.82 -18.97
C ASP F 428 -4.32 54.68 -19.13
N GLU F 429 -4.52 53.57 -18.44
CA GLU F 429 -3.59 52.44 -18.56
C GLU F 429 -3.76 51.73 -19.89
N LEU F 430 -5.00 51.37 -20.23
CA LEU F 430 -5.24 50.55 -21.40
C LEU F 430 -4.90 51.30 -22.69
N GLY F 431 -5.33 52.55 -22.80
CA GLY F 431 -5.09 53.33 -23.99
C GLY F 431 -6.23 53.23 -24.98
N PRO F 432 -6.23 54.11 -25.98
CA PRO F 432 -7.35 54.10 -26.94
C PRO F 432 -7.46 52.82 -27.74
N HIS F 433 -6.34 52.27 -28.21
CA HIS F 433 -6.38 51.06 -29.01
C HIS F 433 -6.97 49.89 -28.23
N VAL F 434 -6.47 49.68 -27.00
CA VAL F 434 -6.96 48.55 -26.20
C VAL F 434 -8.45 48.72 -25.90
N LEU F 435 -8.87 49.92 -25.51
CA LEU F 435 -10.30 50.15 -25.27
C LEU F 435 -11.11 49.81 -26.52
N ALA F 436 -10.65 50.25 -27.69
CA ALA F 436 -11.37 49.93 -28.92
C ALA F 436 -11.59 48.43 -29.06
N MET F 437 -10.64 47.61 -28.59
CA MET F 437 -10.85 46.17 -28.61
C MET F 437 -11.94 45.77 -27.61
N HIS F 438 -11.98 46.43 -26.45
CA HIS F 438 -13.03 46.13 -25.48
C HIS F 438 -14.40 46.44 -26.07
N ARG F 439 -14.55 47.64 -26.64
CA ARG F 439 -15.82 48.00 -27.28
C ARG F 439 -16.19 47.03 -28.38
N ALA F 440 -15.20 46.57 -29.14
CA ALA F 440 -15.46 45.61 -30.22
C ALA F 440 -15.84 44.24 -29.64
N VAL F 441 -15.06 43.74 -28.69
CA VAL F 441 -15.34 42.43 -28.11
C VAL F 441 -16.71 42.42 -27.44
N LYS F 442 -16.99 43.41 -26.60
CA LYS F 442 -18.30 43.48 -25.96
C LYS F 442 -19.41 43.58 -26.99
N GLY F 443 -19.15 44.24 -28.12
CA GLY F 443 -20.19 44.37 -29.14
C GLY F 443 -20.51 43.05 -29.82
N ALA F 444 -19.50 42.21 -30.03
CA ALA F 444 -19.73 40.94 -30.71
C ALA F 444 -20.47 39.94 -29.84
N LEU F 445 -20.11 39.87 -28.56
CA LEU F 445 -20.73 38.91 -27.66
C LEU F 445 -21.98 39.45 -26.99
N ASP F 446 -22.19 40.76 -27.00
CA ASP F 446 -23.38 41.38 -26.41
C ASP F 446 -23.93 42.42 -27.38
N PRO F 447 -24.37 41.98 -28.57
CA PRO F 447 -24.87 42.96 -29.56
C PRO F 447 -26.02 43.80 -29.06
N ALA F 448 -26.73 43.37 -28.01
CA ALA F 448 -27.83 44.15 -27.47
C ALA F 448 -27.38 45.21 -26.49
N GLY F 449 -26.14 45.16 -26.02
CA GLY F 449 -25.66 46.14 -25.06
C GLY F 449 -26.45 46.19 -23.77
N ILE F 450 -26.86 45.03 -23.26
CA ILE F 450 -27.70 44.97 -22.07
C ILE F 450 -26.95 44.53 -20.83
N PHE F 451 -25.79 43.89 -20.97
CA PHE F 451 -25.05 43.34 -19.84
C PHE F 451 -24.18 44.43 -19.22
N ASN F 452 -24.65 44.98 -18.11
CA ASN F 452 -23.92 45.95 -17.29
C ASN F 452 -23.21 47.00 -18.15
N PRO F 453 -23.94 47.74 -18.97
CA PRO F 453 -23.30 48.71 -19.86
C PRO F 453 -22.77 49.91 -19.08
N GLY F 454 -21.53 50.30 -19.38
CA GLY F 454 -20.94 51.48 -18.79
C GLY F 454 -19.94 51.24 -17.68
N LYS F 455 -19.73 49.99 -17.28
CA LYS F 455 -18.77 49.67 -16.23
C LYS F 455 -17.51 49.05 -16.84
N VAL F 456 -16.41 49.19 -16.10
CA VAL F 456 -15.10 48.72 -16.56
C VAL F 456 -14.56 49.67 -17.62
N PHE F 457 -15.27 49.78 -18.74
CA PHE F 457 -14.92 50.70 -19.79
C PHE F 457 -16.17 51.43 -20.25
N ALA F 458 -15.96 52.54 -20.95
CA ALA F 458 -17.02 53.41 -21.42
C ALA F 458 -17.40 53.05 -22.86
N LEU F 459 -18.61 53.43 -23.24
CA LEU F 459 -19.15 53.15 -24.56
C LEU F 459 -19.17 54.44 -25.36
N GLU F 460 -18.44 54.46 -26.47
CA GLU F 460 -18.33 55.64 -27.31
C GLU F 460 -19.12 55.47 -28.62
N GLY G 3 18.28 -16.09 -21.62
CA GLY G 3 17.63 -15.13 -20.75
C GLY G 3 17.63 -15.56 -19.30
N VAL G 4 17.02 -16.72 -19.03
CA VAL G 4 16.96 -17.21 -17.66
C VAL G 4 18.33 -17.71 -17.20
N VAL G 5 18.97 -18.56 -18.02
CA VAL G 5 20.29 -19.05 -17.67
C VAL G 5 21.29 -17.92 -17.58
N GLU G 6 21.12 -16.88 -18.41
CA GLU G 6 22.04 -15.75 -18.39
C GLU G 6 21.98 -15.02 -17.05
N GLU G 7 20.77 -14.79 -16.55
CA GLU G 7 20.61 -14.06 -15.29
C GLU G 7 21.09 -14.88 -14.10
N LEU G 8 20.93 -16.21 -14.14
CA LEU G 8 21.39 -17.05 -13.04
C LEU G 8 22.91 -17.01 -12.91
N VAL G 9 23.61 -17.22 -14.03
CA VAL G 9 25.07 -17.13 -14.02
C VAL G 9 25.51 -15.74 -13.59
N ALA G 10 24.84 -14.71 -14.09
CA ALA G 10 25.16 -13.34 -13.70
C ALA G 10 24.85 -13.04 -12.24
N ALA G 11 24.17 -13.96 -11.54
CA ALA G 11 23.80 -13.76 -10.14
C ALA G 11 24.64 -14.61 -9.19
N ILE G 12 24.95 -15.84 -9.55
CA ILE G 12 25.72 -16.76 -8.72
C ILE G 12 26.99 -17.24 -9.42
N GLY G 13 27.36 -16.61 -10.53
CA GLY G 13 28.54 -17.00 -11.27
C GLY G 13 28.31 -18.20 -12.16
N ALA G 14 29.30 -18.48 -13.00
CA ALA G 14 29.16 -19.59 -13.92
C ALA G 14 29.56 -20.91 -13.28
N GLU G 15 30.49 -20.89 -12.31
CA GLU G 15 30.91 -22.11 -11.64
C GLU G 15 29.79 -22.74 -10.83
N GLN G 16 28.68 -22.04 -10.63
CA GLN G 16 27.58 -22.54 -9.81
C GLN G 16 26.33 -22.90 -10.61
N VAL G 17 26.36 -22.72 -11.93
CA VAL G 17 25.25 -23.07 -12.80
C VAL G 17 25.70 -24.17 -13.74
N VAL G 18 24.84 -25.16 -13.95
CA VAL G 18 25.11 -26.28 -14.84
C VAL G 18 23.97 -26.39 -15.83
N THR G 19 24.31 -26.56 -17.12
CA THR G 19 23.32 -26.70 -18.16
C THR G 19 23.56 -27.88 -19.09
N ASP G 20 24.68 -28.58 -18.98
CA ASP G 20 24.99 -29.72 -19.84
C ASP G 20 23.91 -30.80 -19.68
N PRO G 21 23.14 -31.11 -20.73
CA PRO G 21 22.09 -32.14 -20.61
C PRO G 21 22.62 -33.47 -20.10
N ALA G 22 23.92 -33.73 -20.29
CA ALA G 22 24.48 -34.99 -19.81
C ALA G 22 24.61 -34.98 -18.29
N VAL G 23 24.96 -33.83 -17.71
CA VAL G 23 25.12 -33.75 -16.26
C VAL G 23 23.76 -33.71 -15.56
N MET G 24 22.82 -32.93 -16.10
CA MET G 24 21.50 -32.80 -15.50
C MET G 24 20.70 -34.09 -15.54
N GLU G 25 21.21 -35.14 -16.21
CA GLU G 25 20.48 -36.40 -16.31
C GLU G 25 20.07 -36.90 -14.93
N GLY G 26 21.03 -37.00 -14.01
CA GLY G 26 20.75 -37.50 -12.68
C GLY G 26 20.16 -36.49 -11.72
N TYR G 27 20.12 -35.22 -12.11
CA TYR G 27 19.61 -34.16 -11.27
C TYR G 27 18.12 -33.89 -11.46
N SER G 28 17.47 -34.60 -12.38
CA SER G 28 16.07 -34.35 -12.72
C SER G 28 15.14 -35.49 -12.34
N HIS G 29 15.65 -36.58 -11.78
CA HIS G 29 14.82 -37.70 -11.38
C HIS G 29 15.35 -38.29 -10.07
N ASP G 30 14.42 -38.78 -9.26
CA ASP G 30 14.76 -39.42 -8.00
C ASP G 30 14.62 -40.93 -8.17
N GLU G 31 14.73 -41.66 -7.05
CA GLU G 31 14.66 -43.12 -7.11
C GLU G 31 13.28 -43.62 -7.53
N ALA G 32 12.31 -42.73 -7.74
CA ALA G 32 11.00 -43.12 -8.22
C ALA G 32 11.10 -43.40 -9.72
N GLU G 33 10.95 -44.67 -10.10
CA GLU G 33 11.11 -45.02 -11.52
C GLU G 33 9.87 -44.67 -12.32
N TRP G 34 8.68 -44.81 -11.74
CA TRP G 34 7.45 -44.53 -12.46
C TRP G 34 7.03 -43.07 -12.38
N ALA G 35 7.88 -42.19 -11.83
CA ALA G 35 7.55 -40.78 -11.75
C ALA G 35 8.07 -40.06 -12.99
N PRO G 36 7.20 -39.45 -13.80
CA PRO G 36 7.66 -38.77 -15.00
C PRO G 36 8.53 -37.56 -14.68
N TYR G 37 9.54 -37.33 -15.51
CA TYR G 37 10.45 -36.21 -15.34
C TYR G 37 10.99 -35.77 -16.70
N ASP G 38 11.13 -34.46 -16.88
CA ASP G 38 11.60 -33.89 -18.13
C ASP G 38 12.88 -33.10 -17.88
N ALA G 39 13.52 -32.68 -18.97
CA ALA G 39 14.82 -32.02 -18.90
C ALA G 39 14.68 -30.62 -18.31
N PRO G 40 15.34 -30.30 -17.20
CA PRO G 40 15.25 -28.96 -16.63
C PRO G 40 16.12 -27.97 -17.38
N ALA G 41 15.82 -26.68 -17.16
CA ALA G 41 16.56 -25.63 -17.84
C ALA G 41 18.01 -25.56 -17.36
N ALA G 42 18.22 -25.77 -16.07
CA ALA G 42 19.57 -25.76 -15.51
C ALA G 42 19.51 -26.25 -14.07
N VAL G 43 20.65 -26.76 -13.60
CA VAL G 43 20.80 -27.24 -12.24
C VAL G 43 21.81 -26.34 -11.55
N VAL G 44 21.35 -25.53 -10.62
CA VAL G 44 22.21 -24.61 -9.88
C VAL G 44 22.64 -25.28 -8.58
N ARG G 45 23.89 -25.09 -8.20
CA ARG G 45 24.46 -25.67 -6.98
C ARG G 45 25.00 -24.55 -6.09
N PRO G 46 24.15 -23.94 -5.26
CA PRO G 46 24.58 -22.78 -4.49
C PRO G 46 25.63 -23.12 -3.45
N ARG G 47 26.32 -22.08 -2.98
CA ARG G 47 27.35 -22.21 -1.96
C ARG G 47 26.81 -21.97 -0.56
N ASP G 48 25.92 -20.98 -0.40
CA ASP G 48 25.33 -20.66 0.89
C ASP G 48 23.92 -20.14 0.67
N THR G 49 23.30 -19.70 1.77
CA THR G 49 21.93 -19.20 1.69
C THR G 49 21.80 -18.04 0.71
N ALA G 50 22.83 -17.19 0.64
CA ALA G 50 22.78 -16.02 -0.24
C ALA G 50 22.55 -16.44 -1.69
N ASP G 51 23.26 -17.47 -2.15
CA ASP G 51 23.07 -17.94 -3.52
C ASP G 51 21.64 -18.45 -3.74
N VAL G 52 21.11 -19.20 -2.78
CA VAL G 52 19.75 -19.74 -2.92
C VAL G 52 18.74 -18.61 -2.92
N ALA G 53 18.95 -17.59 -2.08
CA ALA G 53 18.02 -16.48 -2.03
C ALA G 53 17.92 -15.77 -3.38
N GLU G 54 19.05 -15.56 -4.04
CA GLU G 54 19.04 -14.88 -5.33
C GLU G 54 18.39 -15.76 -6.40
N VAL G 55 18.65 -17.06 -6.37
CA VAL G 55 18.06 -17.97 -7.34
C VAL G 55 16.54 -17.94 -7.23
N VAL G 56 16.01 -17.94 -6.01
CA VAL G 56 14.56 -17.94 -5.82
C VAL G 56 13.98 -16.60 -6.26
N ARG G 57 14.71 -15.51 -6.01
CA ARG G 57 14.21 -14.18 -6.39
C ARG G 57 14.04 -14.09 -7.90
N ILE G 58 15.04 -14.54 -8.66
CA ILE G 58 14.98 -14.46 -10.11
C ILE G 58 13.87 -15.35 -10.64
N CYS G 59 13.77 -16.58 -10.14
CA CYS G 59 12.71 -17.47 -10.61
C CYS G 59 11.33 -16.94 -10.26
N ALA G 60 11.22 -16.18 -9.17
CA ALA G 60 9.93 -15.60 -8.81
C ALA G 60 9.47 -14.61 -9.86
N GLY G 61 10.36 -13.70 -10.26
CA GLY G 61 10.01 -12.72 -11.28
C GLY G 61 9.76 -13.35 -12.63
N ARG G 62 10.59 -14.32 -13.02
CA ARG G 62 10.42 -14.98 -14.30
C ARG G 62 9.39 -16.10 -14.26
N GLY G 63 8.89 -16.43 -13.06
CA GLY G 63 7.88 -17.47 -12.96
C GLY G 63 8.35 -18.83 -13.43
N VAL G 64 9.61 -19.17 -13.18
CA VAL G 64 10.17 -20.46 -13.55
C VAL G 64 10.12 -21.38 -12.35
N ALA G 65 9.61 -22.59 -12.55
CA ALA G 65 9.50 -23.56 -11.46
C ALA G 65 10.88 -23.98 -10.98
N VAL G 66 11.03 -24.04 -9.65
CA VAL G 66 12.27 -24.44 -9.01
C VAL G 66 11.98 -25.59 -8.05
N VAL G 67 12.76 -26.65 -8.14
CA VAL G 67 12.59 -27.85 -7.33
C VAL G 67 13.89 -28.11 -6.58
N GLY G 68 13.84 -28.03 -5.26
CA GLY G 68 15.02 -28.34 -4.46
C GLY G 68 15.30 -29.84 -4.47
N ARG G 69 16.58 -30.18 -4.46
CA ARG G 69 17.01 -31.57 -4.51
C ARG G 69 18.03 -31.83 -3.42
N GLY G 70 17.83 -32.93 -2.69
CA GLY G 70 18.81 -33.39 -1.73
C GLY G 70 19.73 -34.43 -2.34
N ALA G 71 19.56 -35.68 -1.93
CA ALA G 71 20.31 -36.79 -2.49
C ALA G 71 19.56 -37.49 -3.62
N GLY G 72 18.31 -37.14 -3.87
CA GLY G 72 17.55 -37.77 -4.94
C GLY G 72 17.18 -39.21 -4.67
N THR G 73 16.88 -39.54 -3.41
CA THR G 73 16.51 -40.91 -3.03
C THR G 73 15.02 -41.03 -2.72
N GLY G 74 14.22 -40.05 -3.14
CA GLY G 74 12.79 -40.14 -2.94
C GLY G 74 12.20 -41.33 -3.67
N LEU G 75 11.03 -41.77 -3.18
CA LEU G 75 10.35 -42.92 -3.75
C LEU G 75 8.97 -42.58 -4.30
N SER G 76 8.65 -41.29 -4.43
CA SER G 76 7.38 -40.86 -4.99
C SER G 76 7.53 -39.79 -6.05
N GLY G 77 8.75 -39.54 -6.53
CA GLY G 77 8.97 -38.54 -7.55
C GLY G 77 8.86 -37.10 -7.07
N ALA G 78 8.98 -36.87 -5.77
CA ALA G 78 8.86 -35.51 -5.26
C ALA G 78 9.98 -34.61 -5.81
N ALA G 79 11.18 -35.16 -6.00
CA ALA G 79 12.32 -34.40 -6.48
C ALA G 79 12.41 -34.33 -8.00
N ASN G 80 11.53 -35.03 -8.72
CA ASN G 80 11.56 -34.97 -10.17
C ASN G 80 11.31 -33.56 -10.66
N ALA G 81 12.04 -33.16 -11.70
CA ALA G 81 11.97 -31.81 -12.24
C ALA G 81 11.10 -31.78 -13.48
N GLY G 82 10.35 -30.69 -13.64
CA GLY G 82 9.53 -30.50 -14.83
C GLY G 82 10.30 -29.84 -15.96
N ARG G 83 9.70 -29.88 -17.15
CA ARG G 83 10.34 -29.32 -18.32
C ARG G 83 10.61 -27.84 -18.14
N GLY G 84 11.89 -27.45 -18.21
CA GLY G 84 12.27 -26.06 -18.06
C GLY G 84 12.47 -25.60 -16.64
N TRP G 85 12.32 -26.49 -15.66
CA TRP G 85 12.47 -26.10 -14.26
C TRP G 85 13.94 -25.86 -13.92
N VAL G 86 14.15 -25.33 -12.72
CA VAL G 86 15.49 -25.08 -12.20
C VAL G 86 15.65 -25.95 -10.97
N VAL G 87 16.48 -26.99 -11.08
CA VAL G 87 16.71 -27.91 -9.97
C VAL G 87 17.78 -27.32 -9.07
N VAL G 88 17.41 -27.03 -7.82
CA VAL G 88 18.34 -26.49 -6.83
C VAL G 88 18.93 -27.66 -6.06
N SER G 89 20.20 -27.98 -6.31
CA SER G 89 20.89 -29.07 -5.65
C SER G 89 21.72 -28.51 -4.50
N PHE G 90 21.44 -28.97 -3.29
CA PHE G 90 22.15 -28.54 -2.09
C PHE G 90 23.40 -29.37 -1.82
N GLU G 91 24.00 -29.95 -2.86
CA GLU G 91 25.18 -30.77 -2.65
C GLU G 91 26.34 -29.98 -2.06
N ARG G 92 26.38 -28.67 -2.30
CA ARG G 92 27.47 -27.84 -1.80
C ARG G 92 27.26 -27.35 -0.38
N MET G 93 26.03 -27.38 0.13
CA MET G 93 25.73 -26.96 1.49
C MET G 93 25.60 -28.20 2.35
N ASN G 94 26.74 -28.75 2.76
CA ASN G 94 26.82 -30.03 3.45
C ASN G 94 27.72 -29.95 4.67
N ARG G 95 27.54 -28.91 5.49
CA ARG G 95 28.35 -28.69 6.68
C ARG G 95 27.48 -28.72 7.93
N VAL G 96 27.99 -29.34 8.98
CA VAL G 96 27.35 -29.27 10.29
C VAL G 96 27.84 -27.98 10.96
N LEU G 97 26.92 -27.04 11.18
CA LEU G 97 27.31 -25.70 11.61
C LEU G 97 27.58 -25.64 13.11
N GLU G 98 26.82 -26.37 13.92
CA GLU G 98 27.02 -26.28 15.36
C GLU G 98 26.46 -27.52 16.04
N VAL G 99 27.05 -27.83 17.21
CA VAL G 99 26.56 -28.90 18.07
C VAL G 99 26.54 -28.40 19.51
N ASP G 100 25.39 -27.91 19.96
CA ASP G 100 25.28 -27.35 21.30
C ASP G 100 25.09 -28.49 22.29
N THR G 101 26.14 -28.78 23.07
CA THR G 101 26.07 -29.91 23.99
C THR G 101 25.25 -29.59 25.23
N VAL G 102 25.15 -28.32 25.62
CA VAL G 102 24.36 -27.97 26.80
C VAL G 102 22.87 -28.02 26.48
N GLN G 103 22.47 -27.47 25.34
CA GLN G 103 21.08 -27.58 24.91
C GLN G 103 20.78 -28.91 24.24
N GLN G 104 21.81 -29.66 23.85
CA GLN G 104 21.64 -30.96 23.18
C GLN G 104 20.87 -30.80 21.88
N THR G 105 21.37 -29.91 21.02
CA THR G 105 20.80 -29.67 19.71
C THR G 105 21.94 -29.49 18.72
N VAL G 106 21.63 -29.68 17.44
CA VAL G 106 22.59 -29.54 16.36
C VAL G 106 21.98 -28.68 15.26
N THR G 107 22.81 -27.87 14.62
CA THR G 107 22.40 -27.01 13.50
C THR G 107 23.13 -27.49 12.26
N VAL G 108 22.38 -28.08 11.33
CA VAL G 108 22.96 -28.68 10.14
C VAL G 108 22.36 -28.04 8.89
N GLN G 109 23.06 -28.20 7.76
CA GLN G 109 22.57 -27.69 6.49
C GLN G 109 21.80 -28.76 5.72
N PRO G 110 20.99 -28.34 4.76
CA PRO G 110 20.12 -29.31 4.06
C PRO G 110 20.87 -30.35 3.26
N GLY G 111 22.13 -30.11 2.89
CA GLY G 111 22.87 -31.07 2.08
C GLY G 111 23.55 -32.18 2.85
N VAL G 112 23.56 -32.11 4.19
CA VAL G 112 24.25 -33.11 4.99
C VAL G 112 23.56 -34.47 4.84
N VAL G 113 24.36 -35.53 4.93
CA VAL G 113 23.85 -36.90 4.84
C VAL G 113 23.43 -37.36 6.23
N ASN G 114 22.36 -38.16 6.28
CA ASN G 114 21.80 -38.60 7.56
C ASN G 114 22.85 -39.35 8.38
N ASP G 115 23.45 -40.39 7.81
CA ASP G 115 24.45 -41.16 8.55
C ASP G 115 25.59 -40.27 9.00
N ASP G 116 26.01 -39.31 8.16
CA ASP G 116 27.05 -38.38 8.58
C ASP G 116 26.63 -37.59 9.81
N LEU G 117 25.38 -37.11 9.83
CA LEU G 117 24.90 -36.37 10.99
C LEU G 117 24.89 -37.24 12.23
N ARG G 118 24.43 -38.49 12.11
CA ARG G 118 24.38 -39.36 13.28
C ARG G 118 25.78 -39.64 13.81
N ALA G 119 26.73 -39.89 12.91
CA ALA G 119 28.11 -40.12 13.32
C ALA G 119 28.73 -38.88 13.96
N ARG G 120 28.35 -37.70 13.48
CA ARG G 120 28.93 -36.46 14.01
C ARG G 120 28.48 -36.21 15.45
N VAL G 121 27.18 -36.38 15.72
CA VAL G 121 26.70 -36.17 17.08
C VAL G 121 27.18 -37.27 18.01
N ALA G 122 27.37 -38.48 17.49
CA ALA G 122 27.92 -39.55 18.32
C ALA G 122 29.30 -39.20 18.84
N GLN G 123 30.02 -38.31 18.16
CA GLN G 123 31.34 -37.90 18.63
C GLN G 123 31.25 -37.21 19.98
N ASP G 124 30.18 -36.47 20.22
CA ASP G 124 29.96 -35.79 21.49
C ASP G 124 29.03 -36.56 22.42
N GLY G 125 28.88 -37.86 22.18
CA GLY G 125 28.03 -38.67 23.03
C GLY G 125 26.54 -38.45 22.88
N LEU G 126 26.12 -37.80 21.80
CA LEU G 126 24.71 -37.54 21.55
C LEU G 126 24.18 -38.52 20.50
N TRP G 127 22.90 -38.39 20.18
CA TRP G 127 22.24 -39.35 19.31
C TRP G 127 21.09 -38.68 18.57
N TYR G 128 21.01 -38.92 17.26
CA TYR G 128 19.88 -38.48 16.45
C TYR G 128 19.04 -39.70 16.10
N PRO G 129 17.91 -39.92 16.78
CA PRO G 129 17.20 -41.20 16.66
C PRO G 129 16.77 -41.50 15.23
N PRO G 130 16.05 -40.58 14.56
CA PRO G 130 15.50 -40.88 13.23
C PRO G 130 16.48 -41.59 12.30
N ASP G 131 16.08 -42.75 11.80
CA ASP G 131 16.96 -43.62 11.02
C ASP G 131 16.19 -44.22 9.85
N PRO G 132 16.02 -43.46 8.77
CA PRO G 132 15.39 -44.02 7.58
C PRO G 132 16.28 -45.07 6.93
N ALA G 133 15.65 -45.95 6.16
CA ALA G 133 16.38 -47.00 5.47
C ALA G 133 17.41 -46.43 4.50
N SER G 134 17.15 -45.25 3.95
CA SER G 134 18.07 -44.56 3.05
C SER G 134 19.05 -43.66 3.79
N SER G 135 19.21 -43.84 5.09
CA SER G 135 20.09 -42.98 5.88
C SER G 135 21.50 -42.87 5.33
N PRO G 136 22.14 -43.93 4.82
CA PRO G 136 23.54 -43.80 4.39
C PRO G 136 23.75 -42.82 3.24
N TRP G 137 22.70 -42.43 2.52
CA TRP G 137 22.88 -41.52 1.39
C TRP G 137 21.82 -40.42 1.28
N SER G 138 20.77 -40.41 2.10
CA SER G 138 19.76 -39.37 2.03
C SER G 138 20.20 -38.17 2.88
N THR G 139 19.73 -36.99 2.48
CA THR G 139 20.12 -35.74 3.13
C THR G 139 19.14 -35.36 4.23
N ILE G 140 19.64 -34.59 5.21
CA ILE G 140 18.77 -34.04 6.25
C ILE G 140 17.77 -33.08 5.63
N GLY G 141 18.15 -32.41 4.54
CA GLY G 141 17.19 -31.57 3.84
C GLY G 141 16.00 -32.37 3.34
N GLY G 142 16.26 -33.52 2.73
CA GLY G 142 15.17 -34.37 2.29
C GLY G 142 14.35 -34.93 3.44
N ASN G 143 15.02 -35.36 4.50
CA ASN G 143 14.31 -35.90 5.65
C ASN G 143 13.36 -34.88 6.25
N VAL G 144 13.69 -33.59 6.14
CA VAL G 144 12.79 -32.55 6.65
C VAL G 144 11.70 -32.26 5.63
N ALA G 145 12.03 -32.29 4.34
CA ALA G 145 11.03 -31.99 3.32
C ALA G 145 9.96 -33.08 3.25
N THR G 146 10.35 -34.34 3.48
CA THR G 146 9.41 -35.46 3.44
C THR G 146 9.03 -35.98 4.81
N ASN G 147 9.58 -35.40 5.89
CA ASN G 147 9.35 -35.89 7.24
C ASN G 147 9.60 -37.39 7.32
N ALA G 148 10.81 -37.78 6.89
CA ALA G 148 11.13 -39.20 6.76
C ALA G 148 11.01 -39.91 8.10
N GLY G 149 10.72 -41.20 8.04
CA GLY G 149 10.65 -42.05 9.21
C GLY G 149 11.77 -43.09 9.21
N GLY G 150 11.75 -43.93 10.24
CA GLY G 150 12.75 -44.97 10.38
C GLY G 150 12.18 -46.25 10.93
N LEU G 151 13.05 -47.11 11.44
CA LEU G 151 12.60 -48.37 12.04
C LEU G 151 12.25 -48.20 13.50
N CYS G 152 13.06 -47.46 14.26
CA CYS G 152 12.81 -47.22 15.67
C CYS G 152 11.84 -46.07 15.93
N CYS G 153 11.19 -45.56 14.88
CA CYS G 153 10.21 -44.50 15.07
C CYS G 153 8.99 -44.97 15.85
N VAL G 154 8.87 -46.28 16.10
CA VAL G 154 7.81 -46.81 16.94
C VAL G 154 8.00 -46.42 18.40
N LYS G 155 9.24 -46.10 18.80
CA LYS G 155 9.53 -45.69 20.16
C LYS G 155 10.16 -44.31 20.26
N TYR G 156 10.62 -43.72 19.15
CA TYR G 156 11.30 -42.44 19.20
C TYR G 156 10.77 -41.42 18.19
N GLY G 157 9.71 -41.73 17.47
CA GLY G 157 9.10 -40.75 16.59
C GLY G 157 9.80 -40.63 15.24
N VAL G 158 9.37 -39.62 14.49
CA VAL G 158 9.89 -39.38 13.14
C VAL G 158 10.64 -38.05 13.12
N THR G 159 10.98 -37.58 11.91
CA THR G 159 11.78 -36.36 11.78
C THR G 159 11.10 -35.17 12.44
N ARG G 160 9.81 -34.97 12.18
CA ARG G 160 9.11 -33.83 12.74
C ARG G 160 9.29 -33.72 14.25
N ASP G 161 9.44 -34.84 14.93
CA ASP G 161 9.60 -34.82 16.38
C ASP G 161 10.96 -34.30 16.82
N TYR G 162 11.84 -33.90 15.88
CA TYR G 162 13.16 -33.42 16.25
C TYR G 162 13.53 -32.11 15.55
N VAL G 163 12.58 -31.48 14.87
CA VAL G 163 12.84 -30.22 14.19
C VAL G 163 12.48 -29.07 15.12
N LEU G 164 13.49 -28.41 15.69
CA LEU G 164 13.27 -27.27 16.56
C LEU G 164 13.10 -25.97 15.79
N GLY G 165 13.97 -25.73 14.80
CA GLY G 165 13.91 -24.53 14.00
C GLY G 165 14.60 -24.76 12.67
N MET G 166 14.59 -23.73 11.84
CA MET G 166 15.17 -23.86 10.51
C MET G 166 15.24 -22.47 9.88
N GLU G 167 15.96 -22.40 8.76
CA GLU G 167 16.04 -21.22 7.92
C GLU G 167 15.62 -21.59 6.51
N ALA G 168 14.68 -20.84 5.95
CA ALA G 168 14.14 -21.18 4.63
C ALA G 168 14.04 -19.93 3.78
N VAL G 169 14.19 -20.12 2.47
CA VAL G 169 13.95 -19.09 1.48
C VAL G 169 12.57 -19.35 0.87
N VAL G 170 11.66 -18.38 0.99
CA VAL G 170 10.28 -18.55 0.58
C VAL G 170 9.82 -17.30 -0.18
N GLY G 171 8.67 -17.42 -0.83
CA GLY G 171 8.09 -16.28 -1.52
C GLY G 171 8.92 -15.86 -2.71
N SER G 172 9.20 -14.56 -2.79
CA SER G 172 9.98 -14.00 -3.89
C SER G 172 11.48 -14.01 -3.60
N GLY G 173 11.92 -14.72 -2.56
CA GLY G 173 13.34 -14.81 -2.27
C GLY G 173 13.74 -14.32 -0.89
N GLU G 174 12.77 -14.18 0.01
CA GLU G 174 13.05 -13.72 1.36
C GLU G 174 13.58 -14.88 2.19
N VAL G 175 14.73 -14.67 2.83
CA VAL G 175 15.33 -15.69 3.70
C VAL G 175 14.88 -15.40 5.13
N VAL G 176 14.04 -16.26 5.68
CA VAL G 176 13.51 -16.10 7.02
C VAL G 176 13.96 -17.27 7.88
N ARG G 177 13.98 -17.04 9.18
CA ARG G 177 14.37 -18.04 10.16
C ARG G 177 13.15 -18.42 10.99
N LEU G 178 12.62 -19.62 10.75
CA LEU G 178 11.46 -20.16 11.44
C LEU G 178 11.89 -21.07 12.59
N GLY G 179 10.95 -21.29 13.51
CA GLY G 179 11.18 -22.16 14.63
C GLY G 179 11.98 -21.49 15.73
N ARG G 180 12.37 -22.29 16.71
CA ARG G 180 13.13 -21.84 17.86
C ARG G 180 14.41 -22.66 17.99
N THR G 181 15.21 -22.29 18.99
CA THR G 181 16.41 -23.06 19.33
C THR G 181 16.39 -23.55 20.76
N THR G 182 15.44 -23.10 21.57
CA THR G 182 15.29 -23.56 22.95
C THR G 182 14.43 -24.81 22.98
N ALA G 183 13.97 -25.19 24.17
CA ALA G 183 13.14 -26.38 24.31
C ALA G 183 11.66 -26.11 24.08
N LYS G 184 11.18 -24.93 24.47
CA LYS G 184 9.75 -24.63 24.40
C LYS G 184 9.55 -23.26 23.76
N GLY G 185 8.70 -23.21 22.73
CA GLY G 185 8.33 -21.96 22.08
C GLY G 185 7.02 -22.07 21.32
N VAL G 186 6.13 -21.09 21.47
CA VAL G 186 4.83 -21.12 20.80
C VAL G 186 4.54 -19.78 20.14
N THR G 187 5.56 -18.95 20.00
CA THR G 187 5.38 -17.61 19.44
C THR G 187 4.89 -17.70 18.01
N GLY G 188 3.67 -17.22 17.78
CA GLY G 188 3.11 -17.23 16.44
C GLY G 188 2.63 -18.61 16.02
N TYR G 189 2.75 -18.88 14.74
CA TYR G 189 2.33 -20.16 14.18
C TYR G 189 3.51 -21.13 14.12
N ASP G 190 3.18 -22.39 13.85
CA ASP G 190 4.18 -23.44 13.69
C ASP G 190 4.68 -23.51 12.25
N LEU G 191 5.10 -22.36 11.71
CA LEU G 191 5.53 -22.32 10.32
C LEU G 191 6.71 -23.25 10.07
N ALA G 192 7.61 -23.37 11.05
CA ALA G 192 8.71 -24.31 10.93
C ALA G 192 8.18 -25.74 10.77
N GLY G 193 7.22 -26.11 11.62
CA GLY G 193 6.59 -27.41 11.46
C GLY G 193 5.84 -27.53 10.16
N LEU G 194 5.22 -26.43 9.72
CA LEU G 194 4.53 -26.44 8.43
C LEU G 194 5.49 -26.81 7.31
N MET G 195 6.76 -26.45 7.43
CA MET G 195 7.75 -26.81 6.41
C MET G 195 8.00 -28.31 6.38
N VAL G 196 8.15 -28.94 7.56
CA VAL G 196 8.39 -30.37 7.62
C VAL G 196 7.23 -31.11 6.98
N GLY G 197 7.54 -32.04 6.08
CA GLY G 197 6.54 -32.80 5.37
C GLY G 197 5.90 -32.08 4.19
N SER G 198 6.34 -30.88 3.86
CA SER G 198 5.82 -30.14 2.71
C SER G 198 6.43 -30.59 1.40
N GLU G 199 7.53 -31.34 1.43
CA GLU G 199 8.18 -31.84 0.22
C GLU G 199 8.59 -30.69 -0.71
N GLY G 200 9.03 -29.59 -0.11
CA GLY G 200 9.57 -28.48 -0.88
C GLY G 200 8.58 -27.74 -1.75
N THR G 201 7.30 -27.76 -1.40
CA THR G 201 6.28 -27.07 -2.17
C THR G 201 5.92 -25.72 -1.59
N LEU G 202 6.56 -25.32 -0.48
CA LEU G 202 6.33 -24.01 0.12
C LEU G 202 7.58 -23.18 0.27
N GLY G 203 8.76 -23.76 0.08
CA GLY G 203 10.00 -23.03 0.23
C GLY G 203 11.19 -23.96 0.07
N LEU G 204 12.35 -23.45 0.48
CA LEU G 204 13.60 -24.19 0.42
C LEU G 204 14.33 -24.05 1.75
N VAL G 205 14.61 -25.19 2.39
CA VAL G 205 15.26 -25.20 3.69
C VAL G 205 16.78 -25.11 3.50
N THR G 206 17.38 -24.09 4.08
CA THR G 206 18.82 -23.85 3.97
C THR G 206 19.59 -24.14 5.26
N GLU G 207 18.90 -24.35 6.39
CA GLU G 207 19.55 -24.63 7.65
C GLU G 207 18.50 -25.18 8.62
N VAL G 208 18.79 -26.32 9.23
CA VAL G 208 17.86 -26.99 10.12
C VAL G 208 18.51 -27.16 11.48
N THR G 209 17.72 -26.94 12.53
CA THR G 209 18.15 -27.16 13.91
C THR G 209 17.38 -28.34 14.46
N LEU G 210 18.10 -29.40 14.83
CA LEU G 210 17.50 -30.64 15.27
C LEU G 210 17.66 -30.81 16.78
N ARG G 211 16.71 -31.51 17.39
CA ARG G 211 16.79 -31.86 18.79
C ARG G 211 17.50 -33.20 18.93
N LEU G 212 18.33 -33.33 19.96
CA LEU G 212 19.14 -34.52 20.15
C LEU G 212 18.82 -35.16 21.50
N VAL G 213 19.43 -36.31 21.74
CA VAL G 213 19.19 -37.06 22.97
C VAL G 213 20.49 -37.74 23.39
N PRO G 214 20.58 -38.15 24.65
CA PRO G 214 21.80 -38.82 25.13
C PRO G 214 22.02 -40.14 24.41
N LEU G 215 23.29 -40.44 24.14
CA LEU G 215 23.63 -41.70 23.51
C LEU G 215 23.20 -42.85 24.39
N ARG G 216 22.71 -43.93 23.76
CA ARG G 216 22.19 -45.07 24.51
C ARG G 216 23.31 -45.85 25.18
N ARG G 217 24.31 -46.27 24.40
CA ARG G 217 25.46 -47.02 24.90
C ARG G 217 25.02 -48.19 25.78
N GLY G 218 24.32 -49.13 25.17
CA GLY G 218 23.85 -50.30 25.87
C GLY G 218 23.69 -51.50 24.96
N VAL G 219 23.01 -52.54 25.43
CA VAL G 219 22.79 -53.75 24.67
C VAL G 219 21.30 -53.87 24.37
N GLU G 220 20.97 -54.01 23.09
CA GLU G 220 19.59 -54.20 22.65
C GLU G 220 19.33 -55.68 22.48
N HIS G 221 18.53 -56.25 23.37
CA HIS G 221 18.21 -57.67 23.29
C HIS G 221 17.04 -57.84 22.34
N THR G 222 17.31 -58.43 21.19
CA THR G 222 16.31 -58.64 20.15
C THR G 222 15.61 -59.98 20.37
N VAL G 223 14.30 -59.98 20.16
CA VAL G 223 13.47 -61.17 20.28
C VAL G 223 12.97 -61.52 18.89
N VAL G 224 13.55 -62.56 18.29
CA VAL G 224 13.24 -62.99 16.93
C VAL G 224 12.23 -64.11 17.00
N GLY G 225 11.21 -64.03 16.14
CA GLY G 225 10.19 -65.05 16.08
C GLY G 225 9.82 -65.37 14.64
N TYR G 226 9.58 -66.65 14.35
CA TYR G 226 9.24 -67.09 13.02
C TYR G 226 7.82 -67.63 12.98
N PHE G 227 7.15 -67.40 11.85
CA PHE G 227 5.77 -67.81 11.64
C PHE G 227 5.64 -68.44 10.26
N ASP G 228 4.45 -68.92 9.94
CA ASP G 228 4.20 -69.51 8.62
C ASP G 228 3.16 -68.68 7.86
N ASP G 232 -0.40 -65.30 11.14
CA ASP G 232 0.15 -65.77 12.41
C ASP G 232 0.94 -64.66 13.10
N ALA G 233 1.82 -64.00 12.34
CA ALA G 233 2.59 -62.90 12.87
C ALA G 233 1.71 -61.72 13.28
N GLY G 234 0.60 -61.49 12.56
CA GLY G 234 -0.27 -60.39 12.91
C GLY G 234 -0.89 -60.52 14.29
N ARG G 235 -1.19 -61.75 14.71
CA ARG G 235 -1.70 -61.93 16.07
C ARG G 235 -0.65 -61.64 17.12
N ALA G 236 0.63 -61.80 16.77
CA ALA G 236 1.71 -61.50 17.70
C ALA G 236 1.98 -60.00 17.78
N VAL G 237 1.99 -59.30 16.65
CA VAL G 237 2.19 -57.86 16.66
C VAL G 237 1.15 -57.18 17.53
N ALA G 238 -0.11 -57.56 17.36
CA ALA G 238 -1.17 -57.02 18.23
C ALA G 238 -1.02 -57.53 19.66
N ALA G 239 -0.46 -58.73 19.84
CA ALA G 239 -0.27 -59.26 21.19
C ALA G 239 0.75 -58.43 21.97
N VAL G 240 1.84 -58.01 21.32
CA VAL G 240 2.85 -57.21 22.01
C VAL G 240 2.33 -55.82 22.31
N SER G 241 1.61 -55.21 21.36
CA SER G 241 1.02 -53.90 21.60
C SER G 241 -0.06 -53.95 22.66
N ALA G 242 -0.74 -55.10 22.79
CA ALA G 242 -1.74 -55.26 23.84
C ALA G 242 -1.09 -55.44 25.21
N ALA G 243 0.13 -56.01 25.25
CA ALA G 243 0.84 -56.15 26.52
C ALA G 243 1.27 -54.80 27.09
N GLY G 244 1.24 -53.73 26.30
CA GLY G 244 1.63 -52.42 26.78
C GLY G 244 3.11 -52.14 26.79
N ILE G 245 3.89 -52.86 26.00
CA ILE G 245 5.34 -52.73 25.97
C ILE G 245 5.73 -51.79 24.83
N VAL G 246 6.82 -51.05 25.02
CA VAL G 246 7.29 -50.11 24.02
C VAL G 246 8.60 -50.61 23.43
N PRO G 247 8.56 -51.55 22.49
CA PRO G 247 9.81 -52.06 21.90
C PRO G 247 10.48 -51.01 21.04
N SER G 248 11.81 -50.92 21.17
CA SER G 248 12.58 -49.98 20.36
C SER G 248 12.52 -50.29 18.87
N ALA G 249 12.01 -51.45 18.48
CA ALA G 249 11.90 -51.80 17.07
C ALA G 249 11.00 -53.01 16.94
N LEU G 250 10.12 -52.99 15.94
CA LEU G 250 9.19 -54.09 15.70
C LEU G 250 8.94 -54.16 14.20
N GLU G 251 9.59 -55.11 13.53
CA GLU G 251 9.57 -55.21 12.09
C GLU G 251 9.00 -56.55 11.66
N LEU G 252 8.38 -56.58 10.48
CA LEU G 252 7.81 -57.79 9.92
C LEU G 252 8.34 -57.98 8.51
N ILE G 253 8.83 -59.18 8.22
CA ILE G 253 9.41 -59.48 6.92
C ILE G 253 8.85 -60.78 6.35
N LEU G 276 8.55 -63.63 9.82
CA LEU G 276 9.59 -63.26 10.77
C LEU G 276 9.25 -61.96 11.50
N LEU G 277 8.98 -62.07 12.80
CA LEU G 277 8.65 -60.92 13.63
C LEU G 277 9.87 -60.59 14.49
N LEU G 278 10.55 -59.49 14.16
CA LEU G 278 11.74 -59.06 14.87
C LEU G 278 11.39 -57.88 15.78
N ALA G 279 11.50 -58.08 17.09
CA ALA G 279 11.30 -57.03 18.06
C ALA G 279 12.54 -56.92 18.94
N ARG G 280 12.69 -55.77 19.59
CA ARG G 280 13.83 -55.57 20.48
C ARG G 280 13.55 -54.38 21.37
N SER G 281 14.21 -54.36 22.53
CA SER G 281 14.12 -53.28 23.49
C SER G 281 15.53 -52.81 23.82
N ASP G 282 15.62 -51.56 24.27
CA ASP G 282 16.90 -50.90 24.53
C ASP G 282 16.91 -50.26 25.91
N LEU G 283 16.35 -50.95 26.91
CA LEU G 283 16.38 -50.40 28.26
C LEU G 283 17.71 -50.74 28.93
N PRO G 284 18.14 -49.91 29.88
CA PRO G 284 19.47 -50.08 30.47
C PRO G 284 19.51 -51.23 31.48
N GLY G 285 20.64 -51.92 31.52
CA GLY G 285 20.90 -53.05 32.40
C GLY G 285 19.76 -54.05 32.42
N THR G 286 19.46 -54.55 33.62
CA THR G 286 18.37 -55.52 33.76
C THR G 286 17.03 -54.91 33.42
N SER G 287 16.90 -53.58 33.45
CA SER G 287 15.66 -52.93 33.07
C SER G 287 15.28 -53.23 31.63
N GLY G 288 16.24 -53.63 30.80
CA GLY G 288 15.96 -53.97 29.41
C GLY G 288 15.81 -55.46 29.20
N GLN G 289 16.71 -56.25 29.78
CA GLN G 289 16.61 -57.70 29.66
C GLN G 289 15.29 -58.21 30.22
N GLU G 290 14.79 -57.57 31.27
CA GLU G 290 13.50 -57.97 31.84
C GLU G 290 12.38 -57.78 30.84
N GLU G 291 12.42 -56.70 30.06
CA GLU G 291 11.36 -56.44 29.09
C GLU G 291 11.46 -57.40 27.90
N ALA G 292 12.67 -57.64 27.41
CA ALA G 292 12.84 -58.56 26.28
C ALA G 292 12.28 -59.94 26.58
N ASP G 293 12.38 -60.39 27.84
CA ASP G 293 11.79 -61.66 28.21
C ASP G 293 10.27 -61.64 28.07
N ARG G 294 9.64 -60.54 28.47
CA ARG G 294 8.19 -60.41 28.32
C ARG G 294 7.78 -60.48 26.85
N ILE G 295 8.55 -59.81 25.98
CA ILE G 295 8.22 -59.82 24.55
C ILE G 295 8.38 -61.21 23.96
N LEU G 296 9.39 -61.96 24.43
CA LEU G 296 9.61 -63.31 23.91
C LEU G 296 8.39 -64.19 24.11
N GLU G 297 7.80 -64.16 25.30
CA GLU G 297 6.65 -65.01 25.59
C GLU G 297 5.47 -64.71 24.68
N CYS G 298 5.24 -63.43 24.37
CA CYS G 298 4.12 -63.05 23.52
C CYS G 298 4.19 -63.72 22.15
N PHE G 299 5.40 -63.91 21.61
CA PHE G 299 5.56 -64.52 20.29
C PHE G 299 5.20 -66.00 20.30
N GLU G 300 5.48 -66.71 21.39
CA GLU G 300 5.21 -68.14 21.46
C GLU G 300 3.72 -68.45 21.55
N LYS G 301 2.92 -67.57 22.14
CA LYS G 301 1.52 -67.87 22.36
C LYS G 301 0.82 -68.29 21.07
N GLU G 302 1.08 -67.58 19.98
CA GLU G 302 0.53 -67.94 18.68
C GLU G 302 1.34 -69.09 18.07
N LYS G 303 1.90 -68.86 16.89
CA LYS G 303 2.78 -69.82 16.24
C LYS G 303 4.23 -69.42 16.51
N ALA G 304 5.02 -70.36 16.99
CA ALA G 304 6.37 -70.06 17.48
C ALA G 304 7.33 -71.10 16.90
N VAL G 305 8.18 -70.66 15.98
CA VAL G 305 9.29 -71.44 15.47
C VAL G 305 10.56 -70.63 15.70
N TYR G 306 11.49 -71.19 16.47
CA TYR G 306 12.74 -70.50 16.79
C TYR G 306 12.48 -69.13 17.41
N ALA G 307 11.57 -69.11 18.39
CA ALA G 307 11.27 -67.88 19.15
C ALA G 307 12.26 -67.80 20.30
N VAL G 308 13.34 -67.04 20.10
CA VAL G 308 14.43 -66.95 21.06
C VAL G 308 14.81 -65.49 21.26
N ARG G 309 15.10 -65.12 22.50
CA ARG G 309 15.62 -63.79 22.80
C ARG G 309 17.12 -63.80 22.58
N SER G 310 17.65 -62.70 22.05
CA SER G 310 19.05 -62.65 21.63
C SER G 310 19.96 -62.29 22.79
N THR G 311 20.87 -63.20 23.12
CA THR G 311 21.94 -62.97 24.07
C THR G 311 23.27 -62.72 23.36
N ASP G 312 23.23 -62.45 22.05
CA ASP G 312 24.44 -62.27 21.25
C ASP G 312 24.19 -61.05 20.38
N GLU G 313 24.98 -60.00 20.57
CA GLU G 313 24.82 -58.76 19.83
C GLU G 313 25.53 -58.80 18.48
N GLU G 314 25.78 -60.00 17.98
CA GLU G 314 26.53 -60.17 16.74
C GLU G 314 25.56 -60.72 15.71
N GLU G 315 25.37 -62.04 15.61
CA GLU G 315 24.42 -62.59 14.65
C GLU G 315 23.03 -62.00 14.85
N ALA G 316 22.71 -61.54 16.07
CA ALA G 316 21.48 -60.78 16.24
C ALA G 316 21.52 -59.51 15.39
N GLU G 317 22.62 -58.76 15.49
CA GLU G 317 22.77 -57.56 14.67
C GLU G 317 22.86 -57.89 13.18
N ALA G 318 23.39 -59.07 12.84
CA ALA G 318 23.47 -59.45 11.44
C ALA G 318 22.10 -59.80 10.87
N LEU G 319 21.26 -60.48 11.67
CA LEU G 319 19.91 -60.79 11.21
C LEU G 319 19.03 -59.55 11.17
N PHE G 320 19.17 -58.67 12.16
CA PHE G 320 18.36 -57.46 12.20
C PHE G 320 18.82 -56.44 11.17
N GLN G 321 20.13 -56.32 10.97
CA GLN G 321 20.65 -55.43 9.94
C GLN G 321 20.34 -55.92 8.52
N ALA G 322 20.04 -57.21 8.36
CA ALA G 322 19.61 -57.72 7.06
C ALA G 322 18.28 -57.11 6.66
N ARG G 323 17.42 -56.80 7.63
CA ARG G 323 16.20 -56.07 7.34
C ARG G 323 16.50 -54.72 6.70
N ARG G 324 17.66 -54.15 7.00
CA ARG G 324 18.01 -52.85 6.42
C ARG G 324 18.41 -52.98 4.96
N LEU G 325 19.15 -54.04 4.61
CA LEU G 325 19.59 -54.28 3.24
C LEU G 325 18.57 -55.08 2.43
N ALA G 326 17.30 -55.10 2.85
CA ALA G 326 16.28 -55.86 2.14
C ALA G 326 15.91 -55.20 0.81
N TYR G 327 15.71 -53.89 0.81
CA TYR G 327 15.34 -53.20 -0.43
C TYR G 327 16.42 -53.28 -1.50
N PRO G 328 17.66 -52.88 -1.23
CA PRO G 328 18.70 -53.00 -2.27
C PRO G 328 18.95 -54.43 -2.71
N ALA G 329 18.62 -55.42 -1.88
CA ALA G 329 18.80 -56.82 -2.27
C ALA G 329 17.83 -57.22 -3.38
N LEU G 330 16.65 -56.60 -3.43
CA LEU G 330 15.69 -56.89 -4.49
C LEU G 330 15.89 -56.01 -5.71
N GLU G 331 16.60 -54.89 -5.58
CA GLU G 331 16.90 -54.07 -6.75
C GLU G 331 17.85 -54.81 -7.69
N ARG G 332 18.80 -55.57 -7.13
CA ARG G 332 19.66 -56.40 -7.97
C ARG G 332 18.87 -57.45 -8.73
N LEU G 333 17.67 -57.78 -8.26
CA LEU G 333 16.80 -58.76 -8.90
C LEU G 333 15.87 -58.14 -9.94
N GLY G 334 16.03 -56.85 -10.24
CA GLY G 334 15.19 -56.19 -11.21
C GLY G 334 14.50 -54.96 -10.64
N PRO G 335 13.81 -54.21 -11.51
CA PRO G 335 13.09 -53.03 -11.02
C PRO G 335 12.12 -53.39 -9.91
N LEU G 336 12.08 -52.56 -8.88
CA LEU G 336 11.28 -52.82 -7.70
C LEU G 336 10.40 -51.62 -7.38
N LEU G 337 9.09 -51.82 -7.41
CA LEU G 337 8.12 -50.79 -7.07
C LEU G 337 7.73 -50.92 -5.61
N THR G 338 7.89 -49.85 -4.85
CA THR G 338 7.59 -49.84 -3.43
C THR G 338 6.48 -48.84 -3.14
N GLU G 339 5.55 -49.22 -2.28
CA GLU G 339 4.48 -48.35 -1.82
C GLU G 339 4.49 -48.28 -0.30
N ASP G 340 4.08 -47.14 0.24
CA ASP G 340 4.10 -46.88 1.67
C ASP G 340 2.70 -46.49 2.13
N VAL G 341 1.98 -47.45 2.71
CA VAL G 341 0.68 -47.20 3.30
C VAL G 341 0.80 -47.36 4.81
N CYS G 342 -0.07 -46.68 5.54
CA CYS G 342 -0.09 -46.75 7.00
C CYS G 342 -1.54 -46.85 7.46
N VAL G 343 -1.85 -47.91 8.20
CA VAL G 343 -3.19 -48.14 8.72
C VAL G 343 -3.12 -48.30 10.23
N PRO G 344 -4.24 -48.34 10.94
CA PRO G 344 -4.19 -48.55 12.40
C PRO G 344 -3.56 -49.91 12.72
N LYS G 345 -2.94 -49.98 13.90
CA LYS G 345 -2.25 -51.20 14.31
C LYS G 345 -3.16 -52.42 14.22
N ALA G 346 -4.45 -52.25 14.47
CA ALA G 346 -5.38 -53.38 14.44
C ALA G 346 -5.63 -53.92 13.04
N ARG G 347 -5.24 -53.18 11.99
CA ARG G 347 -5.47 -53.62 10.62
C ARG G 347 -4.25 -54.23 9.95
N VAL G 348 -3.15 -54.40 10.68
CA VAL G 348 -1.96 -55.02 10.08
C VAL G 348 -2.25 -56.43 9.61
N PRO G 349 -2.80 -57.33 10.42
CA PRO G 349 -3.11 -58.68 9.90
C PRO G 349 -4.12 -58.64 8.75
N HIS G 350 -5.20 -57.88 8.90
CA HIS G 350 -6.17 -57.78 7.82
C HIS G 350 -5.55 -57.18 6.57
N MET G 351 -4.67 -56.19 6.73
CA MET G 351 -4.08 -55.53 5.57
C MET G 351 -3.03 -56.41 4.91
N LEU G 352 -2.23 -57.11 5.72
CA LEU G 352 -1.24 -58.03 5.17
C LEU G 352 -1.93 -59.16 4.40
N GLU G 353 -2.98 -59.73 4.98
CA GLU G 353 -3.74 -60.76 4.28
C GLU G 353 -4.43 -60.20 3.04
N ALA G 354 -4.67 -58.90 2.99
CA ALA G 354 -5.25 -58.29 1.81
C ALA G 354 -4.23 -58.14 0.68
N ILE G 355 -2.95 -57.98 1.03
CA ILE G 355 -1.90 -57.86 0.02
C ILE G 355 -1.76 -59.17 -0.74
N GLU G 356 -1.72 -60.28 -0.03
CA GLU G 356 -1.63 -61.59 -0.69
C GLU G 356 -2.75 -61.77 -1.70
N ALA G 357 -3.97 -61.37 -1.35
CA ALA G 357 -5.08 -61.46 -2.30
C ALA G 357 -4.85 -60.55 -3.49
N ALA G 358 -4.29 -59.36 -3.26
CA ALA G 358 -4.01 -58.46 -4.37
C ALA G 358 -2.98 -59.05 -5.32
N GLY G 359 -2.04 -59.86 -4.79
CA GLY G 359 -1.04 -60.47 -5.65
C GLY G 359 -1.60 -61.60 -6.49
N GLU G 360 -2.43 -62.45 -5.88
CA GLU G 360 -3.03 -63.55 -6.62
C GLU G 360 -4.05 -63.02 -7.64
N ARG G 361 -4.81 -61.99 -7.26
CA ARG G 361 -5.84 -61.47 -8.14
C ARG G 361 -5.25 -60.93 -9.44
N PHE G 362 -4.04 -60.36 -9.38
CA PHE G 362 -3.40 -59.77 -10.55
C PHE G 362 -2.12 -60.50 -10.96
N ASP G 363 -1.88 -61.71 -10.44
CA ASP G 363 -0.69 -62.48 -10.76
C ASP G 363 0.57 -61.62 -10.65
N THR G 364 0.74 -60.99 -9.49
CA THR G 364 1.86 -60.11 -9.24
C THR G 364 2.48 -60.50 -7.90
N ARG G 365 3.74 -60.94 -7.93
CA ARG G 365 4.44 -61.32 -6.71
C ARG G 365 4.78 -60.07 -5.89
N ILE G 366 4.34 -60.04 -4.64
CA ILE G 366 4.45 -58.87 -3.79
C ILE G 366 5.22 -59.25 -2.53
N GLY G 367 6.36 -58.58 -2.32
CA GLY G 367 7.07 -58.72 -1.08
C GLY G 367 6.51 -57.81 0.01
N ASN G 368 6.78 -58.18 1.27
CA ASN G 368 6.18 -57.47 2.39
C ASN G 368 7.23 -57.23 3.47
N ILE G 369 7.38 -55.96 3.86
CA ILE G 369 8.11 -55.56 5.06
C ILE G 369 7.37 -54.37 5.67
N ALA G 370 7.18 -54.39 6.98
CA ALA G 370 6.36 -53.35 7.59
C ALA G 370 6.78 -53.11 9.03
N HIS G 371 6.67 -51.85 9.45
CA HIS G 371 6.89 -51.46 10.84
C HIS G 371 5.62 -51.78 11.63
N ALA G 372 5.50 -53.06 12.01
CA ALA G 372 4.30 -53.51 12.72
C ALA G 372 4.00 -52.68 13.96
N GLY G 373 5.02 -52.03 14.53
CA GLY G 373 4.80 -51.25 15.75
C GLY G 373 3.94 -50.03 15.53
N ASP G 374 3.94 -49.47 14.32
CA ASP G 374 3.16 -48.27 14.03
C ASP G 374 2.09 -48.51 12.97
N GLY G 375 2.00 -49.71 12.41
CA GLY G 375 1.06 -49.97 11.34
C GLY G 375 1.48 -49.42 10.00
N ASN G 376 2.79 -49.21 9.79
CA ASN G 376 3.31 -48.66 8.54
C ASN G 376 3.81 -49.83 7.69
N LEU G 377 3.00 -50.23 6.71
CA LEU G 377 3.32 -51.35 5.85
C LEU G 377 4.12 -50.88 4.64
N HIS G 378 5.05 -51.74 4.20
CA HIS G 378 5.85 -51.49 3.00
C HIS G 378 5.75 -52.69 2.09
N PRO G 379 4.65 -52.83 1.34
CA PRO G 379 4.57 -53.90 0.35
C PRO G 379 5.43 -53.59 -0.85
N LEU G 380 6.17 -54.59 -1.30
CA LEU G 380 7.12 -54.45 -2.40
C LEU G 380 6.66 -55.31 -3.58
N PHE G 381 6.67 -54.72 -4.77
CA PHE G 381 6.30 -55.43 -5.99
C PHE G 381 7.56 -55.53 -6.85
N ILE G 382 7.97 -56.76 -7.15
CA ILE G 382 9.12 -57.00 -8.01
C ILE G 382 8.62 -56.98 -9.46
N VAL G 383 9.08 -56.01 -10.22
CA VAL G 383 8.63 -55.78 -11.59
C VAL G 383 9.63 -56.46 -12.53
N PRO G 384 9.22 -57.47 -13.29
CA PRO G 384 10.15 -58.06 -14.25
C PRO G 384 10.59 -57.03 -15.27
N ALA G 385 11.90 -56.98 -15.53
CA ALA G 385 12.45 -55.99 -16.45
C ALA G 385 12.17 -56.30 -17.90
N GLY G 386 11.64 -57.48 -18.22
CA GLY G 386 11.34 -57.80 -19.60
C GLY G 386 9.87 -57.76 -19.93
N ASP G 387 9.02 -58.10 -18.97
CA ASP G 387 7.57 -58.11 -19.15
C ASP G 387 7.01 -56.78 -18.63
N GLU G 388 6.93 -55.79 -19.52
CA GLU G 388 6.39 -54.50 -19.13
C GLU G 388 4.89 -54.57 -18.85
N GLU G 389 4.19 -55.49 -19.53
CA GLU G 389 2.77 -55.69 -19.27
C GLU G 389 2.54 -56.05 -17.80
N ALA G 390 3.48 -56.80 -17.20
CA ALA G 390 3.39 -57.13 -15.79
C ALA G 390 3.35 -55.87 -14.92
N LYS G 391 4.05 -54.81 -15.33
CA LYS G 391 3.99 -53.56 -14.58
C LYS G 391 2.55 -53.13 -14.36
N ARG G 392 1.71 -53.25 -15.39
CA ARG G 392 0.31 -52.90 -15.23
C ARG G 392 -0.36 -53.79 -14.18
N ARG G 393 -0.01 -55.08 -14.17
CA ARG G 393 -0.59 -55.97 -13.17
C ARG G 393 -0.20 -55.54 -11.76
N ALA G 394 1.01 -55.03 -11.59
CA ALA G 394 1.43 -54.50 -10.30
C ALA G 394 0.76 -53.16 -10.00
N LYS G 395 0.56 -52.34 -11.03
CA LYS G 395 -0.11 -51.06 -10.83
C LYS G 395 -1.55 -51.25 -10.35
N GLN G 396 -2.20 -52.33 -10.79
CA GLN G 396 -3.58 -52.59 -10.38
C GLN G 396 -3.64 -53.11 -8.95
N ALA G 397 -2.65 -53.91 -8.53
CA ALA G 397 -2.55 -54.27 -7.13
C ALA G 397 -2.23 -53.06 -6.26
N PHE G 398 -1.51 -52.07 -6.81
CA PHE G 398 -1.28 -50.83 -6.09
C PHE G 398 -2.60 -50.11 -5.80
N GLU G 399 -3.53 -50.12 -6.76
CA GLU G 399 -4.78 -49.38 -6.60
C GLU G 399 -5.73 -50.05 -5.61
N VAL G 400 -5.52 -51.33 -5.30
CA VAL G 400 -6.35 -52.01 -4.31
C VAL G 400 -5.79 -51.82 -2.91
N ILE G 401 -4.48 -51.96 -2.76
CA ILE G 401 -3.86 -51.78 -1.44
C ILE G 401 -4.06 -50.35 -0.95
N VAL G 402 -4.03 -49.39 -1.87
CA VAL G 402 -4.22 -47.99 -1.48
C VAL G 402 -5.64 -47.77 -0.99
N ASP G 403 -6.64 -48.07 -1.83
CA ASP G 403 -8.03 -47.90 -1.42
C ASP G 403 -8.38 -48.79 -0.24
N GLU G 404 -7.74 -49.97 -0.14
CA GLU G 404 -8.02 -50.85 1.00
C GLU G 404 -7.47 -50.27 2.29
N ALA G 405 -6.30 -49.63 2.23
CA ALA G 405 -5.75 -48.99 3.42
C ALA G 405 -6.56 -47.75 3.79
N LEU G 406 -7.04 -47.02 2.78
CA LEU G 406 -7.90 -45.87 3.05
C LEU G 406 -9.28 -46.30 3.54
N ALA G 407 -9.73 -47.49 3.13
CA ALA G 407 -11.03 -47.98 3.56
C ALA G 407 -11.01 -48.39 5.03
N VAL G 408 -9.88 -48.89 5.52
CA VAL G 408 -9.75 -49.31 6.91
C VAL G 408 -9.36 -48.17 7.83
N GLY G 409 -9.26 -46.95 7.32
CA GLY G 409 -8.93 -45.81 8.14
C GLY G 409 -7.46 -45.44 8.18
N GLY G 410 -6.68 -45.89 7.21
CA GLY G 410 -5.26 -45.59 7.15
C GLY G 410 -4.97 -44.31 6.41
N THR G 411 -3.72 -44.21 5.94
CA THR G 411 -3.26 -43.05 5.18
C THR G 411 -2.50 -43.54 3.96
N VAL G 412 -2.60 -42.79 2.86
CA VAL G 412 -2.04 -43.23 1.59
C VAL G 412 -0.52 -43.34 1.67
N THR G 413 0.11 -42.52 2.50
CA THR G 413 1.56 -42.61 2.66
C THR G 413 1.92 -42.30 4.11
N GLY G 414 2.77 -43.11 4.68
CA GLY G 414 3.21 -42.92 6.03
C GLY G 414 4.53 -42.23 6.12
N GLU G 415 5.51 -42.62 5.33
CA GLU G 415 6.81 -41.99 5.46
C GLU G 415 7.49 -41.56 4.19
N HIS G 416 7.09 -42.06 3.04
CA HIS G 416 7.77 -41.67 1.82
C HIS G 416 7.35 -40.35 1.24
N GLY G 417 6.10 -39.96 1.45
CA GLY G 417 5.62 -38.71 0.93
C GLY G 417 4.76 -38.94 -0.28
N VAL G 418 3.82 -38.04 -0.54
CA VAL G 418 2.90 -38.16 -1.66
C VAL G 418 3.63 -38.00 -2.98
N GLY G 419 4.36 -36.90 -3.14
CA GLY G 419 5.11 -36.65 -4.35
C GLY G 419 4.25 -36.65 -5.60
N LEU G 420 4.44 -37.64 -6.46
CA LEU G 420 3.68 -37.79 -7.69
C LEU G 420 2.94 -39.12 -7.78
N LEU G 421 3.56 -40.22 -7.36
CA LEU G 421 2.96 -41.54 -7.52
C LEU G 421 1.83 -41.80 -6.54
N LYS G 422 1.42 -40.81 -5.74
CA LYS G 422 0.33 -41.03 -4.80
C LYS G 422 -0.64 -39.85 -4.75
N MET G 423 -0.61 -38.97 -5.75
CA MET G 423 -1.47 -37.78 -5.70
C MET G 423 -2.95 -38.13 -5.78
N ARG G 424 -3.29 -39.20 -6.50
CA ARG G 424 -4.69 -39.60 -6.59
C ARG G 424 -5.22 -40.03 -5.22
N GLY G 425 -4.57 -41.02 -4.61
CA GLY G 425 -4.99 -41.45 -3.29
C GLY G 425 -4.94 -40.33 -2.26
N ALA G 426 -3.89 -39.51 -2.31
CA ALA G 426 -3.80 -38.39 -1.38
C ALA G 426 -5.00 -37.47 -1.53
N ALA G 427 -5.44 -37.22 -2.76
CA ALA G 427 -6.61 -36.37 -2.96
C ALA G 427 -7.86 -37.01 -2.40
N ASP G 428 -8.03 -38.31 -2.61
CA ASP G 428 -9.22 -39.00 -2.12
C ASP G 428 -9.27 -39.05 -0.60
N GLU G 429 -8.11 -39.18 0.06
CA GLU G 429 -8.09 -39.24 1.52
C GLU G 429 -8.38 -37.88 2.13
N LEU G 430 -7.68 -36.83 1.67
CA LEU G 430 -7.86 -35.52 2.27
C LEU G 430 -9.24 -34.95 1.98
N GLY G 431 -9.71 -35.10 0.74
CA GLY G 431 -11.00 -34.58 0.34
C GLY G 431 -10.90 -33.19 -0.25
N PRO G 432 -11.99 -32.73 -0.87
CA PRO G 432 -11.93 -31.40 -1.53
C PRO G 432 -11.68 -30.25 -0.57
N HIS G 433 -12.32 -30.28 0.60
CA HIS G 433 -12.15 -29.18 1.56
C HIS G 433 -10.69 -29.07 2.01
N VAL G 434 -10.10 -30.20 2.42
CA VAL G 434 -8.72 -30.17 2.87
C VAL G 434 -7.79 -29.76 1.74
N LEU G 435 -8.00 -30.32 0.55
CA LEU G 435 -7.20 -29.94 -0.60
C LEU G 435 -7.28 -28.45 -0.87
N ALA G 436 -8.49 -27.89 -0.81
CA ALA G 436 -8.66 -26.46 -1.03
C ALA G 436 -7.80 -25.64 -0.08
N MET G 437 -7.59 -26.13 1.14
CA MET G 437 -6.71 -25.44 2.08
C MET G 437 -5.27 -25.46 1.62
N HIS G 438 -4.83 -26.56 1.00
CA HIS G 438 -3.47 -26.64 0.49
C HIS G 438 -3.22 -25.55 -0.55
N ARG G 439 -4.12 -25.42 -1.52
CA ARG G 439 -3.95 -24.38 -2.53
C ARG G 439 -3.90 -23.00 -1.89
N ALA G 440 -4.71 -22.79 -0.84
CA ALA G 440 -4.71 -21.51 -0.16
C ALA G 440 -3.40 -21.27 0.58
N VAL G 441 -2.94 -22.28 1.34
CA VAL G 441 -1.67 -22.15 2.06
C VAL G 441 -0.53 -21.93 1.07
N LYS G 442 -0.45 -22.78 0.04
CA LYS G 442 0.58 -22.60 -0.96
C LYS G 442 0.49 -21.25 -1.65
N GLY G 443 -0.74 -20.75 -1.85
CA GLY G 443 -0.91 -19.47 -2.50
C GLY G 443 -0.42 -18.31 -1.65
N ALA G 444 -0.64 -18.39 -0.33
CA ALA G 444 -0.22 -17.30 0.55
C ALA G 444 1.30 -17.29 0.72
N LEU G 445 1.90 -18.46 0.91
CA LEU G 445 3.34 -18.55 1.12
C LEU G 445 4.14 -18.68 -0.16
N ASP G 446 3.48 -19.02 -1.27
CA ASP G 446 4.14 -19.13 -2.57
C ASP G 446 3.29 -18.43 -3.63
N PRO G 447 3.11 -17.11 -3.49
CA PRO G 447 2.26 -16.40 -4.45
C PRO G 447 2.73 -16.50 -5.89
N ALA G 448 4.01 -16.84 -6.11
CA ALA G 448 4.54 -17.00 -7.45
C ALA G 448 4.30 -18.37 -8.06
N GLY G 449 3.89 -19.35 -7.26
CA GLY G 449 3.68 -20.70 -7.76
C GLY G 449 4.93 -21.30 -8.36
N ILE G 450 6.08 -21.05 -7.74
CA ILE G 450 7.36 -21.51 -8.27
C ILE G 450 7.95 -22.68 -7.49
N PHE G 451 7.53 -22.91 -6.25
CA PHE G 451 8.13 -23.93 -5.41
C PHE G 451 7.50 -25.28 -5.71
N ASN G 452 8.19 -26.10 -6.51
CA ASN G 452 7.80 -27.46 -6.85
C ASN G 452 6.29 -27.53 -7.15
N PRO G 453 5.82 -26.74 -8.11
CA PRO G 453 4.38 -26.72 -8.38
C PRO G 453 3.90 -28.00 -9.06
N GLY G 454 2.79 -28.53 -8.58
CA GLY G 454 2.17 -29.68 -9.19
C GLY G 454 2.37 -30.99 -8.46
N LYS G 455 3.14 -31.01 -7.39
CA LYS G 455 3.38 -32.21 -6.61
C LYS G 455 2.59 -32.15 -5.31
N VAL G 456 2.29 -33.33 -4.76
CA VAL G 456 1.49 -33.46 -3.54
C VAL G 456 0.02 -33.21 -3.87
N PHE G 457 -0.30 -31.99 -4.30
CA PHE G 457 -1.64 -31.63 -4.71
C PHE G 457 -1.58 -30.87 -6.03
N ALA G 458 -2.74 -30.77 -6.67
CA ALA G 458 -2.85 -30.10 -7.97
C ALA G 458 -3.32 -28.67 -7.79
N LEU G 459 -2.96 -27.83 -8.76
CA LEU G 459 -3.29 -26.41 -8.74
C LEU G 459 -4.33 -26.12 -9.81
N GLU G 460 -5.48 -25.61 -9.40
CA GLU G 460 -6.56 -25.26 -10.32
C GLU G 460 -6.14 -24.14 -11.25
N GLY H 3 -27.13 3.38 -69.65
CA GLY H 3 -25.81 3.65 -69.10
C GLY H 3 -25.77 3.57 -67.58
N VAL H 4 -26.35 2.49 -67.05
CA VAL H 4 -26.39 2.32 -65.60
C VAL H 4 -25.00 1.94 -65.08
N VAL H 5 -24.34 0.98 -65.73
CA VAL H 5 -23.02 0.55 -65.27
C VAL H 5 -22.01 1.68 -65.33
N GLU H 6 -22.14 2.60 -66.29
CA GLU H 6 -21.18 3.69 -66.40
C GLU H 6 -21.19 4.55 -65.14
N GLU H 7 -22.38 4.91 -64.66
CA GLU H 7 -22.47 5.73 -63.45
C GLU H 7 -22.07 4.95 -62.22
N LEU H 8 -22.30 3.64 -62.20
CA LEU H 8 -21.93 2.84 -61.05
C LEU H 8 -20.42 2.85 -60.84
N VAL H 9 -19.65 2.61 -61.91
CA VAL H 9 -18.20 2.64 -61.80
C VAL H 9 -17.75 4.01 -61.30
N ALA H 10 -18.38 5.08 -61.80
CA ALA H 10 -18.06 6.43 -61.35
C ALA H 10 -18.42 6.66 -59.89
N ALA H 11 -19.10 5.71 -59.26
CA ALA H 11 -19.52 5.83 -57.86
C ALA H 11 -18.72 4.96 -56.91
N ILE H 12 -18.38 3.72 -57.29
CA ILE H 12 -17.63 2.81 -56.44
C ILE H 12 -16.35 2.35 -57.11
N GLY H 13 -15.94 2.98 -58.20
CA GLY H 13 -14.73 2.59 -58.90
C GLY H 13 -14.92 1.36 -59.78
N ALA H 14 -13.88 1.05 -60.55
CA ALA H 14 -13.94 -0.07 -61.47
C ALA H 14 -13.65 -1.39 -60.77
N GLU H 15 -12.84 -1.36 -59.71
CA GLU H 15 -12.53 -2.58 -58.96
C GLU H 15 -13.75 -3.16 -58.27
N GLN H 16 -14.86 -2.42 -58.21
CA GLN H 16 -16.03 -2.88 -57.48
C GLN H 16 -17.19 -3.27 -58.38
N VAL H 17 -17.05 -3.12 -59.70
CA VAL H 17 -18.10 -3.49 -60.65
C VAL H 17 -17.57 -4.57 -61.58
N VAL H 18 -18.40 -5.57 -61.84
CA VAL H 18 -18.07 -6.65 -62.76
C VAL H 18 -19.21 -6.78 -63.77
N THR H 19 -18.85 -6.93 -65.05
CA THR H 19 -19.85 -7.01 -66.11
C THR H 19 -19.65 -8.19 -67.06
N ASP H 20 -18.56 -8.94 -66.91
CA ASP H 20 -18.30 -10.10 -67.76
C ASP H 20 -19.43 -11.10 -67.65
N PRO H 21 -20.19 -11.31 -68.73
CA PRO H 21 -21.29 -12.30 -68.68
C PRO H 21 -20.85 -13.67 -68.22
N ALA H 22 -19.56 -14.00 -68.38
CA ALA H 22 -19.08 -15.29 -67.91
C ALA H 22 -18.96 -15.32 -66.39
N VAL H 23 -18.53 -14.20 -65.79
CA VAL H 23 -18.37 -14.18 -64.34
C VAL H 23 -19.73 -14.11 -63.64
N MET H 24 -20.65 -13.29 -64.16
CA MET H 24 -21.97 -13.11 -63.56
C MET H 24 -22.79 -14.39 -63.58
N GLU H 25 -22.26 -15.44 -64.21
CA GLU H 25 -22.99 -16.71 -64.31
C GLU H 25 -23.45 -17.19 -62.94
N GLY H 26 -22.51 -17.28 -61.99
CA GLY H 26 -22.82 -17.77 -60.66
C GLY H 26 -23.45 -16.76 -59.72
N TYR H 27 -23.49 -15.48 -60.10
CA TYR H 27 -24.03 -14.44 -59.24
C TYR H 27 -25.53 -14.21 -59.43
N SER H 28 -26.16 -14.92 -60.35
CA SER H 28 -27.56 -14.69 -60.67
C SER H 28 -28.47 -15.86 -60.27
N HIS H 29 -27.91 -16.96 -59.77
CA HIS H 29 -28.68 -18.11 -59.34
C HIS H 29 -28.03 -18.73 -58.11
N ASP H 30 -28.86 -19.27 -57.23
CA ASP H 30 -28.36 -19.95 -56.05
C ASP H 30 -28.47 -21.46 -56.24
N GLU H 31 -28.13 -22.21 -55.20
CA GLU H 31 -28.18 -23.67 -55.27
C GLU H 31 -29.60 -24.21 -55.37
N ALA H 32 -30.61 -23.35 -55.32
CA ALA H 32 -31.99 -23.78 -55.46
C ALA H 32 -32.28 -24.07 -56.93
N GLU H 33 -32.45 -25.34 -57.26
CA GLU H 33 -32.71 -25.74 -58.63
C GLU H 33 -34.17 -25.51 -58.98
N TRP H 34 -34.43 -25.33 -60.27
CA TRP H 34 -35.76 -25.05 -60.82
C TRP H 34 -36.20 -23.62 -60.57
N ALA H 35 -35.33 -22.77 -60.02
CA ALA H 35 -35.67 -21.37 -59.80
C ALA H 35 -35.22 -20.55 -61.00
N PRO H 36 -36.13 -19.88 -61.70
CA PRO H 36 -35.72 -19.11 -62.88
C PRO H 36 -34.81 -17.94 -62.51
N TYR H 37 -33.83 -17.67 -63.38
CA TYR H 37 -32.90 -16.58 -63.18
C TYR H 37 -32.41 -16.10 -64.53
N ASP H 38 -32.24 -14.77 -64.66
CA ASP H 38 -31.79 -14.17 -65.90
C ASP H 38 -30.50 -13.40 -65.66
N ALA H 39 -29.88 -12.98 -66.76
CA ALA H 39 -28.59 -12.33 -66.70
C ALA H 39 -28.72 -10.92 -66.13
N PRO H 40 -28.06 -10.60 -65.03
CA PRO H 40 -28.19 -9.25 -64.45
C PRO H 40 -27.34 -8.23 -65.19
N ALA H 41 -27.66 -6.96 -64.95
CA ALA H 41 -26.95 -5.87 -65.61
C ALA H 41 -25.52 -5.76 -65.12
N ALA H 42 -25.28 -6.03 -63.84
CA ALA H 42 -23.94 -5.95 -63.29
C ALA H 42 -23.94 -6.55 -61.89
N VAL H 43 -22.77 -7.01 -61.46
CA VAL H 43 -22.57 -7.60 -60.15
C VAL H 43 -21.64 -6.67 -59.37
N VAL H 44 -22.17 -5.98 -58.39
CA VAL H 44 -21.40 -5.06 -57.57
C VAL H 44 -20.90 -5.78 -56.33
N ARG H 45 -19.63 -5.53 -55.98
CA ARG H 45 -19.00 -6.12 -54.80
C ARG H 45 -18.47 -4.99 -53.92
N PRO H 46 -19.30 -4.44 -53.04
CA PRO H 46 -18.88 -3.27 -52.27
C PRO H 46 -17.76 -3.59 -51.28
N ARG H 47 -17.08 -2.52 -50.86
CA ARG H 47 -15.98 -2.65 -49.89
C ARG H 47 -16.46 -2.41 -48.47
N ASP H 48 -17.35 -1.45 -48.26
CA ASP H 48 -17.87 -1.14 -46.94
C ASP H 48 -19.31 -0.65 -47.09
N THR H 49 -19.91 -0.26 -45.97
CA THR H 49 -21.30 0.19 -45.98
C THR H 49 -21.49 1.38 -46.93
N ALA H 50 -20.49 2.26 -47.02
CA ALA H 50 -20.60 3.42 -47.89
C ALA H 50 -20.84 3.00 -49.34
N ASP H 51 -20.11 1.98 -49.81
CA ASP H 51 -20.30 1.52 -51.19
C ASP H 51 -21.72 1.04 -51.42
N VAL H 52 -22.28 0.29 -50.47
CA VAL H 52 -23.64 -0.18 -50.63
C VAL H 52 -24.61 0.98 -50.65
N ALA H 53 -24.35 2.01 -49.83
CA ALA H 53 -25.21 3.18 -49.80
C ALA H 53 -25.28 3.84 -51.17
N GLU H 54 -24.12 3.97 -51.83
CA GLU H 54 -24.10 4.59 -53.15
C GLU H 54 -24.80 3.70 -54.18
N VAL H 55 -24.60 2.38 -54.08
CA VAL H 55 -25.26 1.46 -55.01
C VAL H 55 -26.77 1.59 -54.88
N VAL H 56 -27.28 1.68 -53.65
CA VAL H 56 -28.72 1.79 -53.44
C VAL H 56 -29.22 3.15 -53.89
N ARG H 57 -28.43 4.20 -53.68
CA ARG H 57 -28.86 5.54 -54.08
C ARG H 57 -29.03 5.63 -55.59
N ILE H 58 -28.03 5.15 -56.34
CA ILE H 58 -28.09 5.23 -57.80
C ILE H 58 -29.22 4.36 -58.35
N CYS H 59 -29.31 3.12 -57.86
CA CYS H 59 -30.38 2.24 -58.32
C CYS H 59 -31.75 2.73 -57.89
N ALA H 60 -31.82 3.41 -56.75
CA ALA H 60 -33.11 3.92 -56.28
C ALA H 60 -33.68 4.95 -57.24
N GLY H 61 -32.86 5.94 -57.61
CA GLY H 61 -33.36 6.97 -58.51
C GLY H 61 -33.68 6.43 -59.89
N ARG H 62 -32.84 5.54 -60.42
CA ARG H 62 -33.06 4.99 -61.75
C ARG H 62 -34.05 3.83 -61.76
N GLY H 63 -34.50 3.37 -60.59
CA GLY H 63 -35.48 2.30 -60.56
C GLY H 63 -35.00 0.97 -61.11
N VAL H 64 -33.74 0.63 -60.87
CA VAL H 64 -33.17 -0.64 -61.30
C VAL H 64 -33.23 -1.60 -60.12
N ALA H 65 -33.75 -2.79 -60.36
CA ALA H 65 -33.89 -3.78 -59.30
C ALA H 65 -32.51 -4.27 -58.82
N VAL H 66 -32.35 -4.34 -57.50
CA VAL H 66 -31.11 -4.81 -56.88
C VAL H 66 -31.47 -5.94 -55.92
N VAL H 67 -30.75 -7.05 -56.03
CA VAL H 67 -30.97 -8.21 -55.18
C VAL H 67 -29.66 -8.54 -54.48
N GLY H 68 -29.67 -8.46 -53.15
CA GLY H 68 -28.47 -8.81 -52.40
C GLY H 68 -28.21 -10.30 -52.45
N ARG H 69 -26.93 -10.66 -52.50
CA ARG H 69 -26.52 -12.06 -52.58
C ARG H 69 -25.45 -12.34 -51.55
N GLY H 70 -25.62 -13.46 -50.83
CA GLY H 70 -24.59 -13.91 -49.92
C GLY H 70 -23.74 -14.97 -50.58
N ALA H 71 -23.89 -16.22 -50.16
CA ALA H 71 -23.17 -17.33 -50.76
C ALA H 71 -23.97 -18.02 -51.86
N GLY H 72 -25.21 -17.63 -52.07
CA GLY H 72 -26.01 -18.26 -53.10
C GLY H 72 -26.40 -19.68 -52.78
N THR H 73 -26.66 -19.98 -51.50
CA THR H 73 -27.05 -21.32 -51.08
C THR H 73 -28.53 -21.39 -50.72
N GLY H 74 -29.32 -20.40 -51.13
CA GLY H 74 -30.75 -20.47 -50.91
C GLY H 74 -31.37 -21.64 -51.64
N LEU H 75 -32.53 -22.07 -51.15
CA LEU H 75 -33.24 -23.20 -51.73
C LEU H 75 -34.61 -22.81 -52.28
N SER H 76 -34.90 -21.52 -52.39
CA SER H 76 -36.17 -21.06 -52.91
C SER H 76 -36.00 -20.00 -54.00
N GLY H 77 -34.79 -19.80 -54.48
CA GLY H 77 -34.55 -18.81 -55.51
C GLY H 77 -34.64 -17.37 -55.03
N ALA H 78 -34.54 -17.14 -53.73
CA ALA H 78 -34.61 -15.78 -53.20
C ALA H 78 -33.47 -14.92 -53.70
N ALA H 79 -32.28 -15.51 -53.89
CA ALA H 79 -31.12 -14.76 -54.35
C ALA H 79 -31.02 -14.68 -55.87
N ASN H 80 -31.92 -15.35 -56.59
CA ASN H 80 -31.89 -15.30 -58.05
C ASN H 80 -32.12 -13.88 -58.54
N ALA H 81 -31.39 -13.50 -59.58
CA ALA H 81 -31.45 -12.16 -60.12
C ALA H 81 -32.33 -12.12 -61.37
N GLY H 82 -33.07 -11.02 -61.53
CA GLY H 82 -33.86 -10.82 -62.73
C GLY H 82 -33.05 -10.18 -63.84
N ARG H 83 -33.61 -10.22 -65.05
CA ARG H 83 -32.93 -9.68 -66.22
C ARG H 83 -32.68 -8.19 -66.05
N GLY H 84 -31.40 -7.81 -66.09
CA GLY H 84 -31.01 -6.41 -65.94
C GLY H 84 -30.84 -5.94 -64.51
N TRP H 85 -31.00 -6.82 -63.53
CA TRP H 85 -30.87 -6.43 -62.13
C TRP H 85 -29.41 -6.19 -61.78
N VAL H 86 -29.18 -5.66 -60.58
CA VAL H 86 -27.85 -5.42 -60.06
C VAL H 86 -27.70 -6.29 -58.82
N VAL H 87 -26.87 -7.33 -58.93
CA VAL H 87 -26.65 -8.25 -57.83
C VAL H 87 -25.61 -7.65 -56.89
N VAL H 88 -26.01 -7.40 -55.64
CA VAL H 88 -25.11 -6.87 -54.62
C VAL H 88 -24.50 -8.04 -53.88
N SER H 89 -23.22 -8.33 -54.13
CA SER H 89 -22.52 -9.43 -53.50
C SER H 89 -21.69 -8.89 -52.33
N PHE H 90 -21.98 -9.41 -51.13
CA PHE H 90 -21.26 -9.00 -49.92
C PHE H 90 -20.01 -9.82 -49.69
N GLU H 91 -19.41 -10.37 -50.75
CA GLU H 91 -18.22 -11.19 -50.60
C GLU H 91 -17.06 -10.40 -49.98
N ARG H 92 -17.02 -9.09 -50.21
CA ARG H 92 -15.92 -8.29 -49.70
C ARG H 92 -16.13 -7.81 -48.27
N MET H 93 -17.37 -7.83 -47.78
CA MET H 93 -17.68 -7.39 -46.41
C MET H 93 -17.83 -8.63 -45.54
N ASN H 94 -16.70 -9.18 -45.11
CA ASN H 94 -16.65 -10.46 -44.41
C ASN H 94 -15.77 -10.36 -43.17
N ARG H 95 -15.98 -9.32 -42.36
CA ARG H 95 -15.18 -9.11 -41.16
C ARG H 95 -16.05 -9.16 -39.92
N VAL H 96 -15.54 -9.79 -38.86
CA VAL H 96 -16.15 -9.73 -37.54
C VAL H 96 -15.65 -8.47 -36.85
N LEU H 97 -16.56 -7.52 -36.59
CA LEU H 97 -16.16 -6.19 -36.15
C LEU H 97 -15.87 -6.13 -34.65
N GLU H 98 -16.64 -6.86 -33.84
CA GLU H 98 -16.42 -6.79 -32.40
C GLU H 98 -16.95 -8.06 -31.74
N VAL H 99 -16.36 -8.42 -30.60
CA VAL H 99 -16.82 -9.55 -29.78
C VAL H 99 -16.82 -9.03 -28.34
N ASP H 100 -17.98 -8.56 -27.87
CA ASP H 100 -18.11 -8.01 -26.52
C ASP H 100 -18.29 -9.18 -25.54
N THR H 101 -17.28 -9.43 -24.72
CA THR H 101 -17.32 -10.55 -23.80
C THR H 101 -18.20 -10.29 -22.58
N VAL H 102 -18.34 -9.04 -22.16
CA VAL H 102 -19.18 -8.73 -21.01
C VAL H 102 -20.66 -8.75 -21.38
N GLN H 103 -21.01 -8.16 -22.52
CA GLN H 103 -22.39 -8.19 -22.99
C GLN H 103 -22.75 -9.50 -23.69
N GLN H 104 -21.77 -10.29 -24.09
CA GLN H 104 -21.99 -11.57 -24.77
C GLN H 104 -22.74 -11.36 -26.09
N THR H 105 -22.20 -10.47 -26.92
CA THR H 105 -22.72 -10.18 -28.25
C THR H 105 -21.57 -10.03 -29.21
N VAL H 106 -21.86 -10.22 -30.49
CA VAL H 106 -20.87 -10.06 -31.56
C VAL H 106 -21.47 -9.23 -32.67
N THR H 107 -20.65 -8.39 -33.29
CA THR H 107 -21.08 -7.54 -34.40
C THR H 107 -20.34 -7.98 -35.66
N VAL H 108 -21.06 -8.60 -36.59
CA VAL H 108 -20.47 -9.15 -37.80
C VAL H 108 -21.11 -8.50 -39.01
N GLN H 109 -20.43 -8.63 -40.13
CA GLN H 109 -20.90 -8.11 -41.41
C GLN H 109 -21.65 -9.18 -42.19
N PRO H 110 -22.43 -8.79 -43.19
CA PRO H 110 -23.26 -9.76 -43.90
C PRO H 110 -22.46 -10.82 -44.64
N GLY H 111 -21.19 -10.59 -44.92
CA GLY H 111 -20.41 -11.56 -45.67
C GLY H 111 -19.82 -12.70 -44.85
N VAL H 112 -19.94 -12.64 -43.52
CA VAL H 112 -19.37 -13.67 -42.68
C VAL H 112 -20.08 -15.01 -42.90
N VAL H 113 -19.32 -16.10 -42.79
CA VAL H 113 -19.88 -17.45 -42.90
C VAL H 113 -20.29 -17.92 -41.52
N ASN H 114 -21.39 -18.68 -41.45
CA ASN H 114 -21.91 -19.10 -40.16
C ASN H 114 -20.88 -19.88 -39.36
N ASP H 115 -20.33 -20.95 -39.96
CA ASP H 115 -19.34 -21.76 -39.26
C ASP H 115 -18.14 -20.93 -38.85
N ASP H 116 -17.71 -20.00 -39.71
CA ASP H 116 -16.60 -19.13 -39.35
C ASP H 116 -16.92 -18.30 -38.10
N LEU H 117 -18.13 -17.76 -38.01
CA LEU H 117 -18.51 -16.96 -36.86
C LEU H 117 -18.45 -17.79 -35.59
N ARG H 118 -18.96 -19.02 -35.64
CA ARG H 118 -18.95 -19.87 -34.44
C ARG H 118 -17.53 -20.18 -33.99
N ALA H 119 -16.63 -20.46 -34.93
CA ALA H 119 -15.25 -20.74 -34.57
C ALA H 119 -14.60 -19.50 -33.97
N ARG H 120 -14.92 -18.32 -34.49
CA ARG H 120 -14.35 -17.09 -33.96
C ARG H 120 -14.88 -16.78 -32.56
N VAL H 121 -16.19 -16.95 -32.38
CA VAL H 121 -16.79 -16.68 -31.07
C VAL H 121 -16.36 -17.71 -30.05
N ALA H 122 -16.11 -18.96 -30.49
CA ALA H 122 -15.63 -19.98 -29.55
C ALA H 122 -14.31 -19.59 -28.91
N GLN H 123 -13.52 -18.73 -29.56
CA GLN H 123 -12.24 -18.32 -28.97
C GLN H 123 -12.45 -17.54 -27.69
N ASP H 124 -13.53 -16.79 -27.57
CA ASP H 124 -13.83 -16.03 -26.37
C ASP H 124 -14.82 -16.75 -25.45
N GLY H 125 -14.94 -18.07 -25.61
CA GLY H 125 -15.79 -18.88 -24.75
C GLY H 125 -17.28 -18.72 -24.95
N LEU H 126 -17.71 -18.09 -26.04
CA LEU H 126 -19.12 -17.88 -26.31
C LEU H 126 -19.59 -18.86 -27.38
N TRP H 127 -20.87 -18.75 -27.74
CA TRP H 127 -21.49 -19.72 -28.65
C TRP H 127 -22.62 -19.03 -29.40
N TYR H 128 -22.67 -19.28 -30.72
CA TYR H 128 -23.80 -18.85 -31.55
C TYR H 128 -24.64 -20.06 -31.92
N PRO H 129 -25.80 -20.25 -31.27
CA PRO H 129 -26.53 -21.52 -31.40
C PRO H 129 -26.93 -21.82 -32.82
N PRO H 130 -27.63 -20.89 -33.51
CA PRO H 130 -28.17 -21.20 -34.85
C PRO H 130 -27.22 -21.94 -35.77
N ASP H 131 -27.65 -23.08 -36.29
CA ASP H 131 -26.79 -23.98 -37.07
C ASP H 131 -27.56 -24.56 -38.24
N PRO H 132 -27.73 -23.80 -39.31
CA PRO H 132 -28.36 -24.33 -40.52
C PRO H 132 -27.48 -25.37 -41.18
N ALA H 133 -28.11 -26.24 -41.97
CA ALA H 133 -27.37 -27.28 -42.67
C ALA H 133 -26.31 -26.69 -43.61
N SER H 134 -26.56 -25.48 -44.11
CA SER H 134 -25.61 -24.79 -44.98
C SER H 134 -24.61 -23.94 -44.21
N SER H 135 -24.46 -24.19 -42.91
CA SER H 135 -23.56 -23.39 -42.09
C SER H 135 -22.13 -23.32 -42.64
N PRO H 136 -21.54 -24.39 -43.17
CA PRO H 136 -20.14 -24.30 -43.60
C PRO H 136 -19.90 -23.32 -44.74
N TRP H 137 -20.94 -22.88 -45.44
CA TRP H 137 -20.76 -21.97 -46.57
C TRP H 137 -21.78 -20.84 -46.63
N SER H 138 -22.80 -20.81 -45.76
CA SER H 138 -23.80 -19.76 -45.78
C SER H 138 -23.33 -18.54 -44.99
N THR H 139 -23.82 -17.37 -45.40
CA THR H 139 -23.42 -16.11 -44.79
C THR H 139 -24.40 -15.71 -43.68
N ILE H 140 -23.89 -14.91 -42.74
CA ILE H 140 -24.76 -14.34 -41.72
C ILE H 140 -25.78 -13.40 -42.35
N GLY H 141 -25.41 -12.77 -43.46
CA GLY H 141 -26.38 -11.95 -44.19
C GLY H 141 -27.57 -12.76 -44.66
N GLY H 142 -27.31 -13.91 -45.26
CA GLY H 142 -28.40 -14.77 -45.70
C GLY H 142 -29.23 -15.30 -44.54
N ASN H 143 -28.55 -15.73 -43.46
CA ASN H 143 -29.29 -16.26 -42.32
C ASN H 143 -30.28 -15.25 -41.77
N VAL H 144 -29.94 -13.96 -41.85
CA VAL H 144 -30.85 -12.92 -41.37
C VAL H 144 -31.91 -12.59 -42.40
N ALA H 145 -31.53 -12.61 -43.69
CA ALA H 145 -32.50 -12.28 -44.73
C ALA H 145 -33.59 -13.32 -44.83
N THR H 146 -33.26 -14.59 -44.59
CA THR H 146 -34.24 -15.68 -44.65
C THR H 146 -34.67 -16.15 -43.28
N ASN H 147 -34.13 -15.56 -42.21
CA ASN H 147 -34.40 -16.02 -40.85
C ASN H 147 -34.15 -17.52 -40.74
N ALA H 148 -32.94 -17.93 -41.14
CA ALA H 148 -32.61 -19.34 -41.23
C ALA H 148 -32.75 -20.03 -39.88
N GLY H 149 -33.07 -21.32 -39.93
CA GLY H 149 -33.16 -22.17 -38.75
C GLY H 149 -32.04 -23.20 -38.71
N GLY H 150 -32.09 -24.02 -37.67
CA GLY H 150 -31.08 -25.03 -37.50
C GLY H 150 -31.59 -26.34 -36.96
N LEU H 151 -30.67 -27.16 -36.43
CA LEU H 151 -31.03 -28.45 -35.85
C LEU H 151 -31.39 -28.32 -34.37
N CYS H 152 -30.63 -27.52 -33.62
CA CYS H 152 -30.87 -27.31 -32.21
C CYS H 152 -31.92 -26.23 -31.94
N CYS H 153 -32.63 -25.76 -32.96
CA CYS H 153 -33.65 -24.74 -32.75
C CYS H 153 -34.81 -25.27 -31.91
N VAL H 154 -34.88 -26.57 -31.65
CA VAL H 154 -35.89 -27.11 -30.75
C VAL H 154 -35.65 -26.67 -29.32
N LYS H 155 -34.41 -26.33 -28.97
CA LYS H 155 -34.09 -25.86 -27.63
C LYS H 155 -33.43 -24.48 -27.62
N TYR H 156 -32.97 -23.97 -28.76
CA TYR H 156 -32.27 -22.69 -28.78
C TYR H 156 -32.79 -21.72 -29.83
N GLY H 157 -33.87 -22.05 -30.54
CA GLY H 157 -34.47 -21.09 -31.45
C GLY H 157 -33.78 -20.99 -32.78
N VAL H 158 -34.19 -19.98 -33.54
CA VAL H 158 -33.65 -19.73 -34.87
C VAL H 158 -32.91 -18.40 -34.87
N THR H 159 -32.53 -17.93 -36.06
CA THR H 159 -31.73 -16.72 -36.18
C THR H 159 -32.44 -15.51 -35.55
N ARG H 160 -33.72 -15.32 -35.88
CA ARG H 160 -34.43 -14.15 -35.37
C ARG H 160 -34.30 -14.01 -33.86
N ASP H 161 -34.19 -15.12 -33.15
CA ASP H 161 -34.05 -15.08 -31.70
C ASP H 161 -32.68 -14.58 -31.25
N TYR H 162 -31.79 -14.22 -32.18
CA TYR H 162 -30.47 -13.75 -31.83
C TYR H 162 -30.09 -12.47 -32.54
N VAL H 163 -31.03 -11.82 -33.22
CA VAL H 163 -30.75 -10.56 -33.92
C VAL H 163 -31.13 -9.44 -32.96
N LEU H 164 -30.12 -8.80 -32.37
CA LEU H 164 -30.35 -7.69 -31.46
C LEU H 164 -30.49 -6.37 -32.21
N GLY H 165 -29.60 -6.13 -33.17
CA GLY H 165 -29.63 -4.90 -33.94
C GLY H 165 -28.92 -5.14 -35.25
N MET H 166 -28.89 -4.10 -36.09
CA MET H 166 -28.30 -4.22 -37.40
C MET H 166 -28.20 -2.83 -38.02
N GLU H 167 -27.47 -2.74 -39.12
CA GLU H 167 -27.37 -1.55 -39.94
C GLU H 167 -27.79 -1.90 -41.35
N ALA H 168 -28.72 -1.14 -41.91
CA ALA H 168 -29.25 -1.46 -43.22
C ALA H 168 -29.32 -0.20 -44.07
N VAL H 169 -29.16 -0.39 -45.37
CA VAL H 169 -29.38 0.66 -46.36
C VAL H 169 -30.76 0.44 -46.95
N VAL H 170 -31.63 1.44 -46.81
CA VAL H 170 -33.02 1.31 -47.23
C VAL H 170 -33.44 2.60 -47.95
N GLY H 171 -34.59 2.54 -48.59
CA GLY H 171 -35.13 3.72 -49.24
C GLY H 171 -34.30 4.13 -50.44
N SER H 172 -33.97 5.42 -50.51
CA SER H 172 -33.19 5.98 -51.60
C SER H 172 -31.69 5.91 -51.36
N GLY H 173 -31.25 5.15 -50.36
CA GLY H 173 -29.83 5.01 -50.09
C GLY H 173 -29.46 5.48 -48.69
N GLU H 174 -30.45 5.61 -47.82
CA GLU H 174 -30.24 6.07 -46.46
C GLU H 174 -29.69 4.93 -45.60
N VAL H 175 -28.60 5.21 -44.89
CA VAL H 175 -27.98 4.23 -44.00
C VAL H 175 -28.55 4.47 -42.60
N VAL H 176 -29.36 3.53 -42.13
CA VAL H 176 -29.97 3.63 -40.81
C VAL H 176 -29.52 2.46 -39.97
N ARG H 177 -29.54 2.66 -38.66
CA ARG H 177 -29.18 1.62 -37.69
C ARG H 177 -30.44 1.24 -36.93
N LEU H 178 -30.98 0.06 -37.25
CA LEU H 178 -32.19 -0.46 -36.63
C LEU H 178 -31.81 -1.38 -35.47
N GLY H 179 -32.79 -1.59 -34.59
CA GLY H 179 -32.59 -2.47 -33.45
C GLY H 179 -31.81 -1.80 -32.34
N ARG H 180 -31.44 -2.63 -31.36
CA ARG H 180 -30.70 -2.19 -30.20
C ARG H 180 -29.42 -3.01 -30.08
N THR H 181 -28.61 -2.68 -29.08
CA THR H 181 -27.41 -3.46 -28.78
C THR H 181 -27.35 -3.96 -27.34
N THR H 182 -28.26 -3.53 -26.48
CA THR H 182 -28.31 -3.98 -25.11
C THR H 182 -29.13 -5.27 -25.02
N ALA H 183 -29.56 -5.60 -23.83
CA ALA H 183 -30.32 -6.78 -23.65
C ALA H 183 -31.77 -6.56 -23.76
N LYS H 184 -32.23 -5.36 -23.55
CA LYS H 184 -33.64 -5.03 -23.66
C LYS H 184 -33.85 -3.73 -24.39
N GLY H 185 -34.95 -3.58 -25.09
CA GLY H 185 -35.18 -2.38 -25.82
C GLY H 185 -36.46 -2.47 -26.58
N VAL H 186 -37.34 -1.54 -26.33
CA VAL H 186 -38.67 -1.53 -26.91
C VAL H 186 -38.91 -0.19 -27.60
N THR H 187 -37.84 0.58 -27.78
CA THR H 187 -37.96 1.91 -28.36
C THR H 187 -38.46 1.86 -29.80
N GLY H 188 -39.65 2.39 -30.04
CA GLY H 188 -40.20 2.42 -31.38
C GLY H 188 -40.71 1.06 -31.83
N TYR H 189 -40.57 0.80 -33.12
CA TYR H 189 -41.02 -0.46 -33.71
C TYR H 189 -39.87 -1.47 -33.78
N ASP H 190 -40.24 -2.71 -34.08
CA ASP H 190 -39.29 -3.79 -34.27
C ASP H 190 -38.77 -3.83 -35.71
N LEU H 191 -38.28 -2.68 -36.19
CA LEU H 191 -37.82 -2.60 -37.57
C LEU H 191 -36.72 -3.62 -37.84
N ALA H 192 -35.84 -3.85 -36.87
CA ALA H 192 -34.82 -4.88 -37.03
C ALA H 192 -35.47 -6.24 -37.27
N GLY H 193 -36.47 -6.58 -36.46
CA GLY H 193 -37.20 -7.80 -36.71
C GLY H 193 -37.91 -7.78 -38.05
N LEU H 194 -38.44 -6.61 -38.43
CA LEU H 194 -39.08 -6.48 -39.73
C LEU H 194 -38.12 -6.86 -40.85
N MET H 195 -36.83 -6.56 -40.68
CA MET H 195 -35.82 -6.94 -41.67
C MET H 195 -35.63 -8.45 -41.70
N VAL H 196 -35.54 -9.09 -40.53
CA VAL H 196 -35.34 -10.54 -40.47
C VAL H 196 -36.50 -11.24 -41.15
N GLY H 197 -36.16 -12.20 -42.03
CA GLY H 197 -37.16 -12.93 -42.78
C GLY H 197 -37.71 -12.20 -44.00
N SER H 198 -37.19 -11.02 -44.31
CA SER H 198 -37.63 -10.28 -45.48
C SER H 198 -37.01 -10.76 -46.77
N GLU H 199 -35.94 -11.56 -46.70
CA GLU H 199 -35.28 -12.08 -47.89
C GLU H 199 -34.83 -10.93 -48.80
N GLY H 200 -34.37 -9.85 -48.19
CA GLY H 200 -33.82 -8.73 -48.95
C GLY H 200 -34.84 -7.97 -49.77
N THR H 201 -36.10 -7.97 -49.36
CA THR H 201 -37.15 -7.25 -50.09
C THR H 201 -37.46 -5.90 -49.46
N LEU H 202 -36.79 -5.54 -48.37
CA LEU H 202 -36.98 -4.26 -47.72
C LEU H 202 -35.70 -3.45 -47.57
N GLY H 203 -34.53 -4.04 -47.81
CA GLY H 203 -33.29 -3.32 -47.68
C GLY H 203 -32.11 -4.25 -47.89
N LEU H 204 -30.94 -3.77 -47.48
CA LEU H 204 -29.71 -4.56 -47.55
C LEU H 204 -28.97 -4.43 -46.23
N VAL H 205 -28.73 -5.56 -45.57
CA VAL H 205 -28.07 -5.56 -44.26
C VAL H 205 -26.56 -5.47 -44.47
N THR H 206 -25.95 -4.44 -43.88
CA THR H 206 -24.52 -4.21 -43.98
C THR H 206 -23.77 -4.50 -42.68
N GLU H 207 -24.48 -4.68 -41.56
CA GLU H 207 -23.83 -4.96 -40.29
C GLU H 207 -24.90 -5.49 -39.34
N VAL H 208 -24.63 -6.63 -38.71
CA VAL H 208 -25.59 -7.29 -37.84
C VAL H 208 -24.95 -7.48 -36.47
N THR H 209 -25.74 -7.25 -35.42
CA THR H 209 -25.34 -7.49 -34.04
C THR H 209 -26.14 -8.68 -33.51
N LEU H 210 -25.44 -9.75 -33.15
CA LEU H 210 -26.08 -10.97 -32.71
C LEU H 210 -25.88 -11.18 -31.22
N ARG H 211 -26.81 -11.90 -30.60
CA ARG H 211 -26.70 -12.30 -29.21
C ARG H 211 -26.03 -13.68 -29.13
N LEU H 212 -25.20 -13.85 -28.11
CA LEU H 212 -24.44 -15.09 -27.92
C LEU H 212 -24.78 -15.70 -26.58
N VAL H 213 -24.21 -16.88 -26.34
CA VAL H 213 -24.46 -17.62 -25.10
C VAL H 213 -23.18 -18.34 -24.69
N PRO H 214 -23.10 -18.75 -23.42
CA PRO H 214 -21.90 -19.43 -22.95
C PRO H 214 -21.68 -20.75 -23.68
N LEU H 215 -20.40 -21.06 -23.91
CA LEU H 215 -20.03 -22.32 -24.55
C LEU H 215 -20.55 -23.50 -23.72
N ARG H 216 -20.91 -24.57 -24.43
CA ARG H 216 -21.53 -25.71 -23.75
C ARG H 216 -20.54 -26.39 -22.80
N ARG H 217 -19.39 -26.78 -23.31
CA ARG H 217 -18.35 -27.44 -22.51
C ARG H 217 -18.92 -28.66 -21.79
N GLY H 218 -19.43 -29.59 -22.57
CA GLY H 218 -19.99 -30.79 -21.99
C GLY H 218 -19.98 -31.95 -22.96
N VAL H 219 -20.72 -32.99 -22.58
CA VAL H 219 -20.87 -34.20 -23.38
C VAL H 219 -22.32 -34.32 -23.81
N GLU H 220 -22.54 -34.47 -25.11
CA GLU H 220 -23.88 -34.67 -25.65
C GLU H 220 -24.12 -36.17 -25.79
N HIS H 221 -24.96 -36.70 -24.92
CA HIS H 221 -25.28 -38.13 -24.92
C HIS H 221 -26.42 -38.38 -25.89
N THR H 222 -26.14 -39.15 -26.95
CA THR H 222 -27.13 -39.45 -27.95
C THR H 222 -27.96 -40.66 -27.51
N VAL H 223 -29.27 -40.56 -27.70
CA VAL H 223 -30.20 -41.64 -27.41
C VAL H 223 -30.86 -42.06 -28.72
N VAL H 224 -30.46 -43.22 -29.23
CA VAL H 224 -30.96 -43.73 -30.50
C VAL H 224 -32.12 -44.67 -30.23
N GLY H 225 -33.21 -44.51 -30.98
CA GLY H 225 -34.36 -45.37 -30.84
C GLY H 225 -34.98 -45.75 -32.17
N TYR H 226 -35.40 -47.01 -32.30
CA TYR H 226 -36.00 -47.52 -33.52
C TYR H 226 -37.45 -47.91 -33.26
N PHE H 227 -38.28 -47.77 -34.29
CA PHE H 227 -39.69 -48.09 -34.21
C PHE H 227 -40.09 -48.89 -35.45
N ASP H 228 -41.36 -49.31 -35.48
CA ASP H 228 -41.90 -50.04 -36.63
C ASP H 228 -43.02 -49.27 -37.31
N SER H 229 -43.22 -48.01 -36.93
CA SER H 229 -44.30 -47.19 -37.48
C SER H 229 -44.02 -45.74 -37.15
N LEU H 230 -44.31 -44.85 -38.09
CA LEU H 230 -44.14 -43.42 -37.85
C LEU H 230 -45.04 -42.94 -36.72
N THR H 231 -46.14 -43.65 -36.46
CA THR H 231 -47.00 -43.30 -35.32
C THR H 231 -46.31 -43.65 -34.00
N ASP H 232 -45.84 -44.89 -33.86
CA ASP H 232 -45.13 -45.31 -32.65
C ASP H 232 -43.99 -44.34 -32.34
N ALA H 233 -43.17 -44.01 -33.33
CA ALA H 233 -42.11 -43.04 -33.12
C ALA H 233 -42.69 -41.68 -32.75
N GLY H 234 -43.83 -41.32 -33.35
CA GLY H 234 -44.50 -40.09 -32.98
C GLY H 234 -44.99 -40.11 -31.54
N ARG H 235 -45.38 -41.29 -31.05
CA ARG H 235 -45.84 -41.42 -29.68
C ARG H 235 -44.72 -41.14 -28.69
N ALA H 236 -43.47 -41.40 -29.07
CA ALA H 236 -42.34 -41.14 -28.19
C ALA H 236 -41.93 -39.67 -28.22
N VAL H 237 -41.87 -39.08 -29.42
CA VAL H 237 -41.52 -37.66 -29.53
C VAL H 237 -42.48 -36.81 -28.71
N ALA H 238 -43.79 -37.07 -28.85
CA ALA H 238 -44.76 -36.39 -28.02
C ALA H 238 -44.67 -36.83 -26.57
N ALA H 239 -44.25 -38.07 -26.32
CA ALA H 239 -44.10 -38.54 -24.95
C ALA H 239 -42.98 -37.81 -24.23
N VAL H 240 -41.86 -37.57 -24.91
CA VAL H 240 -40.75 -36.87 -24.26
C VAL H 240 -41.10 -35.40 -24.03
N SER H 241 -41.72 -34.77 -25.01
CA SER H 241 -42.16 -33.39 -24.82
C SER H 241 -43.29 -33.30 -23.81
N ALA H 242 -44.14 -34.34 -23.72
CA ALA H 242 -45.19 -34.37 -22.71
C ALA H 242 -44.62 -34.63 -21.33
N ALA H 243 -43.53 -35.38 -21.25
CA ALA H 243 -42.84 -35.58 -19.98
C ALA H 243 -42.20 -34.29 -19.46
N GLY H 244 -42.16 -33.25 -20.30
CA GLY H 244 -41.57 -31.99 -19.92
C GLY H 244 -40.07 -31.87 -20.15
N ILE H 245 -39.50 -32.68 -21.04
CA ILE H 245 -38.07 -32.67 -21.30
C ILE H 245 -37.81 -31.80 -22.51
N VAL H 246 -36.68 -31.08 -22.49
CA VAL H 246 -36.30 -30.19 -23.58
C VAL H 246 -35.03 -30.73 -24.24
N PRO H 247 -35.12 -31.70 -25.14
CA PRO H 247 -33.91 -32.25 -25.75
C PRO H 247 -33.23 -31.23 -26.64
N SER H 248 -31.89 -31.14 -26.52
CA SER H 248 -31.11 -30.24 -27.36
C SER H 248 -31.18 -30.60 -28.83
N ALA H 249 -31.70 -31.78 -29.17
CA ALA H 249 -31.84 -32.18 -30.55
C ALA H 249 -32.75 -33.40 -30.61
N LEU H 250 -33.68 -33.39 -31.56
CA LEU H 250 -34.62 -34.50 -31.74
C LEU H 250 -34.92 -34.57 -33.23
N GLU H 251 -34.31 -35.53 -33.91
CA GLU H 251 -34.34 -35.63 -35.35
C GLU H 251 -34.96 -36.95 -35.78
N LEU H 252 -35.59 -36.93 -36.95
CA LEU H 252 -36.19 -38.13 -37.54
C LEU H 252 -35.66 -38.26 -38.96
N ILE H 253 -35.20 -39.46 -39.32
CA ILE H 253 -34.60 -39.67 -40.63
C ILE H 253 -35.20 -40.90 -41.29
N ASP H 254 -36.37 -41.34 -40.81
CA ASP H 254 -37.04 -42.48 -41.38
C ASP H 254 -36.25 -43.76 -41.14
N LEU H 269 -27.40 -50.26 -39.69
CA LEU H 269 -28.30 -49.35 -39.01
C LEU H 269 -29.50 -48.99 -39.89
N SER H 270 -30.27 -50.00 -40.28
CA SER H 270 -31.41 -49.78 -41.17
C SER H 270 -32.25 -51.04 -41.22
N ALA H 271 -33.42 -50.92 -41.84
CA ALA H 271 -34.36 -52.02 -42.01
C ALA H 271 -35.60 -51.55 -42.76
N GLU H 272 -36.20 -52.45 -43.55
CA GLU H 272 -37.36 -52.08 -44.35
C GLU H 272 -38.55 -51.79 -43.45
N GLY H 273 -39.05 -50.56 -43.49
CA GLY H 273 -40.24 -50.20 -42.74
C GLY H 273 -39.99 -49.91 -41.28
N GLU H 274 -39.33 -48.80 -40.99
CA GLU H 274 -39.08 -48.38 -39.61
C GLU H 274 -38.65 -46.92 -39.62
N VAL H 275 -38.31 -46.41 -38.43
CA VAL H 275 -37.96 -45.02 -38.25
C VAL H 275 -36.82 -44.93 -37.25
N LEU H 276 -35.85 -44.05 -37.52
CA LEU H 276 -34.73 -43.80 -36.63
C LEU H 276 -34.94 -42.46 -35.94
N LEU H 277 -35.18 -42.50 -34.63
CA LEU H 277 -35.41 -41.30 -33.84
C LEU H 277 -34.16 -41.02 -33.00
N LEU H 278 -33.42 -39.99 -33.39
CA LEU H 278 -32.18 -39.60 -32.72
C LEU H 278 -32.43 -38.36 -31.87
N ALA H 279 -32.22 -38.49 -30.56
CA ALA H 279 -32.39 -37.39 -29.62
C ALA H 279 -31.06 -37.13 -28.91
N ARG H 280 -30.98 -35.97 -28.27
CA ARG H 280 -29.74 -35.58 -27.59
C ARG H 280 -30.04 -34.54 -26.53
N SER H 281 -29.20 -34.52 -25.49
CA SER H 281 -29.26 -33.53 -24.43
C SER H 281 -27.88 -32.93 -24.21
N ASP H 282 -27.85 -31.70 -23.69
CA ASP H 282 -26.60 -30.97 -23.49
C ASP H 282 -26.53 -30.38 -22.10
N LEU H 283 -27.00 -31.12 -21.09
CA LEU H 283 -26.91 -30.60 -19.74
C LEU H 283 -25.53 -30.91 -19.14
N PRO H 284 -25.09 -30.10 -18.18
CA PRO H 284 -23.74 -30.26 -17.63
C PRO H 284 -23.67 -31.41 -16.63
N GLY H 285 -22.63 -32.23 -16.77
CA GLY H 285 -22.38 -33.29 -15.81
C GLY H 285 -23.52 -34.27 -15.70
N THR H 286 -23.78 -34.73 -14.48
CA THR H 286 -24.84 -35.70 -14.24
C THR H 286 -26.20 -35.21 -14.72
N SER H 287 -26.38 -33.89 -14.83
CA SER H 287 -27.65 -33.36 -15.33
C SER H 287 -28.00 -33.92 -16.70
N GLY H 288 -26.99 -34.15 -17.54
CA GLY H 288 -27.23 -34.65 -18.89
C GLY H 288 -27.43 -36.15 -18.95
N GLN H 289 -26.57 -36.92 -18.27
CA GLN H 289 -26.76 -38.37 -18.24
C GLN H 289 -28.08 -38.73 -17.59
N GLU H 290 -28.47 -37.98 -16.55
CA GLU H 290 -29.76 -38.22 -15.92
C GLU H 290 -30.91 -37.93 -16.87
N GLU H 291 -30.78 -36.89 -17.70
CA GLU H 291 -31.83 -36.55 -18.64
C GLU H 291 -31.89 -37.55 -19.80
N ALA H 292 -30.71 -37.95 -20.32
CA ALA H 292 -30.71 -38.93 -21.41
C ALA H 292 -31.44 -40.21 -21.03
N ASP H 293 -31.36 -40.60 -19.76
CA ASP H 293 -32.11 -41.77 -19.30
C ASP H 293 -33.61 -41.52 -19.41
N ARG H 294 -34.06 -40.32 -19.04
CA ARG H 294 -35.46 -39.98 -19.18
C ARG H 294 -35.91 -40.09 -20.64
N ILE H 295 -35.07 -39.59 -21.56
CA ILE H 295 -35.42 -39.68 -22.98
C ILE H 295 -35.41 -41.13 -23.44
N LEU H 296 -34.47 -41.92 -22.92
CA LEU H 296 -34.41 -43.33 -23.28
C LEU H 296 -35.68 -44.05 -22.87
N GLU H 297 -36.15 -43.80 -21.64
CA GLU H 297 -37.34 -44.48 -21.15
C GLU H 297 -38.56 -44.16 -22.02
N CYS H 298 -38.69 -42.91 -22.44
CA CYS H 298 -39.81 -42.54 -23.30
C CYS H 298 -39.79 -43.33 -24.60
N PHE H 299 -38.59 -43.61 -25.13
CA PHE H 299 -38.49 -44.39 -26.35
C PHE H 299 -38.83 -45.86 -26.09
N GLU H 300 -38.48 -46.37 -24.91
CA GLU H 300 -38.77 -47.78 -24.61
C GLU H 300 -40.25 -47.98 -24.31
N LYS H 301 -40.88 -47.01 -23.64
CA LYS H 301 -42.28 -47.15 -23.28
C LYS H 301 -43.16 -47.30 -24.51
N GLU H 302 -42.87 -46.53 -25.57
CA GLU H 302 -43.63 -46.60 -26.81
C GLU H 302 -43.23 -47.81 -27.66
N LYS H 303 -42.12 -47.71 -28.37
CA LYS H 303 -41.61 -48.83 -29.15
C LYS H 303 -40.10 -48.70 -29.27
N ALA H 304 -39.38 -49.76 -28.92
CA ALA H 304 -37.93 -49.69 -28.76
C ALA H 304 -37.29 -50.89 -29.43
N VAL H 305 -36.56 -50.65 -30.51
CA VAL H 305 -35.67 -51.63 -31.13
C VAL H 305 -34.27 -51.05 -31.15
N TYR H 306 -33.33 -51.71 -30.48
CA TYR H 306 -31.95 -51.23 -30.38
C TYR H 306 -31.93 -49.79 -29.85
N ALA H 307 -32.67 -49.58 -28.78
CA ALA H 307 -32.71 -48.29 -28.09
C ALA H 307 -31.55 -48.24 -27.10
N VAL H 308 -30.49 -47.51 -27.46
CA VAL H 308 -29.26 -47.51 -26.69
C VAL H 308 -28.87 -46.08 -26.33
N ARG H 309 -28.46 -45.89 -25.08
CA ARG H 309 -27.97 -44.62 -24.57
C ARG H 309 -26.47 -44.43 -24.78
N SER H 310 -26.08 -43.20 -25.06
CA SER H 310 -24.67 -42.85 -25.24
C SER H 310 -24.11 -42.48 -23.87
N THR H 311 -23.11 -43.21 -23.41
CA THR H 311 -22.49 -42.93 -22.12
C THR H 311 -21.18 -42.14 -22.23
N ASP H 312 -20.92 -41.50 -23.38
CA ASP H 312 -19.68 -40.74 -23.55
C ASP H 312 -19.51 -40.23 -24.97
N GLU H 313 -18.34 -39.67 -25.26
CA GLU H 313 -18.04 -39.15 -26.59
C GLU H 313 -17.65 -40.32 -27.47
N GLU H 314 -18.54 -40.70 -28.41
CA GLU H 314 -18.33 -41.89 -29.20
C GLU H 314 -18.73 -41.62 -30.64
N GLU H 315 -18.72 -42.70 -31.43
CA GLU H 315 -19.17 -42.65 -32.83
C GLU H 315 -20.60 -42.17 -32.96
N ALA H 316 -21.37 -42.16 -31.85
CA ALA H 316 -22.71 -41.58 -31.88
C ALA H 316 -22.71 -40.21 -32.56
N GLU H 317 -21.73 -39.36 -32.23
CA GLU H 317 -21.64 -38.07 -32.90
C GLU H 317 -21.43 -38.25 -34.39
N ALA H 318 -20.86 -39.38 -34.80
CA ALA H 318 -20.70 -39.68 -36.22
C ALA H 318 -22.05 -39.99 -36.87
N LEU H 319 -22.99 -40.54 -36.09
CA LEU H 319 -24.33 -40.80 -36.63
C LEU H 319 -25.04 -39.50 -36.98
N PHE H 320 -24.86 -38.46 -36.17
CA PHE H 320 -25.47 -37.18 -36.49
C PHE H 320 -24.75 -36.51 -37.66
N GLN H 321 -23.44 -36.72 -37.78
CA GLN H 321 -22.72 -36.16 -38.92
C GLN H 321 -23.21 -36.77 -40.22
N ALA H 322 -23.78 -37.97 -40.18
CA ALA H 322 -24.45 -38.50 -41.37
C ALA H 322 -25.72 -37.71 -41.67
N ARG H 323 -26.41 -37.23 -40.62
CA ARG H 323 -27.55 -36.35 -40.82
C ARG H 323 -27.14 -35.06 -41.53
N ARG H 324 -25.92 -34.58 -41.29
CA ARG H 324 -25.48 -33.36 -41.96
C ARG H 324 -25.10 -33.63 -43.42
N LEU H 325 -24.43 -34.75 -43.69
CA LEU H 325 -24.05 -35.12 -45.04
C LEU H 325 -25.11 -35.96 -45.74
N ALA H 326 -26.35 -35.93 -45.24
CA ALA H 326 -27.43 -36.68 -45.88
C ALA H 326 -27.87 -36.00 -47.16
N TYR H 327 -28.04 -34.68 -47.12
CA TYR H 327 -28.45 -33.95 -48.33
C TYR H 327 -27.41 -34.03 -49.43
N PRO H 328 -26.14 -33.64 -49.19
CA PRO H 328 -25.14 -33.78 -50.27
C PRO H 328 -24.94 -35.21 -50.72
N ALA H 329 -25.25 -36.20 -49.88
CA ALA H 329 -25.12 -37.59 -50.29
C ALA H 329 -26.14 -37.96 -51.36
N LEU H 330 -27.30 -37.32 -51.36
CA LEU H 330 -28.31 -37.57 -52.37
C LEU H 330 -28.18 -36.66 -53.59
N GLU H 331 -27.44 -35.54 -53.47
CA GLU H 331 -27.22 -34.69 -54.62
C GLU H 331 -26.32 -35.37 -55.66
N ARG H 332 -25.32 -36.14 -55.20
CA ARG H 332 -24.50 -36.90 -56.13
C ARG H 332 -25.32 -37.94 -56.87
N LEU H 333 -26.49 -38.31 -56.35
CA LEU H 333 -27.38 -39.29 -56.97
C LEU H 333 -28.32 -38.65 -57.98
N GLY H 334 -28.12 -37.37 -58.29
CA GLY H 334 -28.95 -36.66 -59.23
C GLY H 334 -29.54 -35.41 -58.61
N PRO H 335 -30.22 -34.60 -59.43
CA PRO H 335 -30.84 -33.39 -58.88
C PRO H 335 -31.78 -33.75 -57.75
N LEU H 336 -31.74 -32.95 -56.68
CA LEU H 336 -32.51 -33.22 -55.47
C LEU H 336 -33.30 -31.98 -55.11
N LEU H 337 -34.62 -32.11 -55.12
CA LEU H 337 -35.52 -31.02 -54.73
C LEU H 337 -35.90 -31.18 -53.26
N THR H 338 -35.69 -30.13 -52.48
CA THR H 338 -35.93 -30.14 -51.05
C THR H 338 -37.08 -29.19 -50.73
N GLU H 339 -37.94 -29.61 -49.82
CA GLU H 339 -39.04 -28.80 -49.35
C GLU H 339 -38.96 -28.62 -47.84
N ASP H 340 -39.39 -27.46 -47.37
CA ASP H 340 -39.35 -27.12 -45.94
C ASP H 340 -40.77 -26.73 -45.52
N VAL H 341 -41.49 -27.68 -44.94
CA VAL H 341 -42.81 -27.42 -44.38
C VAL H 341 -42.72 -27.60 -42.87
N CYS H 342 -43.61 -26.91 -42.16
CA CYS H 342 -43.69 -27.03 -40.70
C CYS H 342 -45.14 -27.11 -40.31
N VAL H 343 -45.49 -28.19 -39.61
CA VAL H 343 -46.87 -28.41 -39.16
C VAL H 343 -46.83 -28.60 -37.65
N PRO H 344 -47.97 -28.63 -36.97
CA PRO H 344 -47.96 -28.88 -35.53
C PRO H 344 -47.34 -30.24 -35.22
N LYS H 345 -46.73 -30.33 -34.03
CA LYS H 345 -46.07 -31.56 -33.62
C LYS H 345 -47.00 -32.76 -33.72
N ALA H 346 -48.30 -32.56 -33.51
CA ALA H 346 -49.27 -33.64 -33.59
C ALA H 346 -49.48 -34.16 -35.01
N ARG H 347 -49.03 -33.42 -36.02
CA ARG H 347 -49.19 -33.81 -37.42
C ARG H 347 -47.94 -34.42 -38.02
N VAL H 348 -46.87 -34.61 -37.22
CA VAL H 348 -45.65 -35.22 -37.75
C VAL H 348 -45.91 -36.63 -38.28
N PRO H 349 -46.51 -37.54 -37.51
CA PRO H 349 -46.79 -38.87 -38.07
C PRO H 349 -47.74 -38.82 -39.27
N HIS H 350 -48.83 -38.06 -39.16
CA HIS H 350 -49.77 -37.95 -40.27
C HIS H 350 -49.10 -37.32 -41.49
N MET H 351 -48.25 -36.32 -41.28
CA MET H 351 -47.62 -35.65 -42.42
C MET H 351 -46.54 -36.53 -43.03
N LEU H 352 -45.74 -37.20 -42.18
CA LEU H 352 -44.74 -38.12 -42.69
C LEU H 352 -45.39 -39.28 -43.44
N GLU H 353 -46.42 -39.86 -42.84
CA GLU H 353 -47.17 -40.91 -43.53
C GLU H 353 -47.89 -40.37 -44.76
N ALA H 354 -48.15 -39.06 -44.81
CA ALA H 354 -48.77 -38.46 -45.99
C ALA H 354 -47.79 -38.33 -47.14
N ILE H 355 -46.50 -38.13 -46.84
CA ILE H 355 -45.49 -38.02 -47.89
C ILE H 355 -45.32 -39.37 -48.60
N GLU H 356 -45.24 -40.46 -47.84
CA GLU H 356 -45.13 -41.77 -48.46
C GLU H 356 -46.27 -42.00 -49.45
N ALA H 357 -47.49 -41.61 -49.07
CA ALA H 357 -48.62 -41.73 -49.99
C ALA H 357 -48.42 -40.82 -51.20
N ALA H 358 -47.89 -39.62 -50.99
CA ALA H 358 -47.64 -38.71 -52.11
C ALA H 358 -46.61 -39.31 -53.06
N GLY H 359 -45.69 -40.12 -52.55
CA GLY H 359 -44.68 -40.71 -53.41
C GLY H 359 -45.24 -41.83 -54.28
N GLU H 360 -46.12 -42.66 -53.71
CA GLU H 360 -46.71 -43.75 -54.47
C GLU H 360 -47.65 -43.22 -55.55
N ARG H 361 -48.43 -42.18 -55.23
CA ARG H 361 -49.40 -41.66 -56.20
C ARG H 361 -48.72 -41.14 -57.45
N PHE H 362 -47.50 -40.60 -57.33
CA PHE H 362 -46.81 -39.98 -58.46
C PHE H 362 -45.54 -40.72 -58.84
N ASP H 363 -45.37 -41.96 -58.37
CA ASP H 363 -44.19 -42.76 -58.68
C ASP H 363 -42.91 -41.95 -58.53
N THR H 364 -42.77 -41.33 -57.35
CA THR H 364 -41.60 -40.50 -57.04
C THR H 364 -41.06 -40.95 -55.68
N ARG H 365 -39.83 -41.43 -55.67
CA ARG H 365 -39.20 -41.84 -54.43
C ARG H 365 -38.82 -40.61 -53.62
N ILE H 366 -39.31 -40.53 -52.39
CA ILE H 366 -39.16 -39.36 -51.54
C ILE H 366 -38.44 -39.76 -50.26
N GLY H 367 -37.27 -39.16 -50.00
CA GLY H 367 -36.63 -39.34 -48.73
C GLY H 367 -37.18 -38.39 -47.68
N ASN H 368 -37.00 -38.75 -46.41
CA ASN H 368 -37.61 -38.01 -45.32
C ASN H 368 -36.60 -37.78 -44.21
N ILE H 369 -36.41 -36.52 -43.84
CA ILE H 369 -35.72 -36.13 -42.62
C ILE H 369 -36.41 -34.89 -42.07
N ALA H 370 -36.64 -34.85 -40.77
CA ALA H 370 -37.44 -33.78 -40.19
C ALA H 370 -37.01 -33.51 -38.77
N HIS H 371 -37.12 -32.24 -38.37
CA HIS H 371 -36.87 -31.81 -37.00
C HIS H 371 -38.11 -32.15 -36.17
N ALA H 372 -38.18 -33.40 -35.74
CA ALA H 372 -39.33 -33.87 -34.98
C ALA H 372 -39.62 -33.00 -33.78
N GLY H 373 -38.61 -32.30 -33.24
CA GLY H 373 -38.82 -31.47 -32.07
C GLY H 373 -39.69 -30.25 -32.34
N ASP H 374 -39.69 -29.75 -33.56
CA ASP H 374 -40.47 -28.56 -33.91
C ASP H 374 -41.52 -28.80 -34.98
N GLY H 375 -41.59 -29.99 -35.56
CA GLY H 375 -42.54 -30.22 -36.63
C GLY H 375 -42.13 -29.63 -37.96
N ASN H 376 -40.83 -29.42 -38.18
CA ASN H 376 -40.30 -28.85 -39.42
C ASN H 376 -39.80 -30.01 -40.28
N LEU H 377 -40.61 -30.39 -41.27
CA LEU H 377 -40.28 -31.52 -42.12
C LEU H 377 -39.41 -31.09 -43.30
N HIS H 378 -38.51 -31.97 -43.71
CA HIS H 378 -37.64 -31.77 -44.87
C HIS H 378 -37.81 -32.96 -45.80
N PRO H 379 -38.87 -32.98 -46.60
CA PRO H 379 -39.04 -34.05 -47.59
C PRO H 379 -38.07 -33.88 -48.73
N LEU H 380 -37.42 -34.99 -49.12
CA LEU H 380 -36.42 -34.99 -50.17
C LEU H 380 -36.90 -35.86 -51.31
N PHE H 381 -36.82 -35.33 -52.53
CA PHE H 381 -37.21 -36.04 -53.74
C PHE H 381 -35.96 -36.24 -54.58
N ILE H 382 -35.60 -37.49 -54.84
CA ILE H 382 -34.46 -37.79 -55.70
C ILE H 382 -34.96 -37.77 -57.14
N VAL H 383 -34.54 -36.75 -57.89
CA VAL H 383 -34.98 -36.55 -59.27
C VAL H 383 -33.88 -37.09 -60.18
N PRO H 384 -34.14 -38.15 -60.96
CA PRO H 384 -33.12 -38.61 -61.90
C PRO H 384 -32.82 -37.52 -62.93
N ALA H 385 -31.53 -37.29 -63.15
CA ALA H 385 -31.11 -36.24 -64.09
C ALA H 385 -31.35 -36.69 -65.52
N GLY H 386 -32.00 -35.84 -66.31
CA GLY H 386 -32.30 -36.12 -67.69
C GLY H 386 -33.73 -36.57 -67.93
N ASP H 387 -34.34 -37.22 -66.94
CA ASP H 387 -35.71 -37.72 -67.05
C ASP H 387 -36.65 -36.66 -66.50
N GLU H 388 -37.14 -35.79 -67.38
CA GLU H 388 -38.03 -34.72 -66.96
C GLU H 388 -39.39 -35.25 -66.53
N GLU H 389 -39.84 -36.37 -67.11
CA GLU H 389 -41.11 -36.95 -66.69
C GLU H 389 -41.08 -37.27 -65.19
N ALA H 390 -39.97 -37.80 -64.70
CA ALA H 390 -39.82 -37.99 -63.26
C ALA H 390 -39.79 -36.64 -62.55
N LYS H 391 -39.09 -35.66 -63.14
CA LYS H 391 -39.06 -34.31 -62.59
C LYS H 391 -40.47 -33.75 -62.47
N ARG H 392 -41.28 -33.91 -63.51
CA ARG H 392 -42.65 -33.41 -63.48
C ARG H 392 -43.48 -34.12 -62.43
N ARG H 393 -43.31 -35.45 -62.30
CA ARG H 393 -44.08 -36.20 -61.31
C ARG H 393 -43.80 -35.71 -59.89
N ALA H 394 -42.56 -35.28 -59.62
CA ALA H 394 -42.26 -34.73 -58.30
C ALA H 394 -42.89 -33.36 -58.11
N LYS H 395 -43.05 -32.59 -59.18
CA LYS H 395 -43.65 -31.25 -59.06
C LYS H 395 -45.09 -31.34 -58.57
N GLN H 396 -45.83 -32.37 -59.01
CA GLN H 396 -47.19 -32.53 -58.52
C GLN H 396 -47.24 -33.15 -57.14
N ALA H 397 -46.31 -34.06 -56.83
CA ALA H 397 -46.20 -34.52 -55.44
C ALA H 397 -45.77 -33.38 -54.53
N PHE H 398 -45.03 -32.41 -55.07
CA PHE H 398 -44.68 -31.22 -54.32
C PHE H 398 -45.93 -30.44 -53.91
N GLU H 399 -46.90 -30.33 -54.83
CA GLU H 399 -48.11 -29.55 -54.56
C GLU H 399 -49.06 -30.27 -53.61
N VAL H 400 -48.88 -31.57 -53.39
CA VAL H 400 -49.73 -32.32 -52.47
C VAL H 400 -49.23 -32.20 -51.04
N ILE H 401 -47.92 -32.38 -50.84
CA ILE H 401 -47.36 -32.26 -49.50
C ILE H 401 -47.53 -30.84 -48.97
N VAL H 402 -47.42 -29.85 -49.85
CA VAL H 402 -47.56 -28.46 -49.42
C VAL H 402 -48.99 -28.20 -48.96
N ASP H 403 -49.96 -28.44 -49.84
CA ASP H 403 -51.36 -28.21 -49.47
C ASP H 403 -51.79 -29.10 -48.32
N GLU H 404 -51.22 -30.30 -48.21
CA GLU H 404 -51.57 -31.18 -47.10
C GLU H 404 -51.00 -30.65 -45.79
N ALA H 405 -49.78 -30.12 -45.82
CA ALA H 405 -49.23 -29.53 -44.61
C ALA H 405 -49.93 -28.22 -44.26
N LEU H 406 -50.30 -27.44 -45.28
CA LEU H 406 -51.05 -26.22 -45.03
C LEU H 406 -52.48 -26.52 -44.59
N ALA H 407 -53.03 -27.66 -45.04
CA ALA H 407 -54.39 -28.04 -44.67
C ALA H 407 -54.47 -28.50 -43.22
N VAL H 408 -53.40 -29.09 -42.69
CA VAL H 408 -53.41 -29.58 -41.32
C VAL H 408 -53.00 -28.48 -40.35
N GLY H 409 -52.83 -27.26 -40.86
CA GLY H 409 -52.47 -26.15 -40.01
C GLY H 409 -51.00 -25.83 -39.93
N GLY H 410 -50.21 -26.29 -40.90
CA GLY H 410 -48.79 -26.03 -40.94
C GLY H 410 -48.48 -24.71 -41.61
N THR H 411 -47.24 -24.61 -42.09
CA THR H 411 -46.77 -23.42 -42.78
C THR H 411 -46.04 -23.83 -44.06
N VAL H 412 -46.17 -23.01 -45.09
CA VAL H 412 -45.62 -23.35 -46.40
C VAL H 412 -44.11 -23.47 -46.34
N THR H 413 -43.46 -22.72 -45.45
CA THR H 413 -42.02 -22.79 -45.27
C THR H 413 -41.68 -22.61 -43.81
N GLY H 414 -40.77 -23.38 -43.25
CA GLY H 414 -40.32 -23.22 -41.86
C GLY H 414 -39.09 -22.36 -41.60
N GLU H 415 -37.97 -22.69 -42.21
CA GLU H 415 -36.69 -22.08 -42.15
C GLU H 415 -36.04 -21.66 -43.51
N HIS H 416 -36.48 -22.17 -44.64
CA HIS H 416 -35.85 -21.79 -45.89
C HIS H 416 -36.30 -20.50 -46.48
N GLY H 417 -37.57 -20.21 -46.38
CA GLY H 417 -38.10 -18.98 -46.92
C GLY H 417 -38.91 -19.22 -48.17
N VAL H 418 -39.80 -18.27 -48.47
CA VAL H 418 -40.71 -18.42 -49.61
C VAL H 418 -39.95 -18.29 -50.92
N GLY H 419 -39.20 -17.19 -51.08
CA GLY H 419 -38.45 -16.95 -52.29
C GLY H 419 -39.29 -16.94 -53.54
N LEU H 420 -39.09 -17.93 -54.41
CA LEU H 420 -39.85 -18.07 -55.64
C LEU H 420 -40.58 -19.40 -55.74
N LEU H 421 -39.96 -20.49 -55.33
CA LEU H 421 -40.53 -21.83 -55.46
C LEU H 421 -41.66 -22.11 -54.47
N LYS H 422 -42.10 -21.13 -53.68
CA LYS H 422 -43.19 -21.37 -52.74
C LYS H 422 -44.19 -20.22 -52.71
N MET H 423 -44.20 -19.36 -53.73
CA MET H 423 -45.08 -18.20 -53.70
C MET H 423 -46.55 -18.61 -53.73
N ARG H 424 -46.87 -19.73 -54.39
CA ARG H 424 -48.26 -20.16 -54.45
C ARG H 424 -48.79 -20.49 -53.06
N GLY H 425 -48.13 -21.42 -52.36
CA GLY H 425 -48.55 -21.75 -51.00
C GLY H 425 -48.52 -20.56 -50.07
N ALA H 426 -47.46 -19.75 -50.17
CA ALA H 426 -47.38 -18.55 -49.33
C ALA H 426 -48.56 -17.63 -49.57
N ALA H 427 -48.97 -17.47 -50.83
CA ALA H 427 -50.11 -16.61 -51.13
C ALA H 427 -51.40 -17.19 -50.57
N ASP H 428 -51.59 -18.51 -50.70
CA ASP H 428 -52.79 -19.15 -50.19
C ASP H 428 -52.84 -19.12 -48.67
N GLU H 429 -51.68 -19.23 -48.01
CA GLU H 429 -51.67 -19.26 -46.55
C GLU H 429 -51.97 -17.88 -45.96
N LEU H 430 -51.28 -16.85 -46.45
CA LEU H 430 -51.47 -15.51 -45.88
C LEU H 430 -52.87 -14.99 -46.19
N GLY H 431 -53.34 -15.15 -47.42
CA GLY H 431 -54.63 -14.66 -47.82
C GLY H 431 -54.56 -13.27 -48.41
N PRO H 432 -55.66 -12.81 -49.01
CA PRO H 432 -55.64 -11.51 -49.68
C PRO H 432 -55.40 -10.35 -48.72
N HIS H 433 -56.03 -10.37 -47.54
CA HIS H 433 -55.86 -9.26 -46.60
C HIS H 433 -54.41 -9.13 -46.16
N VAL H 434 -53.80 -10.23 -45.73
CA VAL H 434 -52.40 -10.18 -45.29
C VAL H 434 -51.49 -9.78 -46.45
N LEU H 435 -51.73 -10.35 -47.64
CA LEU H 435 -50.92 -9.97 -48.79
C LEU H 435 -51.00 -8.48 -49.05
N ALA H 436 -52.21 -7.91 -48.99
CA ALA H 436 -52.36 -6.47 -49.17
C ALA H 436 -51.51 -5.69 -48.17
N MET H 437 -51.34 -6.23 -46.96
CA MET H 437 -50.50 -5.57 -45.97
C MET H 437 -49.03 -5.60 -46.38
N HIS H 438 -48.58 -6.70 -47.00
CA HIS H 438 -47.20 -6.78 -47.46
C HIS H 438 -46.89 -5.70 -48.49
N ARG H 439 -47.74 -5.56 -49.50
CA ARG H 439 -47.53 -4.55 -50.52
C ARG H 439 -47.45 -3.16 -49.92
N ALA H 440 -48.25 -2.89 -48.89
CA ALA H 440 -48.22 -1.59 -48.25
C ALA H 440 -46.91 -1.37 -47.50
N VAL H 441 -46.49 -2.36 -46.70
CA VAL H 441 -45.25 -2.23 -45.95
C VAL H 441 -44.07 -2.07 -46.90
N LYS H 442 -43.98 -2.95 -47.91
CA LYS H 442 -42.90 -2.83 -48.87
C LYS H 442 -42.93 -1.49 -49.59
N GLY H 443 -44.13 -0.95 -49.85
CA GLY H 443 -44.22 0.33 -50.53
C GLY H 443 -43.71 1.47 -49.68
N ALA H 444 -43.96 1.42 -48.37
CA ALA H 444 -43.54 2.51 -47.50
C ALA H 444 -42.03 2.50 -47.30
N LEU H 445 -41.43 1.32 -47.12
CA LEU H 445 -40.00 1.20 -46.89
C LEU H 445 -39.19 1.09 -48.18
N ASP H 446 -39.85 0.78 -49.30
CA ASP H 446 -39.19 0.68 -50.60
C ASP H 446 -40.05 1.43 -51.63
N PRO H 447 -40.21 2.74 -51.47
CA PRO H 447 -41.06 3.48 -52.40
C PRO H 447 -40.60 3.38 -53.84
N ALA H 448 -39.34 3.02 -54.08
CA ALA H 448 -38.83 2.85 -55.43
C ALA H 448 -39.10 1.47 -56.00
N GLY H 449 -39.50 0.51 -55.16
CA GLY H 449 -39.76 -0.84 -55.64
C GLY H 449 -38.54 -1.49 -56.27
N ILE H 450 -37.36 -1.26 -55.68
CA ILE H 450 -36.12 -1.75 -56.27
C ILE H 450 -35.54 -2.94 -55.50
N PHE H 451 -35.94 -3.15 -54.24
CA PHE H 451 -35.33 -4.18 -53.40
C PHE H 451 -35.98 -5.52 -53.69
N ASN H 452 -35.32 -6.34 -54.50
CA ASN H 452 -35.72 -7.70 -54.83
C ASN H 452 -37.23 -7.77 -55.11
N PRO H 453 -37.72 -7.01 -56.08
CA PRO H 453 -39.17 -6.99 -56.34
C PRO H 453 -39.63 -8.28 -57.01
N GLY H 454 -40.74 -8.83 -56.50
CA GLY H 454 -41.35 -10.00 -57.09
C GLY H 454 -41.12 -11.30 -56.35
N LYS H 455 -40.33 -11.28 -55.29
CA LYS H 455 -40.05 -12.47 -54.50
C LYS H 455 -40.82 -12.43 -53.19
N VAL H 456 -41.05 -13.62 -52.64
CA VAL H 456 -41.82 -13.78 -51.40
C VAL H 456 -43.31 -13.57 -51.71
N PHE H 457 -43.66 -12.36 -52.13
CA PHE H 457 -45.02 -12.05 -52.54
C PHE H 457 -44.99 -11.28 -53.85
N ALA H 458 -46.12 -11.28 -54.55
CA ALA H 458 -46.22 -10.62 -55.84
C ALA H 458 -46.88 -9.26 -55.71
N LEU H 459 -46.54 -8.36 -56.63
CA LEU H 459 -47.10 -7.02 -56.67
C LEU H 459 -47.97 -6.89 -57.90
N GLU H 460 -49.27 -6.63 -57.69
CA GLU H 460 -50.19 -6.46 -58.80
C GLU H 460 -50.65 -5.01 -58.93
C1 GOL I . 37.48 -12.97 13.84
O1 GOL I . 36.39 -12.76 14.70
C2 GOL I . 37.65 -11.74 12.92
O2 GOL I . 38.56 -12.03 11.89
C3 GOL I . 36.26 -11.43 12.42
O3 GOL I . 36.40 -11.13 11.10
H11 GOL I . 37.34 -13.75 13.28
H12 GOL I . 38.29 -13.12 14.32
HO1 GOL I . 36.44 -11.96 14.96
H2 GOL I . 38.02 -10.98 13.38
HO2 GOL I . 38.21 -12.60 11.40
H31 GOL I . 35.89 -10.71 12.95
H32 GOL I . 35.68 -12.19 12.60
HO3 GOL I . 37.07 -10.61 11.05
C LAC J . 47.13 -5.78 20.05
CA LAC J . 46.98 -6.43 18.68
CB LAC J . 45.90 -7.50 18.76
O LAC J . 48.12 -5.93 20.68
OHN LAC J . 46.63 -5.49 17.71
OXT LAC J . 46.23 -5.13 20.50
HA LAC J . 47.93 -6.86 18.39
HB1 LAC J . 45.02 -7.18 18.22
HB2 LAC J . 45.64 -7.68 19.80
HB3 LAC J . 46.26 -8.42 18.32
H LAC J . 45.73 -5.24 17.82
PA FAD K . 47.48 7.07 12.79
O1A FAD K . 46.94 5.85 12.28
O2A FAD K . 48.16 8.02 11.93
O5B FAD K . 46.20 7.90 12.97
C5B FAD K . 45.02 7.35 13.53
C4B FAD K . 43.86 8.33 13.63
O4B FAD K . 44.23 9.53 14.23
C3B FAD K . 43.40 8.72 12.29
O3B FAD K . 42.03 9.07 12.37
C2B FAD K . 44.14 9.95 12.15
O2B FAD K . 43.58 10.81 11.17
C1B FAD K . 44.01 10.63 13.43
N9A FAD K . 45.14 11.50 13.67
C8A FAD K . 46.39 11.20 13.47
N7A FAD K . 47.20 12.19 13.81
C5A FAD K . 46.44 13.14 14.22
C6A FAD K . 46.65 14.47 14.72
N6A FAD K . 47.89 14.88 14.81
N1A FAD K . 45.64 15.22 15.06
C2A FAD K . 44.43 14.74 14.94
N3A FAD K . 44.15 13.54 14.50
C4A FAD K . 45.10 12.70 14.13
N1 FAD K . 45.80 0.56 19.39
C2 FAD K . 45.49 0.53 20.67
O2 FAD K . 44.65 1.29 21.10
N3 FAD K . 46.03 -0.29 21.51
C4 FAD K . 46.94 -1.14 21.17
O4 FAD K . 47.42 -1.88 22.00
C4X FAD K . 47.36 -1.20 19.79
N5 FAD K . 48.29 -2.06 19.39
C5X FAD K . 48.67 -2.09 18.13
C6 FAD K . 49.62 -2.96 17.68
C7 FAD K . 50.00 -2.99 16.36
C7M FAD K . 51.02 -3.90 15.79
C8 FAD K . 49.37 -2.08 15.45
C8M FAD K . 49.74 -2.08 14.02
C9 FAD K . 48.42 -1.23 15.89
C9A FAD K . 48.05 -1.19 17.19
N10 FAD K . 47.08 -0.29 17.55
C10 FAD K . 46.70 -0.27 18.90
C1' FAD K . 46.50 0.61 16.57
C2' FAD K . 46.73 1.95 17.22
O2' FAD K . 45.56 2.45 17.80
C3' FAD K . 47.19 3.07 16.36
O3' FAD K . 48.45 2.72 15.92
C4' FAD K . 47.51 4.15 17.31
O4' FAD K . 46.26 4.46 17.84
C5' FAD K . 48.09 5.35 16.62
O5' FAD K . 48.81 5.03 15.45
P FAD K . 49.32 6.20 14.60
O1P FAD K . 50.25 6.95 15.37
O2P FAD K . 49.81 5.63 13.41
O3P FAD K . 48.07 7.03 14.26
FE FE L . 45.14 -3.73 21.94
C LAC M . 3.76 13.71 -28.61
CA LAC M . 3.23 13.24 -29.97
CB LAC M . 2.27 12.06 -29.77
O LAC M . 4.91 13.58 -28.35
OHN LAC M . 2.57 14.27 -30.62
OXT LAC M . 3.03 14.23 -27.84
HA LAC M . 4.07 12.91 -30.57
HB1 LAC M . 1.33 12.27 -30.27
HB2 LAC M . 2.09 11.92 -28.71
HB3 LAC M . 2.71 11.15 -30.19
H LAC M . 1.66 14.04 -30.77
PA FAD N . 3.94 26.64 -35.12
O1A FAD N . 3.54 25.38 -35.67
O2A FAD N . 4.61 27.56 -35.97
O5B FAD N . 2.63 27.45 -34.96
C5B FAD N . 1.48 26.91 -34.36
C4B FAD N . 0.33 27.89 -34.32
O4B FAD N . 0.79 29.03 -33.72
C3B FAD N . -0.04 28.32 -35.68
O3B FAD N . -1.42 28.61 -35.62
C2B FAD N . 0.70 29.58 -35.88
O2B FAD N . 0.06 30.40 -36.83
C1B FAD N . 0.60 30.14 -34.53
N9A FAD N . 1.67 31.06 -34.24
C8A FAD N . 2.92 30.81 -34.42
N7A FAD N . 3.67 31.83 -34.08
C5A FAD N . 2.87 32.76 -33.68
C6A FAD N . 3.03 34.09 -33.19
N6A FAD N . 4.24 34.59 -33.06
N1A FAD N . 1.97 34.79 -32.88
C2A FAD N . 0.79 34.28 -33.01
N3A FAD N . 0.58 33.07 -33.45
C4A FAD N . 1.56 32.26 -33.80
N1 FAD N . 2.55 20.08 -28.83
C2 FAD N . 2.24 20.12 -27.54
O2 FAD N . 1.42 20.93 -27.21
N3 FAD N . 2.77 19.33 -26.64
C4 FAD N . 3.66 18.41 -26.95
O4 FAD N . 4.16 17.69 -26.10
C4X FAD N . 4.06 18.28 -28.32
N5 FAD N . 4.96 17.38 -28.67
C5X FAD N . 5.35 17.28 -29.93
C6 FAD N . 6.28 16.37 -30.31
C7 FAD N . 6.67 16.27 -31.62
C7M FAD N . 7.68 15.27 -32.06
C8 FAD N . 6.10 17.14 -32.63
C8M FAD N . 6.51 17.02 -34.04
C9 FAD N . 5.16 18.04 -32.26
C9A FAD N . 4.78 18.13 -30.95
N10 FAD N . 3.83 19.06 -30.62
C10 FAD N . 3.45 19.19 -29.29
C1' FAD N . 3.36 19.87 -31.69
C2' FAD N . 3.69 21.15 -31.07
O2' FAD N . 2.44 21.52 -30.57
C3' FAD N . 4.07 22.27 -31.97
O3' FAD N . 5.21 21.92 -32.79
C4' FAD N . 4.19 23.43 -31.01
O4' FAD N . 2.89 23.59 -30.52
C5' FAD N . 4.38 24.74 -31.69
O5' FAD N . 5.63 24.82 -32.29
P FAD N . 5.83 25.84 -33.39
O1P FAD N . 6.87 26.64 -32.90
O2P FAD N . 6.07 25.17 -34.60
O3P FAD N . 4.54 26.60 -33.67
C LAC O . 2.20 -21.31 36.91
CA LAC O . 1.75 -19.87 36.74
CB LAC O . 2.46 -18.97 37.75
O LAC O . 2.86 -21.85 36.08
OHN LAC O . 2.03 -19.44 35.44
OXT LAC O . 1.88 -21.92 37.88
HA LAC O . 0.68 -19.81 36.92
HB1 LAC O . 2.07 -17.97 37.69
HB2 LAC O . 3.52 -18.94 37.52
HB3 LAC O . 2.32 -19.35 38.75
H LAC O . 2.77 -18.85 35.46
PA FAD P . -8.75 -20.27 26.96
O1A FAD P . -7.93 -19.38 27.78
O2A FAD P . -10.19 -20.21 26.99
O5B FAD P . -8.33 -20.11 25.48
C5B FAD P . -7.06 -20.42 24.96
C4B FAD P . -6.89 -19.90 23.58
O4B FAD P . -7.24 -20.98 22.79
C3B FAD P . -7.88 -18.85 23.21
O3B FAD P . -7.46 -18.29 22.01
C2B FAD P . -9.08 -19.66 22.93
O2B FAD P . -10.00 -18.99 22.10
C1B FAD P . -8.46 -20.73 22.14
N9A FAD P . -9.31 -21.90 22.15
C8A FAD P . -9.75 -22.53 23.22
N7A FAD P . -10.50 -23.57 22.88
C5A FAD P . -10.51 -23.62 21.59
C6A FAD P . -11.11 -24.46 20.62
N6A FAD P . -11.85 -25.48 21.05
N1A FAD P . -10.93 -24.21 19.35
C2A FAD P . -10.21 -23.22 18.96
N3A FAD P . -9.63 -22.39 19.79
C4A FAD P . -9.73 -22.55 21.10
N1 FAD P . -0.22 -23.03 30.79
C2 FAD P . 0.69 -23.93 30.51
O2 FAD P . 0.94 -24.02 29.33
N3 FAD P . 1.30 -24.65 31.41
C4 FAD P . 1.03 -24.54 32.69
O4 FAD P . 1.59 -25.25 33.53
C4X FAD P . 0.04 -23.57 33.09
N5 FAD P . -0.32 -23.38 34.34
C5X FAD P . -1.25 -22.48 34.66
C6 FAD P . -1.60 -22.29 35.97
C7 FAD P . -2.55 -21.37 36.29
C7M FAD P . -2.96 -21.16 37.69
C8 FAD P . -3.20 -20.60 35.26
C8M FAD P . -4.24 -19.59 35.60
C9 FAD P . -2.86 -20.76 33.95
C9A FAD P . -1.89 -21.69 33.62
N10 FAD P . -1.53 -21.89 32.31
C10 FAD P . -0.58 -22.83 32.03
C1' FAD P . -2.13 -21.14 31.21
C2' FAD P . -2.75 -22.16 30.31
O2' FAD P . -2.41 -21.96 28.94
C3' FAD P . -4.24 -22.13 30.38
O3' FAD P . -4.67 -22.38 31.70
C4' FAD P . -4.64 -23.27 29.49
O4' FAD P . -4.15 -22.93 28.20
C5' FAD P . -6.13 -23.44 29.55
O5' FAD P . -6.77 -22.99 28.40
P FAD P . -8.21 -22.50 28.59
O1P FAD P . -8.92 -23.76 28.74
O2P FAD P . -8.30 -21.58 29.67
O3P FAD P . -8.50 -21.79 27.23
C LAC Q . -41.20 -1.79 -11.50
CA LAC Q . -41.37 -0.28 -11.35
CB LAC Q . -40.03 0.38 -11.05
O LAC Q . -40.57 -2.26 -12.39
OHN LAC Q . -41.90 0.26 -12.54
OXT LAC Q . -41.71 -2.51 -10.70
HA LAC Q . -42.06 -0.09 -10.54
HB1 LAC Q . -39.93 1.28 -11.65
HB2 LAC Q . -39.23 -0.31 -11.28
HB3 LAC Q . -39.98 0.64 -10.00
H LAC Q . -42.10 1.17 -12.40
PA FAD R . -52.20 -0.81 -20.93
O1A FAD R . -51.12 -0.24 -20.19
O2A FAD R . -53.49 -0.18 -20.83
O5B FAD R . -51.82 -0.82 -22.42
C5B FAD R . -50.93 0.19 -22.78
C4B FAD R . -50.43 0.12 -24.20
O4B FAD R . -50.76 -1.09 -24.82
C3B FAD R . -51.21 1.17 -24.92
O3B FAD R . -50.46 1.64 -26.02
C2B FAD R . -52.38 0.43 -25.38
O2B FAD R . -52.99 1.10 -26.45
C1B FAD R . -51.69 -0.81 -25.82
N9A FAD R . -52.64 -1.89 -25.90
C8A FAD R . -53.31 -2.40 -24.91
N7A FAD R . -54.09 -3.39 -25.32
C5A FAD R . -53.89 -3.49 -26.59
C6A FAD R . -54.40 -4.33 -27.58
N6A FAD R . -55.28 -5.24 -27.18
N1A FAD R . -53.99 -4.18 -28.81
C2A FAD R . -53.11 -3.26 -29.13
N3A FAD R . -52.59 -2.45 -28.24
C4A FAD R . -52.95 -2.53 -26.97
N1 FAD R . -43.69 -3.25 -17.28
C2 FAD R . -42.77 -4.09 -17.50
O2 FAD R . -42.51 -4.16 -18.66
N3 FAD R . -42.14 -4.77 -16.58
C4 FAD R . -42.45 -4.64 -15.33
O4 FAD R . -41.87 -5.30 -14.49
C4X FAD R . -43.51 -3.72 -14.98
N5 FAD R . -43.93 -3.52 -13.76
C5X FAD R . -44.92 -2.68 -13.53
C6 FAD R . -45.35 -2.48 -12.25
C7 FAD R . -46.36 -1.61 -11.99
C7M FAD R . -46.80 -1.40 -10.59
C8 FAD R . -47.00 -0.87 -13.07
C8M FAD R . -48.09 0.08 -12.77
C9 FAD R . -46.59 -1.05 -14.36
C9A FAD R . -45.57 -1.94 -14.62
N10 FAD R . -45.14 -2.15 -15.90
C10 FAD R . -44.12 -3.04 -16.09
C1' FAD R . -45.72 -1.46 -17.04
C2' FAD R . -46.17 -2.47 -18.05
O2' FAD R . -45.91 -2.11 -19.37
C3' FAD R . -47.61 -2.68 -17.91
O3' FAD R . -47.66 -3.32 -16.70
C4' FAD R . -48.02 -3.72 -18.86
O4' FAD R . -47.62 -3.24 -20.12
C5' FAD R . -49.50 -3.83 -18.64
O5' FAD R . -50.21 -3.15 -19.62
P FAD R . -51.69 -2.99 -19.33
O1P FAD R . -52.15 -4.31 -19.09
O2P FAD R . -51.68 -2.01 -18.29
O3P FAD R . -52.32 -2.32 -20.58
C LAC S . 34.70 24.34 50.12
CA LAC S . 33.79 25.57 50.30
CB LAC S . 34.54 26.82 49.84
O LAC S . 35.09 23.76 51.07
OHN LAC S . 32.63 25.42 49.54
OXT LAC S . 35.00 23.97 49.03
HA LAC S . 33.53 25.65 51.34
HB1 LAC S . 34.04 27.25 49.00
HB2 LAC S . 35.55 26.56 49.58
HB3 LAC S . 34.56 27.54 50.65
H LAC S . 32.82 25.56 48.63
C1 GOL T . 37.52 36.40 47.75
O1 GOL T . 36.89 36.65 48.98
C2 GOL T . 37.33 37.63 46.83
O2 GOL T . 37.61 37.32 45.49
C3 GOL T . 35.89 38.04 47.05
O3 GOL T . 35.44 38.49 45.84
H11 GOL T . 37.16 35.62 47.31
H12 GOL T . 38.48 36.24 47.86
HO1 GOL T . 36.43 35.94 49.18
H2 GOL T . 37.93 38.36 47.05
HO2 GOL T . 37.17 36.63 45.30
H31 GOL T . 35.84 38.71 47.75
H32 GOL T . 35.39 37.29 47.40
HO3 GOL T . 36.13 38.79 45.43
PA FAD U . 22.45 22.03 41.12
O1A FAD U . 22.89 23.30 41.65
O2A FAD U . 21.04 21.73 41.18
O5B FAD U . 22.79 22.10 39.60
C5B FAD U . 24.06 22.54 39.22
C4B FAD U . 24.18 22.66 37.72
O4B FAD U . 24.01 21.38 37.18
C3B FAD U . 23.01 23.42 37.28
O3B FAD U . 23.37 23.99 36.05
C2B FAD U . 22.03 22.36 37.03
O2B FAD U . 21.04 22.77 36.11
C1B FAD U . 22.87 21.32 36.39
N9A FAD U . 22.17 20.04 36.48
C8A FAD U . 21.75 19.53 37.61
N7A FAD U . 21.15 18.36 37.42
C5A FAD U . 21.17 18.12 36.14
C6A FAD U . 20.70 17.04 35.32
N6A FAD U . 20.08 16.02 35.91
N1A FAD U . 20.91 17.08 34.03
C2A FAD U . 21.54 18.11 33.50
N3A FAD U . 21.99 19.15 34.19
C4A FAD U . 21.84 19.20 35.52
N1 FAD U . 31.53 21.47 44.37
C2 FAD U . 32.66 20.80 44.25
O2 FAD U . 33.01 20.48 43.13
N3 FAD U . 33.44 20.46 45.24
C4 FAD U . 33.14 20.75 46.46
O4 FAD U . 33.90 20.41 47.37
C4X FAD U . 31.91 21.49 46.71
N5 FAD U . 31.56 21.83 47.93
C5X FAD U . 30.42 22.48 48.13
C6 FAD U . 30.05 22.82 49.40
C7 FAD U . 28.88 23.49 49.58
C7M FAD U . 28.47 23.86 50.95
C8 FAD U . 28.03 23.87 48.45
C8M FAD U . 26.77 24.62 48.66
C9 FAD U . 28.40 23.53 47.18
C9A FAD U . 29.56 22.85 47.01
N10 FAD U . 29.93 22.52 45.75
C10 FAD U . 31.11 21.84 45.57
C1' FAD U . 29.07 22.88 44.65
C2' FAD U . 28.84 21.58 43.97
O2' FAD U . 29.06 21.72 42.57
C3' FAD U . 27.41 21.11 44.11
O3' FAD U . 27.19 20.76 45.48
C4' FAD U . 27.22 19.95 43.17
O4' FAD U . 27.67 20.43 41.93
C5' FAD U . 25.78 19.55 42.95
O5' FAD U . 24.90 20.47 43.49
P FAD U . 23.42 20.29 43.12
O1P FAD U . 23.23 18.88 43.00
O2P FAD U . 22.58 21.08 43.97
O3P FAD U . 23.37 20.86 41.68
FE FE V . 37.20 22.25 47.02
C1 GOL W . -6.54 55.85 -0.38
O1 GOL W . -7.39 55.99 0.73
C2 GOL W . -6.38 57.23 -1.09
O2 GOL W . -5.92 57.07 -2.41
C3 GOL W . -7.76 57.86 -1.01
O3 GOL W . -7.95 58.44 -2.23
H11 GOL W . -6.88 55.22 -1.02
H12 GOL W . -5.66 55.53 -0.13
HO1 GOL W . -7.09 56.64 1.19
H2 GOL W . -5.73 57.80 -0.65
HO2 GOL W . -6.33 56.41 -2.75
H31 GOL W . -7.79 58.48 -0.27
H32 GOL W . -8.42 57.17 -0.80
HO3 GOL W . -7.17 58.56 -2.56
C LAC X . -8.16 43.97 1.83
CA LAC X . -9.48 43.99 2.60
CB LAC X . -9.17 44.20 4.08
O LAC X . -7.21 44.54 2.24
OHN LAC X . -10.29 45.01 2.11
OXT LAC X . -8.08 43.37 0.81
HA LAC X . -10.00 43.04 2.48
HB1 LAC X . -9.81 43.56 4.68
HB2 LAC X . -9.36 45.24 4.34
HB3 LAC X . -8.14 43.96 4.28
H LAC X . -11.12 44.66 1.85
PA FAD Y . -21.06 41.38 -6.52
O1A FAD Y . -20.65 42.45 -5.73
O2A FAD Y . -22.44 41.06 -6.72
O5B FAD Y . -20.64 41.96 -7.86
C5B FAD Y . -19.44 41.57 -8.46
C4B FAD Y . -19.39 41.81 -9.96
O4B FAD Y . -19.60 40.60 -10.65
C3B FAD Y . -20.50 42.67 -10.42
O3B FAD Y . -20.03 43.25 -11.60
C2B FAD Y . -21.57 41.71 -10.79
O2B FAD Y . -22.44 42.26 -11.73
C1B FAD Y . -20.77 40.64 -11.42
N9A FAD Y . -21.46 39.36 -11.31
C8A FAD Y . -21.91 38.91 -10.18
N7A FAD Y . -22.47 37.72 -10.31
C5A FAD Y . -22.37 37.37 -11.56
C6A FAD Y . -22.76 36.22 -12.30
N6A FAD Y . -23.38 35.22 -11.70
N1A FAD Y . -22.50 36.19 -13.58
C2A FAD Y . -21.88 37.19 -14.15
N3A FAD Y . -21.48 38.28 -13.53
C4A FAD Y . -21.69 38.45 -12.23
N1 FAD Y . -12.17 41.40 -3.60
C2 FAD Y . -11.07 40.79 -3.93
O2 FAD Y . -10.86 40.58 -5.11
N3 FAD Y . -10.21 40.43 -3.06
C4 FAD Y . -10.37 40.66 -1.78
O4 FAD Y . -9.53 40.32 -0.96
C4X FAD Y . -11.56 41.31 -1.33
N5 FAD Y . -11.74 41.53 -0.05
C5X FAD Y . -12.85 42.12 0.34
C6 FAD Y . -13.04 42.36 1.66
C7 FAD Y . -14.19 42.96 2.07
C7M FAD Y . -14.45 43.23 3.49
C8 FAD Y . -15.18 43.35 1.14
C8M FAD Y . -16.38 44.02 1.66
C9 FAD Y . -15.00 43.15 -0.19
C9A FAD Y . -13.87 42.53 -0.61
N10 FAD Y . -13.68 42.31 -1.95
C10 FAD Y . -12.50 41.68 -2.34
C1' FAD Y . -14.69 42.69 -2.88
C2' FAD Y . -14.86 41.40 -3.60
O2' FAD Y . -14.31 41.50 -4.88
C3' FAD Y . -16.24 40.92 -3.81
O3' FAD Y . -16.75 40.61 -2.52
C4' FAD Y . -16.19 39.68 -4.63
O4' FAD Y . -15.37 39.96 -5.72
C5' FAD Y . -17.57 39.39 -5.15
O5' FAD Y . -18.53 39.73 -4.23
P FAD Y . -19.97 39.63 -4.66
O1P FAD Y . -20.16 38.23 -4.75
O2P FAD Y . -20.74 40.33 -3.69
O3P FAD Y . -20.12 40.23 -6.09
FE FE Z . -7.60 42.73 -1.40
C1 GOL AA . 13.11 -36.95 -20.77
O1 GOL AA . 12.13 -37.67 -20.08
C2 GOL AA . 12.53 -36.40 -22.10
O2 GOL AA . 13.52 -35.90 -22.94
C3 GOL AA . 11.77 -37.60 -22.67
O3 GOL AA . 11.68 -37.39 -24.04
H11 GOL AA . 13.89 -37.49 -20.98
H12 GOL AA . 13.46 -36.20 -20.25
HO1 GOL AA . 12.39 -37.73 -19.26
H2 GOL AA . 11.93 -35.65 -21.96
HO2 GOL AA . 14.10 -36.48 -23.01
H31 GOL AA . 10.90 -37.66 -22.25
H32 GOL AA . 12.24 -38.42 -22.44
HO3 GOL AA . 11.83 -36.55 -24.14
C LAC BA . 12.42 -49.40 4.61
CA LAC BA . 12.84 -49.81 3.19
CB LAC BA . 13.08 -51.32 3.14
O LAC BA . 13.09 -49.72 5.54
OHN LAC BA . 11.84 -49.46 2.28
OXT LAC BA . 11.44 -48.77 4.77
HA LAC BA . 13.76 -49.28 2.93
HB1 LAC BA . 12.94 -51.66 2.12
HB2 LAC BA . 12.38 -51.81 3.79
HB3 LAC BA . 14.09 -51.53 3.45
H LAC BA . 11.99 -48.58 1.96
PA FAD CA . 15.34 -35.95 -2.14
O1A FAD CA . 14.73 -37.07 -2.83
O2A FAD CA . 16.45 -35.27 -2.69
O5B FAD CA . 14.22 -34.94 -2.18
C5B FAD CA . 13.20 -35.15 -1.24
C4B FAD CA . 12.07 -34.16 -1.36
O4B FAD CA . 12.35 -33.01 -0.60
C3B FAD CA . 11.98 -33.66 -2.73
O3B FAD CA . 10.71 -33.15 -2.65
C2B FAD CA . 12.92 -32.53 -2.78
O2B FAD CA . 12.50 -31.54 -3.69
C1B FAD CA . 12.70 -31.97 -1.44
N9A FAD CA . 13.87 -31.30 -0.92
C8A FAD CA . 15.14 -31.64 -0.92
N7A FAD CA . 15.85 -30.69 -0.32
C5A FAD CA . 15.02 -29.75 0.05
C6A FAD CA . 15.07 -28.48 0.73
N6A FAD CA . 16.24 -28.01 1.14
N1A FAD CA . 13.96 -27.81 0.94
C2A FAD CA . 12.81 -28.27 0.55
N3A FAD CA . 12.68 -29.42 -0.08
C4A FAD CA . 13.73 -30.19 -0.33
N1 FAD CA . 11.90 -42.84 3.31
C2 FAD CA . 11.56 -42.98 4.55
O2 FAD CA . 10.78 -42.17 5.02
N3 FAD CA . 11.99 -43.95 5.33
C4 FAD CA . 12.81 -44.87 4.93
O4 FAD CA . 13.19 -45.77 5.68
C4X FAD CA . 13.26 -44.79 3.55
N5 FAD CA . 14.09 -45.68 3.06
C5X FAD CA . 14.49 -45.58 1.79
C6 FAD CA . 15.35 -46.51 1.30
C7 FAD CA . 15.78 -46.43 0.01
C7M FAD CA . 16.73 -47.44 -0.52
C8 FAD CA . 15.31 -45.35 -0.85
C8M FAD CA . 15.77 -45.28 -2.26
C9 FAD CA . 14.43 -44.42 -0.35
C9A FAD CA . 14.01 -44.51 0.94
N10 FAD CA . 13.13 -43.57 1.45
C10 FAD CA . 12.74 -43.69 2.76
C1' FAD CA . 12.65 -42.48 0.63
C2' FAD CA . 13.05 -41.26 1.41
O2' FAD CA . 11.97 -40.34 1.49
C3' FAD CA . 14.13 -40.39 0.82
O3' FAD CA . 15.30 -41.20 0.65
C4' FAD CA . 14.34 -39.24 1.77
O4' FAD CA . 13.10 -38.78 2.26
C5' FAD CA . 14.82 -38.03 1.06
O5' FAD CA . 16.14 -38.18 0.69
P FAD CA . 16.74 -37.02 -0.11
O1P FAD CA . 17.68 -36.26 0.70
O2P FAD CA . 17.23 -37.63 -1.31
O3P FAD CA . 15.56 -36.15 -0.63
FE FE DA . 10.56 -47.27 6.42
C LAC EA . -31.37 -29.50 -44.01
CA LAC EA . -31.18 -30.21 -45.35
CB LAC EA . -31.36 -31.71 -45.15
O LAC EA . -30.84 -29.93 -43.03
OHN LAC EA . -32.12 -29.74 -46.28
OXT LAC EA . -32.05 -28.53 -43.94
HA LAC EA . -30.18 -30.00 -45.73
HB1 LAC EA . -31.38 -32.21 -46.11
HB2 LAC EA . -32.30 -31.90 -44.64
HB3 LAC EA . -30.53 -32.10 -44.57
H LAC EA . -32.43 -28.88 -46.00
PA FAD FA . -28.19 -16.07 -50.16
O1A FAD FA . -28.80 -17.05 -50.99
O2A FAD FA . -27.09 -15.32 -50.71
O5B FAD FA . -29.31 -15.04 -49.89
C5B FAD FA . -30.65 -15.43 -49.91
C4B FAD FA . -31.66 -14.35 -49.55
O4B FAD FA . -31.13 -13.44 -48.66
C3B FAD FA . -31.95 -13.54 -50.73
O3B FAD FA . -33.14 -12.83 -50.50
C2B FAD FA . -30.84 -12.59 -50.66
O2B FAD FA . -31.09 -11.51 -51.50
C1B FAD FA . -30.93 -12.19 -49.24
N9A FAD FA . -29.71 -11.60 -48.72
C8A FAD FA . -28.53 -12.16 -48.72
N7A FAD FA . -27.61 -11.41 -48.17
C5A FAD FA . -28.22 -10.32 -47.80
C6A FAD FA . -27.82 -9.11 -47.14
N6A FAD FA . -26.55 -8.95 -46.77
N1A FAD FA . -28.73 -8.20 -46.90
C2A FAD FA . -29.98 -8.37 -47.25
N3A FAD FA . -30.41 -9.44 -47.86
C4A FAD FA . -29.59 -10.44 -48.15
N1 FAD FA . -31.56 -23.02 -44.70
C2 FAD FA . -31.93 -23.08 -43.45
O2 FAD FA . -32.67 -22.19 -43.10
N3 FAD FA . -31.53 -24.04 -42.64
C4 FAD FA . -30.73 -25.00 -43.01
O4 FAD FA . -30.35 -25.86 -42.26
C4X FAD FA . -30.28 -25.02 -44.36
N5 FAD FA . -29.48 -25.96 -44.80
C5X FAD FA . -29.06 -25.95 -46.05
C6 FAD FA . -28.21 -26.91 -46.53
C7 FAD FA . -27.79 -26.88 -47.82
C7M FAD FA . -26.89 -27.93 -48.36
C8 FAD FA . -28.24 -25.83 -48.71
C8M FAD FA . -27.82 -25.79 -50.13
C9 FAD FA . -29.08 -24.88 -48.24
C9A FAD FA . -29.50 -24.90 -46.94
N10 FAD FA . -30.34 -23.90 -46.50
C10 FAD FA . -30.75 -23.94 -45.20
C1' FAD FA . -30.76 -22.87 -47.43
C2' FAD FA . -30.84 -21.50 -46.83
O2' FAD FA . -32.06 -20.97 -47.27
C3' FAD FA . -29.78 -20.55 -47.35
O3' FAD FA . -28.75 -21.28 -48.04
C4' FAD FA . -29.31 -19.66 -46.25
O4' FAD FA . -30.47 -19.18 -45.64
C5' FAD FA . -28.71 -18.38 -46.74
O5' FAD FA . -27.46 -18.61 -47.31
P FAD FA . -26.82 -17.51 -48.20
O1P FAD FA . -25.95 -16.70 -47.43
O2P FAD FA . -26.26 -18.10 -49.34
O3P FAD FA . -27.96 -16.61 -48.73
FE FE GA . -33.14 -27.95 -41.04
#